data_6OSR
#
_entry.id   6OSR
#
_cell.length_a   73.100
_cell.length_b   113.970
_cell.length_c   246.380
_cell.angle_alpha   90.000
_cell.angle_beta   91.440
_cell.angle_gamma   90.000
#
_symmetry.space_group_name_H-M   'P 1 21 1'
#
loop_
_entity.id
_entity.type
_entity.pdbx_description
1 polymer Hemagglutinin
2 branched alpha-D-mannopyranose-(1-3)-beta-D-mannopyranose-(1-4)-2-acetamido-2-deoxy-beta-D-glucopyranose-(1-4)-2-acetamido-2-deoxy-beta-D-glucopyranose
3 non-polymer 2-acetamido-2-deoxy-beta-D-glucopyranose
4 non-polymer 1,2-ETHANEDIOL
5 non-polymer 'POTASSIUM ION'
6 non-polymer 'SODIUM ION'
7 water water
#
_entity_poly.entity_id   1
_entity_poly.type   'polypeptide(L)'
_entity_poly.pdbx_seq_one_letter_code
;GSDTICIGYHANNSTDTVDTVLEKNVTVTHSVNLLEDSHNGKLCRLKGIAPLQLGKCNIAGWILGNPECDSLLPASSWSY
IVETPNSKNGICYPGDFIDYEELREQLSSVSSFERFEIFPKESSWPKHSTTKGVTAACSHAGKSSFYRNLLWLTKKEDSY
PKLSNSYVNKKGKEVLVLWGVHHPSSSKEQQTLYQNENAYVSVVSSNYNRRFIPEIAERPEVKDQAGRINYYWTLLEPGD
TIIFEANGNLVAPWYAFALSRGFGSGIITSNASMHECNTKCQTPQGAINSSLPFQNIHPVTIGECPKYVKSAKLRMVTGL
RNIPSIQSRGLFGAIAGFIEGGWTGMIDGWYGYHHQNEQGSGYAADQKSTQNAINGITNKVNSVIEKMNTQFTAVGKEFN
NLEKRMENLNKKVDDGFLDIWTYNAELLVLLENERTLDFHDSNVKNLYEKVKIQLKNNAKEIGNGCFEFYHKCDNECMES
VRNGTYDYPKYSKEFLVPRGSPGSGYIPEAPRDGQAYVRKDGEWVLLSTFLGHHHHHH
;
_entity_poly.pdbx_strand_id   A,B,C,D,E,F
#
# COMPACT_ATOMS: atom_id res chain seq x y z
N THR A 4 -8.20 50.14 41.67
CA THR A 4 -9.32 49.50 40.98
C THR A 4 -8.95 48.13 40.40
N ILE A 5 -9.60 47.06 40.90
CA ILE A 5 -9.38 45.70 40.41
C ILE A 5 -10.55 45.28 39.53
N CYS A 6 -10.23 44.66 38.39
CA CYS A 6 -11.25 44.15 37.47
C CYS A 6 -11.13 42.64 37.34
N ILE A 7 -12.25 41.99 37.06
CA ILE A 7 -12.30 40.56 36.80
C ILE A 7 -12.84 40.35 35.39
N GLY A 8 -12.19 39.45 34.65
CA GLY A 8 -12.53 39.22 33.27
C GLY A 8 -11.99 37.89 32.78
N TYR A 9 -12.14 37.67 31.48
CA TYR A 9 -11.83 36.39 30.87
C TYR A 9 -10.99 36.57 29.61
N HIS A 10 -10.53 35.44 29.07
CA HIS A 10 -9.54 35.37 28.01
C HIS A 10 -10.15 35.64 26.63
N ALA A 11 -9.34 36.25 25.76
CA ALA A 11 -9.67 36.41 24.34
C ALA A 11 -8.38 36.24 23.54
N ASN A 12 -8.51 35.80 22.29
CA ASN A 12 -7.35 35.55 21.43
C ASN A 12 -7.69 35.85 19.97
N ASN A 13 -6.79 35.46 19.07
CA ASN A 13 -6.95 35.68 17.64
C ASN A 13 -7.63 34.50 16.93
N SER A 14 -8.43 33.71 17.64
CA SER A 14 -8.97 32.47 17.10
C SER A 14 -10.23 32.71 16.28
N THR A 15 -10.33 32.04 15.14
CA THR A 15 -11.49 32.11 14.28
C THR A 15 -12.36 30.86 14.36
N ASP A 16 -12.01 29.91 15.23
CA ASP A 16 -12.79 28.69 15.42
C ASP A 16 -14.25 28.99 15.71
N THR A 17 -15.12 28.35 14.94
CA THR A 17 -16.56 28.48 15.10
C THR A 17 -17.14 27.13 15.47
N VAL A 18 -18.10 27.13 16.41
CA VAL A 18 -18.88 25.96 16.77
C VAL A 18 -20.34 26.38 16.75
N ASP A 19 -21.23 25.39 16.79
CA ASP A 19 -22.65 25.67 16.84
C ASP A 19 -23.23 25.19 18.16
N THR A 20 -24.21 25.94 18.65
CA THR A 20 -24.86 25.63 19.95
C THR A 20 -26.37 25.58 19.78
N VAL A 21 -27.08 25.20 20.83
CA VAL A 21 -28.56 25.06 20.78
C VAL A 21 -29.22 26.42 20.58
N LEU A 22 -28.67 27.46 21.19
CA LEU A 22 -29.35 28.74 21.10
C LEU A 22 -28.80 29.62 19.98
N GLU A 23 -27.61 29.33 19.47
CA GLU A 23 -26.96 30.22 18.53
C GLU A 23 -25.99 29.40 17.68
N LYS A 24 -25.94 29.72 16.39
CA LYS A 24 -25.02 29.07 15.48
C LYS A 24 -23.89 30.04 15.15
N ASN A 25 -22.82 29.46 14.61
CA ASN A 25 -21.63 30.22 14.21
C ASN A 25 -21.09 31.06 15.37
N VAL A 26 -20.84 30.38 16.49
CA VAL A 26 -20.31 31.00 17.71
C VAL A 26 -18.80 30.87 17.68
N THR A 27 -18.12 32.02 17.60
CA THR A 27 -16.66 32.05 17.64
C THR A 27 -16.16 31.78 19.05
N VAL A 28 -15.23 30.84 19.19
CA VAL A 28 -14.74 30.41 20.50
C VAL A 28 -13.22 30.46 20.53
N THR A 29 -12.67 30.52 21.76
CA THR A 29 -11.23 30.68 21.95
C THR A 29 -10.46 29.39 21.67
N HIS A 30 -11.03 28.23 22.03
CA HIS A 30 -10.37 26.94 21.84
C HIS A 30 -11.40 25.86 21.52
N SER A 31 -11.03 24.94 20.64
CA SER A 31 -11.95 23.85 20.29
C SER A 31 -11.14 22.68 19.77
N VAL A 32 -11.80 21.52 19.73
CA VAL A 32 -11.20 20.29 19.21
C VAL A 32 -12.08 19.78 18.09
N ASN A 33 -11.43 19.30 17.03
CA ASN A 33 -12.16 18.67 15.95
C ASN A 33 -12.40 17.20 16.29
N LEU A 34 -13.63 16.74 16.08
CA LEU A 34 -13.93 15.33 16.27
C LEU A 34 -14.09 14.55 14.96
N LEU A 35 -14.06 15.24 13.81
CA LEU A 35 -14.43 14.64 12.54
C LEU A 35 -13.23 14.61 11.62
N GLU A 36 -12.73 13.41 11.35
CA GLU A 36 -11.63 13.23 10.39
C GLU A 36 -12.16 13.30 8.97
N ASP A 37 -11.57 14.19 8.17
CA ASP A 37 -11.93 14.35 6.77
C ASP A 37 -10.72 14.18 5.85
N SER A 38 -9.56 13.77 6.38
CA SER A 38 -8.34 13.68 5.58
C SER A 38 -7.88 12.24 5.41
N HIS A 39 -7.43 11.93 4.19
CA HIS A 39 -6.87 10.62 3.84
C HIS A 39 -5.80 10.83 2.78
N ASN A 40 -4.92 9.83 2.65
CA ASN A 40 -3.81 9.94 1.71
C ASN A 40 -4.15 9.54 0.28
N GLY A 41 -5.41 9.18 -0.01
CA GLY A 41 -5.81 8.88 -1.37
C GLY A 41 -5.15 7.66 -1.98
N LYS A 42 -4.54 6.80 -1.16
CA LYS A 42 -3.79 5.65 -1.65
C LYS A 42 -4.27 4.38 -0.99
N LEU A 43 -3.98 3.24 -1.63
CA LEU A 43 -4.10 1.94 -0.98
C LEU A 43 -2.80 1.63 -0.25
N CYS A 44 -2.92 1.18 1.00
CA CYS A 44 -1.75 0.93 1.83
C CYS A 44 -1.75 -0.49 2.36
N ARG A 45 -0.60 -0.89 2.89
CA ARG A 45 -0.53 -2.13 3.65
C ARG A 45 -1.25 -1.94 4.97
N LEU A 46 -1.80 -3.03 5.48
CA LEU A 46 -2.44 -3.05 6.78
C LEU A 46 -1.62 -3.94 7.71
N LYS A 47 -1.08 -3.34 8.78
CA LYS A 47 -0.18 -4.03 9.70
C LYS A 47 0.95 -4.72 8.94
N GLY A 48 1.48 -4.02 7.93
CA GLY A 48 2.60 -4.51 7.16
C GLY A 48 2.26 -5.45 6.02
N ILE A 49 1.02 -5.92 5.90
CA ILE A 49 0.62 -6.89 4.87
C ILE A 49 -0.17 -6.17 3.79
N ALA A 50 0.30 -6.29 2.54
CA ALA A 50 -0.33 -5.62 1.41
C ALA A 50 -1.66 -6.30 1.06
N PRO A 51 -2.59 -5.58 0.44
CA PRO A 51 -3.82 -6.20 -0.04
C PRO A 51 -3.62 -6.95 -1.35
N LEU A 52 -4.59 -7.82 -1.65
CA LEU A 52 -4.65 -8.53 -2.93
C LEU A 52 -5.45 -7.69 -3.91
N GLN A 53 -4.79 -7.19 -4.97
CA GLN A 53 -5.44 -6.35 -5.99
C GLN A 53 -5.87 -7.21 -7.17
N LEU A 54 -7.18 -7.36 -7.34
CA LEU A 54 -7.68 -8.17 -8.44
C LEU A 54 -7.65 -7.45 -9.78
N GLY A 55 -7.50 -6.12 -9.77
CA GLY A 55 -7.33 -5.38 -11.01
C GLY A 55 -8.51 -5.53 -11.96
N LYS A 56 -8.24 -6.01 -13.17
CA LYS A 56 -9.26 -6.17 -14.19
C LYS A 56 -10.11 -7.43 -13.96
N CYS A 57 -9.87 -8.16 -12.86
CA CYS A 57 -10.58 -9.38 -12.52
C CYS A 57 -11.46 -9.17 -11.29
N ASN A 58 -12.50 -9.99 -11.16
CA ASN A 58 -13.31 -10.06 -9.95
C ASN A 58 -13.02 -11.39 -9.21
N ILE A 59 -13.75 -11.61 -8.12
CA ILE A 59 -13.47 -12.79 -7.30
C ILE A 59 -13.57 -14.07 -8.13
N ALA A 60 -14.59 -14.16 -8.99
CA ALA A 60 -14.81 -15.36 -9.80
C ALA A 60 -13.63 -15.65 -10.71
N GLY A 61 -13.12 -14.63 -11.43
CA GLY A 61 -11.99 -14.84 -12.32
C GLY A 61 -10.74 -15.28 -11.57
N TRP A 62 -10.51 -14.70 -10.39
CA TRP A 62 -9.33 -15.05 -9.61
C TRP A 62 -9.40 -16.51 -9.14
N ILE A 63 -10.50 -16.91 -8.51
CA ILE A 63 -10.55 -18.23 -7.89
C ILE A 63 -10.62 -19.34 -8.96
N LEU A 64 -11.20 -19.04 -10.13
CA LEU A 64 -11.25 -20.02 -11.21
C LEU A 64 -9.98 -20.06 -12.03
N GLY A 65 -9.20 -18.98 -12.00
CA GLY A 65 -8.02 -18.90 -12.85
C GLY A 65 -8.35 -18.48 -14.27
N ASN A 66 -9.26 -17.52 -14.44
CA ASN A 66 -9.50 -16.92 -15.73
C ASN A 66 -8.16 -16.52 -16.34
N PRO A 67 -7.88 -16.88 -17.60
CA PRO A 67 -6.54 -16.59 -18.15
C PRO A 67 -6.18 -15.12 -18.10
N GLU A 68 -7.17 -14.22 -18.02
CA GLU A 68 -6.89 -12.79 -17.92
C GLU A 68 -6.29 -12.40 -16.58
N CYS A 69 -6.22 -13.32 -15.62
CA CYS A 69 -5.79 -13.05 -14.26
C CYS A 69 -4.52 -13.82 -13.88
N ASP A 70 -3.71 -14.22 -14.86
CA ASP A 70 -2.56 -15.08 -14.59
C ASP A 70 -1.63 -14.49 -13.53
N SER A 71 -1.51 -13.16 -13.47
CA SER A 71 -0.59 -12.53 -12.52
C SER A 71 -1.02 -12.72 -11.07
N LEU A 72 -2.27 -13.08 -10.80
CA LEU A 72 -2.71 -13.36 -9.45
C LEU A 72 -2.41 -14.78 -9.00
N LEU A 73 -2.03 -15.67 -9.93
CA LEU A 73 -1.85 -17.08 -9.59
C LEU A 73 -0.88 -17.31 -8.42
N PRO A 74 0.22 -16.59 -8.27
CA PRO A 74 1.11 -16.86 -7.14
C PRO A 74 0.68 -16.21 -5.83
N ALA A 75 -0.40 -15.42 -5.81
CA ALA A 75 -0.77 -14.70 -4.59
C ALA A 75 -1.15 -15.67 -3.46
N SER A 76 -0.57 -15.45 -2.28
CA SER A 76 -0.75 -16.38 -1.17
C SER A 76 -1.19 -15.76 0.16
N SER A 77 -0.94 -14.48 0.42
CA SER A 77 -1.41 -13.86 1.65
C SER A 77 -1.68 -12.39 1.42
N TRP A 78 -2.71 -11.88 2.10
CA TRP A 78 -3.11 -10.49 1.92
C TRP A 78 -3.83 -10.05 3.19
N SER A 79 -4.01 -8.74 3.33
CA SER A 79 -4.72 -8.17 4.48
C SER A 79 -6.15 -7.81 4.16
N TYR A 80 -6.45 -7.56 2.89
CA TYR A 80 -7.81 -7.33 2.41
C TYR A 80 -7.78 -7.46 0.89
N ILE A 81 -8.96 -7.51 0.28
CA ILE A 81 -9.08 -7.72 -1.16
C ILE A 81 -9.71 -6.48 -1.81
N VAL A 82 -9.10 -6.02 -2.91
CA VAL A 82 -9.52 -4.84 -3.64
C VAL A 82 -10.03 -5.25 -5.02
N GLU A 83 -11.31 -5.02 -5.28
CA GLU A 83 -11.78 -4.97 -6.65
C GLU A 83 -11.72 -3.52 -7.11
N THR A 84 -11.75 -3.32 -8.43
CA THR A 84 -11.70 -1.99 -8.99
C THR A 84 -12.90 -1.77 -9.92
N PRO A 85 -13.17 -0.54 -10.35
CA PRO A 85 -14.27 -0.35 -11.31
C PRO A 85 -14.15 -1.16 -12.58
N ASN A 86 -12.96 -1.62 -12.96
CA ASN A 86 -12.78 -2.41 -14.17
C ASN A 86 -12.56 -3.90 -13.85
N SER A 87 -13.06 -4.37 -12.71
CA SER A 87 -13.00 -5.78 -12.35
C SER A 87 -14.12 -6.51 -13.08
N LYS A 88 -13.89 -6.69 -14.38
CA LYS A 88 -14.91 -7.23 -15.25
C LYS A 88 -14.67 -8.68 -15.68
N ASN A 89 -13.48 -9.23 -15.47
CA ASN A 89 -13.19 -10.60 -15.88
C ASN A 89 -13.56 -11.58 -14.78
N GLY A 90 -14.62 -12.36 -15.02
CA GLY A 90 -15.05 -13.36 -14.07
C GLY A 90 -15.07 -14.68 -14.80
N ILE A 91 -16.26 -15.21 -15.09
CA ILE A 91 -16.36 -16.42 -15.89
C ILE A 91 -16.28 -16.03 -17.36
N CYS A 92 -15.34 -16.63 -18.09
CA CYS A 92 -15.26 -16.30 -19.51
C CYS A 92 -16.23 -17.13 -20.33
N TYR A 93 -16.40 -18.41 -19.99
CA TYR A 93 -17.38 -19.27 -20.65
C TYR A 93 -18.74 -19.13 -19.96
N PRO A 94 -19.82 -18.94 -20.71
CA PRO A 94 -21.09 -18.55 -20.07
C PRO A 94 -21.62 -19.62 -19.15
N GLY A 95 -22.33 -19.18 -18.12
CA GLY A 95 -22.97 -20.11 -17.21
C GLY A 95 -23.38 -19.42 -15.93
N ASP A 96 -23.52 -20.23 -14.91
CA ASP A 96 -23.94 -19.84 -13.57
C ASP A 96 -22.89 -20.32 -12.58
N PHE A 97 -22.41 -19.41 -11.74
CA PHE A 97 -21.49 -19.70 -10.63
C PHE A 97 -22.35 -19.89 -9.37
N ILE A 98 -22.59 -21.15 -8.97
CA ILE A 98 -23.59 -21.43 -7.95
C ILE A 98 -23.06 -21.02 -6.57
N ASP A 99 -23.92 -20.34 -5.79
CA ASP A 99 -23.60 -19.80 -4.47
C ASP A 99 -22.34 -18.94 -4.52
N TYR A 100 -22.26 -18.13 -5.58
CA TYR A 100 -21.12 -17.26 -5.80
C TYR A 100 -20.94 -16.24 -4.66
N GLU A 101 -22.03 -15.54 -4.29
CA GLU A 101 -21.92 -14.52 -3.25
C GLU A 101 -21.53 -15.14 -1.91
N GLU A 102 -22.01 -16.36 -1.63
CA GLU A 102 -21.55 -17.05 -0.43
C GLU A 102 -20.05 -17.34 -0.50
N LEU A 103 -19.54 -17.69 -1.69
CA LEU A 103 -18.10 -17.92 -1.81
C LEU A 103 -17.33 -16.63 -1.57
N ARG A 104 -17.79 -15.50 -2.11
CA ARG A 104 -17.17 -14.22 -1.77
C ARG A 104 -17.14 -13.99 -0.27
N GLU A 105 -18.24 -14.33 0.42
CA GLU A 105 -18.28 -14.21 1.88
C GLU A 105 -17.26 -15.15 2.54
N GLN A 106 -17.12 -16.39 2.03
CA GLN A 106 -16.10 -17.29 2.55
C GLN A 106 -14.70 -16.71 2.40
N LEU A 107 -14.38 -16.22 1.20
CA LEU A 107 -13.06 -15.69 0.90
C LEU A 107 -12.77 -14.39 1.64
N SER A 108 -13.78 -13.73 2.23
CA SER A 108 -13.54 -12.47 2.93
C SER A 108 -12.88 -12.66 4.28
N SER A 109 -12.88 -13.88 4.82
CA SER A 109 -12.20 -14.17 6.07
C SER A 109 -10.97 -15.04 5.85
N VAL A 110 -10.55 -15.19 4.60
CA VAL A 110 -9.33 -15.92 4.27
C VAL A 110 -8.15 -14.96 4.28
N SER A 111 -7.18 -15.23 5.16
CA SER A 111 -5.98 -14.42 5.27
C SER A 111 -4.83 -14.93 4.40
N SER A 112 -4.78 -16.24 4.13
CA SER A 112 -3.79 -16.80 3.23
C SER A 112 -4.30 -18.16 2.77
N PHE A 113 -3.85 -18.59 1.58
CA PHE A 113 -4.15 -19.93 1.14
C PHE A 113 -3.01 -20.49 0.30
N GLU A 114 -3.00 -21.81 0.18
CA GLU A 114 -1.99 -22.53 -0.58
C GLU A 114 -2.71 -23.14 -1.76
N ARG A 115 -2.37 -22.66 -2.96
CA ARG A 115 -2.90 -23.21 -4.21
C ARG A 115 -2.07 -24.42 -4.60
N PHE A 116 -2.72 -25.56 -4.84
CA PHE A 116 -1.98 -26.80 -5.09
C PHE A 116 -2.72 -27.65 -6.11
N GLU A 117 -1.95 -28.50 -6.82
CA GLU A 117 -2.53 -29.38 -7.84
C GLU A 117 -3.21 -30.53 -7.13
N ILE A 118 -4.55 -30.50 -7.10
CA ILE A 118 -5.33 -31.52 -6.42
C ILE A 118 -5.44 -32.80 -7.27
N PHE A 119 -5.55 -32.67 -8.59
CA PHE A 119 -5.44 -33.81 -9.50
C PHE A 119 -4.41 -33.44 -10.56
N PRO A 120 -3.11 -33.79 -10.34
CA PRO A 120 -2.06 -33.54 -11.34
C PRO A 120 -2.47 -33.96 -12.75
N LYS A 121 -2.42 -33.00 -13.69
CA LYS A 121 -2.96 -33.19 -15.03
C LYS A 121 -2.30 -34.37 -15.76
N GLU A 122 -0.99 -34.52 -15.67
CA GLU A 122 -0.36 -35.46 -16.57
C GLU A 122 -0.50 -36.91 -16.13
N SER A 123 -0.96 -37.16 -14.91
CA SER A 123 -1.01 -38.52 -14.38
C SER A 123 -2.35 -38.92 -13.79
N SER A 124 -3.28 -37.99 -13.60
CA SER A 124 -4.53 -38.27 -12.90
C SER A 124 -5.61 -38.86 -13.80
N TRP A 125 -5.50 -38.69 -15.12
CA TRP A 125 -6.58 -39.04 -16.04
C TRP A 125 -6.07 -39.88 -17.22
N PRO A 126 -5.54 -41.08 -16.96
CA PRO A 126 -4.95 -41.86 -18.07
C PRO A 126 -5.94 -42.25 -19.16
N LYS A 127 -7.22 -42.41 -18.84
CA LYS A 127 -8.18 -42.89 -19.81
C LYS A 127 -8.99 -41.77 -20.46
N HIS A 128 -8.62 -40.51 -20.25
CA HIS A 128 -9.36 -39.40 -20.83
C HIS A 128 -8.39 -38.40 -21.44
N SER A 129 -8.92 -37.60 -22.36
CA SER A 129 -8.13 -36.56 -23.00
C SER A 129 -8.08 -35.34 -22.10
N THR A 130 -6.87 -34.85 -21.84
CA THR A 130 -6.68 -33.68 -21.01
C THR A 130 -6.24 -32.47 -21.82
N THR A 131 -6.23 -32.59 -23.15
CA THR A 131 -5.58 -31.62 -24.02
C THR A 131 -6.55 -30.88 -24.92
N LYS A 132 -7.84 -31.16 -24.82
CA LYS A 132 -8.72 -30.50 -25.80
C LYS A 132 -9.74 -29.59 -25.14
N GLY A 133 -9.69 -29.41 -23.83
CA GLY A 133 -10.69 -28.59 -23.17
C GLY A 133 -10.43 -27.10 -23.23
N VAL A 134 -10.34 -26.53 -24.43
CA VAL A 134 -10.09 -25.11 -24.57
C VAL A 134 -11.21 -24.50 -25.40
N THR A 135 -11.33 -23.18 -25.30
CA THR A 135 -12.40 -22.50 -25.98
C THR A 135 -11.96 -21.09 -26.33
N ALA A 136 -12.52 -20.59 -27.43
CA ALA A 136 -12.24 -19.22 -27.84
C ALA A 136 -12.80 -18.20 -26.85
N ALA A 137 -13.72 -18.61 -25.98
CA ALA A 137 -14.27 -17.75 -24.96
C ALA A 137 -13.25 -17.45 -23.85
N CYS A 138 -12.32 -18.37 -23.61
CA CYS A 138 -11.26 -18.13 -22.64
C CYS A 138 -9.94 -18.04 -23.38
N SER A 139 -9.86 -17.09 -24.32
CA SER A 139 -8.65 -16.91 -25.11
C SER A 139 -7.51 -16.33 -24.27
N HIS A 140 -6.30 -16.68 -24.68
CA HIS A 140 -5.09 -16.17 -24.08
C HIS A 140 -4.00 -16.27 -25.13
N ALA A 141 -3.25 -15.19 -25.32
CA ALA A 141 -2.13 -15.20 -26.26
C ALA A 141 -2.54 -15.57 -27.68
N GLY A 142 -3.76 -15.15 -28.07
CA GLY A 142 -4.29 -15.37 -29.40
C GLY A 142 -4.87 -16.75 -29.66
N LYS A 143 -4.77 -17.68 -28.73
CA LYS A 143 -5.27 -19.03 -28.93
C LYS A 143 -6.42 -19.31 -27.98
N SER A 144 -7.23 -20.30 -28.35
CA SER A 144 -8.23 -20.80 -27.42
C SER A 144 -7.51 -21.38 -26.20
N SER A 145 -8.06 -21.12 -25.03
CA SER A 145 -7.43 -21.58 -23.81
C SER A 145 -8.55 -21.92 -22.83
N PHE A 146 -8.23 -21.90 -21.53
CA PHE A 146 -9.20 -22.27 -20.50
C PHE A 146 -8.67 -21.79 -19.17
N TYR A 147 -9.52 -21.90 -18.15
CA TYR A 147 -9.16 -21.59 -16.78
C TYR A 147 -7.93 -22.38 -16.34
N ARG A 148 -7.16 -21.80 -15.42
CA ARG A 148 -5.96 -22.43 -14.92
C ARG A 148 -6.26 -23.37 -13.77
N ASN A 149 -7.40 -23.22 -13.10
CA ASN A 149 -7.72 -24.04 -11.94
C ASN A 149 -8.73 -25.14 -12.25
N LEU A 150 -9.21 -25.24 -13.50
CA LEU A 150 -10.12 -26.29 -13.91
C LEU A 150 -9.53 -27.02 -15.12
N LEU A 151 -9.93 -28.28 -15.31
CA LEU A 151 -9.43 -29.07 -16.44
C LEU A 151 -10.64 -29.65 -17.16
N TRP A 152 -10.85 -29.19 -18.38
CA TRP A 152 -12.03 -29.60 -19.13
C TRP A 152 -11.74 -30.91 -19.83
N LEU A 153 -12.13 -32.04 -19.22
CA LEU A 153 -11.81 -33.36 -19.76
C LEU A 153 -12.72 -33.75 -20.93
N THR A 154 -12.15 -34.44 -21.90
CA THR A 154 -12.94 -34.94 -23.02
C THR A 154 -12.53 -36.38 -23.33
N LYS A 155 -13.27 -37.00 -24.24
CA LYS A 155 -13.01 -38.40 -24.61
C LYS A 155 -11.65 -38.57 -25.27
N LYS A 156 -11.13 -39.75 -25.08
CA LYS A 156 -9.83 -40.13 -25.64
C LYS A 156 -10.07 -41.27 -26.62
N GLU A 157 -9.77 -41.03 -27.89
CA GLU A 157 -9.91 -42.06 -28.93
C GLU A 157 -11.32 -42.62 -28.96
N ASP A 158 -12.31 -41.74 -29.07
CA ASP A 158 -13.75 -42.10 -29.18
C ASP A 158 -14.25 -42.94 -28.01
N SER A 159 -13.70 -42.74 -26.82
CA SER A 159 -14.21 -43.43 -25.66
C SER A 159 -14.05 -42.53 -24.42
N TYR A 160 -15.04 -42.58 -23.53
CA TYR A 160 -15.01 -41.85 -22.26
C TYR A 160 -15.46 -42.81 -21.19
N PRO A 161 -14.55 -43.63 -20.67
CA PRO A 161 -14.92 -44.57 -19.61
C PRO A 161 -15.34 -43.85 -18.34
N LYS A 162 -16.08 -44.58 -17.51
CA LYS A 162 -16.51 -44.00 -16.25
C LYS A 162 -15.28 -43.53 -15.48
N LEU A 163 -15.26 -42.25 -15.19
CA LEU A 163 -14.10 -41.74 -14.41
C LEU A 163 -14.44 -41.69 -12.93
N SER A 164 -13.44 -41.97 -12.13
CA SER A 164 -13.60 -41.94 -10.67
C SER A 164 -12.29 -41.46 -10.06
N ASN A 165 -12.35 -40.31 -9.38
CA ASN A 165 -11.16 -39.78 -8.72
C ASN A 165 -11.53 -39.26 -7.34
N SER A 166 -10.62 -39.46 -6.39
CA SER A 166 -10.78 -39.11 -5.00
C SER A 166 -9.63 -38.24 -4.53
N TYR A 167 -9.91 -37.40 -3.53
CA TYR A 167 -8.87 -36.63 -2.87
C TYR A 167 -9.13 -36.65 -1.37
N VAL A 168 -8.10 -37.00 -0.60
CA VAL A 168 -8.14 -37.00 0.85
C VAL A 168 -7.45 -35.74 1.35
N ASN A 169 -8.18 -34.90 2.08
CA ASN A 169 -7.62 -33.65 2.59
C ASN A 169 -6.67 -33.93 3.74
N LYS A 170 -5.37 -33.92 3.44
CA LYS A 170 -4.33 -34.08 4.46
C LYS A 170 -3.60 -32.76 4.73
N LYS A 171 -4.29 -31.64 4.53
CA LYS A 171 -3.68 -30.34 4.65
C LYS A 171 -3.84 -29.73 6.04
N GLY A 172 -4.66 -30.34 6.91
CA GLY A 172 -4.92 -29.76 8.21
C GLY A 172 -5.72 -28.48 8.18
N LYS A 173 -6.32 -28.16 7.05
CA LYS A 173 -7.08 -26.95 6.83
C LYS A 173 -8.24 -27.31 5.92
N GLU A 174 -9.28 -26.46 5.93
CA GLU A 174 -10.31 -26.57 4.92
C GLU A 174 -9.69 -26.42 3.53
N VAL A 175 -10.15 -27.24 2.58
CA VAL A 175 -9.71 -27.12 1.20
C VAL A 175 -10.90 -26.69 0.37
N LEU A 176 -10.73 -25.60 -0.37
CA LEU A 176 -11.75 -25.09 -1.28
C LEU A 176 -11.62 -25.82 -2.62
N VAL A 177 -12.65 -26.55 -3.02
CA VAL A 177 -12.60 -27.29 -4.27
C VAL A 177 -13.62 -26.72 -5.24
N LEU A 178 -13.16 -26.39 -6.45
CA LEU A 178 -14.04 -25.89 -7.51
C LEU A 178 -14.10 -26.87 -8.67
N TRP A 179 -15.27 -26.95 -9.30
CA TRP A 179 -15.44 -27.74 -10.50
C TRP A 179 -16.56 -27.13 -11.32
N GLY A 180 -16.79 -27.68 -12.50
CA GLY A 180 -17.91 -27.26 -13.32
C GLY A 180 -18.57 -28.47 -13.93
N VAL A 181 -19.80 -28.26 -14.39
CA VAL A 181 -20.51 -29.22 -15.21
C VAL A 181 -20.86 -28.53 -16.52
N HIS A 182 -20.47 -29.12 -17.65
CA HIS A 182 -20.67 -28.50 -18.96
C HIS A 182 -21.97 -28.98 -19.58
N HIS A 183 -22.74 -28.04 -20.13
CA HIS A 183 -24.06 -28.34 -20.71
C HIS A 183 -24.05 -28.04 -22.19
N PRO A 184 -23.88 -29.04 -23.04
CA PRO A 184 -23.69 -28.76 -24.47
C PRO A 184 -24.98 -28.25 -25.09
N SER A 185 -24.81 -27.72 -26.30
CA SER A 185 -25.94 -27.14 -27.02
C SER A 185 -26.64 -28.15 -27.90
N SER A 186 -26.04 -29.31 -28.17
CA SER A 186 -26.67 -30.33 -28.99
C SER A 186 -26.13 -31.69 -28.62
N SER A 187 -26.87 -32.73 -28.97
CA SER A 187 -26.40 -34.09 -28.74
C SER A 187 -25.24 -34.43 -29.67
N LYS A 188 -25.14 -33.79 -30.84
CA LYS A 188 -23.93 -33.95 -31.64
C LYS A 188 -22.71 -33.47 -30.87
N GLU A 189 -22.82 -32.33 -30.19
CA GLU A 189 -21.72 -31.84 -29.37
C GLU A 189 -21.46 -32.77 -28.20
N GLN A 190 -22.54 -33.32 -27.62
CA GLN A 190 -22.39 -34.28 -26.53
C GLN A 190 -21.58 -35.49 -26.95
N GLN A 191 -21.87 -36.03 -28.13
CA GLN A 191 -21.15 -37.23 -28.65
C GLN A 191 -19.72 -36.86 -28.97
N THR A 192 -19.52 -35.73 -29.61
CA THR A 192 -18.19 -35.30 -30.01
C THR A 192 -17.26 -35.11 -28.80
N LEU A 193 -17.79 -34.54 -27.72
CA LEU A 193 -16.95 -34.25 -26.58
C LEU A 193 -16.75 -35.46 -25.69
N TYR A 194 -17.81 -36.19 -25.42
CA TYR A 194 -17.76 -37.21 -24.35
C TYR A 194 -18.23 -38.59 -24.76
N GLN A 195 -18.64 -38.82 -26.01
CA GLN A 195 -19.17 -40.11 -26.54
C GLN A 195 -20.54 -40.47 -25.96
N ASN A 196 -20.67 -40.65 -24.65
CA ASN A 196 -21.92 -41.02 -23.96
C ASN A 196 -22.98 -39.94 -24.14
N GLU A 197 -24.18 -40.36 -24.53
CA GLU A 197 -25.29 -39.41 -24.75
C GLU A 197 -26.00 -39.12 -23.43
N ASN A 198 -26.01 -40.07 -22.51
CA ASN A 198 -26.72 -39.84 -21.25
C ASN A 198 -25.69 -39.82 -20.14
N ALA A 199 -25.30 -38.61 -19.75
CA ALA A 199 -24.20 -38.44 -18.83
C ALA A 199 -24.71 -38.08 -17.46
N TYR A 200 -23.83 -38.19 -16.48
CA TYR A 200 -24.09 -37.77 -15.12
C TYR A 200 -22.75 -37.36 -14.52
N VAL A 201 -22.81 -36.48 -13.54
CA VAL A 201 -21.65 -36.14 -12.74
C VAL A 201 -22.10 -36.21 -11.28
N SER A 202 -21.32 -36.88 -10.46
CA SER A 202 -21.63 -36.98 -9.05
C SER A 202 -20.42 -36.46 -8.29
N VAL A 203 -20.69 -35.63 -7.29
CA VAL A 203 -19.67 -35.07 -6.39
C VAL A 203 -20.15 -35.29 -4.96
N VAL A 204 -19.39 -36.07 -4.20
CA VAL A 204 -19.78 -36.38 -2.84
C VAL A 204 -18.57 -36.25 -1.91
N SER A 205 -18.82 -35.78 -0.71
CA SER A 205 -17.86 -35.81 0.40
C SER A 205 -18.64 -36.29 1.61
N SER A 206 -18.15 -36.02 2.81
CA SER A 206 -18.91 -36.43 3.99
C SER A 206 -20.05 -35.48 4.31
N ASN A 207 -19.98 -34.23 3.85
CA ASN A 207 -21.03 -33.24 4.06
C ASN A 207 -21.40 -32.49 2.78
N TYR A 208 -21.04 -33.03 1.61
CA TYR A 208 -21.50 -32.52 0.33
C TYR A 208 -21.94 -33.73 -0.48
N ASN A 209 -23.06 -33.60 -1.20
CA ASN A 209 -23.66 -34.78 -1.82
C ASN A 209 -24.61 -34.27 -2.92
N ARG A 210 -24.10 -34.17 -4.14
CA ARG A 210 -24.89 -33.66 -5.26
C ARG A 210 -24.65 -34.52 -6.49
N ARG A 211 -25.71 -34.64 -7.31
CA ARG A 211 -25.62 -35.32 -8.60
C ARG A 211 -26.14 -34.38 -9.67
N PHE A 212 -25.41 -34.28 -10.78
CA PHE A 212 -25.74 -33.37 -11.85
C PHE A 212 -25.99 -34.16 -13.12
N ILE A 213 -27.11 -33.90 -13.75
CA ILE A 213 -27.48 -34.47 -15.05
C ILE A 213 -27.37 -33.36 -16.09
N PRO A 214 -26.40 -33.42 -16.98
CA PRO A 214 -26.28 -32.41 -18.04
C PRO A 214 -27.55 -32.30 -18.88
N GLU A 215 -27.87 -31.06 -19.26
CA GLU A 215 -29.04 -30.76 -20.08
C GLU A 215 -28.58 -30.23 -21.44
N ILE A 216 -29.11 -30.82 -22.50
CA ILE A 216 -28.81 -30.37 -23.86
C ILE A 216 -29.90 -29.40 -24.28
N ALA A 217 -29.53 -28.21 -24.73
CA ALA A 217 -30.57 -27.28 -25.18
C ALA A 217 -30.01 -26.24 -26.13
N GLU A 218 -30.89 -25.77 -27.03
CA GLU A 218 -30.61 -24.64 -27.91
C GLU A 218 -30.69 -23.36 -27.09
N ARG A 219 -29.61 -22.61 -27.05
CA ARG A 219 -29.52 -21.42 -26.21
C ARG A 219 -29.03 -20.23 -27.00
N PRO A 220 -29.37 -19.02 -26.59
CA PRO A 220 -28.73 -17.85 -27.19
C PRO A 220 -27.24 -17.91 -26.92
N GLU A 221 -26.45 -17.48 -27.90
CA GLU A 221 -24.99 -17.54 -27.76
C GLU A 221 -24.52 -16.39 -26.89
N VAL A 222 -23.71 -16.72 -25.90
CA VAL A 222 -23.02 -15.74 -25.07
C VAL A 222 -21.54 -15.95 -25.34
N LYS A 223 -20.89 -14.94 -25.87
CA LYS A 223 -19.47 -14.99 -26.31
C LYS A 223 -19.31 -16.13 -27.29
N ASP A 224 -20.19 -16.16 -28.28
CA ASP A 224 -20.26 -17.16 -29.36
C ASP A 224 -20.49 -18.58 -28.86
N GLN A 225 -20.95 -18.73 -27.61
CA GLN A 225 -21.10 -20.03 -26.96
C GLN A 225 -22.56 -20.33 -26.65
N ALA A 226 -23.10 -21.39 -27.26
CA ALA A 226 -24.44 -21.83 -26.88
C ALA A 226 -24.43 -22.88 -25.78
N GLY A 227 -23.29 -23.41 -25.43
CA GLY A 227 -23.23 -24.25 -24.26
C GLY A 227 -23.18 -23.39 -23.02
N ARG A 228 -23.18 -24.07 -21.88
CA ARG A 228 -23.06 -23.42 -20.59
C ARG A 228 -22.23 -24.30 -19.69
N ILE A 229 -21.45 -23.66 -18.81
CA ILE A 229 -20.82 -24.33 -17.68
C ILE A 229 -21.42 -23.74 -16.41
N ASN A 230 -21.91 -24.61 -15.54
CA ASN A 230 -22.24 -24.24 -14.18
C ASN A 230 -21.02 -24.50 -13.32
N TYR A 231 -20.61 -23.49 -12.54
CA TYR A 231 -19.44 -23.62 -11.68
C TYR A 231 -19.87 -23.88 -10.25
N TYR A 232 -19.21 -24.84 -9.60
CA TYR A 232 -19.55 -25.21 -8.23
C TYR A 232 -18.32 -25.17 -7.35
N TRP A 233 -18.55 -25.11 -6.05
CA TRP A 233 -17.46 -25.11 -5.06
C TRP A 233 -17.98 -25.74 -3.78
N THR A 234 -17.04 -26.25 -2.97
CA THR A 234 -17.36 -26.77 -1.65
C THR A 234 -16.12 -26.62 -0.78
N LEU A 235 -16.34 -26.67 0.53
CA LEU A 235 -15.24 -26.69 1.49
C LEU A 235 -15.10 -28.10 2.05
N LEU A 236 -13.95 -28.72 1.80
CA LEU A 236 -13.65 -30.06 2.29
C LEU A 236 -12.94 -29.94 3.64
N GLU A 237 -13.56 -30.50 4.68
CA GLU A 237 -13.01 -30.40 6.01
C GLU A 237 -11.74 -31.26 6.15
N PRO A 238 -10.84 -30.88 7.07
CA PRO A 238 -9.60 -31.66 7.26
C PRO A 238 -9.88 -33.13 7.55
N GLY A 239 -9.14 -34.00 6.86
CA GLY A 239 -9.30 -35.43 6.98
C GLY A 239 -10.33 -36.05 6.06
N ASP A 240 -11.19 -35.24 5.47
CA ASP A 240 -12.28 -35.75 4.66
C ASP A 240 -11.82 -36.06 3.24
N THR A 241 -12.65 -36.84 2.55
CA THR A 241 -12.45 -37.23 1.17
C THR A 241 -13.60 -36.69 0.33
N ILE A 242 -13.27 -36.21 -0.86
CA ILE A 242 -14.26 -35.83 -1.84
C ILE A 242 -14.07 -36.74 -3.07
N ILE A 243 -15.17 -37.30 -3.57
CA ILE A 243 -15.13 -38.26 -4.66
C ILE A 243 -15.88 -37.70 -5.86
N PHE A 244 -15.21 -37.66 -7.01
CA PHE A 244 -15.80 -37.25 -8.29
C PHE A 244 -16.03 -38.46 -9.17
N GLU A 245 -17.22 -38.56 -9.76
CA GLU A 245 -17.50 -39.65 -10.69
C GLU A 245 -18.23 -39.09 -11.91
N ALA A 246 -17.85 -39.51 -13.10
CA ALA A 246 -18.53 -38.97 -14.26
C ALA A 246 -18.36 -39.90 -15.44
N ASN A 247 -19.29 -39.81 -16.39
CA ASN A 247 -19.11 -40.38 -17.72
C ASN A 247 -19.26 -39.30 -18.78
N GLY A 248 -19.03 -38.06 -18.41
CA GLY A 248 -19.04 -36.95 -19.33
C GLY A 248 -19.24 -35.64 -18.59
N ASN A 249 -18.94 -34.56 -19.29
CA ASN A 249 -19.37 -33.22 -18.93
C ASN A 249 -18.76 -32.70 -17.63
N LEU A 250 -17.71 -33.32 -17.13
CA LEU A 250 -17.08 -32.84 -15.90
C LEU A 250 -15.99 -31.84 -16.26
N VAL A 251 -16.11 -30.62 -15.76
CA VAL A 251 -14.98 -29.70 -15.75
C VAL A 251 -14.27 -29.93 -14.42
N ALA A 252 -13.22 -30.71 -14.48
CA ALA A 252 -12.65 -31.31 -13.30
C ALA A 252 -11.84 -30.27 -12.52
N PRO A 253 -11.76 -30.42 -11.19
CA PRO A 253 -10.81 -29.61 -10.43
C PRO A 253 -9.39 -29.92 -10.87
N TRP A 254 -8.61 -28.86 -11.08
CA TRP A 254 -7.20 -28.99 -11.38
C TRP A 254 -6.36 -28.48 -10.22
N TYR A 255 -6.63 -27.26 -9.75
CA TYR A 255 -5.99 -26.70 -8.55
C TYR A 255 -7.05 -26.39 -7.49
N ALA A 256 -6.72 -26.66 -6.23
CA ALA A 256 -7.55 -26.32 -5.07
C ALA A 256 -6.76 -25.39 -4.12
N PHE A 257 -7.41 -24.95 -3.04
CA PHE A 257 -6.83 -23.98 -2.11
C PHE A 257 -7.01 -24.46 -0.69
N ALA A 258 -5.91 -24.67 0.02
CA ALA A 258 -5.94 -24.89 1.47
C ALA A 258 -6.03 -23.54 2.19
N LEU A 259 -7.12 -23.29 2.90
CA LEU A 259 -7.42 -21.95 3.39
C LEU A 259 -6.94 -21.75 4.82
N SER A 260 -6.37 -20.57 5.08
CA SER A 260 -6.08 -20.09 6.43
C SER A 260 -7.01 -18.92 6.76
N ARG A 261 -7.71 -19.03 7.88
CA ARG A 261 -8.65 -18.00 8.30
C ARG A 261 -7.97 -16.92 9.10
N GLY A 262 -8.46 -15.70 8.95
CA GLY A 262 -7.89 -14.57 9.66
C GLY A 262 -8.99 -13.59 10.06
N PHE A 263 -8.57 -12.54 10.74
CA PHE A 263 -9.51 -11.54 11.22
C PHE A 263 -9.30 -10.22 10.49
N GLY A 264 -10.40 -9.54 10.20
CA GLY A 264 -10.37 -8.17 9.75
C GLY A 264 -10.29 -7.96 8.26
N SER A 265 -10.30 -9.03 7.45
CA SER A 265 -10.25 -8.84 6.01
C SER A 265 -11.64 -8.51 5.47
N GLY A 266 -11.72 -8.30 4.17
CA GLY A 266 -12.97 -7.95 3.52
C GLY A 266 -12.68 -7.57 2.09
N ILE A 267 -13.74 -7.44 1.30
CA ILE A 267 -13.61 -7.06 -0.10
C ILE A 267 -14.06 -5.64 -0.28
N ILE A 268 -13.21 -4.80 -0.85
CA ILE A 268 -13.60 -3.42 -1.12
C ILE A 268 -13.41 -3.13 -2.60
N THR A 269 -14.14 -2.13 -3.07
CA THR A 269 -14.03 -1.63 -4.43
C THR A 269 -13.42 -0.23 -4.39
N SER A 270 -12.24 -0.09 -5.00
CA SER A 270 -11.52 1.18 -4.95
C SER A 270 -10.87 1.46 -6.30
N ASN A 271 -10.72 2.74 -6.59
CA ASN A 271 -9.93 3.18 -7.74
C ASN A 271 -8.58 3.73 -7.33
N ALA A 272 -8.24 3.67 -6.05
CA ALA A 272 -6.97 4.17 -5.57
C ALA A 272 -5.83 3.23 -5.97
N SER A 273 -4.62 3.77 -6.00
CA SER A 273 -3.46 2.98 -6.37
C SER A 273 -2.67 2.58 -5.13
N MET A 274 -2.00 1.44 -5.25
CA MET A 274 -1.19 0.91 -4.18
C MET A 274 0.13 1.69 -4.08
N HIS A 275 0.51 2.04 -2.86
CA HIS A 275 1.76 2.72 -2.56
C HIS A 275 2.42 2.00 -1.39
N GLU A 276 3.67 2.36 -1.09
CA GLU A 276 4.38 1.73 0.02
C GLU A 276 4.13 2.43 1.35
N CYS A 277 2.87 2.60 1.71
CA CYS A 277 2.49 3.13 3.01
C CYS A 277 1.98 2.00 3.90
N ASN A 278 2.02 2.25 5.20
CA ASN A 278 1.44 1.35 6.19
C ASN A 278 0.38 2.11 6.98
N THR A 279 -0.75 1.45 7.23
CA THR A 279 -1.84 2.12 7.89
C THR A 279 -2.51 1.17 8.87
N LYS A 280 -3.19 1.76 9.85
CA LYS A 280 -4.10 1.00 10.71
C LYS A 280 -5.54 1.02 10.17
N CYS A 281 -5.85 1.89 9.21
CA CYS A 281 -7.22 2.07 8.71
C CYS A 281 -7.20 2.36 7.21
N GLN A 282 -8.02 1.63 6.44
CA GLN A 282 -8.07 1.77 4.99
C GLN A 282 -9.51 1.92 4.51
N THR A 283 -9.73 2.85 3.58
CA THR A 283 -11.03 3.01 2.94
C THR A 283 -10.86 2.95 1.43
N PRO A 284 -11.96 2.75 0.69
CA PRO A 284 -11.86 2.83 -0.78
C PRO A 284 -11.30 4.16 -1.29
N GLN A 285 -11.34 5.22 -0.48
CA GLN A 285 -10.85 6.52 -0.90
C GLN A 285 -9.37 6.71 -0.60
N GLY A 286 -8.88 6.08 0.45
CA GLY A 286 -7.53 6.32 0.92
C GLY A 286 -7.40 5.90 2.36
N ALA A 287 -6.16 5.93 2.84
CA ALA A 287 -5.87 5.52 4.21
C ALA A 287 -6.11 6.67 5.20
N ILE A 288 -6.49 6.32 6.41
CA ILE A 288 -6.74 7.29 7.48
C ILE A 288 -5.67 7.11 8.54
N ASN A 289 -5.13 8.22 9.04
CA ASN A 289 -4.19 8.27 10.15
C ASN A 289 -4.78 9.22 11.19
N SER A 290 -5.57 8.69 12.13
CA SER A 290 -6.27 9.58 13.04
C SER A 290 -6.69 8.84 14.30
N SER A 291 -6.86 9.60 15.38
CA SER A 291 -7.45 9.12 16.62
C SER A 291 -8.78 9.82 16.93
N LEU A 292 -9.32 10.59 16.00
CA LEU A 292 -10.62 11.23 16.21
C LEU A 292 -11.72 10.16 16.17
N PRO A 293 -12.82 10.37 16.91
CA PRO A 293 -13.87 9.34 16.97
C PRO A 293 -14.70 9.22 15.70
N PHE A 294 -14.71 10.22 14.83
CA PHE A 294 -15.60 10.21 13.68
C PHE A 294 -14.81 10.50 12.43
N GLN A 295 -15.31 9.97 11.31
CA GLN A 295 -14.80 10.33 9.99
C GLN A 295 -15.99 10.46 9.05
N ASN A 296 -15.80 11.25 7.99
CA ASN A 296 -16.83 11.41 6.98
C ASN A 296 -16.28 11.06 5.60
N ILE A 297 -15.30 10.18 5.55
CA ILE A 297 -14.62 9.85 4.30
C ILE A 297 -15.33 8.72 3.57
N HIS A 298 -15.62 7.61 4.25
CA HIS A 298 -16.31 6.51 3.58
C HIS A 298 -16.90 5.56 4.60
N PRO A 299 -18.11 5.03 4.37
CA PRO A 299 -18.65 4.00 5.27
C PRO A 299 -17.89 2.67 5.24
N VAL A 300 -17.23 2.33 4.13
CA VAL A 300 -16.48 1.07 4.02
C VAL A 300 -15.08 1.27 4.56
N THR A 301 -14.69 0.42 5.51
CA THR A 301 -13.43 0.57 6.22
C THR A 301 -12.80 -0.79 6.42
N ILE A 302 -11.48 -0.81 6.41
CA ILE A 302 -10.69 -1.99 6.70
C ILE A 302 -9.77 -1.62 7.84
N GLY A 303 -9.81 -2.37 8.92
CA GLY A 303 -8.96 -2.12 10.07
C GLY A 303 -9.65 -1.50 11.27
N GLU A 304 -8.94 -0.64 12.00
CA GLU A 304 -9.47 0.08 13.15
C GLU A 304 -9.66 1.52 12.72
N CYS A 305 -10.92 1.96 12.65
CA CYS A 305 -11.24 3.24 12.05
C CYS A 305 -12.15 4.05 12.96
N PRO A 306 -12.23 5.36 12.74
CA PRO A 306 -13.28 6.16 13.38
C PRO A 306 -14.63 5.76 12.80
N LYS A 307 -15.68 6.01 13.57
CA LYS A 307 -17.02 5.71 13.08
C LYS A 307 -17.37 6.69 11.97
N TYR A 308 -17.92 6.15 10.89
CA TYR A 308 -18.37 6.95 9.76
C TYR A 308 -19.71 7.62 10.09
N VAL A 309 -19.81 8.92 9.77
CA VAL A 309 -21.02 9.69 9.97
C VAL A 309 -21.21 10.61 8.76
N LYS A 310 -22.47 10.98 8.52
CA LYS A 310 -22.79 11.86 7.39
C LYS A 310 -22.70 13.33 7.76
N SER A 311 -21.67 13.79 8.48
CA SER A 311 -21.58 15.19 8.91
C SER A 311 -20.49 15.93 8.16
N ALA A 312 -20.66 17.24 8.01
CA ALA A 312 -19.60 18.05 7.42
C ALA A 312 -18.68 18.68 8.46
N LYS A 313 -19.15 18.85 9.70
CA LYS A 313 -18.38 19.46 10.77
C LYS A 313 -18.84 18.91 12.12
N LEU A 314 -17.88 18.64 13.00
CA LEU A 314 -18.16 18.22 14.38
C LEU A 314 -17.08 18.84 15.26
N ARG A 315 -17.22 20.14 15.53
CA ARG A 315 -16.28 20.86 16.37
C ARG A 315 -16.85 21.01 17.77
N MET A 316 -16.05 20.64 18.76
CA MET A 316 -16.44 20.73 20.16
C MET A 316 -15.73 21.91 20.80
N VAL A 317 -16.50 22.84 21.36
CA VAL A 317 -15.88 23.97 22.06
C VAL A 317 -15.21 23.45 23.33
N THR A 318 -13.99 23.91 23.56
CA THR A 318 -13.32 23.66 24.83
C THR A 318 -13.08 24.94 25.60
N GLY A 319 -12.74 26.01 24.91
CA GLY A 319 -12.57 27.30 25.52
C GLY A 319 -13.90 28.01 25.60
N LEU A 320 -13.85 29.33 25.61
CA LEU A 320 -15.04 30.17 25.79
C LEU A 320 -15.24 31.08 24.60
N ARG A 321 -16.31 31.89 24.67
CA ARG A 321 -16.61 32.81 23.58
C ARG A 321 -15.46 33.79 23.39
N ASN A 322 -15.04 33.95 22.14
CA ASN A 322 -13.93 34.82 21.81
C ASN A 322 -14.50 36.20 21.53
N ILE A 323 -14.33 37.11 22.48
CA ILE A 323 -14.88 38.47 22.35
C ILE A 323 -13.76 39.49 22.46
N PRO A 324 -13.03 39.76 21.37
CA PRO A 324 -11.96 40.77 21.42
C PRO A 324 -12.43 42.17 21.01
N GLY A 330 -25.25 34.03 27.58
CA GLY A 330 -24.80 33.65 28.91
C GLY A 330 -25.90 33.28 29.90
N LEU A 331 -25.79 32.10 30.48
CA LEU A 331 -26.81 31.57 31.44
C LEU A 331 -26.52 32.12 32.84
N PHE A 332 -25.27 32.45 33.11
CA PHE A 332 -24.92 32.95 34.43
C PHE A 332 -24.67 34.44 34.43
N GLY A 333 -24.84 35.09 33.29
CA GLY A 333 -24.89 36.53 33.21
C GLY A 333 -23.56 37.25 33.18
N ALA A 334 -22.45 36.53 33.32
CA ALA A 334 -21.12 37.18 33.35
C ALA A 334 -20.58 37.34 31.93
N ILE A 335 -20.21 36.23 31.28
CA ILE A 335 -19.64 36.33 29.95
C ILE A 335 -20.69 36.83 28.98
N ALA A 336 -20.28 37.78 28.12
CA ALA A 336 -21.17 38.46 27.18
C ALA A 336 -22.42 39.00 27.90
N GLY A 337 -22.25 39.38 29.16
CA GLY A 337 -23.34 39.87 29.97
C GLY A 337 -22.95 41.16 30.66
N PHE A 338 -22.77 41.12 31.98
CA PHE A 338 -22.32 42.33 32.67
C PHE A 338 -20.82 42.53 32.56
N ILE A 339 -20.07 41.51 32.14
CA ILE A 339 -18.68 41.68 31.69
C ILE A 339 -18.72 41.63 30.17
N GLU A 340 -18.79 42.80 29.53
CA GLU A 340 -19.17 42.89 28.12
C GLU A 340 -18.18 42.20 27.18
N GLY A 341 -16.91 42.11 27.55
CA GLY A 341 -15.95 41.59 26.59
C GLY A 341 -14.78 40.89 27.25
N GLY A 342 -13.93 40.31 26.39
CA GLY A 342 -12.75 39.60 26.84
C GLY A 342 -11.48 40.42 26.70
N TRP A 343 -10.42 39.89 27.30
CA TRP A 343 -9.12 40.56 27.37
C TRP A 343 -8.12 39.77 26.55
N THR A 344 -7.80 40.25 25.35
CA THR A 344 -6.68 39.67 24.62
C THR A 344 -5.38 39.89 25.38
N GLY A 345 -5.30 40.95 26.19
CA GLY A 345 -4.10 41.24 26.95
C GLY A 345 -3.74 40.16 27.96
N MET A 346 -4.72 39.39 28.43
CA MET A 346 -4.47 38.26 29.32
C MET A 346 -4.29 37.00 28.46
N ILE A 347 -3.05 36.51 28.40
CA ILE A 347 -2.73 35.35 27.56
C ILE A 347 -2.48 34.09 28.36
N ASP A 348 -2.31 34.19 29.68
CA ASP A 348 -1.77 33.11 30.49
C ASP A 348 -2.83 32.29 31.21
N GLY A 349 -4.11 32.51 30.94
CA GLY A 349 -5.14 31.74 31.60
C GLY A 349 -6.50 32.08 31.04
N TRP A 350 -7.49 31.27 31.43
CA TRP A 350 -8.86 31.43 30.95
C TRP A 350 -9.62 32.49 31.72
N TYR A 351 -9.36 32.60 33.02
CA TYR A 351 -9.99 33.59 33.88
C TYR A 351 -8.92 34.34 34.67
N GLY A 352 -9.16 35.61 34.95
CA GLY A 352 -8.16 36.34 35.72
C GLY A 352 -8.60 37.73 36.13
N TYR A 353 -7.62 38.48 36.65
CA TYR A 353 -7.79 39.80 37.22
C TYR A 353 -6.93 40.81 36.49
N HIS A 354 -7.33 42.08 36.56
CA HIS A 354 -6.55 43.18 36.00
C HIS A 354 -6.39 44.24 37.09
N HIS A 355 -5.15 44.57 37.44
CA HIS A 355 -4.90 45.51 38.52
C HIS A 355 -4.49 46.85 37.92
N GLN A 356 -5.14 47.92 38.39
CA GLN A 356 -4.78 49.31 37.98
C GLN A 356 -4.57 50.13 39.24
N ASN A 357 -3.31 50.31 39.66
CA ASN A 357 -3.00 51.07 40.89
C ASN A 357 -1.82 52.02 40.63
N GLU A 358 -1.32 52.66 41.70
CA GLU A 358 -0.19 53.61 41.60
C GLU A 358 1.11 52.83 41.36
N GLN A 359 1.38 51.82 42.19
CA GLN A 359 2.59 51.03 42.05
C GLN A 359 2.53 50.22 40.75
N TYR A 363 -2.49 42.63 34.17
CA TYR A 363 -3.12 41.34 33.87
C TYR A 363 -2.51 40.17 34.65
N ALA A 364 -3.37 39.45 35.37
CA ALA A 364 -2.96 38.27 36.12
C ALA A 364 -4.09 37.24 36.06
N ALA A 365 -3.79 36.04 35.60
CA ALA A 365 -4.80 34.99 35.49
C ALA A 365 -4.88 34.18 36.77
N ASP A 366 -6.09 33.73 37.11
CA ASP A 366 -6.30 32.87 38.27
C ASP A 366 -5.92 31.44 37.92
N GLN A 367 -4.93 30.88 38.62
CA GLN A 367 -4.47 29.54 38.27
C GLN A 367 -5.37 28.46 38.84
N LYS A 368 -5.96 28.68 40.03
CA LYS A 368 -6.78 27.63 40.63
C LYS A 368 -8.03 27.37 39.81
N SER A 369 -8.75 28.44 39.44
CA SER A 369 -10.00 28.27 38.69
C SER A 369 -9.71 27.84 37.25
N THR A 370 -8.63 28.36 36.65
CA THR A 370 -8.31 27.97 35.28
C THR A 370 -7.87 26.52 35.20
N GLN A 371 -7.10 26.05 36.20
CA GLN A 371 -6.64 24.67 36.15
C GLN A 371 -7.77 23.69 36.47
N ASN A 372 -8.76 24.09 37.27
CA ASN A 372 -9.92 23.23 37.47
C ASN A 372 -10.80 23.18 36.23
N ALA A 373 -10.94 24.29 35.51
CA ALA A 373 -11.68 24.25 34.26
C ALA A 373 -10.94 23.41 33.22
N ILE A 374 -9.63 23.59 33.12
CA ILE A 374 -8.85 22.81 32.16
C ILE A 374 -8.98 21.32 32.49
N ASN A 375 -8.92 20.98 33.77
CA ASN A 375 -9.07 19.57 34.16
C ASN A 375 -10.45 19.04 33.79
N GLY A 376 -11.49 19.83 34.05
CA GLY A 376 -12.85 19.36 33.80
C GLY A 376 -13.18 19.21 32.33
N ILE A 377 -12.78 20.20 31.51
CA ILE A 377 -13.06 20.10 30.07
C ILE A 377 -12.27 18.95 29.45
N THR A 378 -11.04 18.74 29.91
CA THR A 378 -10.28 17.60 29.41
C THR A 378 -10.98 16.28 29.73
N ASN A 379 -11.53 16.16 30.95
CA ASN A 379 -12.30 14.97 31.28
C ASN A 379 -13.57 14.90 30.45
N LYS A 380 -14.17 16.05 30.14
CA LYS A 380 -15.38 16.06 29.33
C LYS A 380 -15.10 15.59 27.91
N VAL A 381 -14.03 16.09 27.30
CA VAL A 381 -13.67 15.62 25.96
C VAL A 381 -13.27 14.14 26.00
N ASN A 382 -12.45 13.75 26.98
CA ASN A 382 -12.01 12.36 27.05
C ASN A 382 -13.16 11.41 27.37
N SER A 383 -14.07 11.81 28.27
CA SER A 383 -15.10 10.87 28.71
C SER A 383 -16.14 10.64 27.62
N VAL A 384 -16.40 11.64 26.78
CA VAL A 384 -17.37 11.42 25.72
C VAL A 384 -16.73 10.72 24.52
N ILE A 385 -15.44 10.97 24.22
CA ILE A 385 -14.82 10.20 23.15
C ILE A 385 -14.68 8.74 23.57
N GLU A 386 -14.56 8.48 24.87
CA GLU A 386 -14.40 7.11 25.34
C GLU A 386 -15.67 6.29 25.08
N LYS A 387 -16.82 6.92 25.20
CA LYS A 387 -18.11 6.21 24.97
C LYS A 387 -18.18 5.82 23.49
N MET A 388 -17.47 6.55 22.63
CA MET A 388 -17.37 6.22 21.22
C MET A 388 -16.36 5.10 21.01
N ASN A 389 -16.76 4.07 20.27
CA ASN A 389 -15.93 2.90 20.06
C ASN A 389 -15.39 2.80 18.63
N THR A 390 -14.22 2.17 18.53
CA THR A 390 -13.55 1.98 17.25
C THR A 390 -14.46 1.22 16.30
N GLN A 391 -14.48 1.64 15.04
CA GLN A 391 -15.14 0.86 13.99
C GLN A 391 -14.13 -0.14 13.44
N PHE A 392 -14.43 -1.43 13.59
CA PHE A 392 -13.61 -2.45 12.95
C PHE A 392 -14.13 -2.70 11.54
N THR A 393 -13.51 -3.64 10.85
CA THR A 393 -13.78 -3.87 9.43
C THR A 393 -15.27 -3.96 9.15
N ALA A 394 -15.74 -3.13 8.22
CA ALA A 394 -17.12 -3.13 7.74
C ALA A 394 -17.11 -2.82 6.25
N VAL A 395 -17.63 -3.73 5.44
CA VAL A 395 -17.61 -3.59 3.99
C VAL A 395 -19.00 -3.87 3.41
N GLY A 396 -19.16 -3.59 2.13
CA GLY A 396 -20.37 -3.95 1.43
C GLY A 396 -20.49 -5.45 1.23
N LYS A 397 -21.68 -5.85 0.78
CA LYS A 397 -22.03 -7.25 0.55
C LYS A 397 -22.72 -7.36 -0.81
N GLU A 398 -22.64 -8.53 -1.43
CA GLU A 398 -23.20 -8.73 -2.77
C GLU A 398 -24.35 -9.72 -2.73
N PHE A 399 -25.30 -9.53 -3.64
CA PHE A 399 -26.50 -10.38 -3.67
C PHE A 399 -26.87 -10.69 -5.10
N ASN A 400 -27.32 -11.93 -5.33
CA ASN A 400 -27.68 -12.29 -6.70
C ASN A 400 -29.07 -11.73 -7.04
N ASN A 401 -29.50 -11.93 -8.27
CA ASN A 401 -30.68 -11.19 -8.72
C ASN A 401 -32.00 -11.78 -8.21
N LEU A 402 -31.96 -12.79 -7.34
CA LEU A 402 -33.14 -13.27 -6.64
C LEU A 402 -33.08 -13.00 -5.15
N GLU A 403 -32.23 -12.07 -4.75
CA GLU A 403 -32.06 -11.72 -3.34
C GLU A 403 -32.25 -10.23 -3.14
N LYS A 404 -33.20 -9.65 -3.87
CA LYS A 404 -33.46 -8.22 -3.74
C LYS A 404 -33.96 -7.87 -2.36
N ARG A 405 -34.80 -8.72 -1.75
CA ARG A 405 -35.29 -8.44 -0.41
C ARG A 405 -34.14 -8.39 0.59
N MET A 406 -33.26 -9.39 0.56
CA MET A 406 -32.13 -9.39 1.48
C MET A 406 -31.21 -8.20 1.21
N GLU A 407 -30.93 -7.93 -0.06
CA GLU A 407 -30.12 -6.77 -0.39
C GLU A 407 -30.73 -5.51 0.18
N ASN A 408 -32.04 -5.35 0.05
CA ASN A 408 -32.68 -4.17 0.60
C ASN A 408 -32.68 -4.19 2.12
N LEU A 409 -32.84 -5.39 2.71
CA LEU A 409 -32.72 -5.48 4.18
C LEU A 409 -31.34 -5.04 4.66
N ASN A 410 -30.29 -5.51 4.00
CA ASN A 410 -28.94 -5.10 4.35
C ASN A 410 -28.77 -3.58 4.23
N LYS A 411 -29.36 -2.96 3.20
CA LYS A 411 -29.27 -1.52 3.01
C LYS A 411 -30.08 -0.78 4.07
N LYS A 412 -31.22 -1.35 4.45
CA LYS A 412 -31.99 -0.75 5.54
C LYS A 412 -31.20 -0.78 6.84
N VAL A 413 -30.51 -1.91 7.13
CA VAL A 413 -29.72 -2.01 8.36
C VAL A 413 -28.60 -0.97 8.36
N ASP A 414 -27.82 -0.91 7.27
CA ASP A 414 -26.68 0.01 7.23
C ASP A 414 -27.13 1.48 7.26
N ASP A 415 -28.19 1.82 6.55
CA ASP A 415 -28.63 3.22 6.57
C ASP A 415 -29.22 3.59 7.92
N GLY A 416 -29.96 2.65 8.54
CA GLY A 416 -30.53 2.94 9.85
C GLY A 416 -29.48 3.28 10.88
N PHE A 417 -28.46 2.41 11.01
CA PHE A 417 -27.40 2.68 11.99
C PHE A 417 -26.69 3.98 11.68
N LEU A 418 -26.44 4.24 10.39
CA LEU A 418 -25.70 5.45 10.04
C LEU A 418 -26.50 6.70 10.41
N ASP A 419 -27.83 6.62 10.29
CA ASP A 419 -28.65 7.75 10.69
C ASP A 419 -28.65 7.92 12.21
N ILE A 420 -28.63 6.81 12.96
CA ILE A 420 -28.59 6.92 14.43
C ILE A 420 -27.28 7.56 14.86
N TRP A 421 -26.15 7.05 14.35
CA TRP A 421 -24.85 7.57 14.77
C TRP A 421 -24.64 9.01 14.32
N THR A 422 -25.12 9.37 13.14
CA THR A 422 -25.03 10.77 12.74
C THR A 422 -25.87 11.67 13.65
N TYR A 423 -27.08 11.23 14.01
CA TYR A 423 -27.91 12.01 14.92
C TYR A 423 -27.25 12.11 16.28
N ASN A 424 -26.80 10.98 16.82
CA ASN A 424 -26.16 10.97 18.13
C ASN A 424 -24.97 11.94 18.17
N ALA A 425 -24.12 11.89 17.13
CA ALA A 425 -22.91 12.71 17.12
C ALA A 425 -23.26 14.19 16.99
N GLU A 426 -24.16 14.54 16.07
CA GLU A 426 -24.45 15.95 15.84
C GLU A 426 -25.17 16.55 17.02
N LEU A 427 -26.06 15.77 17.66
CA LEU A 427 -26.83 16.29 18.77
C LEU A 427 -25.99 16.35 20.05
N LEU A 428 -25.08 15.39 20.25
CA LEU A 428 -24.20 15.46 21.41
C LEU A 428 -23.40 16.75 21.41
N VAL A 429 -22.78 17.05 20.27
CA VAL A 429 -21.93 18.23 20.16
C VAL A 429 -22.74 19.50 20.32
N LEU A 430 -23.92 19.55 19.69
CA LEU A 430 -24.76 20.73 19.75
C LEU A 430 -25.17 21.02 21.18
N LEU A 431 -25.61 20.00 21.89
CA LEU A 431 -26.09 20.21 23.27
C LEU A 431 -24.92 20.41 24.23
N GLU A 432 -23.82 19.72 24.05
CA GLU A 432 -22.73 19.85 25.05
C GLU A 432 -21.88 21.09 24.76
N ASN A 433 -21.99 21.66 23.58
CA ASN A 433 -21.26 22.90 23.25
C ASN A 433 -21.89 24.02 24.09
N GLU A 434 -23.21 24.04 24.15
CA GLU A 434 -23.96 25.05 24.94
C GLU A 434 -23.66 24.84 26.42
N ARG A 435 -23.44 23.62 26.88
CA ARG A 435 -23.11 23.41 28.30
C ARG A 435 -21.65 23.77 28.58
N THR A 436 -20.80 23.83 27.56
CA THR A 436 -19.39 24.17 27.81
C THR A 436 -19.28 25.68 27.97
N LEU A 437 -20.08 26.42 27.24
CA LEU A 437 -20.06 27.90 27.37
C LEU A 437 -20.69 28.25 28.72
N ASP A 438 -21.77 27.59 29.09
CA ASP A 438 -22.40 27.89 30.39
C ASP A 438 -21.41 27.53 31.50
N PHE A 439 -20.60 26.51 31.31
CA PHE A 439 -19.60 26.15 32.31
C PHE A 439 -18.62 27.29 32.52
N HIS A 440 -18.12 27.88 31.42
CA HIS A 440 -17.19 28.99 31.56
C HIS A 440 -17.87 30.20 32.18
N ASP A 441 -19.08 30.52 31.71
CA ASP A 441 -19.84 31.62 32.29
C ASP A 441 -20.01 31.42 33.78
N SER A 442 -20.25 30.17 34.20
CA SER A 442 -20.37 29.89 35.63
C SER A 442 -19.04 30.12 36.35
N ASN A 443 -17.92 29.77 35.72
CA ASN A 443 -16.62 29.93 36.36
C ASN A 443 -16.28 31.40 36.56
N VAL A 444 -16.65 32.24 35.60
CA VAL A 444 -16.36 33.67 35.73
C VAL A 444 -17.26 34.29 36.80
N LYS A 445 -18.54 33.93 36.80
CA LYS A 445 -19.46 34.44 37.82
C LYS A 445 -19.09 33.96 39.21
N ASN A 446 -18.48 32.78 39.35
CA ASN A 446 -18.06 32.35 40.67
C ASN A 446 -16.78 33.04 41.13
N LEU A 447 -15.87 33.32 40.19
CA LEU A 447 -14.66 34.05 40.55
C LEU A 447 -15.00 35.47 40.98
N TYR A 448 -15.91 36.11 40.25
CA TYR A 448 -16.33 37.46 40.57
C TYR A 448 -16.99 37.52 41.95
N GLU A 449 -17.88 36.58 42.24
CA GLU A 449 -18.58 36.64 43.51
C GLU A 449 -17.66 36.37 44.69
N LYS A 450 -16.59 35.62 44.44
CA LYS A 450 -15.62 35.29 45.52
C LYS A 450 -14.78 36.53 45.83
N VAL A 451 -14.72 37.46 44.89
CA VAL A 451 -13.94 38.72 45.07
C VAL A 451 -14.84 39.73 45.75
N LYS A 452 -16.13 39.73 45.44
CA LYS A 452 -17.09 40.67 46.06
C LYS A 452 -17.36 40.29 47.51
N ILE A 453 -17.14 39.04 47.89
CA ILE A 453 -17.33 38.64 49.30
C ILE A 453 -16.03 38.87 50.06
N GLN A 454 -14.97 39.20 49.33
CA GLN A 454 -13.64 39.41 49.94
C GLN A 454 -13.40 40.90 50.17
N LEU A 455 -14.06 41.75 49.39
CA LEU A 455 -13.85 43.22 49.50
C LEU A 455 -14.99 43.86 50.31
N LYS A 456 -16.17 43.27 50.28
CA LYS A 456 -17.34 43.78 50.98
C LYS A 456 -17.51 45.29 50.85
N ASN A 457 -17.35 46.04 51.94
CA ASN A 457 -17.59 47.49 51.92
C ASN A 457 -16.40 48.29 51.40
N ASN A 458 -15.22 47.68 51.24
CA ASN A 458 -14.01 48.39 50.87
C ASN A 458 -13.94 48.81 49.41
N ALA A 459 -14.92 48.50 48.58
CA ALA A 459 -14.84 48.93 47.19
C ALA A 459 -16.24 49.17 46.65
N LYS A 460 -16.31 49.96 45.58
CA LYS A 460 -17.56 50.25 44.88
C LYS A 460 -17.66 49.34 43.67
N GLU A 461 -18.77 48.62 43.57
CA GLU A 461 -18.99 47.68 42.46
C GLU A 461 -19.47 48.48 41.25
N ILE A 462 -18.60 48.63 40.25
CA ILE A 462 -18.95 49.45 39.11
C ILE A 462 -20.04 48.78 38.28
N GLY A 463 -20.11 47.45 38.33
CA GLY A 463 -21.11 46.66 37.65
C GLY A 463 -20.67 46.04 36.33
N ASN A 464 -19.40 46.19 35.96
CA ASN A 464 -18.88 45.59 34.74
C ASN A 464 -17.71 44.65 35.03
N GLY A 465 -17.70 44.07 36.24
CA GLY A 465 -16.62 43.22 36.66
C GLY A 465 -15.45 43.91 37.33
N CYS A 466 -15.60 45.18 37.72
CA CYS A 466 -14.51 45.93 38.32
C CYS A 466 -14.93 46.43 39.70
N PHE A 467 -13.98 46.43 40.62
CA PHE A 467 -14.21 46.96 41.97
C PHE A 467 -13.35 48.20 42.11
N GLU A 468 -13.98 49.38 42.02
CA GLU A 468 -13.29 50.64 42.27
C GLU A 468 -12.96 50.73 43.75
N PHE A 469 -11.68 50.60 44.08
CA PHE A 469 -11.26 50.67 45.47
C PHE A 469 -11.51 52.06 46.03
N TYR A 470 -11.86 52.12 47.31
CA TYR A 470 -11.99 53.39 48.00
C TYR A 470 -10.66 53.85 48.58
N HIS A 471 -9.87 52.91 49.11
CA HIS A 471 -8.53 53.19 49.59
C HIS A 471 -7.51 52.85 48.49
N LYS A 472 -6.25 53.18 48.75
CA LYS A 472 -5.15 52.87 47.84
C LYS A 472 -4.21 51.85 48.47
N CYS A 473 -4.27 50.60 47.99
CA CYS A 473 -3.30 49.56 48.44
C CYS A 473 -2.49 49.24 47.18
N ASP A 474 -1.17 48.96 47.28
CA ASP A 474 -0.35 48.79 46.09
C ASP A 474 -0.33 47.31 45.73
N ASN A 475 0.69 46.89 44.97
CA ASN A 475 0.80 45.51 44.51
C ASN A 475 0.74 44.45 45.61
N GLU A 476 1.22 44.75 46.82
CA GLU A 476 1.27 43.75 47.88
C GLU A 476 -0.11 43.19 48.22
N CYS A 477 -1.08 44.06 48.48
CA CYS A 477 -2.43 43.65 48.83
C CYS A 477 -3.24 43.25 47.61
N MET A 478 -2.75 43.63 46.41
CA MET A 478 -3.41 43.22 45.18
C MET A 478 -3.21 41.73 44.94
N GLU A 479 -2.03 41.19 45.28
CA GLU A 479 -1.84 39.75 45.22
C GLU A 479 -2.61 39.06 46.34
N SER A 480 -2.90 39.84 47.36
CA SER A 480 -3.68 39.37 48.53
C SER A 480 -5.08 39.05 48.03
N VAL A 481 -5.61 39.93 47.20
CA VAL A 481 -6.99 39.76 46.67
C VAL A 481 -7.02 38.48 45.87
N ARG A 482 -6.07 38.34 44.95
CA ARG A 482 -6.04 37.17 44.08
C ARG A 482 -5.78 35.90 44.87
N ASN A 483 -4.85 35.95 45.82
CA ASN A 483 -4.47 34.73 46.57
C ASN A 483 -5.59 34.27 47.50
N GLY A 484 -6.60 35.08 47.72
CA GLY A 484 -7.63 34.65 48.67
C GLY A 484 -7.21 34.96 50.08
N THR A 485 -6.27 35.91 50.21
CA THR A 485 -5.75 36.38 51.53
C THR A 485 -5.87 37.89 51.63
N TYR A 486 -7.05 38.45 51.39
CA TYR A 486 -7.21 39.91 51.50
C TYR A 486 -7.82 40.22 52.85
N ASP A 487 -7.17 41.10 53.63
CA ASP A 487 -7.55 41.42 55.03
C ASP A 487 -8.55 42.58 55.11
N TYR A 488 -9.84 42.29 54.95
CA TYR A 488 -10.88 43.32 55.05
C TYR A 488 -10.78 44.18 56.31
N PRO A 489 -10.49 43.63 57.51
CA PRO A 489 -10.41 44.51 58.68
C PRO A 489 -9.31 45.56 58.62
N LYS A 490 -8.10 45.20 58.16
CA LYS A 490 -6.97 46.14 58.21
C LYS A 490 -7.29 47.44 57.50
N TYR A 491 -7.98 47.36 56.36
CA TYR A 491 -8.33 48.55 55.58
C TYR A 491 -9.72 49.07 55.90
N SER A 492 -10.41 48.48 56.86
CA SER A 492 -11.72 48.96 57.30
C SER A 492 -12.10 48.38 58.66
N SER B 2 -22.20 37.41 68.00
CA SER B 2 -21.66 36.06 68.03
C SER B 2 -22.75 35.02 67.85
N ASP B 3 -23.95 35.45 67.46
CA ASP B 3 -25.06 34.55 67.18
C ASP B 3 -25.17 34.34 65.67
N THR B 4 -25.00 33.09 65.24
CA THR B 4 -24.79 32.79 63.83
C THR B 4 -25.74 31.69 63.36
N ILE B 5 -26.50 31.98 62.31
CA ILE B 5 -27.15 30.96 61.51
C ILE B 5 -26.20 30.61 60.38
N CYS B 6 -26.18 29.34 59.98
CA CYS B 6 -25.40 28.88 58.84
C CYS B 6 -26.25 27.96 58.00
N ILE B 7 -25.93 27.88 56.72
CA ILE B 7 -26.67 27.05 55.77
C ILE B 7 -25.69 26.03 55.21
N GLY B 8 -26.11 24.77 55.19
CA GLY B 8 -25.26 23.70 54.70
C GLY B 8 -25.98 22.58 54.00
N TYR B 9 -25.28 21.46 53.82
CA TYR B 9 -25.81 20.33 53.10
C TYR B 9 -25.39 19.05 53.82
N HIS B 10 -25.93 17.94 53.35
CA HIS B 10 -25.79 16.66 54.03
C HIS B 10 -24.40 16.05 53.84
N ALA B 11 -23.97 15.28 54.83
CA ALA B 11 -22.81 14.41 54.71
C ALA B 11 -23.07 13.13 55.49
N ASN B 12 -22.53 12.01 54.99
CA ASN B 12 -22.57 10.75 55.72
C ASN B 12 -21.29 10.00 55.39
N ASN B 13 -21.29 8.69 55.71
CA ASN B 13 -20.11 7.84 55.57
C ASN B 13 -20.10 7.06 54.26
N SER B 14 -20.80 7.53 53.24
CA SER B 14 -20.97 6.74 52.02
C SER B 14 -19.67 6.62 51.22
N THR B 15 -19.46 5.43 50.66
CA THR B 15 -18.41 5.19 49.68
C THR B 15 -18.96 5.07 48.26
N ASP B 16 -20.27 5.28 48.08
CA ASP B 16 -20.87 5.25 46.75
C ASP B 16 -20.14 6.21 45.82
N THR B 17 -19.73 5.71 44.67
CA THR B 17 -18.98 6.50 43.70
C THR B 17 -19.67 6.46 42.33
N VAL B 18 -19.65 7.58 41.62
CA VAL B 18 -20.19 7.69 40.28
C VAL B 18 -19.20 8.46 39.41
N ASP B 19 -19.43 8.43 38.10
CA ASP B 19 -18.67 9.18 37.11
C ASP B 19 -19.50 10.32 36.56
N THR B 20 -18.86 11.46 36.34
CA THR B 20 -19.53 12.67 35.85
C THR B 20 -18.78 13.19 34.63
N VAL B 21 -19.45 14.08 33.88
CA VAL B 21 -18.84 14.60 32.67
C VAL B 21 -17.63 15.49 32.98
N LEU B 22 -17.52 16.01 34.20
CA LEU B 22 -16.38 16.83 34.57
C LEU B 22 -15.39 16.14 35.50
N GLU B 23 -15.75 15.01 36.09
CA GLU B 23 -14.88 14.35 37.05
C GLU B 23 -15.29 12.89 37.17
N LYS B 24 -14.30 12.01 37.36
CA LYS B 24 -14.53 10.61 37.64
C LYS B 24 -14.25 10.31 39.10
N ASN B 25 -14.82 9.19 39.58
CA ASN B 25 -14.68 8.71 40.96
C ASN B 25 -15.16 9.73 41.98
N VAL B 26 -16.35 10.27 41.74
CA VAL B 26 -16.94 11.25 42.64
C VAL B 26 -17.75 10.51 43.70
N THR B 27 -17.36 10.67 44.96
CA THR B 27 -18.06 10.03 46.06
C THR B 27 -19.29 10.85 46.42
N VAL B 28 -20.45 10.19 46.45
CA VAL B 28 -21.72 10.86 46.68
C VAL B 28 -22.40 10.27 47.91
N THR B 29 -23.43 10.98 48.39
CA THR B 29 -24.11 10.56 49.61
C THR B 29 -25.12 9.45 49.33
N HIS B 30 -25.82 9.54 48.20
CA HIS B 30 -26.86 8.60 47.81
C HIS B 30 -26.83 8.40 46.30
N SER B 31 -27.00 7.15 45.87
CA SER B 31 -27.04 6.82 44.46
C SER B 31 -27.85 5.54 44.27
N VAL B 32 -28.23 5.26 43.04
CA VAL B 32 -28.99 4.06 42.72
C VAL B 32 -28.28 3.31 41.61
N ASN B 33 -28.15 2.00 41.78
CA ASN B 33 -27.60 1.16 40.73
C ASN B 33 -28.65 0.91 39.66
N LEU B 34 -28.24 1.03 38.39
CA LEU B 34 -29.14 0.84 37.26
C LEU B 34 -28.89 -0.46 36.50
N LEU B 35 -27.98 -1.31 36.98
CA LEU B 35 -27.38 -2.38 36.18
C LEU B 35 -27.37 -3.68 36.99
N GLU B 36 -28.28 -4.60 36.67
CA GLU B 36 -28.30 -5.88 37.36
C GLU B 36 -27.14 -6.76 36.88
N ASP B 37 -26.28 -7.19 37.82
CA ASP B 37 -25.19 -8.10 37.52
C ASP B 37 -25.28 -9.40 38.31
N SER B 38 -26.39 -9.64 39.01
CA SER B 38 -26.55 -10.81 39.86
C SER B 38 -27.65 -11.73 39.34
N HIS B 39 -27.33 -13.03 39.27
CA HIS B 39 -28.28 -14.07 38.92
C HIS B 39 -28.04 -15.24 39.86
N ASN B 40 -28.93 -16.22 39.83
CA ASN B 40 -28.84 -17.36 40.73
C ASN B 40 -28.01 -18.52 40.18
N GLY B 41 -27.45 -18.38 38.98
CA GLY B 41 -26.65 -19.48 38.45
C GLY B 41 -27.41 -20.74 38.09
N LYS B 42 -28.74 -20.68 37.99
CA LYS B 42 -29.57 -21.87 37.80
C LYS B 42 -30.62 -21.64 36.71
N LEU B 43 -31.01 -22.71 36.03
CA LEU B 43 -32.20 -22.69 35.17
C LEU B 43 -33.47 -22.95 35.98
N CYS B 44 -34.54 -22.24 35.64
CA CYS B 44 -35.74 -22.14 36.46
C CYS B 44 -36.98 -22.18 35.59
N ARG B 45 -38.12 -22.44 36.24
CA ARG B 45 -39.40 -22.30 35.58
C ARG B 45 -39.72 -20.84 35.29
N LEU B 46 -40.51 -20.64 34.24
CA LEU B 46 -41.02 -19.33 33.87
C LEU B 46 -42.53 -19.43 33.98
N LYS B 47 -43.14 -18.57 34.79
CA LYS B 47 -44.59 -18.67 35.06
C LYS B 47 -44.95 -20.08 35.53
N GLY B 48 -44.06 -20.69 36.31
CA GLY B 48 -44.30 -22.03 36.81
C GLY B 48 -44.24 -23.16 35.81
N ILE B 49 -43.69 -22.96 34.62
CA ILE B 49 -43.56 -24.03 33.62
C ILE B 49 -42.09 -24.27 33.34
N ALA B 50 -41.66 -25.56 33.47
CA ALA B 50 -40.26 -25.95 33.34
C ALA B 50 -39.79 -25.97 31.89
N PRO B 51 -38.51 -25.72 31.64
CA PRO B 51 -38.00 -25.83 30.27
C PRO B 51 -37.87 -27.29 29.83
N LEU B 52 -37.71 -27.45 28.52
CA LEU B 52 -37.37 -28.74 27.93
C LEU B 52 -35.86 -28.83 27.82
N GLN B 53 -35.24 -29.64 28.67
CA GLN B 53 -33.80 -29.86 28.62
C GLN B 53 -33.49 -31.00 27.66
N LEU B 54 -33.02 -30.66 26.46
CA LEU B 54 -32.65 -31.69 25.49
C LEU B 54 -31.46 -32.52 25.95
N GLY B 55 -30.64 -32.00 26.86
CA GLY B 55 -29.51 -32.74 27.40
C GLY B 55 -28.45 -33.02 26.34
N LYS B 56 -28.19 -34.31 26.10
CA LYS B 56 -27.18 -34.70 25.13
C LYS B 56 -27.70 -34.68 23.71
N CYS B 57 -29.00 -34.42 23.52
CA CYS B 57 -29.61 -34.36 22.19
C CYS B 57 -29.78 -32.91 21.75
N ASN B 58 -29.82 -32.71 20.44
CA ASN B 58 -30.20 -31.42 19.86
C ASN B 58 -31.61 -31.52 19.27
N ILE B 59 -32.04 -30.47 18.55
CA ILE B 59 -33.42 -30.42 18.09
C ILE B 59 -33.72 -31.57 17.15
N ALA B 60 -32.78 -31.85 16.24
CA ALA B 60 -32.94 -32.95 15.30
C ALA B 60 -33.19 -34.27 16.02
N GLY B 61 -32.32 -34.60 16.99
CA GLY B 61 -32.43 -35.88 17.68
C GLY B 61 -33.71 -36.00 18.49
N TRP B 62 -34.15 -34.90 19.10
CA TRP B 62 -35.41 -34.90 19.83
C TRP B 62 -36.58 -35.12 18.89
N ILE B 63 -36.70 -34.29 17.84
CA ILE B 63 -37.89 -34.27 17.02
C ILE B 63 -37.99 -35.53 16.14
N LEU B 64 -36.85 -36.11 15.73
CA LEU B 64 -36.90 -37.36 14.98
C LEU B 64 -37.16 -38.56 15.87
N GLY B 65 -36.88 -38.46 17.16
CA GLY B 65 -36.93 -39.63 18.01
C GLY B 65 -35.67 -40.47 17.92
N ASN B 66 -34.51 -39.82 17.79
CA ASN B 66 -33.24 -40.54 17.89
C ASN B 66 -33.24 -41.38 19.16
N PRO B 67 -32.85 -42.66 19.08
CA PRO B 67 -32.94 -43.54 20.27
C PRO B 67 -32.09 -43.08 21.45
N GLU B 68 -31.04 -42.29 21.23
CA GLU B 68 -30.36 -41.67 22.36
C GLU B 68 -31.27 -40.72 23.13
N CYS B 69 -32.42 -40.32 22.56
CA CYS B 69 -33.28 -39.29 23.13
C CYS B 69 -34.59 -39.86 23.69
N ASP B 70 -34.63 -41.16 23.97
CA ASP B 70 -35.90 -41.78 24.38
C ASP B 70 -36.54 -41.04 25.56
N SER B 71 -35.73 -40.51 26.47
CA SER B 71 -36.28 -39.93 27.69
C SER B 71 -36.98 -38.60 27.45
N LEU B 72 -36.83 -37.99 26.28
CA LEU B 72 -37.59 -36.78 25.97
C LEU B 72 -38.96 -37.07 25.35
N LEU B 73 -39.25 -38.31 24.99
CA LEU B 73 -40.51 -38.62 24.29
C LEU B 73 -41.78 -38.23 25.05
N PRO B 74 -41.87 -38.36 26.38
CA PRO B 74 -43.14 -38.02 27.04
C PRO B 74 -43.28 -36.56 27.42
N ALA B 75 -42.33 -35.70 27.02
CA ALA B 75 -42.43 -34.27 27.28
C ALA B 75 -43.43 -33.63 26.32
N SER B 76 -44.37 -32.86 26.87
CA SER B 76 -45.50 -32.32 26.13
C SER B 76 -45.59 -30.81 26.14
N SER B 77 -45.02 -30.12 27.13
CA SER B 77 -45.09 -28.66 27.20
C SER B 77 -43.88 -28.14 27.97
N TRP B 78 -43.53 -26.89 27.68
CA TRP B 78 -42.37 -26.27 28.31
C TRP B 78 -42.47 -24.77 28.13
N SER B 79 -41.60 -24.06 28.82
CA SER B 79 -41.59 -22.60 28.72
C SER B 79 -40.48 -22.12 27.79
N TYR B 80 -39.49 -22.98 27.46
CA TYR B 80 -38.37 -22.65 26.59
C TYR B 80 -37.54 -23.92 26.43
N ILE B 81 -36.70 -23.95 25.40
CA ILE B 81 -35.91 -25.14 25.07
C ILE B 81 -34.45 -24.85 25.37
N VAL B 82 -33.82 -25.77 26.11
CA VAL B 82 -32.41 -25.64 26.51
C VAL B 82 -31.57 -26.69 25.79
N GLU B 83 -30.75 -26.28 24.82
CA GLU B 83 -29.67 -27.16 24.45
C GLU B 83 -28.48 -26.93 25.39
N THR B 84 -27.56 -27.90 25.41
CA THR B 84 -26.39 -27.82 26.29
C THR B 84 -25.16 -27.86 25.39
N PRO B 85 -23.95 -27.68 25.93
CA PRO B 85 -22.74 -27.96 25.14
C PRO B 85 -22.56 -29.45 24.77
N ASN B 86 -23.29 -30.38 25.38
CA ASN B 86 -23.23 -31.76 24.94
C ASN B 86 -24.41 -32.17 24.05
N SER B 87 -25.09 -31.20 23.42
CA SER B 87 -26.24 -31.46 22.54
C SER B 87 -25.74 -31.87 21.17
N LYS B 88 -25.26 -33.11 21.08
CA LYS B 88 -24.59 -33.60 19.88
C LYS B 88 -25.28 -34.78 19.23
N ASN B 89 -26.43 -35.21 19.73
CA ASN B 89 -27.18 -36.33 19.15
C ASN B 89 -28.27 -35.74 18.25
N GLY B 90 -28.10 -35.90 16.94
CA GLY B 90 -29.07 -35.39 16.00
C GLY B 90 -29.57 -36.50 15.12
N ILE B 91 -29.23 -36.44 13.83
CA ILE B 91 -29.47 -37.58 12.95
C ILE B 91 -28.36 -38.60 13.19
N CYS B 92 -28.75 -39.87 13.33
CA CYS B 92 -27.77 -40.93 13.52
C CYS B 92 -27.40 -41.60 12.21
N TYR B 93 -28.31 -41.73 11.30
CA TYR B 93 -27.97 -42.18 9.94
C TYR B 93 -27.55 -40.97 9.10
N PRO B 94 -26.41 -41.03 8.42
CA PRO B 94 -25.92 -39.84 7.72
C PRO B 94 -26.90 -39.35 6.67
N GLY B 95 -26.84 -38.05 6.42
CA GLY B 95 -27.65 -37.42 5.41
C GLY B 95 -27.86 -35.94 5.74
N ASP B 96 -28.86 -35.37 5.10
CA ASP B 96 -29.12 -33.94 5.17
C ASP B 96 -30.50 -33.71 5.80
N PHE B 97 -30.54 -32.93 6.88
CA PHE B 97 -31.82 -32.53 7.47
C PHE B 97 -32.25 -31.25 6.76
N ILE B 98 -33.13 -31.39 5.75
CA ILE B 98 -33.45 -30.27 4.87
C ILE B 98 -34.27 -29.21 5.60
N ASP B 99 -33.88 -27.94 5.40
CA ASP B 99 -34.49 -26.78 6.07
C ASP B 99 -34.56 -26.97 7.59
N TYR B 100 -33.44 -27.42 8.17
CA TYR B 100 -33.37 -27.66 9.62
C TYR B 100 -33.48 -26.38 10.44
N GLU B 101 -32.73 -25.34 10.04
CA GLU B 101 -32.74 -24.10 10.81
C GLU B 101 -34.14 -23.51 10.83
N GLU B 102 -34.85 -23.55 9.70
CA GLU B 102 -36.22 -23.09 9.68
C GLU B 102 -37.09 -23.88 10.64
N LEU B 103 -36.83 -25.19 10.74
CA LEU B 103 -37.62 -26.00 11.66
C LEU B 103 -37.31 -25.64 13.10
N ARG B 104 -36.03 -25.45 13.43
CA ARG B 104 -35.69 -24.92 14.73
C ARG B 104 -36.44 -23.62 15.00
N GLU B 105 -36.47 -22.73 14.01
CA GLU B 105 -37.19 -21.47 14.16
C GLU B 105 -38.69 -21.69 14.38
N GLN B 106 -39.28 -22.71 13.77
CA GLN B 106 -40.70 -22.98 13.98
C GLN B 106 -40.96 -23.52 15.37
N LEU B 107 -40.10 -24.42 15.86
CA LEU B 107 -40.31 -24.99 17.18
C LEU B 107 -40.08 -23.97 18.29
N SER B 108 -39.31 -22.91 18.03
CA SER B 108 -39.09 -21.82 18.98
C SER B 108 -40.38 -21.15 19.46
N SER B 109 -41.44 -21.35 18.70
CA SER B 109 -42.77 -20.74 18.94
C SER B 109 -43.77 -21.78 19.45
N VAL B 110 -43.37 -23.05 19.60
CA VAL B 110 -44.24 -24.13 20.09
C VAL B 110 -44.18 -24.15 21.61
N SER B 111 -45.35 -23.98 22.25
CA SER B 111 -45.49 -23.97 23.72
C SER B 111 -45.75 -25.39 24.21
N SER B 112 -46.42 -26.18 23.39
CA SER B 112 -46.72 -27.59 23.74
C SER B 112 -47.12 -28.32 22.50
N PHE B 113 -46.97 -29.62 22.51
CA PHE B 113 -47.46 -30.37 21.36
C PHE B 113 -47.95 -31.73 21.82
N GLU B 114 -48.71 -32.38 20.95
CA GLU B 114 -49.16 -33.75 21.18
C GLU B 114 -48.47 -34.64 20.15
N ARG B 115 -47.77 -35.66 20.65
CA ARG B 115 -47.16 -36.67 19.79
C ARG B 115 -48.14 -37.82 19.58
N PHE B 116 -48.35 -38.21 18.32
CA PHE B 116 -49.35 -39.22 18.06
C PHE B 116 -48.99 -40.01 16.82
N GLU B 117 -49.44 -41.26 16.78
CA GLU B 117 -49.23 -42.12 15.63
C GLU B 117 -50.04 -41.60 14.45
N ILE B 118 -49.37 -40.92 13.52
CA ILE B 118 -50.06 -40.41 12.32
C ILE B 118 -50.34 -41.56 11.35
N PHE B 119 -49.38 -42.47 11.15
CA PHE B 119 -49.57 -43.72 10.42
C PHE B 119 -49.17 -44.87 11.35
N PRO B 120 -50.12 -45.45 12.08
CA PRO B 120 -49.79 -46.54 13.01
C PRO B 120 -49.08 -47.68 12.30
N LYS B 121 -47.87 -47.98 12.78
CA LYS B 121 -47.05 -49.06 12.24
C LYS B 121 -47.87 -50.35 12.03
N GLU B 122 -48.63 -50.75 13.04
CA GLU B 122 -49.23 -52.08 13.04
C GLU B 122 -50.28 -52.25 11.94
N SER B 123 -50.81 -51.17 11.36
CA SER B 123 -51.93 -51.32 10.45
C SER B 123 -51.90 -50.51 9.17
N SER B 124 -50.95 -49.60 9.02
CA SER B 124 -50.94 -48.71 7.86
C SER B 124 -50.24 -49.31 6.64
N TRP B 125 -49.40 -50.31 6.82
CA TRP B 125 -48.54 -50.81 5.74
C TRP B 125 -48.69 -52.32 5.57
N PRO B 126 -49.89 -52.78 5.23
CA PRO B 126 -50.14 -54.24 5.16
C PRO B 126 -49.33 -54.94 4.10
N LYS B 127 -49.05 -54.25 2.99
CA LYS B 127 -48.38 -54.83 1.84
C LYS B 127 -46.89 -54.51 1.82
N HIS B 128 -46.37 -54.05 2.95
CA HIS B 128 -44.92 -53.72 3.04
C HIS B 128 -44.37 -54.25 4.36
N SER B 129 -43.05 -54.39 4.43
CA SER B 129 -42.38 -54.82 5.65
C SER B 129 -42.10 -53.61 6.55
N THR B 130 -42.37 -53.77 7.83
CA THR B 130 -42.21 -52.70 8.78
C THR B 130 -41.19 -53.04 9.86
N THR B 131 -40.59 -54.23 9.80
CA THR B 131 -39.78 -54.78 10.88
C THR B 131 -38.30 -54.88 10.53
N LYS B 132 -37.91 -54.54 9.32
CA LYS B 132 -36.54 -54.73 8.87
C LYS B 132 -35.83 -53.41 8.66
N GLY B 133 -36.50 -52.29 8.92
CA GLY B 133 -35.91 -50.99 8.70
C GLY B 133 -35.08 -50.48 9.86
N VAL B 134 -34.07 -51.25 10.26
CA VAL B 134 -33.17 -50.89 11.35
C VAL B 134 -31.75 -50.79 10.81
N THR B 135 -30.90 -50.13 11.60
CA THR B 135 -29.51 -49.91 11.23
C THR B 135 -28.65 -49.92 12.49
N ALA B 136 -27.38 -50.26 12.31
CA ALA B 136 -26.42 -50.16 13.41
C ALA B 136 -25.98 -48.72 13.67
N ALA B 137 -26.28 -47.80 12.76
CA ALA B 137 -25.98 -46.39 12.97
C ALA B 137 -26.87 -45.77 14.03
N CYS B 138 -28.04 -46.33 14.26
CA CYS B 138 -28.95 -45.86 15.30
C CYS B 138 -29.11 -46.98 16.32
N SER B 139 -27.98 -47.39 16.88
CA SER B 139 -27.96 -48.49 17.83
C SER B 139 -28.73 -48.13 19.09
N HIS B 140 -29.44 -49.10 19.63
CA HIS B 140 -30.05 -49.02 20.95
C HIS B 140 -29.92 -50.37 21.63
N ALA B 141 -29.49 -50.37 22.89
CA ALA B 141 -29.43 -51.58 23.72
C ALA B 141 -28.65 -52.69 23.02
N GLY B 142 -27.52 -52.32 22.41
CA GLY B 142 -26.71 -53.27 21.67
C GLY B 142 -27.32 -53.78 20.38
N LYS B 143 -28.49 -53.29 19.98
CA LYS B 143 -29.18 -53.78 18.81
C LYS B 143 -29.36 -52.68 17.77
N SER B 144 -29.47 -53.11 16.51
CA SER B 144 -29.88 -52.22 15.43
C SER B 144 -31.27 -51.69 15.73
N SER B 145 -31.41 -50.37 15.78
CA SER B 145 -32.72 -49.78 15.99
C SER B 145 -32.89 -48.61 15.04
N PHE B 146 -33.86 -47.73 15.31
CA PHE B 146 -34.12 -46.60 14.42
C PHE B 146 -34.85 -45.50 15.18
N TYR B 147 -35.01 -44.36 14.51
CA TYR B 147 -35.77 -43.24 15.06
C TYR B 147 -37.15 -43.70 15.51
N ARG B 148 -37.60 -43.15 16.64
CA ARG B 148 -38.90 -43.52 17.22
C ARG B 148 -40.07 -42.96 16.42
N ASN B 149 -39.89 -41.81 15.76
CA ASN B 149 -40.96 -41.15 15.03
C ASN B 149 -40.97 -41.46 13.53
N LEU B 150 -39.99 -42.23 13.02
CA LEU B 150 -39.98 -42.67 11.63
C LEU B 150 -40.04 -44.20 11.54
N LEU B 151 -40.42 -44.67 10.35
CA LEU B 151 -40.56 -46.11 10.08
C LEU B 151 -40.00 -46.41 8.71
N TRP B 152 -38.91 -47.15 8.68
CA TRP B 152 -38.21 -47.48 7.41
C TRP B 152 -38.90 -48.63 6.68
N LEU B 153 -39.85 -48.33 5.81
CA LEU B 153 -40.58 -49.35 5.08
C LEU B 153 -39.66 -50.02 4.05
N THR B 154 -39.75 -51.35 3.96
CA THR B 154 -38.97 -52.15 3.01
C THR B 154 -39.90 -53.09 2.26
N LYS B 155 -39.32 -53.85 1.34
CA LYS B 155 -40.10 -54.77 0.49
C LYS B 155 -40.58 -55.97 1.26
N LYS B 156 -41.72 -56.50 0.85
CA LYS B 156 -42.33 -57.70 1.45
C LYS B 156 -42.34 -58.80 0.40
N GLU B 157 -41.60 -59.87 0.67
CA GLU B 157 -41.58 -61.04 -0.21
C GLU B 157 -41.27 -60.67 -1.64
N ASP B 158 -40.21 -59.89 -1.83
CA ASP B 158 -39.77 -59.43 -3.18
C ASP B 158 -40.86 -58.61 -3.89
N SER B 159 -41.74 -57.98 -3.14
CA SER B 159 -42.73 -57.11 -3.80
C SER B 159 -42.84 -55.79 -3.04
N TYR B 160 -42.49 -54.67 -3.66
CA TYR B 160 -42.75 -53.38 -3.01
C TYR B 160 -43.71 -52.68 -3.94
N PRO B 161 -45.03 -52.79 -3.72
CA PRO B 161 -45.99 -52.18 -4.60
C PRO B 161 -46.18 -50.67 -4.38
N LYS B 162 -46.77 -50.01 -5.37
CA LYS B 162 -47.05 -48.58 -5.26
C LYS B 162 -47.81 -48.28 -3.97
N LEU B 163 -47.13 -47.58 -3.06
CA LEU B 163 -47.79 -47.29 -1.77
C LEU B 163 -48.42 -45.90 -1.82
N SER B 164 -49.53 -45.77 -1.12
CA SER B 164 -50.28 -44.53 -1.12
C SER B 164 -51.05 -44.43 0.19
N ASN B 165 -50.72 -43.42 0.99
CA ASN B 165 -51.37 -43.25 2.26
C ASN B 165 -51.57 -41.76 2.51
N SER B 166 -52.72 -41.42 3.06
CA SER B 166 -53.06 -40.03 3.34
C SER B 166 -53.52 -39.88 4.78
N TYR B 167 -53.31 -38.68 5.31
CA TYR B 167 -53.72 -38.32 6.65
C TYR B 167 -54.46 -37.00 6.60
N VAL B 168 -55.68 -36.96 7.16
CA VAL B 168 -56.46 -35.74 7.24
C VAL B 168 -56.33 -35.19 8.66
N ASN B 169 -55.72 -34.01 8.78
CA ASN B 169 -55.50 -33.39 10.09
C ASN B 169 -56.81 -32.93 10.70
N LYS B 170 -57.36 -33.72 11.63
CA LYS B 170 -58.56 -33.37 12.38
C LYS B 170 -58.25 -32.96 13.81
N LYS B 171 -57.05 -32.45 14.06
CA LYS B 171 -56.60 -32.09 15.40
C LYS B 171 -56.92 -30.65 15.79
N GLY B 172 -57.34 -29.81 14.85
CA GLY B 172 -57.66 -28.42 15.21
C GLY B 172 -56.43 -27.55 15.36
N LYS B 173 -55.25 -28.16 15.31
CA LYS B 173 -53.99 -27.39 15.39
C LYS B 173 -53.11 -27.83 14.22
N GLU B 174 -52.08 -27.03 13.90
CA GLU B 174 -51.16 -27.43 12.82
C GLU B 174 -50.39 -28.68 13.27
N VAL B 175 -50.12 -29.57 12.34
CA VAL B 175 -49.45 -30.81 12.64
C VAL B 175 -48.09 -30.79 11.95
N LEU B 176 -47.04 -31.14 12.70
CA LEU B 176 -45.70 -31.21 12.15
C LEU B 176 -45.42 -32.64 11.73
N VAL B 177 -45.15 -32.84 10.45
CA VAL B 177 -44.95 -34.18 9.89
C VAL B 177 -43.51 -34.27 9.41
N LEU B 178 -42.83 -35.37 9.77
CA LEU B 178 -41.46 -35.61 9.35
C LEU B 178 -41.40 -36.91 8.54
N TRP B 179 -40.52 -36.95 7.53
CA TRP B 179 -40.24 -38.19 6.84
C TRP B 179 -38.81 -38.16 6.34
N GLY B 180 -38.40 -39.27 5.76
CA GLY B 180 -37.11 -39.36 5.12
C GLY B 180 -37.21 -40.08 3.80
N VAL B 181 -36.29 -39.75 2.91
CA VAL B 181 -36.08 -40.45 1.65
C VAL B 181 -34.68 -41.05 1.69
N HIS B 182 -34.61 -42.34 1.43
CA HIS B 182 -33.31 -43.07 1.49
C HIS B 182 -32.63 -43.12 0.13
N HIS B 183 -31.35 -42.81 0.12
CA HIS B 183 -30.54 -42.87 -1.08
C HIS B 183 -29.48 -43.96 -0.91
N PRO B 184 -29.73 -45.17 -1.43
CA PRO B 184 -28.83 -46.29 -1.14
C PRO B 184 -27.49 -46.13 -1.84
N SER B 185 -26.55 -46.95 -1.38
CA SER B 185 -25.19 -46.91 -1.91
C SER B 185 -25.06 -47.58 -3.27
N SER B 186 -25.79 -48.66 -3.53
CA SER B 186 -25.58 -49.41 -4.77
C SER B 186 -26.92 -49.81 -5.39
N SER B 187 -26.84 -50.21 -6.66
CA SER B 187 -28.01 -50.74 -7.35
C SER B 187 -28.51 -52.01 -6.67
N LYS B 188 -27.61 -52.81 -6.09
CA LYS B 188 -28.04 -54.00 -5.37
C LYS B 188 -28.78 -53.63 -4.07
N GLU B 189 -28.25 -52.68 -3.31
CA GLU B 189 -28.95 -52.24 -2.09
C GLU B 189 -30.36 -51.75 -2.42
N GLN B 190 -30.52 -51.06 -3.54
CA GLN B 190 -31.85 -50.56 -3.96
C GLN B 190 -32.80 -51.73 -4.24
N GLN B 191 -32.30 -52.80 -4.84
CA GLN B 191 -33.17 -53.96 -5.12
C GLN B 191 -33.37 -54.77 -3.85
N THR B 192 -32.34 -54.87 -3.01
CA THR B 192 -32.44 -55.67 -1.79
C THR B 192 -33.48 -55.10 -0.83
N LEU B 193 -33.64 -53.78 -0.82
CA LEU B 193 -34.58 -53.14 0.12
C LEU B 193 -35.93 -52.88 -0.51
N TYR B 194 -35.97 -52.39 -1.75
CA TYR B 194 -37.27 -51.89 -2.28
C TYR B 194 -37.71 -52.56 -3.58
N GLN B 195 -36.93 -53.50 -4.08
CA GLN B 195 -37.15 -54.32 -5.31
C GLN B 195 -37.06 -53.48 -6.59
N ASN B 196 -37.98 -52.54 -6.80
CA ASN B 196 -38.07 -51.66 -7.98
C ASN B 196 -36.79 -50.84 -8.16
N GLU B 197 -36.25 -50.86 -9.36
CA GLU B 197 -34.98 -50.22 -9.73
C GLU B 197 -35.10 -48.70 -9.70
N ASN B 198 -36.04 -48.16 -10.46
CA ASN B 198 -36.30 -46.73 -10.51
C ASN B 198 -37.46 -46.44 -9.57
N ALA B 199 -37.22 -45.63 -8.54
CA ALA B 199 -38.21 -45.34 -7.53
C ALA B 199 -38.45 -43.84 -7.48
N TYR B 200 -39.50 -43.46 -6.75
CA TYR B 200 -39.84 -42.06 -6.53
C TYR B 200 -40.58 -41.97 -5.20
N VAL B 201 -40.48 -40.80 -4.55
CA VAL B 201 -41.32 -40.47 -3.41
C VAL B 201 -42.09 -39.20 -3.73
N SER B 202 -43.35 -39.15 -3.33
CA SER B 202 -44.22 -38.02 -3.58
C SER B 202 -44.92 -37.67 -2.27
N VAL B 203 -44.87 -36.39 -1.90
CA VAL B 203 -45.49 -35.89 -0.67
C VAL B 203 -46.24 -34.63 -1.04
N VAL B 204 -47.56 -34.72 -1.04
CA VAL B 204 -48.42 -33.58 -1.46
C VAL B 204 -49.51 -33.28 -0.43
N SER B 205 -49.66 -32.00 -0.14
CA SER B 205 -50.73 -31.48 0.73
C SER B 205 -51.43 -30.40 -0.09
N SER B 206 -52.19 -29.53 0.52
CA SER B 206 -52.81 -28.45 -0.30
C SER B 206 -51.84 -27.33 -0.56
N ASN B 207 -50.83 -27.20 0.29
CA ASN B 207 -49.80 -26.14 0.11
C ASN B 207 -48.41 -26.76 -0.05
N TYR B 208 -48.30 -28.09 0.06
CA TYR B 208 -46.99 -28.77 -0.10
C TYR B 208 -47.04 -29.70 -1.32
N ASN B 209 -46.03 -29.60 -2.20
CA ASN B 209 -45.98 -30.44 -3.43
C ASN B 209 -44.52 -30.67 -3.84
N ARG B 210 -43.88 -31.71 -3.28
CA ARG B 210 -42.51 -32.05 -3.60
C ARG B 210 -42.40 -33.51 -4.00
N ARG B 211 -41.53 -33.80 -4.98
CA ARG B 211 -41.21 -35.16 -5.41
C ARG B 211 -39.71 -35.43 -5.27
N PHE B 212 -39.37 -36.66 -4.89
CA PHE B 212 -37.99 -37.08 -4.65
C PHE B 212 -37.66 -38.29 -5.50
N ILE B 213 -36.50 -38.26 -6.17
CA ILE B 213 -35.98 -39.34 -6.95
C ILE B 213 -34.67 -39.81 -6.27
N PRO B 214 -34.66 -41.00 -5.70
CA PRO B 214 -33.43 -41.46 -5.02
C PRO B 214 -32.23 -41.54 -5.96
N GLU B 215 -31.07 -41.13 -5.45
CA GLU B 215 -29.82 -41.09 -6.20
C GLU B 215 -28.84 -42.09 -5.60
N ILE B 216 -28.42 -43.07 -6.40
CA ILE B 216 -27.45 -44.09 -6.00
C ILE B 216 -26.06 -43.66 -6.45
N ALA B 217 -25.15 -43.48 -5.50
CA ALA B 217 -23.79 -43.07 -5.80
C ALA B 217 -22.85 -43.61 -4.73
N GLU B 218 -21.65 -43.99 -5.15
CA GLU B 218 -20.61 -44.44 -4.23
C GLU B 218 -20.21 -43.29 -3.34
N ARG B 219 -20.31 -43.48 -2.04
CA ARG B 219 -20.09 -42.35 -1.13
C ARG B 219 -19.12 -42.73 -0.04
N PRO B 220 -18.36 -41.76 0.48
CA PRO B 220 -17.59 -42.02 1.70
C PRO B 220 -18.53 -42.44 2.81
N GLU B 221 -18.12 -43.45 3.56
CA GLU B 221 -18.93 -43.90 4.68
C GLU B 221 -18.85 -42.91 5.83
N VAL B 222 -20.02 -42.54 6.33
CA VAL B 222 -20.18 -41.86 7.61
C VAL B 222 -20.92 -42.83 8.52
N LYS B 223 -20.37 -43.06 9.72
CA LYS B 223 -20.93 -44.03 10.65
C LYS B 223 -21.19 -45.37 9.99
N ASP B 224 -20.24 -45.78 9.12
CA ASP B 224 -20.19 -47.09 8.45
C ASP B 224 -21.28 -47.27 7.41
N GLN B 225 -21.86 -46.18 6.91
CA GLN B 225 -22.96 -46.21 5.97
C GLN B 225 -22.57 -45.43 4.72
N ALA B 226 -22.61 -46.09 3.56
CA ALA B 226 -22.42 -45.37 2.31
C ALA B 226 -23.71 -44.77 1.79
N GLY B 227 -24.85 -45.22 2.31
CA GLY B 227 -26.11 -44.57 2.00
C GLY B 227 -26.29 -43.26 2.74
N ARG B 228 -27.32 -42.52 2.34
CA ARG B 228 -27.71 -41.29 3.02
C ARG B 228 -29.23 -41.25 3.14
N ILE B 229 -29.73 -40.55 4.17
CA ILE B 229 -31.15 -40.23 4.26
C ILE B 229 -31.31 -38.72 4.30
N ASN B 230 -32.17 -38.18 3.44
CA ASN B 230 -32.55 -36.78 3.54
C ASN B 230 -33.84 -36.71 4.35
N TYR B 231 -33.80 -35.93 5.43
CA TYR B 231 -34.93 -35.79 6.35
C TYR B 231 -35.71 -34.54 5.99
N TYR B 232 -37.04 -34.64 6.07
CA TYR B 232 -37.93 -33.58 5.60
C TYR B 232 -39.02 -33.37 6.62
N TRP B 233 -39.73 -32.25 6.42
CA TRP B 233 -40.76 -31.83 7.37
C TRP B 233 -41.70 -30.87 6.68
N THR B 234 -42.92 -30.85 7.19
CA THR B 234 -43.87 -29.85 6.76
C THR B 234 -44.92 -29.69 7.85
N LEU B 235 -45.62 -28.57 7.79
CA LEU B 235 -46.74 -28.27 8.69
C LEU B 235 -48.03 -28.46 7.92
N LEU B 236 -48.85 -29.40 8.35
CA LEU B 236 -50.15 -29.63 7.73
C LEU B 236 -51.16 -28.73 8.45
N GLU B 237 -51.75 -27.81 7.71
CA GLU B 237 -52.72 -26.91 8.30
C GLU B 237 -53.95 -27.70 8.75
N PRO B 238 -54.68 -27.21 9.76
CA PRO B 238 -55.87 -27.93 10.22
C PRO B 238 -56.87 -28.14 9.09
N GLY B 239 -57.41 -29.36 9.03
CA GLY B 239 -58.32 -29.72 7.97
C GLY B 239 -57.67 -30.11 6.66
N ASP B 240 -56.38 -29.85 6.51
CA ASP B 240 -55.67 -30.16 5.25
C ASP B 240 -55.34 -31.65 5.20
N THR B 241 -55.09 -32.18 4.02
CA THR B 241 -54.74 -33.61 3.89
C THR B 241 -53.37 -33.73 3.27
N ILE B 242 -52.50 -34.55 3.85
CA ILE B 242 -51.19 -34.89 3.30
C ILE B 242 -51.25 -36.30 2.73
N ILE B 243 -50.61 -36.52 1.58
CA ILE B 243 -50.66 -37.81 0.88
C ILE B 243 -49.25 -38.24 0.55
N PHE B 244 -48.86 -39.42 1.04
CA PHE B 244 -47.61 -40.04 0.64
C PHE B 244 -47.87 -41.09 -0.44
N GLU B 245 -47.10 -41.03 -1.51
CA GLU B 245 -47.04 -42.09 -2.51
C GLU B 245 -45.59 -42.41 -2.78
N ALA B 246 -45.27 -43.69 -2.83
CA ALA B 246 -43.91 -44.11 -3.14
C ALA B 246 -43.96 -45.51 -3.71
N ASN B 247 -42.87 -45.86 -4.37
CA ASN B 247 -42.62 -47.24 -4.84
C ASN B 247 -41.27 -47.68 -4.27
N GLY B 248 -40.86 -47.05 -3.17
CA GLY B 248 -39.63 -47.37 -2.46
C GLY B 248 -39.03 -46.15 -1.82
N ASN B 249 -37.94 -46.36 -1.08
CA ASN B 249 -37.08 -45.32 -0.47
C ASN B 249 -37.80 -44.41 0.52
N LEU B 250 -39.01 -44.76 0.96
CA LEU B 250 -39.73 -43.92 1.90
C LEU B 250 -39.35 -44.33 3.31
N VAL B 251 -38.81 -43.38 4.07
CA VAL B 251 -38.73 -43.46 5.51
C VAL B 251 -39.99 -42.75 5.99
N ALA B 252 -41.05 -43.54 6.27
CA ALA B 252 -42.39 -43.01 6.42
C ALA B 252 -42.54 -42.33 7.77
N PRO B 253 -43.38 -41.29 7.84
CA PRO B 253 -43.78 -40.76 9.15
C PRO B 253 -44.47 -41.83 9.97
N TRP B 254 -44.06 -41.96 11.22
CA TRP B 254 -44.71 -42.83 12.18
C TRP B 254 -45.44 -42.06 13.26
N TYR B 255 -44.75 -41.14 13.91
CA TYR B 255 -45.33 -40.22 14.87
C TYR B 255 -45.24 -38.82 14.34
N ALA B 256 -46.29 -38.05 14.53
CA ALA B 256 -46.28 -36.66 14.14
C ALA B 256 -46.71 -35.81 15.35
N PHE B 257 -46.68 -34.49 15.20
CA PHE B 257 -46.87 -33.60 16.34
C PHE B 257 -47.94 -32.56 16.04
N ALA B 258 -48.98 -32.51 16.88
CA ALA B 258 -49.98 -31.45 16.86
C ALA B 258 -49.51 -30.31 17.76
N LEU B 259 -49.18 -29.17 17.17
CA LEU B 259 -48.53 -28.10 17.93
C LEU B 259 -49.45 -27.03 18.47
N SER B 260 -49.08 -26.54 19.63
CA SER B 260 -49.75 -25.40 20.27
C SER B 260 -48.75 -24.25 20.31
N ARG B 261 -49.06 -23.14 19.69
CA ARG B 261 -48.11 -22.02 19.70
C ARG B 261 -48.32 -21.14 20.92
N GLY B 262 -47.23 -20.70 21.51
CA GLY B 262 -47.26 -19.69 22.55
C GLY B 262 -46.41 -18.49 22.18
N PHE B 263 -46.29 -17.60 23.14
CA PHE B 263 -45.48 -16.40 23.00
C PHE B 263 -44.27 -16.50 23.93
N GLY B 264 -43.13 -15.97 23.47
CA GLY B 264 -42.01 -15.77 24.36
C GLY B 264 -41.18 -16.99 24.69
N SER B 265 -41.33 -18.08 23.93
CA SER B 265 -40.41 -19.20 24.11
C SER B 265 -39.15 -19.01 23.24
N GLY B 266 -38.28 -20.00 23.27
CA GLY B 266 -37.11 -19.97 22.40
C GLY B 266 -36.15 -21.06 22.80
N ILE B 267 -35.08 -21.17 22.01
CA ILE B 267 -34.02 -22.16 22.20
C ILE B 267 -32.77 -21.44 22.67
N ILE B 268 -32.20 -21.87 23.79
CA ILE B 268 -30.97 -21.29 24.31
C ILE B 268 -29.97 -22.42 24.52
N THR B 269 -28.69 -22.04 24.51
CA THR B 269 -27.61 -22.96 24.88
C THR B 269 -27.13 -22.58 26.27
N SER B 270 -27.24 -23.50 27.20
CA SER B 270 -26.83 -23.21 28.57
C SER B 270 -26.21 -24.45 29.19
N ASN B 271 -25.35 -24.21 30.18
CA ASN B 271 -24.70 -25.27 30.93
C ASN B 271 -25.07 -25.20 32.40
N ALA B 272 -26.10 -24.44 32.74
CA ALA B 272 -26.57 -24.40 34.11
C ALA B 272 -27.56 -25.53 34.37
N SER B 273 -27.64 -25.93 35.63
CA SER B 273 -28.51 -27.03 36.01
C SER B 273 -29.92 -26.55 36.36
N MET B 274 -30.90 -27.39 36.07
CA MET B 274 -32.27 -27.11 36.47
C MET B 274 -32.36 -27.11 38.00
N HIS B 275 -33.12 -26.16 38.52
CA HIS B 275 -33.31 -25.99 39.96
C HIS B 275 -34.77 -25.66 40.19
N GLU B 276 -35.29 -26.02 41.37
CA GLU B 276 -36.69 -25.75 41.67
C GLU B 276 -36.83 -24.28 42.08
N CYS B 277 -37.06 -23.43 41.08
CA CYS B 277 -37.22 -21.99 41.22
C CYS B 277 -38.16 -21.51 40.13
N ASN B 278 -38.86 -20.40 40.41
CA ASN B 278 -39.64 -19.71 39.40
C ASN B 278 -39.04 -18.34 39.15
N THR B 279 -39.13 -17.88 37.91
CA THR B 279 -38.52 -16.61 37.52
C THR B 279 -39.31 -15.97 36.39
N LYS B 280 -39.34 -14.63 36.40
CA LYS B 280 -39.90 -13.90 35.27
C LYS B 280 -38.92 -13.81 34.11
N CYS B 281 -37.65 -14.10 34.38
CA CYS B 281 -36.57 -13.77 33.47
C CYS B 281 -35.47 -14.82 33.57
N GLN B 282 -35.10 -15.41 32.44
CA GLN B 282 -34.14 -16.50 32.41
C GLN B 282 -33.08 -16.25 31.35
N THR B 283 -31.81 -16.35 31.74
CA THR B 283 -30.68 -16.26 30.81
C THR B 283 -29.84 -17.53 30.90
N PRO B 284 -29.04 -17.84 29.86
CA PRO B 284 -28.17 -19.03 29.90
C PRO B 284 -27.27 -19.16 31.12
N GLN B 285 -26.97 -18.03 31.78
CA GLN B 285 -26.09 -18.05 32.95
C GLN B 285 -26.86 -18.33 34.23
N GLY B 286 -28.11 -17.91 34.27
CA GLY B 286 -28.92 -18.01 35.47
C GLY B 286 -30.10 -17.10 35.35
N ALA B 287 -31.00 -17.22 36.32
CA ALA B 287 -32.23 -16.44 36.33
C ALA B 287 -32.00 -15.10 37.03
N ILE B 288 -32.65 -14.07 36.51
CA ILE B 288 -32.57 -12.72 37.03
C ILE B 288 -33.86 -12.41 37.77
N ASN B 289 -33.73 -11.76 38.92
CA ASN B 289 -34.86 -11.26 39.71
C ASN B 289 -34.54 -9.79 39.97
N SER B 290 -34.97 -8.93 39.04
CA SER B 290 -34.59 -7.53 39.10
C SER B 290 -35.66 -6.66 38.46
N SER B 291 -35.79 -5.45 38.99
CA SER B 291 -36.56 -4.40 38.33
C SER B 291 -35.67 -3.32 37.72
N LEU B 292 -34.35 -3.46 37.82
CA LEU B 292 -33.45 -2.50 37.19
C LEU B 292 -33.64 -2.51 35.68
N PRO B 293 -33.31 -1.41 35.00
CA PRO B 293 -33.53 -1.34 33.54
C PRO B 293 -32.46 -2.03 32.70
N PHE B 294 -31.28 -2.31 33.24
CA PHE B 294 -30.18 -2.82 32.43
C PHE B 294 -29.59 -4.03 33.12
N GLN B 295 -29.02 -4.94 32.32
CA GLN B 295 -28.23 -6.03 32.89
C GLN B 295 -27.01 -6.23 32.03
N ASN B 296 -25.96 -6.81 32.62
CA ASN B 296 -24.78 -7.15 31.85
C ASN B 296 -24.41 -8.62 32.03
N ILE B 297 -25.42 -9.47 32.19
CA ILE B 297 -25.23 -10.89 32.48
C ILE B 297 -25.13 -11.72 31.21
N HIS B 298 -26.01 -11.46 30.24
CA HIS B 298 -26.07 -12.19 28.98
C HIS B 298 -27.06 -11.52 28.04
N PRO B 299 -26.76 -11.45 26.75
CA PRO B 299 -27.73 -10.85 25.81
C PRO B 299 -28.91 -11.77 25.50
N VAL B 300 -28.72 -13.07 25.62
CA VAL B 300 -29.82 -14.02 25.46
C VAL B 300 -30.71 -13.99 26.70
N THR B 301 -32.02 -13.83 26.51
CA THR B 301 -32.92 -13.86 27.66
C THR B 301 -34.23 -14.51 27.26
N ILE B 302 -34.95 -15.00 28.26
CA ILE B 302 -36.29 -15.55 28.08
C ILE B 302 -37.21 -14.90 29.10
N GLY B 303 -38.35 -14.39 28.65
CA GLY B 303 -39.27 -13.70 29.55
C GLY B 303 -39.21 -12.19 29.48
N GLU B 304 -39.20 -11.53 30.65
CA GLU B 304 -39.16 -10.07 30.77
C GLU B 304 -37.91 -9.71 31.57
N CYS B 305 -36.92 -9.17 30.90
CA CYS B 305 -35.61 -8.96 31.49
C CYS B 305 -35.19 -7.51 31.27
N PRO B 306 -34.24 -7.03 32.06
CA PRO B 306 -33.64 -5.73 31.76
C PRO B 306 -32.83 -5.83 30.46
N LYS B 307 -32.59 -4.66 29.85
CA LYS B 307 -31.89 -4.62 28.57
C LYS B 307 -30.40 -4.85 28.74
N TYR B 308 -29.85 -5.77 27.93
CA TYR B 308 -28.44 -6.11 28.01
C TYR B 308 -27.58 -4.96 27.47
N VAL B 309 -26.53 -4.60 28.22
CA VAL B 309 -25.56 -3.61 27.77
C VAL B 309 -24.16 -4.16 28.04
N LYS B 310 -23.19 -3.68 27.26
CA LYS B 310 -21.78 -4.00 27.44
C LYS B 310 -21.09 -3.18 28.54
N SER B 311 -21.71 -2.99 29.71
CA SER B 311 -21.22 -2.06 30.72
C SER B 311 -20.89 -2.77 32.02
N ALA B 312 -19.91 -2.22 32.74
CA ALA B 312 -19.55 -2.76 34.05
C ALA B 312 -20.18 -2.01 35.21
N LYS B 313 -20.72 -0.81 34.97
CA LYS B 313 -21.30 0.01 36.03
C LYS B 313 -22.19 1.07 35.42
N LEU B 314 -23.42 1.17 35.92
CA LEU B 314 -24.34 2.25 35.60
C LEU B 314 -24.93 2.69 36.93
N ARG B 315 -24.24 3.59 37.61
CA ARG B 315 -24.70 4.11 38.89
C ARG B 315 -25.04 5.57 38.72
N MET B 316 -26.22 5.94 39.17
CA MET B 316 -26.81 7.26 38.93
C MET B 316 -26.91 7.98 40.26
N VAL B 317 -26.22 9.11 40.38
CA VAL B 317 -26.29 9.87 41.62
C VAL B 317 -27.72 10.39 41.81
N THR B 318 -28.16 10.33 43.07
CA THR B 318 -29.38 10.91 43.59
C THR B 318 -29.09 11.92 44.69
N GLY B 319 -28.16 11.61 45.57
CA GLY B 319 -27.86 12.49 46.68
C GLY B 319 -26.85 13.57 46.33
N LEU B 320 -25.96 13.89 47.26
CA LEU B 320 -25.07 15.01 47.08
C LEU B 320 -23.63 14.52 46.98
N ARG B 321 -22.76 15.41 46.48
CA ARG B 321 -21.33 15.21 46.63
C ARG B 321 -21.00 15.04 48.12
N ASN B 322 -20.35 13.93 48.47
CA ASN B 322 -20.13 13.57 49.87
C ASN B 322 -18.81 14.18 50.36
N ILE B 323 -18.89 15.16 51.25
CA ILE B 323 -17.71 15.89 51.72
C ILE B 323 -17.72 15.94 53.25
N PRO B 324 -17.36 14.85 53.96
CA PRO B 324 -17.32 14.99 55.41
C PRO B 324 -15.91 15.33 55.91
N GLY B 330 -18.96 23.95 42.20
CA GLY B 330 -19.98 23.58 41.23
C GLY B 330 -20.35 24.72 40.30
N LEU B 331 -21.40 24.52 39.49
CA LEU B 331 -21.90 25.59 38.63
C LEU B 331 -22.38 26.78 39.45
N PHE B 332 -22.94 26.52 40.64
CA PHE B 332 -23.62 27.55 41.40
C PHE B 332 -22.82 28.06 42.59
N GLY B 333 -21.69 27.45 42.91
CA GLY B 333 -20.73 28.03 43.83
C GLY B 333 -20.89 27.70 45.30
N ALA B 334 -21.98 27.02 45.68
CA ALA B 334 -22.25 26.74 47.10
C ALA B 334 -21.60 25.43 47.52
N ILE B 335 -22.10 24.30 47.01
CA ILE B 335 -21.54 23.00 47.39
C ILE B 335 -20.15 22.87 46.81
N ALA B 336 -19.20 22.44 47.65
CA ALA B 336 -17.78 22.40 47.30
C ALA B 336 -17.31 23.75 46.78
N GLY B 337 -17.95 24.81 47.25
CA GLY B 337 -17.63 26.17 46.85
C GLY B 337 -17.45 27.00 48.10
N PHE B 338 -18.13 28.13 48.21
CA PHE B 338 -17.96 28.94 49.41
C PHE B 338 -18.51 28.23 50.65
N ILE B 339 -19.42 27.27 50.47
CA ILE B 339 -19.75 26.33 51.53
C ILE B 339 -18.87 25.11 51.28
N GLU B 340 -17.72 25.07 51.96
CA GLU B 340 -16.61 24.21 51.55
C GLU B 340 -16.92 22.72 51.74
N GLY B 341 -17.46 22.33 52.89
CA GLY B 341 -17.66 20.93 53.22
C GLY B 341 -19.04 20.65 53.78
N GLY B 342 -19.28 19.37 54.05
CA GLY B 342 -20.58 18.91 54.49
C GLY B 342 -20.66 18.63 55.98
N TRP B 343 -21.89 18.39 56.43
CA TRP B 343 -22.21 18.18 57.85
C TRP B 343 -22.70 16.75 58.01
N THR B 344 -21.84 15.88 58.55
CA THR B 344 -22.30 14.54 58.92
C THR B 344 -23.30 14.59 60.06
N GLY B 345 -23.30 15.66 60.85
CA GLY B 345 -24.18 15.82 61.99
C GLY B 345 -25.61 16.17 61.70
N MET B 346 -25.97 16.42 60.43
CA MET B 346 -27.34 16.72 60.05
C MET B 346 -27.91 15.48 59.35
N ILE B 347 -28.54 14.62 60.15
CA ILE B 347 -28.88 13.28 59.66
C ILE B 347 -30.19 13.27 58.88
N ASP B 348 -31.14 14.16 59.20
CA ASP B 348 -32.51 14.04 58.72
C ASP B 348 -32.82 14.94 57.53
N GLY B 349 -31.82 15.36 56.77
CA GLY B 349 -32.09 16.22 55.64
C GLY B 349 -30.92 16.50 54.73
N TRP B 350 -31.22 16.82 53.47
CA TRP B 350 -30.17 17.11 52.49
C TRP B 350 -29.59 18.51 52.68
N TYR B 351 -30.44 19.50 52.97
CA TYR B 351 -30.04 20.88 53.18
C TYR B 351 -30.65 21.39 54.48
N GLY B 352 -29.85 22.07 55.29
CA GLY B 352 -30.34 22.57 56.56
C GLY B 352 -29.55 23.75 57.10
N TYR B 353 -29.70 23.96 58.41
CA TYR B 353 -29.12 25.09 59.11
C TYR B 353 -28.36 24.57 60.32
N HIS B 354 -27.43 25.39 60.80
CA HIS B 354 -26.80 25.19 62.11
C HIS B 354 -26.84 26.50 62.87
N HIS B 355 -27.30 26.46 64.11
CA HIS B 355 -27.38 27.65 64.94
C HIS B 355 -26.33 27.58 66.05
N GLN B 356 -25.79 28.75 66.40
CA GLN B 356 -24.95 28.92 67.57
C GLN B 356 -25.61 30.05 68.36
N ASN B 357 -26.38 29.69 69.37
CA ASN B 357 -27.18 30.59 70.19
C ASN B 357 -26.46 30.85 71.50
N GLU B 358 -27.19 31.36 72.49
CA GLU B 358 -26.70 31.36 73.85
C GLU B 358 -27.22 30.19 74.66
N GLN B 359 -28.35 29.60 74.27
CA GLN B 359 -28.94 28.47 74.99
C GLN B 359 -28.02 27.26 74.94
N TYR B 363 -27.83 21.80 64.33
CA TYR B 363 -28.23 21.26 63.03
C TYR B 363 -29.74 21.06 62.99
N ALA B 364 -30.33 21.38 61.84
CA ALA B 364 -31.78 21.29 61.66
C ALA B 364 -32.06 21.18 60.18
N ALA B 365 -32.67 20.07 59.75
CA ALA B 365 -32.97 19.87 58.34
C ALA B 365 -34.09 20.79 57.90
N ASP B 366 -33.97 21.34 56.69
CA ASP B 366 -35.03 22.13 56.07
C ASP B 366 -35.93 21.17 55.31
N GLN B 367 -37.16 20.98 55.81
CA GLN B 367 -38.07 19.99 55.23
C GLN B 367 -38.50 20.39 53.82
N LYS B 368 -38.92 21.65 53.64
CA LYS B 368 -39.44 22.12 52.36
C LYS B 368 -38.52 21.91 51.16
N SER B 369 -37.33 22.49 51.21
CA SER B 369 -36.40 22.42 50.08
C SER B 369 -35.91 20.98 49.94
N THR B 370 -35.78 20.25 51.05
CA THR B 370 -35.27 18.88 50.99
C THR B 370 -36.29 17.92 50.40
N GLN B 371 -37.55 18.02 50.82
CA GLN B 371 -38.56 17.12 50.28
C GLN B 371 -38.90 17.44 48.82
N ASN B 372 -38.67 18.68 48.39
CA ASN B 372 -38.80 19.01 46.97
C ASN B 372 -37.69 18.37 46.15
N ALA B 373 -36.45 18.39 46.66
CA ALA B 373 -35.35 17.77 45.93
C ALA B 373 -35.53 16.25 45.83
N ILE B 374 -36.11 15.63 46.85
CA ILE B 374 -36.41 14.20 46.75
C ILE B 374 -37.43 13.94 45.66
N ASN B 375 -38.54 14.70 45.67
CA ASN B 375 -39.58 14.56 44.66
C ASN B 375 -39.03 14.77 43.27
N GLY B 376 -38.17 15.76 43.09
CA GLY B 376 -37.52 15.94 41.80
C GLY B 376 -36.63 14.77 41.44
N ILE B 377 -35.77 14.36 42.37
CA ILE B 377 -34.84 13.27 42.08
C ILE B 377 -35.61 11.96 41.90
N THR B 378 -36.64 11.74 42.71
CA THR B 378 -37.47 10.56 42.50
C THR B 378 -38.06 10.54 41.09
N ASN B 379 -38.48 11.70 40.61
CA ASN B 379 -39.14 11.79 39.31
C ASN B 379 -38.15 11.63 38.17
N LYS B 380 -36.93 12.14 38.34
CA LYS B 380 -35.91 12.02 37.30
C LYS B 380 -35.55 10.54 37.08
N VAL B 381 -35.24 9.84 38.16
CA VAL B 381 -34.89 8.42 38.05
C VAL B 381 -36.07 7.61 37.49
N ASN B 382 -37.29 7.97 37.87
CA ASN B 382 -38.45 7.26 37.34
C ASN B 382 -38.65 7.58 35.86
N SER B 383 -38.68 8.86 35.51
CA SER B 383 -38.87 9.27 34.12
C SER B 383 -37.86 8.60 33.19
N VAL B 384 -36.65 8.38 33.68
CA VAL B 384 -35.62 7.74 32.88
C VAL B 384 -35.86 6.24 32.78
N ILE B 385 -36.24 5.61 33.89
CA ILE B 385 -36.50 4.17 33.88
C ILE B 385 -37.66 3.83 32.93
N GLU B 386 -38.65 4.72 32.80
CA GLU B 386 -39.79 4.43 31.93
C GLU B 386 -39.38 4.44 30.46
N LYS B 387 -38.57 5.42 30.05
CA LYS B 387 -38.12 5.47 28.65
C LYS B 387 -37.48 4.17 28.24
N MET B 388 -36.80 3.52 29.19
CA MET B 388 -36.25 2.20 28.94
C MET B 388 -37.36 1.17 28.99
N ASN B 389 -37.37 0.27 28.01
CA ASN B 389 -38.36 -0.79 27.97
C ASN B 389 -37.69 -2.12 28.26
N THR B 390 -38.48 -3.05 28.78
CA THR B 390 -37.91 -4.31 29.15
C THR B 390 -37.68 -5.17 27.91
N GLN B 391 -36.64 -5.99 27.99
CA GLN B 391 -36.31 -6.96 26.96
C GLN B 391 -37.29 -8.11 27.03
N PHE B 392 -38.04 -8.34 25.97
CA PHE B 392 -38.77 -9.60 25.90
C PHE B 392 -37.84 -10.68 25.33
N THR B 393 -38.36 -11.86 25.05
CA THR B 393 -37.47 -12.94 24.66
C THR B 393 -36.62 -12.57 23.45
N ALA B 394 -35.30 -12.60 23.64
CA ALA B 394 -34.34 -12.38 22.57
C ALA B 394 -33.28 -13.49 22.62
N VAL B 395 -33.23 -14.31 21.56
CA VAL B 395 -32.36 -15.48 21.51
C VAL B 395 -31.50 -15.47 20.25
N GLY B 396 -30.47 -16.31 20.26
CA GLY B 396 -29.65 -16.46 19.09
C GLY B 396 -30.38 -17.17 17.97
N LYS B 397 -29.83 -17.05 16.76
CA LYS B 397 -30.33 -17.78 15.60
C LYS B 397 -29.25 -18.69 15.04
N GLU B 398 -29.69 -19.70 14.29
CA GLU B 398 -28.80 -20.63 13.61
C GLU B 398 -28.91 -20.50 12.09
N PHE B 399 -27.79 -20.79 11.41
CA PHE B 399 -27.65 -20.68 9.97
C PHE B 399 -26.78 -21.82 9.45
N ASN B 400 -27.20 -22.44 8.34
CA ASN B 400 -26.39 -23.49 7.75
C ASN B 400 -25.17 -22.90 7.01
N ASN B 401 -24.36 -23.75 6.39
CA ASN B 401 -23.07 -23.32 5.90
C ASN B 401 -23.13 -22.56 4.58
N LEU B 402 -24.29 -22.50 3.94
CA LEU B 402 -24.48 -21.65 2.77
C LEU B 402 -25.24 -20.38 3.12
N GLU B 403 -25.42 -20.09 4.41
CA GLU B 403 -26.04 -18.84 4.83
C GLU B 403 -25.05 -18.05 5.67
N LYS B 404 -23.83 -17.85 5.15
CA LYS B 404 -22.83 -17.09 5.89
C LYS B 404 -23.13 -15.59 5.86
N ARG B 405 -23.59 -15.08 4.71
CA ARG B 405 -23.94 -13.67 4.60
C ARG B 405 -25.10 -13.31 5.54
N MET B 406 -26.08 -14.20 5.65
CA MET B 406 -27.21 -13.90 6.53
C MET B 406 -26.81 -14.04 7.99
N GLU B 407 -25.91 -14.97 8.29
CA GLU B 407 -25.42 -15.13 9.65
C GLU B 407 -24.73 -13.86 10.12
N ASN B 408 -23.85 -13.32 9.27
CA ASN B 408 -23.17 -12.06 9.54
C ASN B 408 -24.13 -10.88 9.61
N LEU B 409 -25.06 -10.78 8.66
CA LEU B 409 -26.04 -9.71 8.72
C LEU B 409 -26.82 -9.76 10.03
N ASN B 410 -27.22 -10.96 10.47
CA ASN B 410 -27.84 -11.10 11.79
C ASN B 410 -26.92 -10.60 12.91
N LYS B 411 -25.60 -10.73 12.74
CA LYS B 411 -24.70 -10.35 13.81
C LYS B 411 -24.42 -8.86 13.78
N LYS B 412 -24.26 -8.29 12.59
CA LYS B 412 -24.21 -6.84 12.45
C LYS B 412 -25.43 -6.17 13.08
N VAL B 413 -26.60 -6.81 12.99
CA VAL B 413 -27.80 -6.23 13.61
C VAL B 413 -27.69 -6.29 15.13
N ASP B 414 -27.43 -7.48 15.68
CA ASP B 414 -27.29 -7.62 17.13
C ASP B 414 -26.16 -6.76 17.68
N ASP B 415 -24.99 -6.78 17.02
CA ASP B 415 -23.89 -5.95 17.48
C ASP B 415 -24.20 -4.47 17.37
N GLY B 416 -24.93 -4.08 16.31
CA GLY B 416 -25.23 -2.67 16.13
C GLY B 416 -26.10 -2.12 17.23
N PHE B 417 -27.20 -2.82 17.55
CA PHE B 417 -28.12 -2.35 18.56
C PHE B 417 -27.47 -2.34 19.93
N LEU B 418 -26.67 -3.37 20.24
CA LEU B 418 -26.06 -3.48 21.55
C LEU B 418 -25.11 -2.30 21.80
N ASP B 419 -24.28 -1.98 20.80
CA ASP B 419 -23.42 -0.81 20.90
C ASP B 419 -24.24 0.46 21.14
N ILE B 420 -25.35 0.62 20.43
CA ILE B 420 -26.14 1.85 20.56
C ILE B 420 -26.77 1.93 21.94
N TRP B 421 -27.29 0.82 22.45
CA TRP B 421 -27.92 0.90 23.76
C TRP B 421 -26.89 1.06 24.86
N THR B 422 -25.70 0.49 24.68
CA THR B 422 -24.64 0.71 25.66
C THR B 422 -24.19 2.15 25.67
N TYR B 423 -23.99 2.73 24.48
CA TYR B 423 -23.71 4.16 24.37
C TYR B 423 -24.79 4.98 25.05
N ASN B 424 -26.05 4.69 24.75
CA ASN B 424 -27.15 5.46 25.32
C ASN B 424 -27.15 5.40 26.84
N ALA B 425 -26.99 4.22 27.40
CA ALA B 425 -27.02 4.09 28.86
C ALA B 425 -25.81 4.76 29.49
N GLU B 426 -24.62 4.58 28.91
CA GLU B 426 -23.43 5.12 29.55
C GLU B 426 -23.33 6.63 29.40
N LEU B 427 -23.83 7.20 28.29
CA LEU B 427 -23.83 8.66 28.13
C LEU B 427 -24.94 9.30 28.94
N LEU B 428 -26.09 8.64 29.06
CA LEU B 428 -27.19 9.18 29.85
C LEU B 428 -26.78 9.35 31.31
N VAL B 429 -26.10 8.33 31.87
CA VAL B 429 -25.72 8.41 33.27
C VAL B 429 -24.56 9.40 33.48
N LEU B 430 -23.60 9.44 32.55
CA LEU B 430 -22.53 10.41 32.65
C LEU B 430 -23.10 11.84 32.66
N LEU B 431 -23.94 12.16 31.67
CA LEU B 431 -24.43 13.52 31.52
C LEU B 431 -25.41 13.90 32.62
N GLU B 432 -26.36 13.02 32.93
CA GLU B 432 -27.38 13.37 33.91
C GLU B 432 -26.86 13.34 35.34
N ASN B 433 -25.73 12.67 35.60
CA ASN B 433 -25.10 12.78 36.91
C ASN B 433 -24.50 14.16 37.14
N GLU B 434 -24.02 14.82 36.09
CA GLU B 434 -23.60 16.20 36.24
C GLU B 434 -24.80 17.08 36.57
N ARG B 435 -25.92 16.87 35.87
CA ARG B 435 -27.10 17.71 36.05
C ARG B 435 -27.63 17.59 37.47
N THR B 436 -27.56 16.39 38.05
CA THR B 436 -28.07 16.18 39.40
C THR B 436 -27.21 16.90 40.44
N LEU B 437 -25.88 16.82 40.29
CA LEU B 437 -25.01 17.53 41.20
C LEU B 437 -25.23 19.05 41.11
N ASP B 438 -25.36 19.57 39.88
CA ASP B 438 -25.71 20.97 39.70
C ASP B 438 -27.00 21.29 40.46
N PHE B 439 -28.02 20.46 40.27
CA PHE B 439 -29.30 20.64 40.93
C PHE B 439 -29.11 20.84 42.44
N HIS B 440 -28.22 20.07 43.05
CA HIS B 440 -28.02 20.17 44.49
C HIS B 440 -27.28 21.44 44.86
N ASP B 441 -26.25 21.81 44.09
CA ASP B 441 -25.62 23.11 44.30
C ASP B 441 -26.63 24.25 44.15
N SER B 442 -27.63 24.07 43.28
CA SER B 442 -28.66 25.10 43.11
C SER B 442 -29.54 25.20 44.35
N ASN B 443 -30.08 24.07 44.81
CA ASN B 443 -30.98 24.09 45.95
C ASN B 443 -30.31 24.70 47.19
N VAL B 444 -29.02 24.40 47.38
CA VAL B 444 -28.30 24.99 48.49
C VAL B 444 -28.19 26.49 48.31
N LYS B 445 -27.76 26.93 47.11
CA LYS B 445 -27.58 28.36 46.90
C LYS B 445 -28.91 29.11 47.07
N ASN B 446 -29.98 28.61 46.45
CA ASN B 446 -31.27 29.28 46.58
C ASN B 446 -31.68 29.41 48.04
N LEU B 447 -31.40 28.37 48.84
CA LEU B 447 -31.72 28.43 50.26
C LEU B 447 -30.85 29.46 50.97
N TYR B 448 -29.57 29.54 50.61
CA TYR B 448 -28.67 30.48 51.26
C TYR B 448 -28.98 31.91 50.88
N GLU B 449 -29.41 32.14 49.63
CA GLU B 449 -29.85 33.47 49.25
C GLU B 449 -31.21 33.79 49.84
N LYS B 450 -32.04 32.76 50.08
CA LYS B 450 -33.30 32.97 50.79
C LYS B 450 -33.07 33.51 52.19
N VAL B 451 -32.07 32.97 52.90
CA VAL B 451 -31.79 33.45 54.25
C VAL B 451 -31.19 34.84 54.20
N LYS B 452 -30.31 35.10 53.22
CA LYS B 452 -29.62 36.39 53.15
C LYS B 452 -30.61 37.54 52.97
N ILE B 453 -31.62 37.35 52.11
CA ILE B 453 -32.58 38.41 51.80
C ILE B 453 -33.43 38.72 53.03
N GLN B 454 -33.61 37.75 53.92
CA GLN B 454 -34.33 38.02 55.17
C GLN B 454 -33.55 38.95 56.08
N LEU B 455 -32.28 38.61 56.35
CA LEU B 455 -31.52 39.29 57.39
C LEU B 455 -31.01 40.65 56.96
N LYS B 456 -30.65 40.80 55.68
CA LYS B 456 -30.13 42.06 55.13
C LYS B 456 -29.14 42.74 56.09
N ASN B 457 -29.54 43.88 56.67
CA ASN B 457 -28.63 44.70 57.48
C ASN B 457 -28.33 44.11 58.86
N ASN B 458 -29.20 43.26 59.40
CA ASN B 458 -29.07 42.75 60.77
C ASN B 458 -28.02 41.67 60.93
N ALA B 459 -27.22 41.37 59.91
CA ALA B 459 -26.25 40.29 60.08
C ALA B 459 -25.11 40.46 59.08
N LYS B 460 -23.94 39.99 59.48
CA LYS B 460 -22.74 40.02 58.64
C LYS B 460 -22.55 38.68 57.94
N GLU B 461 -22.34 38.74 56.63
CA GLU B 461 -22.18 37.55 55.80
C GLU B 461 -20.68 37.21 55.73
N ILE B 462 -20.30 36.13 56.43
CA ILE B 462 -18.91 35.68 56.40
C ILE B 462 -18.51 35.28 54.98
N GLY B 463 -19.39 34.60 54.26
CA GLY B 463 -19.06 34.06 52.95
C GLY B 463 -18.80 32.58 52.95
N ASN B 464 -18.97 31.89 54.08
CA ASN B 464 -18.89 30.45 54.14
C ASN B 464 -20.24 29.84 54.51
N GLY B 465 -21.32 30.53 54.14
CA GLY B 465 -22.66 30.10 54.47
C GLY B 465 -23.18 30.58 55.82
N CYS B 466 -22.37 31.32 56.58
CA CYS B 466 -22.74 31.71 57.93
C CYS B 466 -23.08 33.18 57.99
N PHE B 467 -24.12 33.53 58.75
CA PHE B 467 -24.53 34.90 58.99
C PHE B 467 -24.43 35.19 60.48
N GLU B 468 -23.48 36.04 60.88
CA GLU B 468 -23.39 36.48 62.27
C GLU B 468 -24.39 37.61 62.51
N PHE B 469 -25.45 37.33 63.28
CA PHE B 469 -26.52 38.30 63.46
C PHE B 469 -26.04 39.48 64.31
N TYR B 470 -26.28 40.70 63.80
CA TYR B 470 -25.86 41.90 64.53
C TYR B 470 -26.69 42.16 65.78
N HIS B 471 -27.76 41.40 66.01
CA HIS B 471 -28.50 41.43 67.26
C HIS B 471 -28.40 40.06 67.94
N LYS B 472 -29.14 39.90 69.04
CA LYS B 472 -29.17 38.63 69.77
C LYS B 472 -30.36 37.80 69.31
N CYS B 473 -30.13 36.51 69.09
CA CYS B 473 -31.10 35.65 68.43
C CYS B 473 -31.08 34.26 69.06
N ASP B 474 -32.19 33.87 69.67
CA ASP B 474 -32.28 32.66 70.48
C ASP B 474 -32.94 31.53 69.68
N ASN B 475 -33.36 30.47 70.39
CA ASN B 475 -34.05 29.36 69.74
C ASN B 475 -35.34 29.79 69.06
N GLU B 476 -35.99 30.83 69.60
CA GLU B 476 -37.24 31.30 68.99
C GLU B 476 -36.97 32.04 67.69
N CYS B 477 -35.96 32.92 67.69
CA CYS B 477 -35.62 33.71 66.51
C CYS B 477 -34.96 32.87 65.41
N MET B 478 -34.28 31.78 65.78
CA MET B 478 -33.71 30.90 64.77
C MET B 478 -34.81 30.21 63.96
N GLU B 479 -35.85 29.74 64.65
CA GLU B 479 -37.00 29.17 63.95
C GLU B 479 -37.65 30.20 63.04
N SER B 480 -37.59 31.47 63.42
CA SER B 480 -38.08 32.52 62.53
C SER B 480 -37.32 32.49 61.22
N VAL B 481 -35.99 32.40 61.28
CA VAL B 481 -35.20 32.43 60.06
C VAL B 481 -35.46 31.20 59.21
N ARG B 482 -35.51 30.02 59.84
CA ARG B 482 -35.73 28.78 59.11
C ARG B 482 -37.15 28.68 58.58
N ASN B 483 -38.13 29.13 59.36
CA ASN B 483 -39.51 29.15 58.90
C ASN B 483 -39.76 30.16 57.79
N GLY B 484 -38.84 31.10 57.56
CA GLY B 484 -39.09 32.22 56.69
C GLY B 484 -39.92 33.32 57.31
N THR B 485 -40.41 33.12 58.53
CA THR B 485 -41.20 34.14 59.24
C THR B 485 -40.25 35.03 60.04
N TYR B 486 -39.50 35.85 59.33
CA TYR B 486 -38.55 36.76 59.97
C TYR B 486 -39.01 38.21 59.79
N THR C 4 -41.42 52.00 44.13
CA THR C 4 -41.60 50.57 43.92
C THR C 4 -41.64 50.18 42.44
N ILE C 5 -40.65 49.42 41.99
CA ILE C 5 -40.60 48.84 40.66
C ILE C 5 -40.43 47.34 40.82
N CYS C 6 -41.20 46.56 40.06
CA CYS C 6 -41.13 45.11 40.16
C CYS C 6 -40.64 44.47 38.87
N ILE C 7 -40.04 43.29 39.00
CA ILE C 7 -39.54 42.49 37.90
C ILE C 7 -40.33 41.19 37.91
N GLY C 8 -40.78 40.75 36.74
CA GLY C 8 -41.63 39.58 36.69
C GLY C 8 -41.68 38.96 35.31
N TYR C 9 -42.53 37.95 35.18
CA TYR C 9 -42.61 37.18 33.94
C TYR C 9 -44.07 37.03 33.52
N HIS C 10 -44.23 36.56 32.29
CA HIS C 10 -45.50 36.54 31.59
C HIS C 10 -46.37 35.37 32.04
N ALA C 11 -47.69 35.59 32.00
CA ALA C 11 -48.66 34.52 32.19
C ALA C 11 -49.84 34.75 31.26
N ASN C 12 -50.51 33.67 30.87
CA ASN C 12 -51.66 33.78 29.98
C ASN C 12 -52.65 32.67 30.31
N ASN C 13 -53.69 32.54 29.48
CA ASN C 13 -54.75 31.57 29.68
C ASN C 13 -54.45 30.22 29.03
N SER C 14 -53.17 29.90 28.83
CA SER C 14 -52.80 28.70 28.11
C SER C 14 -52.81 27.50 29.06
N THR C 15 -53.34 26.39 28.57
CA THR C 15 -53.38 25.13 29.30
C THR C 15 -52.39 24.11 28.75
N ASP C 16 -51.54 24.49 27.78
CA ASP C 16 -50.56 23.59 27.19
C ASP C 16 -49.72 22.91 28.27
N THR C 17 -49.60 21.60 28.18
CA THR C 17 -48.88 20.83 29.18
C THR C 17 -47.67 20.15 28.55
N VAL C 18 -46.57 20.16 29.29
CA VAL C 18 -45.37 19.42 28.91
C VAL C 18 -44.91 18.64 30.13
N ASP C 19 -43.98 17.73 29.90
CA ASP C 19 -43.34 16.96 30.95
C ASP C 19 -41.87 17.34 30.98
N THR C 20 -41.30 17.40 32.18
CA THR C 20 -39.90 17.72 32.37
C THR C 20 -39.27 16.62 33.21
N VAL C 21 -37.95 16.67 33.32
CA VAL C 21 -37.25 15.61 34.05
C VAL C 21 -37.60 15.63 35.54
N LEU C 22 -37.81 16.82 36.13
CA LEU C 22 -38.06 16.88 37.56
C LEU C 22 -39.54 16.88 37.91
N GLU C 23 -40.43 17.15 36.95
CA GLU C 23 -41.86 17.28 37.22
C GLU C 23 -42.62 16.97 35.94
N LYS C 24 -43.76 16.30 36.10
CA LYS C 24 -44.64 15.99 34.98
C LYS C 24 -45.88 16.88 35.04
N ASN C 25 -46.58 16.98 33.91
CA ASN C 25 -47.82 17.77 33.82
C ASN C 25 -47.56 19.22 34.21
N VAL C 26 -46.55 19.82 33.58
CA VAL C 26 -46.18 21.20 33.85
C VAL C 26 -46.87 22.11 32.85
N THR C 27 -47.77 22.94 33.35
CA THR C 27 -48.47 23.92 32.52
C THR C 27 -47.55 25.07 32.14
N VAL C 28 -47.46 25.35 30.84
CA VAL C 28 -46.52 26.31 30.29
C VAL C 28 -47.26 27.27 29.36
N THR C 29 -46.63 28.43 29.14
CA THR C 29 -47.31 29.53 28.45
C THR C 29 -47.36 29.32 26.94
N HIS C 30 -46.31 28.74 26.35
CA HIS C 30 -46.22 28.50 24.92
C HIS C 30 -45.48 27.19 24.64
N SER C 31 -45.94 26.47 23.64
CA SER C 31 -45.30 25.22 23.26
C SER C 31 -45.60 24.93 21.80
N VAL C 32 -44.82 24.01 21.24
CA VAL C 32 -45.03 23.51 19.88
C VAL C 32 -45.12 21.98 19.97
N ASN C 33 -46.05 21.41 19.22
CA ASN C 33 -46.14 19.96 19.11
C ASN C 33 -45.13 19.50 18.08
N LEU C 34 -44.38 18.44 18.39
CA LEU C 34 -43.45 17.87 17.43
C LEU C 34 -43.98 16.58 16.79
N LEU C 35 -45.14 16.09 17.23
CA LEU C 35 -45.66 14.78 16.89
C LEU C 35 -46.91 14.96 16.05
N GLU C 36 -46.83 14.64 14.78
CA GLU C 36 -48.00 14.71 13.90
C GLU C 36 -48.92 13.53 14.17
N ASP C 37 -50.19 13.83 14.47
CA ASP C 37 -51.18 12.78 14.69
C ASP C 37 -52.39 12.89 13.78
N SER C 38 -52.38 13.81 12.82
CA SER C 38 -53.53 14.09 11.98
C SER C 38 -53.26 13.68 10.53
N HIS C 39 -54.28 13.11 9.87
CA HIS C 39 -54.20 12.73 8.46
C HIS C 39 -55.59 12.83 7.86
N ASN C 40 -55.67 12.98 6.54
CA ASN C 40 -56.98 13.16 5.92
C ASN C 40 -57.72 11.85 5.66
N GLY C 41 -57.17 10.69 6.03
CA GLY C 41 -57.92 9.45 5.87
C GLY C 41 -58.18 9.01 4.45
N LYS C 42 -57.45 9.56 3.49
CA LYS C 42 -57.67 9.24 2.08
C LYS C 42 -56.37 8.75 1.44
N LEU C 43 -56.54 8.04 0.33
CA LEU C 43 -55.46 7.77 -0.61
C LEU C 43 -55.38 8.92 -1.59
N CYS C 44 -54.17 9.42 -1.83
CA CYS C 44 -53.97 10.61 -2.66
C CYS C 44 -52.97 10.34 -3.77
N ARG C 45 -52.91 11.28 -4.70
CA ARG C 45 -51.80 11.28 -5.65
C ARG C 45 -50.54 11.68 -4.91
N LEU C 46 -49.41 11.16 -5.37
CA LEU C 46 -48.13 11.57 -4.85
C LEU C 46 -47.39 12.23 -6.01
N LYS C 47 -47.08 13.52 -5.86
CA LYS C 47 -46.47 14.28 -6.95
C LYS C 47 -47.31 14.16 -8.22
N GLY C 48 -48.64 14.23 -8.06
CA GLY C 48 -49.55 14.25 -9.17
C GLY C 48 -49.89 12.89 -9.77
N ILE C 49 -49.23 11.82 -9.35
CA ILE C 49 -49.43 10.51 -9.95
C ILE C 49 -50.28 9.67 -9.01
N ALA C 50 -51.37 9.14 -9.52
CA ALA C 50 -52.24 8.32 -8.70
C ALA C 50 -51.55 6.99 -8.40
N PRO C 51 -51.93 6.33 -7.30
CA PRO C 51 -51.43 4.99 -7.04
C PRO C 51 -52.20 3.97 -7.88
N LEU C 52 -51.63 2.78 -7.95
CA LEU C 52 -52.29 1.64 -8.58
C LEU C 52 -53.08 0.89 -7.51
N GLN C 53 -54.40 0.88 -7.65
CA GLN C 53 -55.27 0.21 -6.68
C GLN C 53 -55.63 -1.17 -7.20
N LEU C 54 -55.10 -2.21 -6.53
CA LEU C 54 -55.37 -3.60 -6.90
C LEU C 54 -56.72 -4.08 -6.42
N GLY C 55 -57.33 -3.38 -5.47
CA GLY C 55 -58.67 -3.73 -5.03
C GLY C 55 -58.72 -5.13 -4.48
N LYS C 56 -59.58 -5.96 -5.08
CA LYS C 56 -59.76 -7.33 -4.61
C LYS C 56 -58.67 -8.26 -5.12
N CYS C 57 -57.68 -7.75 -5.85
CA CYS C 57 -56.61 -8.57 -6.40
C CYS C 57 -55.32 -8.29 -5.64
N ASN C 58 -54.45 -9.30 -5.58
CA ASN C 58 -53.13 -9.09 -5.04
C ASN C 58 -52.13 -9.08 -6.19
N ILE C 59 -50.85 -9.00 -5.84
CA ILE C 59 -49.84 -8.82 -6.89
C ILE C 59 -49.93 -9.94 -7.92
N ALA C 60 -50.08 -11.19 -7.47
CA ALA C 60 -50.12 -12.31 -8.40
C ALA C 60 -51.29 -12.20 -9.38
N GLY C 61 -52.49 -11.94 -8.86
CA GLY C 61 -53.64 -11.84 -9.75
C GLY C 61 -53.50 -10.74 -10.79
N TRP C 62 -52.90 -9.62 -10.39
CA TRP C 62 -52.67 -8.50 -11.32
C TRP C 62 -51.64 -8.86 -12.40
N ILE C 63 -50.45 -9.30 -11.99
CA ILE C 63 -49.37 -9.47 -12.95
C ILE C 63 -49.64 -10.70 -13.84
N LEU C 64 -50.40 -11.69 -13.34
CA LEU C 64 -50.80 -12.82 -14.17
C LEU C 64 -52.03 -12.52 -15.03
N GLY C 65 -52.81 -11.51 -14.67
CA GLY C 65 -54.03 -11.26 -15.41
C GLY C 65 -55.17 -12.17 -14.98
N ASN C 66 -55.30 -12.42 -13.69
CA ASN C 66 -56.44 -13.14 -13.15
C ASN C 66 -57.73 -12.51 -13.67
N PRO C 67 -58.67 -13.29 -14.20
CA PRO C 67 -59.86 -12.67 -14.81
C PRO C 67 -60.61 -11.72 -13.90
N GLU C 68 -60.47 -11.87 -12.58
CA GLU C 68 -61.10 -10.91 -11.65
C GLU C 68 -60.45 -9.53 -11.69
N CYS C 69 -59.37 -9.34 -12.44
CA CYS C 69 -58.58 -8.11 -12.42
C CYS C 69 -58.58 -7.41 -13.77
N ASP C 70 -59.57 -7.68 -14.60
CA ASP C 70 -59.55 -7.11 -15.94
C ASP C 70 -59.46 -5.59 -15.91
N SER C 71 -60.04 -4.95 -14.89
CA SER C 71 -59.99 -3.49 -14.86
C SER C 71 -58.57 -2.97 -14.62
N LEU C 72 -57.66 -3.80 -14.16
CA LEU C 72 -56.28 -3.37 -14.02
C LEU C 72 -55.47 -3.48 -15.30
N LEU C 73 -55.96 -4.23 -16.30
CA LEU C 73 -55.14 -4.49 -17.49
C LEU C 73 -54.56 -3.25 -18.17
N PRO C 74 -55.28 -2.12 -18.30
CA PRO C 74 -54.69 -0.96 -18.99
C PRO C 74 -53.74 -0.12 -18.15
N ALA C 75 -53.60 -0.40 -16.85
CA ALA C 75 -52.78 0.44 -15.98
C ALA C 75 -51.32 0.38 -16.40
N SER C 76 -50.71 1.57 -16.54
CA SER C 76 -49.36 1.66 -17.07
C SER C 76 -48.41 2.50 -16.23
N SER C 77 -48.89 3.39 -15.38
CA SER C 77 -47.99 4.15 -14.52
C SER C 77 -48.70 4.47 -13.22
N TRP C 78 -47.96 4.43 -12.13
CA TRP C 78 -48.48 4.62 -10.78
C TRP C 78 -47.35 5.14 -9.91
N SER C 79 -47.71 5.69 -8.74
CA SER C 79 -46.69 6.20 -7.82
C SER C 79 -46.41 5.26 -6.66
N TYR C 80 -47.37 4.42 -6.31
CA TYR C 80 -47.21 3.35 -5.33
C TYR C 80 -48.36 2.38 -5.56
N ILE C 81 -48.27 1.22 -4.93
CA ILE C 81 -49.24 0.14 -5.16
C ILE C 81 -49.98 -0.11 -3.86
N VAL C 82 -51.30 -0.22 -3.96
CA VAL C 82 -52.18 -0.44 -2.81
C VAL C 82 -52.85 -1.79 -2.94
N GLU C 83 -52.58 -2.70 -1.99
CA GLU C 83 -53.43 -3.86 -1.77
C GLU C 83 -54.46 -3.52 -0.71
N THR C 84 -55.50 -4.32 -0.62
CA THR C 84 -56.49 -4.03 0.42
C THR C 84 -56.66 -5.26 1.30
N PRO C 85 -57.35 -5.16 2.44
CA PRO C 85 -57.68 -6.37 3.20
C PRO C 85 -58.44 -7.39 2.39
N ASN C 86 -59.05 -7.00 1.28
CA ASN C 86 -59.76 -7.93 0.41
C ASN C 86 -58.99 -8.27 -0.86
N SER C 87 -57.68 -8.09 -0.86
CA SER C 87 -56.83 -8.44 -1.99
C SER C 87 -56.59 -9.95 -1.97
N LYS C 88 -57.64 -10.69 -2.33
CA LYS C 88 -57.66 -12.13 -2.15
C LYS C 88 -57.54 -12.92 -3.45
N ASN C 89 -57.69 -12.27 -4.61
CA ASN C 89 -57.58 -12.93 -5.90
C ASN C 89 -56.12 -12.93 -6.35
N GLY C 90 -55.51 -14.11 -6.31
CA GLY C 90 -54.13 -14.25 -6.75
C GLY C 90 -54.10 -15.30 -7.84
N ILE C 91 -53.53 -16.47 -7.57
CA ILE C 91 -53.58 -17.56 -8.53
C ILE C 91 -54.91 -18.28 -8.36
N CYS C 92 -55.70 -18.37 -9.42
CA CYS C 92 -56.97 -19.08 -9.33
C CYS C 92 -56.78 -20.57 -9.56
N TYR C 93 -55.90 -20.93 -10.42
CA TYR C 93 -55.61 -22.35 -10.52
C TYR C 93 -54.48 -22.69 -9.54
N PRO C 94 -54.65 -23.72 -8.70
CA PRO C 94 -53.71 -23.93 -7.58
C PRO C 94 -52.29 -24.30 -8.00
N GLY C 95 -51.34 -23.91 -7.17
CA GLY C 95 -49.95 -24.26 -7.40
C GLY C 95 -49.03 -23.35 -6.61
N ASP C 96 -47.80 -23.24 -7.09
CA ASP C 96 -46.75 -22.52 -6.41
C ASP C 96 -46.26 -21.43 -7.36
N PHE C 97 -46.24 -20.20 -6.86
CA PHE C 97 -45.73 -19.04 -7.59
C PHE C 97 -44.28 -18.89 -7.14
N ILE C 98 -43.35 -19.36 -7.96
CA ILE C 98 -41.97 -19.48 -7.50
C ILE C 98 -41.34 -18.09 -7.39
N ASP C 99 -40.68 -17.84 -6.27
CA ASP C 99 -40.03 -16.57 -6.00
C ASP C 99 -41.01 -15.41 -6.16
N TYR C 100 -42.21 -15.64 -5.63
CA TYR C 100 -43.27 -14.63 -5.61
C TYR C 100 -42.87 -13.39 -4.82
N GLU C 101 -42.34 -13.57 -3.61
CA GLU C 101 -41.96 -12.42 -2.80
C GLU C 101 -40.87 -11.60 -3.48
N GLU C 102 -39.93 -12.27 -4.18
CA GLU C 102 -38.95 -11.54 -4.98
C GLU C 102 -39.61 -10.73 -6.09
N LEU C 103 -40.62 -11.29 -6.76
CA LEU C 103 -41.30 -10.53 -7.81
C LEU C 103 -41.99 -9.30 -7.22
N ARG C 104 -42.64 -9.46 -6.07
CA ARG C 104 -43.21 -8.32 -5.37
C ARG C 104 -42.14 -7.25 -5.11
N GLU C 105 -40.95 -7.66 -4.66
CA GLU C 105 -39.89 -6.69 -4.43
C GLU C 105 -39.46 -6.02 -5.72
N GLN C 106 -39.33 -6.79 -6.80
CA GLN C 106 -39.00 -6.22 -8.10
C GLN C 106 -40.03 -5.17 -8.53
N LEU C 107 -41.32 -5.51 -8.44
CA LEU C 107 -42.37 -4.58 -8.88
C LEU C 107 -42.48 -3.37 -7.98
N SER C 108 -41.91 -3.42 -6.80
CA SER C 108 -42.00 -2.32 -5.88
C SER C 108 -41.17 -1.13 -6.32
N SER C 109 -40.24 -1.33 -7.26
CA SER C 109 -39.43 -0.26 -7.81
C SER C 109 -39.77 0.05 -9.26
N VAL C 110 -40.88 -0.46 -9.75
CA VAL C 110 -41.35 -0.17 -11.11
C VAL C 110 -42.24 1.07 -11.05
N SER C 111 -41.86 2.11 -11.80
CA SER C 111 -42.72 3.27 -11.90
C SER C 111 -43.72 3.18 -13.06
N SER C 112 -43.36 2.51 -14.14
CA SER C 112 -44.29 2.36 -15.24
C SER C 112 -43.89 1.13 -16.04
N PHE C 113 -44.86 0.53 -16.74
CA PHE C 113 -44.49 -0.54 -17.66
C PHE C 113 -45.40 -0.53 -18.87
N GLU C 114 -44.96 -1.27 -19.90
CA GLU C 114 -45.69 -1.41 -21.14
C GLU C 114 -46.07 -2.87 -21.24
N ARG C 115 -47.36 -3.16 -21.13
CA ARG C 115 -47.85 -4.51 -21.31
C ARG C 115 -47.97 -4.76 -22.81
N PHE C 116 -47.37 -5.83 -23.29
CA PHE C 116 -47.37 -6.11 -24.72
C PHE C 116 -47.48 -7.62 -24.92
N GLU C 117 -48.02 -8.00 -26.07
CA GLU C 117 -48.17 -9.41 -26.44
C GLU C 117 -46.83 -9.93 -26.93
N ILE C 118 -46.18 -10.75 -26.11
CA ILE C 118 -44.88 -11.30 -26.46
C ILE C 118 -45.02 -12.46 -27.46
N PHE C 119 -46.08 -13.24 -27.35
CA PHE C 119 -46.41 -14.25 -28.35
C PHE C 119 -47.85 -14.00 -28.81
N PRO C 120 -48.04 -13.24 -29.93
CA PRO C 120 -49.41 -13.05 -30.49
C PRO C 120 -50.14 -14.37 -30.64
N LYS C 121 -51.29 -14.48 -29.98
CA LYS C 121 -51.97 -15.78 -29.84
C LYS C 121 -52.29 -16.44 -31.18
N GLU C 122 -52.77 -15.68 -32.16
CA GLU C 122 -53.33 -16.27 -33.36
C GLU C 122 -52.32 -16.70 -34.39
N SER C 123 -51.05 -16.35 -34.21
CA SER C 123 -50.02 -16.58 -35.23
C SER C 123 -48.80 -17.27 -34.69
N SER C 124 -48.70 -17.43 -33.39
CA SER C 124 -47.46 -17.99 -32.83
C SER C 124 -47.52 -19.50 -32.66
N TRP C 125 -48.70 -20.08 -32.67
CA TRP C 125 -48.87 -21.49 -32.30
C TRP C 125 -49.66 -22.26 -33.37
N PRO C 126 -49.14 -22.33 -34.60
CA PRO C 126 -49.91 -23.00 -35.66
C PRO C 126 -50.13 -24.49 -35.42
N LYS C 127 -49.24 -25.16 -34.68
CA LYS C 127 -49.38 -26.60 -34.46
C LYS C 127 -50.02 -26.97 -33.12
N HIS C 128 -50.51 -26.01 -32.34
CA HIS C 128 -51.10 -26.31 -31.05
C HIS C 128 -52.42 -25.56 -30.89
N SER C 129 -53.25 -26.03 -29.96
CA SER C 129 -54.53 -25.38 -29.66
C SER C 129 -54.35 -24.23 -28.65
N THR C 130 -54.92 -23.07 -28.98
CA THR C 130 -54.88 -21.92 -28.10
C THR C 130 -56.26 -21.59 -27.54
N THR C 131 -57.24 -22.48 -27.76
CA THR C 131 -58.64 -22.23 -27.46
C THR C 131 -59.25 -23.14 -26.40
N LYS C 132 -58.53 -24.13 -25.88
CA LYS C 132 -59.09 -25.06 -24.90
C LYS C 132 -58.44 -24.93 -23.52
N GLY C 133 -57.48 -24.04 -23.35
CA GLY C 133 -56.82 -23.92 -22.07
C GLY C 133 -57.57 -23.05 -21.07
N VAL C 134 -58.80 -23.44 -20.72
CA VAL C 134 -59.61 -22.72 -19.75
C VAL C 134 -59.96 -23.68 -18.62
N THR C 135 -60.37 -23.12 -17.49
CA THR C 135 -60.65 -23.94 -16.32
C THR C 135 -61.74 -23.31 -15.47
N ALA C 136 -62.47 -24.17 -14.76
CA ALA C 136 -63.50 -23.68 -13.86
C ALA C 136 -62.93 -22.95 -12.65
N ALA C 137 -61.65 -23.14 -12.36
CA ALA C 137 -61.03 -22.41 -11.26
C ALA C 137 -60.82 -20.94 -11.60
N CYS C 138 -60.70 -20.61 -12.90
CA CYS C 138 -60.57 -19.21 -13.32
C CYS C 138 -61.81 -18.79 -14.09
N SER C 139 -62.97 -18.93 -13.47
CA SER C 139 -64.20 -18.57 -14.14
C SER C 139 -64.31 -17.06 -14.33
N HIS C 140 -65.00 -16.70 -15.41
CA HIS C 140 -65.34 -15.33 -15.75
C HIS C 140 -66.65 -15.38 -16.52
N ALA C 141 -67.60 -14.54 -16.14
CA ALA C 141 -68.89 -14.46 -16.83
C ALA C 141 -69.59 -15.82 -16.89
N GLY C 142 -69.48 -16.61 -15.81
CA GLY C 142 -70.18 -17.88 -15.77
C GLY C 142 -69.52 -18.99 -16.57
N LYS C 143 -68.45 -18.71 -17.30
CA LYS C 143 -67.76 -19.71 -18.09
C LYS C 143 -66.38 -19.94 -17.53
N SER C 144 -65.82 -21.09 -17.87
CA SER C 144 -64.42 -21.34 -17.59
C SER C 144 -63.57 -20.39 -18.42
N SER C 145 -62.47 -19.92 -17.83
CA SER C 145 -61.63 -18.92 -18.48
C SER C 145 -60.18 -19.17 -18.04
N PHE C 146 -59.34 -18.14 -18.09
CA PHE C 146 -57.94 -18.30 -17.75
C PHE C 146 -57.34 -16.91 -17.61
N TYR C 147 -56.09 -16.87 -17.15
CA TYR C 147 -55.31 -15.65 -17.07
C TYR C 147 -55.21 -14.97 -18.43
N ARG C 148 -55.11 -13.64 -18.41
CA ARG C 148 -54.97 -12.87 -19.63
C ARG C 148 -53.52 -12.75 -20.09
N ASN C 149 -52.56 -13.03 -19.22
CA ASN C 149 -51.17 -12.86 -19.59
C ASN C 149 -50.49 -14.19 -19.85
N LEU C 150 -51.23 -15.30 -19.73
CA LEU C 150 -50.74 -16.62 -20.01
C LEU C 150 -51.66 -17.28 -21.03
N LEU C 151 -51.11 -18.25 -21.75
CA LEU C 151 -51.86 -18.99 -22.76
C LEU C 151 -51.61 -20.47 -22.56
N TRP C 152 -52.66 -21.19 -22.19
CA TRP C 152 -52.56 -22.60 -21.84
C TRP C 152 -52.69 -23.42 -23.11
N LEU C 153 -51.56 -23.78 -23.70
CA LEU C 153 -51.57 -24.50 -24.97
C LEU C 153 -51.93 -25.97 -24.74
N THR C 154 -52.67 -26.55 -25.68
CA THR C 154 -53.00 -27.97 -25.62
C THR C 154 -52.83 -28.56 -27.02
N LYS C 155 -52.96 -29.88 -27.11
CA LYS C 155 -52.74 -30.56 -28.38
C LYS C 155 -53.77 -30.13 -29.42
N LYS C 156 -53.37 -30.23 -30.67
CA LYS C 156 -54.18 -29.91 -31.85
C LYS C 156 -54.25 -31.17 -32.72
N GLU C 157 -55.46 -31.64 -32.98
CA GLU C 157 -55.67 -32.80 -33.84
C GLU C 157 -54.86 -34.00 -33.33
N ASP C 158 -54.97 -34.23 -32.02
CA ASP C 158 -54.41 -35.38 -31.28
C ASP C 158 -52.89 -35.45 -31.27
N SER C 159 -52.20 -34.34 -31.51
CA SER C 159 -50.74 -34.36 -31.45
C SER C 159 -50.24 -33.07 -30.85
N TYR C 160 -49.13 -33.16 -30.13
CA TYR C 160 -48.46 -32.01 -29.55
C TYR C 160 -47.02 -32.05 -30.03
N PRO C 161 -46.75 -31.48 -31.19
CA PRO C 161 -45.38 -31.46 -31.71
C PRO C 161 -44.49 -30.64 -30.81
N LYS C 162 -43.19 -30.92 -30.91
CA LYS C 162 -42.22 -30.15 -30.14
C LYS C 162 -42.32 -28.69 -30.55
N LEU C 163 -42.52 -27.83 -29.57
CA LEU C 163 -42.68 -26.41 -29.84
C LEU C 163 -41.43 -25.64 -29.44
N SER C 164 -41.09 -24.64 -30.23
CA SER C 164 -39.90 -23.82 -29.96
C SER C 164 -40.22 -22.39 -30.33
N ASN C 165 -40.24 -21.51 -29.35
CA ASN C 165 -40.55 -20.11 -29.62
C ASN C 165 -39.58 -19.23 -28.86
N SER C 166 -39.11 -18.18 -29.51
CA SER C 166 -38.15 -17.32 -28.87
C SER C 166 -38.59 -15.87 -29.02
N TYR C 167 -38.18 -15.04 -28.07
CA TYR C 167 -38.45 -13.60 -28.11
C TYR C 167 -37.15 -12.85 -27.88
N VAL C 168 -36.88 -11.88 -28.75
CA VAL C 168 -35.73 -11.00 -28.62
C VAL C 168 -36.21 -9.67 -28.07
N ASN C 169 -35.66 -9.26 -26.93
CA ASN C 169 -36.05 -8.01 -26.26
C ASN C 169 -35.46 -6.83 -27.03
N LYS C 170 -36.30 -6.15 -27.81
CA LYS C 170 -35.90 -4.96 -28.55
C LYS C 170 -36.48 -3.68 -27.93
N LYS C 171 -36.81 -3.73 -26.64
CA LYS C 171 -37.53 -2.65 -25.98
C LYS C 171 -36.64 -1.62 -25.31
N GLY C 172 -35.34 -1.90 -25.19
CA GLY C 172 -34.46 -1.00 -24.45
C GLY C 172 -34.66 -1.00 -22.95
N LYS C 173 -35.41 -1.96 -22.41
CA LYS C 173 -35.74 -2.05 -20.98
C LYS C 173 -35.77 -3.52 -20.59
N GLU C 174 -35.67 -3.80 -19.30
CA GLU C 174 -35.95 -5.16 -18.86
C GLU C 174 -37.38 -5.54 -19.21
N VAL C 175 -37.54 -6.77 -19.65
CA VAL C 175 -38.87 -7.34 -19.92
C VAL C 175 -39.09 -8.45 -18.92
N LEU C 176 -40.20 -8.34 -18.19
CA LEU C 176 -40.66 -9.35 -17.23
C LEU C 176 -41.48 -10.39 -17.96
N VAL C 177 -41.03 -11.64 -17.94
CA VAL C 177 -41.71 -12.71 -18.65
C VAL C 177 -42.24 -13.70 -17.62
N LEU C 178 -43.51 -14.04 -17.73
CA LEU C 178 -44.12 -15.03 -16.86
C LEU C 178 -44.62 -16.20 -17.69
N TRP C 179 -44.51 -17.39 -17.14
CA TRP C 179 -45.06 -18.57 -17.75
C TRP C 179 -45.39 -19.52 -16.61
N GLY C 180 -46.01 -20.64 -16.98
CA GLY C 180 -46.31 -21.68 -16.02
C GLY C 180 -46.00 -23.04 -16.61
N VAL C 181 -45.87 -24.01 -15.70
CA VAL C 181 -45.75 -25.43 -16.02
C VAL C 181 -46.88 -26.16 -15.33
N HIS C 182 -47.65 -26.92 -16.09
CA HIS C 182 -48.82 -27.60 -15.56
C HIS C 182 -48.45 -29.03 -15.19
N HIS C 183 -48.90 -29.44 -14.01
CA HIS C 183 -48.60 -30.77 -13.48
C HIS C 183 -49.92 -31.49 -13.32
N PRO C 184 -50.30 -32.35 -14.27
CA PRO C 184 -51.65 -32.93 -14.25
C PRO C 184 -51.78 -33.96 -13.14
N SER C 185 -53.04 -34.32 -12.88
CA SER C 185 -53.36 -35.22 -11.78
C SER C 185 -53.34 -36.69 -12.17
N SER C 186 -53.35 -37.02 -13.46
CA SER C 186 -53.30 -38.42 -13.88
C SER C 186 -52.67 -38.48 -15.26
N SER C 187 -52.24 -39.68 -15.64
CA SER C 187 -51.72 -39.90 -16.99
C SER C 187 -52.82 -39.84 -18.05
N LYS C 188 -54.07 -40.18 -17.70
CA LYS C 188 -55.17 -39.93 -18.61
C LYS C 188 -55.30 -38.43 -18.89
N GLU C 189 -55.17 -37.60 -17.85
CA GLU C 189 -55.25 -36.16 -18.07
C GLU C 189 -54.07 -35.67 -18.92
N GLN C 190 -52.87 -36.19 -18.66
CA GLN C 190 -51.71 -35.83 -19.48
C GLN C 190 -51.96 -36.12 -20.95
N GLN C 191 -52.46 -37.33 -21.25
CA GLN C 191 -52.67 -37.74 -22.63
C GLN C 191 -53.79 -36.91 -23.28
N THR C 192 -54.83 -36.59 -22.51
CA THR C 192 -55.93 -35.78 -23.03
C THR C 192 -55.46 -34.37 -23.38
N LEU C 193 -54.62 -33.77 -22.54
CA LEU C 193 -54.21 -32.40 -22.80
C LEU C 193 -53.08 -32.32 -23.81
N TYR C 194 -52.08 -33.20 -23.69
CA TYR C 194 -50.84 -33.03 -24.40
C TYR C 194 -50.40 -34.25 -25.19
N GLN C 195 -51.17 -35.34 -25.18
CA GLN C 195 -50.81 -36.57 -25.88
C GLN C 195 -49.55 -37.25 -25.35
N ASN C 196 -48.40 -36.57 -25.41
CA ASN C 196 -47.13 -37.22 -25.04
C ASN C 196 -47.07 -37.49 -23.55
N GLU C 197 -46.63 -38.71 -23.19
CA GLU C 197 -46.62 -39.10 -21.77
C GLU C 197 -45.43 -38.54 -21.04
N ASN C 198 -44.26 -38.42 -21.68
CA ASN C 198 -43.06 -37.93 -21.00
C ASN C 198 -42.68 -36.57 -21.58
N ALA C 199 -43.09 -35.52 -20.87
CA ALA C 199 -42.97 -34.16 -21.38
C ALA C 199 -41.86 -33.42 -20.66
N TYR C 200 -41.48 -32.30 -21.24
CA TYR C 200 -40.50 -31.41 -20.65
C TYR C 200 -40.85 -30.00 -21.08
N VAL C 201 -40.40 -29.04 -20.28
CA VAL C 201 -40.41 -27.64 -20.67
C VAL C 201 -39.03 -27.03 -20.40
N SER C 202 -38.46 -26.37 -21.40
CA SER C 202 -37.19 -25.72 -21.15
C SER C 202 -37.39 -24.24 -21.46
N VAL C 203 -36.84 -23.38 -20.61
CA VAL C 203 -36.86 -21.93 -20.77
C VAL C 203 -35.45 -21.44 -20.56
N VAL C 204 -34.84 -20.87 -21.59
CA VAL C 204 -33.45 -20.46 -21.50
C VAL C 204 -33.28 -19.06 -22.08
N SER C 205 -32.40 -18.28 -21.48
CA SER C 205 -31.98 -16.98 -22.01
C SER C 205 -30.47 -16.92 -21.86
N SER C 206 -29.90 -15.70 -21.86
CA SER C 206 -28.46 -15.58 -21.63
C SER C 206 -28.08 -15.69 -20.16
N ASN C 207 -29.01 -15.37 -19.23
CA ASN C 207 -28.72 -15.47 -17.81
C ASN C 207 -29.83 -16.22 -17.06
N TYR C 208 -30.69 -16.94 -17.78
CA TYR C 208 -31.68 -17.83 -17.16
C TYR C 208 -31.65 -19.15 -17.92
N ASN C 209 -31.73 -20.26 -17.18
CA ASN C 209 -31.53 -21.58 -17.83
C ASN C 209 -32.15 -22.64 -16.91
N ARG C 210 -33.42 -22.96 -17.15
CA ARG C 210 -34.13 -23.94 -16.33
C ARG C 210 -34.92 -24.91 -17.20
N ARG C 211 -34.99 -26.16 -16.75
CA ARG C 211 -35.72 -27.25 -17.40
C ARG C 211 -36.69 -27.90 -16.41
N PHE C 212 -37.93 -28.17 -16.85
CA PHE C 212 -39.00 -28.67 -15.97
C PHE C 212 -39.55 -29.99 -16.48
N ILE C 213 -39.69 -30.96 -15.58
CA ILE C 213 -40.33 -32.24 -15.86
C ILE C 213 -41.67 -32.27 -15.13
N PRO C 214 -42.80 -32.19 -15.83
CA PRO C 214 -44.09 -32.29 -15.13
C PRO C 214 -44.20 -33.59 -14.35
N GLU C 215 -44.80 -33.49 -13.18
CA GLU C 215 -44.95 -34.59 -12.25
C GLU C 215 -46.43 -34.92 -12.14
N ILE C 216 -46.77 -36.20 -12.36
CA ILE C 216 -48.13 -36.68 -12.21
C ILE C 216 -48.27 -37.32 -10.83
N ALA C 217 -49.26 -36.86 -10.06
CA ALA C 217 -49.49 -37.39 -8.73
C ALA C 217 -50.93 -37.16 -8.31
N GLU C 218 -51.40 -38.01 -7.40
CA GLU C 218 -52.67 -37.82 -6.73
C GLU C 218 -52.49 -36.72 -5.69
N ARG C 219 -53.29 -35.67 -5.79
CA ARG C 219 -53.18 -34.53 -4.90
C ARG C 219 -54.55 -34.19 -4.33
N PRO C 220 -54.61 -33.63 -3.13
CA PRO C 220 -55.87 -33.08 -2.64
C PRO C 220 -56.34 -31.98 -3.59
N GLU C 221 -57.65 -31.90 -3.78
CA GLU C 221 -58.22 -30.91 -4.68
C GLU C 221 -58.30 -29.55 -4.00
N VAL C 222 -57.82 -28.53 -4.69
CA VAL C 222 -57.97 -27.14 -4.28
C VAL C 222 -58.75 -26.47 -5.39
N LYS C 223 -59.89 -25.90 -5.03
CA LYS C 223 -60.84 -25.31 -6.00
C LYS C 223 -61.16 -26.40 -7.00
N ASP C 224 -61.40 -27.60 -6.49
CA ASP C 224 -61.76 -28.80 -7.24
C ASP C 224 -60.69 -29.20 -8.24
N GLN C 225 -59.45 -28.72 -8.08
CA GLN C 225 -58.39 -29.02 -9.03
C GLN C 225 -57.38 -29.90 -8.32
N ALA C 226 -57.17 -31.12 -8.81
CA ALA C 226 -56.10 -31.95 -8.28
C ALA C 226 -54.79 -31.79 -9.03
N GLY C 227 -54.80 -31.09 -10.16
CA GLY C 227 -53.57 -30.70 -10.80
C GLY C 227 -52.97 -29.49 -10.13
N ARG C 228 -51.82 -29.10 -10.64
CA ARG C 228 -51.12 -27.91 -10.11
C ARG C 228 -50.42 -27.19 -11.26
N ILE C 229 -50.36 -25.88 -11.16
CA ILE C 229 -49.54 -25.10 -12.07
C ILE C 229 -48.46 -24.42 -11.25
N ASN C 230 -47.20 -24.59 -11.66
CA ASN C 230 -46.13 -23.78 -11.13
C ASN C 230 -45.97 -22.56 -12.03
N TYR C 231 -46.00 -21.36 -11.42
CA TYR C 231 -45.85 -20.10 -12.13
C TYR C 231 -44.43 -19.60 -11.92
N TYR C 232 -43.81 -19.17 -13.01
CA TYR C 232 -42.44 -18.72 -12.98
C TYR C 232 -42.33 -17.37 -13.65
N TRP C 233 -41.23 -16.67 -13.36
CA TRP C 233 -40.96 -15.38 -13.96
C TRP C 233 -39.46 -15.19 -14.07
N THR C 234 -39.06 -14.34 -15.01
CA THR C 234 -37.67 -13.92 -15.07
C THR C 234 -37.63 -12.54 -15.72
N LEU C 235 -36.53 -11.82 -15.48
CA LEU C 235 -36.32 -10.51 -16.10
C LEU C 235 -35.36 -10.67 -17.25
N LEU C 236 -35.83 -10.39 -18.46
CA LEU C 236 -35.03 -10.53 -19.66
C LEU C 236 -34.33 -9.22 -19.95
N GLU C 237 -33.01 -9.25 -19.96
CA GLU C 237 -32.24 -8.04 -20.15
C GLU C 237 -32.40 -7.50 -21.58
N PRO C 238 -32.20 -6.20 -21.75
CA PRO C 238 -32.27 -5.62 -23.11
C PRO C 238 -31.32 -6.29 -24.09
N GLY C 239 -31.85 -6.65 -25.26
CA GLY C 239 -31.07 -7.32 -26.27
C GLY C 239 -31.03 -8.83 -26.14
N ASP C 240 -31.42 -9.38 -25.00
CA ASP C 240 -31.31 -10.80 -24.75
C ASP C 240 -32.48 -11.56 -25.39
N THR C 241 -32.30 -12.86 -25.56
CA THR C 241 -33.30 -13.71 -26.16
C THR C 241 -33.72 -14.75 -25.14
N ILE C 242 -35.03 -14.99 -25.04
CA ILE C 242 -35.56 -16.09 -24.23
C ILE C 242 -36.21 -17.08 -25.20
N ILE C 243 -35.88 -18.36 -25.02
CA ILE C 243 -36.37 -19.42 -25.88
C ILE C 243 -37.19 -20.37 -25.01
N PHE C 244 -38.44 -20.63 -25.42
CA PHE C 244 -39.30 -21.60 -24.80
C PHE C 244 -39.37 -22.84 -25.68
N GLU C 245 -39.17 -24.01 -25.07
CA GLU C 245 -39.23 -25.27 -25.78
C GLU C 245 -40.01 -26.26 -24.93
N ALA C 246 -40.93 -26.98 -25.56
CA ALA C 246 -41.76 -27.92 -24.80
C ALA C 246 -42.38 -28.94 -25.74
N ASN C 247 -42.72 -30.10 -25.18
CA ASN C 247 -43.60 -31.03 -25.87
C ASN C 247 -44.82 -31.36 -25.01
N GLY C 248 -45.17 -30.46 -24.10
CA GLY C 248 -46.35 -30.59 -23.28
C GLY C 248 -46.25 -29.72 -22.05
N ASN C 249 -47.40 -29.50 -21.42
CA ASN C 249 -47.49 -28.92 -20.08
C ASN C 249 -47.04 -27.46 -20.00
N LEU C 250 -46.92 -26.77 -21.11
CA LEU C 250 -46.45 -25.39 -21.06
C LEU C 250 -47.66 -24.46 -21.00
N VAL C 251 -47.74 -23.64 -19.94
CA VAL C 251 -48.63 -22.50 -19.90
C VAL C 251 -47.80 -21.35 -20.48
N ALA C 252 -47.99 -21.09 -21.76
CA ALA C 252 -47.03 -20.24 -22.46
C ALA C 252 -47.24 -18.78 -22.09
N PRO C 253 -46.18 -17.97 -22.09
CA PRO C 253 -46.38 -16.53 -21.91
C PRO C 253 -47.20 -16.00 -23.08
N TRP C 254 -48.15 -15.14 -22.75
CA TRP C 254 -48.92 -14.45 -23.76
C TRP C 254 -48.62 -12.95 -23.74
N TYR C 255 -48.65 -12.31 -22.57
CA TYR C 255 -48.29 -10.91 -22.42
C TYR C 255 -47.12 -10.76 -21.45
N ALA C 256 -46.20 -9.88 -21.82
CA ALA C 256 -45.06 -9.55 -20.97
C ALA C 256 -45.03 -8.04 -20.71
N PHE C 257 -44.08 -7.61 -19.89
CA PHE C 257 -44.06 -6.24 -19.40
C PHE C 257 -42.69 -5.63 -19.59
N ALA C 258 -42.61 -4.57 -20.39
CA ALA C 258 -41.38 -3.80 -20.49
C ALA C 258 -41.36 -2.75 -19.36
N LEU C 259 -40.39 -2.88 -18.45
CA LEU C 259 -40.37 -2.18 -17.17
C LEU C 259 -39.53 -0.92 -17.20
N SER C 260 -40.04 0.13 -16.54
CA SER C 260 -39.29 1.34 -16.21
C SER C 260 -39.13 1.40 -14.69
N ARG C 261 -37.88 1.47 -14.23
CA ARG C 261 -37.61 1.54 -12.81
C ARG C 261 -37.76 2.97 -12.34
N GLY C 262 -38.13 3.12 -11.07
CA GLY C 262 -38.28 4.43 -10.47
C GLY C 262 -37.83 4.38 -9.03
N PHE C 263 -37.90 5.53 -8.37
CA PHE C 263 -37.51 5.66 -6.98
C PHE C 263 -38.71 5.98 -6.12
N GLY C 264 -38.76 5.40 -4.92
CA GLY C 264 -39.71 5.82 -3.90
C GLY C 264 -41.05 5.14 -3.89
N SER C 265 -41.28 4.15 -4.75
CA SER C 265 -42.55 3.43 -4.75
C SER C 265 -42.53 2.33 -3.69
N GLY C 266 -43.64 1.60 -3.62
CA GLY C 266 -43.79 0.53 -2.65
C GLY C 266 -45.20 -0.02 -2.71
N ILE C 267 -45.39 -1.15 -2.03
CA ILE C 267 -46.70 -1.79 -1.93
C ILE C 267 -47.18 -1.62 -0.50
N ILE C 268 -48.38 -1.04 -0.34
CA ILE C 268 -48.96 -0.87 0.98
C ILE C 268 -50.34 -1.52 1.00
N THR C 269 -50.79 -1.83 2.21
CA THR C 269 -52.13 -2.37 2.44
C THR C 269 -52.97 -1.33 3.16
N SER C 270 -54.03 -0.89 2.50
CA SER C 270 -54.87 0.15 3.06
C SER C 270 -56.34 -0.18 2.79
N ASN C 271 -57.21 0.27 3.69
CA ASN C 271 -58.64 0.29 3.47
C ASN C 271 -59.14 1.69 3.14
N ALA C 272 -58.25 2.65 3.03
CA ALA C 272 -58.67 4.00 2.71
C ALA C 272 -59.04 4.09 1.22
N SER C 273 -59.84 5.09 0.90
CA SER C 273 -60.34 5.28 -0.45
C SER C 273 -59.61 6.41 -1.16
N MET C 274 -59.49 6.27 -2.48
CA MET C 274 -58.82 7.26 -3.31
C MET C 274 -59.68 8.51 -3.49
N HIS C 275 -59.05 9.69 -3.38
CA HIS C 275 -59.67 10.98 -3.60
C HIS C 275 -58.78 11.83 -4.51
N GLU C 276 -59.30 12.99 -4.91
CA GLU C 276 -58.56 13.87 -5.81
C GLU C 276 -57.68 14.85 -5.04
N CYS C 277 -56.86 14.32 -4.15
CA CYS C 277 -55.85 15.08 -3.41
C CYS C 277 -54.47 14.76 -3.95
N ASN C 278 -53.53 15.68 -3.68
CA ASN C 278 -52.12 15.47 -3.95
C ASN C 278 -51.36 15.60 -2.64
N THR C 279 -50.41 14.72 -2.39
CA THR C 279 -49.72 14.72 -1.11
C THR C 279 -48.23 14.47 -1.29
N LYS C 280 -47.46 14.93 -0.31
CA LYS C 280 -46.05 14.61 -0.26
C LYS C 280 -45.79 13.35 0.56
N CYS C 281 -46.76 12.94 1.38
CA CYS C 281 -46.59 11.83 2.32
C CYS C 281 -47.89 11.02 2.41
N GLN C 282 -47.79 9.71 2.23
CA GLN C 282 -48.95 8.82 2.26
C GLN C 282 -48.70 7.65 3.19
N THR C 283 -49.68 7.35 4.05
CA THR C 283 -49.65 6.17 4.93
C THR C 283 -50.87 5.33 4.60
N PRO C 284 -50.92 4.08 5.05
CA PRO C 284 -52.15 3.29 4.86
C PRO C 284 -53.40 3.90 5.48
N GLN C 285 -53.27 4.80 6.45
CA GLN C 285 -54.47 5.37 7.04
C GLN C 285 -54.93 6.65 6.36
N GLY C 286 -54.02 7.38 5.74
CA GLY C 286 -54.36 8.64 5.12
C GLY C 286 -53.12 9.45 4.87
N ALA C 287 -53.27 10.49 4.06
CA ALA C 287 -52.12 11.29 3.67
C ALA C 287 -51.77 12.28 4.76
N ILE C 288 -50.48 12.59 4.88
CA ILE C 288 -49.98 13.50 5.89
C ILE C 288 -49.48 14.75 5.17
N ASN C 289 -49.86 15.91 5.71
CA ASN C 289 -49.41 17.21 5.26
C ASN C 289 -48.83 17.93 6.48
N SER C 290 -47.52 17.82 6.67
CA SER C 290 -46.91 18.31 7.90
C SER C 290 -45.43 18.54 7.70
N SER C 291 -44.88 19.43 8.55
CA SER C 291 -43.45 19.67 8.66
C SER C 291 -42.90 19.24 10.01
N LEU C 292 -43.71 18.58 10.83
CA LEU C 292 -43.24 18.10 12.12
C LEU C 292 -42.24 16.97 11.92
N PRO C 293 -41.27 16.84 12.81
CA PRO C 293 -40.26 15.79 12.61
C PRO C 293 -40.79 14.39 12.89
N PHE C 294 -41.89 14.27 13.65
CA PHE C 294 -42.40 12.97 14.07
C PHE C 294 -43.89 12.83 13.79
N GLN C 295 -44.31 11.59 13.60
CA GLN C 295 -45.72 11.20 13.52
C GLN C 295 -45.91 9.89 14.27
N ASN C 296 -47.16 9.66 14.70
CA ASN C 296 -47.51 8.38 15.30
C ASN C 296 -48.70 7.74 14.57
N ILE C 297 -48.84 8.05 13.28
CA ILE C 297 -49.96 7.56 12.50
C ILE C 297 -49.69 6.17 11.92
N HIS C 298 -48.52 5.97 11.28
CA HIS C 298 -48.24 4.64 10.76
C HIS C 298 -46.77 4.45 10.44
N PRO C 299 -46.20 3.28 10.74
CA PRO C 299 -44.81 3.00 10.33
C PRO C 299 -44.62 2.87 8.82
N VAL C 300 -45.67 2.53 8.07
CA VAL C 300 -45.59 2.37 6.63
C VAL C 300 -45.80 3.72 5.97
N THR C 301 -44.85 4.17 5.15
CA THR C 301 -44.93 5.52 4.58
C THR C 301 -44.46 5.50 3.13
N ILE C 302 -45.06 6.39 2.34
CA ILE C 302 -44.71 6.61 0.94
C ILE C 302 -44.37 8.08 0.77
N GLY C 303 -43.18 8.36 0.26
CA GLY C 303 -42.81 9.75 -0.01
C GLY C 303 -41.87 10.32 1.03
N GLU C 304 -42.02 11.62 1.36
CA GLU C 304 -41.24 12.30 2.39
C GLU C 304 -42.15 12.51 3.58
N CYS C 305 -41.84 11.83 4.69
CA CYS C 305 -42.69 11.78 5.87
C CYS C 305 -41.93 12.08 7.14
N PRO C 306 -42.64 12.44 8.21
CA PRO C 306 -42.00 12.48 9.54
C PRO C 306 -41.66 11.08 10.02
N LYS C 307 -40.68 11.03 10.92
CA LYS C 307 -40.26 9.74 11.47
C LYS C 307 -41.35 9.16 12.35
N TYR C 308 -41.69 7.90 12.11
CA TYR C 308 -42.68 7.24 12.94
C TYR C 308 -42.08 6.92 14.30
N VAL C 309 -42.84 7.21 15.35
CA VAL C 309 -42.43 6.89 16.71
C VAL C 309 -43.66 6.36 17.43
N LYS C 310 -43.44 5.60 18.49
CA LYS C 310 -44.52 4.95 19.25
C LYS C 310 -44.91 5.81 20.45
N SER C 311 -44.97 7.11 20.28
CA SER C 311 -45.27 7.98 21.40
C SER C 311 -46.63 8.60 21.17
N ALA C 312 -47.29 8.97 22.26
CA ALA C 312 -48.56 9.66 22.20
C ALA C 312 -48.42 11.16 22.31
N LYS C 313 -47.30 11.66 22.83
CA LYS C 313 -47.10 13.09 23.02
C LYS C 313 -45.62 13.39 22.89
N LEU C 314 -45.33 14.46 22.14
CA LEU C 314 -43.99 15.05 21.99
C LEU C 314 -44.21 16.55 21.86
N ARG C 315 -44.49 17.20 22.99
CA ARG C 315 -44.68 18.64 23.06
C ARG C 315 -43.44 19.28 23.66
N MET C 316 -42.90 20.28 22.98
CA MET C 316 -41.69 20.97 23.40
C MET C 316 -42.08 22.31 24.00
N VAL C 317 -41.65 22.58 25.22
CA VAL C 317 -41.87 23.89 25.80
C VAL C 317 -41.01 24.93 25.07
N THR C 318 -41.64 26.05 24.71
CA THR C 318 -40.94 27.21 24.18
C THR C 318 -41.01 28.41 25.11
N GLY C 319 -42.15 28.59 25.78
CA GLY C 319 -42.35 29.61 26.79
C GLY C 319 -41.90 29.15 28.17
N LEU C 320 -42.56 29.67 29.19
CA LEU C 320 -42.18 29.37 30.58
C LEU C 320 -43.38 28.78 31.33
N ARG C 321 -43.17 28.51 32.62
CA ARG C 321 -44.22 27.99 33.48
C ARG C 321 -45.37 29.00 33.56
N ASN C 322 -46.60 28.53 33.42
CA ASN C 322 -47.76 29.41 33.40
C ASN C 322 -48.26 29.58 34.83
N ILE C 323 -48.03 30.75 35.42
CA ILE C 323 -48.43 31.02 36.80
C ILE C 323 -49.33 32.25 36.85
N PRO C 324 -50.64 32.10 36.59
CA PRO C 324 -51.52 33.28 36.59
C PRO C 324 -52.16 33.60 37.95
N GLY C 330 -37.06 26.94 41.04
CA GLY C 330 -36.25 27.10 39.82
C GLY C 330 -34.78 26.81 40.03
N LEU C 331 -34.06 26.56 38.94
CA LEU C 331 -32.63 26.31 39.07
C LEU C 331 -31.89 27.59 39.48
N PHE C 332 -32.38 28.74 39.01
CA PHE C 332 -31.81 30.04 39.26
C PHE C 332 -32.57 30.82 40.31
N GLY C 333 -33.61 30.23 40.90
CA GLY C 333 -34.26 30.77 42.07
C GLY C 333 -35.29 31.86 41.85
N ALA C 334 -35.45 32.37 40.63
CA ALA C 334 -36.39 33.48 40.38
C ALA C 334 -37.81 33.01 40.07
N ILE C 335 -38.01 32.40 38.89
CA ILE C 335 -39.36 31.98 38.52
C ILE C 335 -39.82 30.88 39.45
N ALA C 336 -41.06 30.99 39.93
CA ALA C 336 -41.60 30.08 40.94
C ALA C 336 -40.65 29.96 42.12
N GLY C 337 -39.93 31.05 42.39
CA GLY C 337 -38.95 31.10 43.46
C GLY C 337 -39.22 32.33 44.28
N PHE C 338 -38.36 33.35 44.23
CA PHE C 338 -38.66 34.59 44.93
C PHE C 338 -39.59 35.51 44.13
N ILE C 339 -39.76 35.28 42.84
CA ILE C 339 -40.84 35.89 42.07
C ILE C 339 -41.90 34.81 41.90
N GLU C 340 -42.86 34.82 42.84
CA GLU C 340 -43.74 33.67 43.05
C GLU C 340 -44.66 33.40 41.86
N GLY C 341 -44.99 34.43 41.06
CA GLY C 341 -45.97 34.26 40.01
C GLY C 341 -45.76 35.17 38.83
N GLY C 342 -46.58 34.90 37.79
CA GLY C 342 -46.54 35.64 36.55
C GLY C 342 -47.64 36.68 36.43
N TRP C 343 -47.49 37.50 35.40
CA TRP C 343 -48.36 38.65 35.18
C TRP C 343 -49.16 38.42 33.90
N THR C 344 -50.43 38.04 34.05
CA THR C 344 -51.32 38.02 32.90
C THR C 344 -51.49 39.42 32.31
N GLY C 345 -51.35 40.47 33.13
CA GLY C 345 -51.50 41.83 32.64
C GLY C 345 -50.45 42.24 31.63
N MET C 346 -49.29 41.60 31.65
CA MET C 346 -48.23 41.90 30.68
C MET C 346 -48.43 41.01 29.46
N ILE C 347 -48.83 41.62 28.35
CA ILE C 347 -49.20 40.87 27.15
C ILE C 347 -48.13 40.94 26.08
N ASP C 348 -47.17 41.86 26.19
CA ASP C 348 -46.29 42.22 25.10
C ASP C 348 -44.91 41.58 25.18
N GLY C 349 -44.68 40.67 26.12
CA GLY C 349 -43.37 40.04 26.25
C GLY C 349 -43.35 38.98 27.32
N TRP C 350 -42.23 38.26 27.37
CA TRP C 350 -42.07 37.16 28.33
C TRP C 350 -41.60 37.68 29.68
N TYR C 351 -40.69 38.65 29.67
CA TYR C 351 -40.16 39.24 30.88
C TYR C 351 -40.37 40.76 30.78
N GLY C 352 -40.60 41.39 31.92
CA GLY C 352 -40.79 42.82 31.89
C GLY C 352 -40.83 43.41 33.29
N TYR C 353 -41.29 44.66 33.35
CA TYR C 353 -41.33 45.47 34.56
C TYR C 353 -42.76 45.91 34.83
N HIS C 354 -43.06 46.16 36.11
CA HIS C 354 -44.33 46.74 36.52
C HIS C 354 -44.05 47.91 37.45
N HIS C 355 -44.52 49.09 37.06
CA HIS C 355 -44.29 50.30 37.87
C HIS C 355 -45.59 50.72 38.54
N GLN C 356 -45.49 51.13 39.80
CA GLN C 356 -46.58 51.80 40.50
C GLN C 356 -46.02 53.07 41.11
N ASN C 357 -46.11 54.20 40.40
CA ASN C 357 -45.74 55.50 40.96
C ASN C 357 -46.93 56.44 40.84
N GLU C 358 -46.82 57.59 41.52
CA GLU C 358 -47.74 58.68 41.25
C GLU C 358 -47.37 59.30 39.92
N GLN C 359 -48.18 59.02 38.89
CA GLN C 359 -48.09 59.57 37.53
C GLN C 359 -48.89 58.70 36.56
N TYR C 363 -47.44 48.12 33.40
CA TYR C 363 -46.79 46.98 32.75
C TYR C 363 -46.02 47.39 31.50
N ALA C 364 -44.74 47.04 31.46
CA ALA C 364 -43.89 47.32 30.32
C ALA C 364 -42.96 46.13 30.11
N ALA C 365 -42.97 45.57 28.89
CA ALA C 365 -42.14 44.42 28.59
C ALA C 365 -40.77 44.87 28.10
N ASP C 366 -39.74 44.12 28.46
CA ASP C 366 -38.37 44.38 28.01
C ASP C 366 -38.15 43.69 26.67
N GLN C 367 -37.83 44.48 25.64
CA GLN C 367 -37.69 43.94 24.29
C GLN C 367 -36.34 43.26 24.08
N LYS C 368 -35.29 43.76 24.74
CA LYS C 368 -33.98 43.14 24.56
C LYS C 368 -33.97 41.72 25.12
N SER C 369 -34.44 41.55 26.36
CA SER C 369 -34.36 40.23 26.97
C SER C 369 -35.36 39.27 26.32
N THR C 370 -36.54 39.75 25.92
CA THR C 370 -37.54 38.86 25.33
C THR C 370 -37.12 38.42 23.92
N GLN C 371 -36.55 39.34 23.13
CA GLN C 371 -36.15 38.97 21.78
C GLN C 371 -34.92 38.07 21.75
N ASN C 372 -34.01 38.19 22.72
CA ASN C 372 -32.93 37.21 22.80
C ASN C 372 -33.43 35.86 23.26
N ALA C 373 -34.47 35.83 24.12
CA ALA C 373 -35.07 34.56 24.46
C ALA C 373 -35.75 33.95 23.23
N ILE C 374 -36.50 34.76 22.48
CA ILE C 374 -37.19 34.27 21.29
C ILE C 374 -36.19 33.79 20.24
N ASN C 375 -35.09 34.53 20.05
CA ASN C 375 -34.09 34.12 19.06
C ASN C 375 -33.47 32.78 19.41
N GLY C 376 -33.13 32.58 20.69
CA GLY C 376 -32.52 31.32 21.10
C GLY C 376 -33.50 30.17 21.08
N ILE C 377 -34.72 30.41 21.55
CA ILE C 377 -35.74 29.35 21.54
C ILE C 377 -36.08 28.97 20.11
N THR C 378 -36.13 29.94 19.19
CA THR C 378 -36.37 29.61 17.79
C THR C 378 -35.24 28.75 17.25
N ASN C 379 -34.00 29.10 17.59
CA ASN C 379 -32.86 28.32 17.12
C ASN C 379 -32.87 26.93 17.76
N LYS C 380 -33.29 26.81 19.02
CA LYS C 380 -33.30 25.51 19.67
C LYS C 380 -34.31 24.57 19.02
N VAL C 381 -35.52 25.07 18.73
CA VAL C 381 -36.50 24.23 18.04
C VAL C 381 -36.05 23.92 16.63
N ASN C 382 -35.54 24.91 15.91
CA ASN C 382 -35.10 24.67 14.54
C ASN C 382 -33.90 23.72 14.50
N SER C 383 -32.99 23.83 15.49
CA SER C 383 -31.75 23.06 15.45
C SER C 383 -31.99 21.58 15.72
N VAL C 384 -32.97 21.25 16.57
CA VAL C 384 -33.20 19.85 16.83
C VAL C 384 -34.08 19.24 15.72
N ILE C 385 -34.96 20.04 15.12
CA ILE C 385 -35.76 19.52 14.00
C ILE C 385 -34.87 19.26 12.79
N GLU C 386 -33.77 20.00 12.63
CA GLU C 386 -32.86 19.70 11.52
C GLU C 386 -32.16 18.36 11.74
N LYS C 387 -31.79 18.07 12.99
CA LYS C 387 -31.10 16.81 13.27
C LYS C 387 -32.00 15.62 12.94
N MET C 388 -33.32 15.81 12.99
CA MET C 388 -34.23 14.81 12.49
C MET C 388 -34.35 14.94 10.98
N ASN C 389 -34.16 13.83 10.28
CA ASN C 389 -34.22 13.83 8.82
C ASN C 389 -35.49 13.14 8.37
N THR C 390 -36.04 13.62 7.25
CA THR C 390 -37.31 13.14 6.73
C THR C 390 -37.24 11.64 6.45
N GLN C 391 -38.35 10.96 6.70
CA GLN C 391 -38.45 9.55 6.36
C GLN C 391 -38.85 9.39 4.90
N PHE C 392 -37.99 8.75 4.11
CA PHE C 392 -38.40 8.41 2.76
C PHE C 392 -39.11 7.07 2.81
N THR C 393 -39.62 6.62 1.67
CA THR C 393 -40.52 5.48 1.61
C THR C 393 -39.99 4.30 2.39
N ALA C 394 -40.78 3.83 3.36
CA ALA C 394 -40.45 2.66 4.16
C ALA C 394 -41.71 1.82 4.30
N VAL C 395 -41.70 0.60 3.75
CA VAL C 395 -42.88 -0.24 3.68
C VAL C 395 -42.57 -1.63 4.23
N GLY C 396 -43.62 -2.37 4.57
CA GLY C 396 -43.44 -3.73 5.01
C GLY C 396 -42.96 -4.64 3.90
N LYS C 397 -42.57 -5.85 4.29
CA LYS C 397 -42.12 -6.85 3.34
C LYS C 397 -42.75 -8.20 3.63
N GLU C 398 -42.78 -9.06 2.61
CA GLU C 398 -43.40 -10.37 2.68
C GLU C 398 -42.36 -11.49 2.55
N PHE C 399 -42.64 -12.62 3.21
CA PHE C 399 -41.74 -13.77 3.24
C PHE C 399 -42.54 -15.07 3.14
N ASN C 400 -42.03 -16.06 2.40
CA ASN C 400 -42.77 -17.30 2.28
C ASN C 400 -42.54 -18.18 3.52
N ASN C 401 -43.25 -19.29 3.58
CA ASN C 401 -43.31 -20.02 4.84
C ASN C 401 -42.04 -20.81 5.15
N LEU C 402 -41.02 -20.74 4.30
CA LEU C 402 -39.70 -21.27 4.63
C LEU C 402 -38.68 -20.16 4.87
N GLU C 403 -39.13 -18.92 5.08
CA GLU C 403 -38.27 -17.76 5.32
C GLU C 403 -38.62 -17.09 6.63
N LYS C 404 -39.01 -17.90 7.62
CA LYS C 404 -39.38 -17.40 8.93
C LYS C 404 -38.20 -16.72 9.62
N ARG C 405 -36.99 -17.28 9.50
CA ARG C 405 -35.84 -16.65 10.14
C ARG C 405 -35.59 -15.27 9.57
N MET C 406 -35.66 -15.14 8.23
CA MET C 406 -35.52 -13.83 7.59
C MET C 406 -36.66 -12.89 7.99
N GLU C 407 -37.89 -13.41 8.06
CA GLU C 407 -39.00 -12.58 8.49
C GLU C 407 -38.78 -12.04 9.90
N ASN C 408 -38.31 -12.88 10.82
CA ASN C 408 -38.08 -12.41 12.18
C ASN C 408 -36.92 -11.42 12.23
N LEU C 409 -35.87 -11.67 11.44
CA LEU C 409 -34.76 -10.72 11.36
C LEU C 409 -35.23 -9.36 10.87
N ASN C 410 -36.06 -9.34 9.82
CA ASN C 410 -36.60 -8.08 9.35
C ASN C 410 -37.42 -7.39 10.46
N LYS C 411 -38.19 -8.16 11.23
CA LYS C 411 -38.99 -7.59 12.32
C LYS C 411 -38.12 -7.14 13.50
N LYS C 412 -37.03 -7.84 13.78
CA LYS C 412 -36.09 -7.38 14.79
C LYS C 412 -35.46 -6.05 14.38
N VAL C 413 -35.09 -5.91 13.09
CA VAL C 413 -34.50 -4.66 12.60
C VAL C 413 -35.51 -3.52 12.70
N ASP C 414 -36.72 -3.73 12.19
CA ASP C 414 -37.72 -2.67 12.25
C ASP C 414 -38.06 -2.30 13.70
N ASP C 415 -38.14 -3.29 14.59
CA ASP C 415 -38.47 -2.97 15.98
C ASP C 415 -37.31 -2.29 16.70
N GLY C 416 -36.08 -2.73 16.44
CA GLY C 416 -34.95 -2.08 17.09
C GLY C 416 -34.90 -0.59 16.80
N PHE C 417 -34.99 -0.23 15.51
CA PHE C 417 -34.91 1.16 15.11
C PHE C 417 -36.03 1.98 15.72
N LEU C 418 -37.25 1.44 15.76
CA LEU C 418 -38.35 2.21 16.31
C LEU C 418 -38.20 2.40 17.82
N ASP C 419 -37.66 1.40 18.53
CA ASP C 419 -37.47 1.60 19.95
C ASP C 419 -36.43 2.67 20.23
N ILE C 420 -35.37 2.71 19.43
CA ILE C 420 -34.33 3.71 19.60
C ILE C 420 -34.87 5.09 19.27
N TRP C 421 -35.59 5.23 18.16
CA TRP C 421 -36.10 6.54 17.80
C TRP C 421 -37.16 7.02 18.79
N THR C 422 -38.04 6.12 19.24
CA THR C 422 -39.01 6.54 20.23
C THR C 422 -38.30 6.99 21.49
N TYR C 423 -37.24 6.29 21.88
CA TYR C 423 -36.47 6.69 23.05
C TYR C 423 -35.80 8.03 22.81
N ASN C 424 -35.09 8.18 21.67
CA ASN C 424 -34.39 9.44 21.37
C ASN C 424 -35.33 10.63 21.43
N ALA C 425 -36.50 10.51 20.77
CA ALA C 425 -37.42 11.64 20.74
C ALA C 425 -38.00 11.91 22.12
N GLU C 426 -38.42 10.86 22.84
CA GLU C 426 -39.06 11.06 24.14
C GLU C 426 -38.06 11.59 25.17
N LEU C 427 -36.83 11.09 25.14
CA LEU C 427 -35.87 11.56 26.13
C LEU C 427 -35.38 12.96 25.80
N LEU C 428 -35.17 13.26 24.52
CA LEU C 428 -34.70 14.59 24.13
C LEU C 428 -35.69 15.65 24.61
N VAL C 429 -36.98 15.45 24.35
CA VAL C 429 -37.98 16.41 24.76
C VAL C 429 -38.05 16.52 26.27
N LEU C 430 -37.96 15.38 26.97
CA LEU C 430 -38.00 15.40 28.44
C LEU C 430 -36.84 16.20 29.02
N LEU C 431 -35.63 15.94 28.55
CA LEU C 431 -34.44 16.59 29.10
C LEU C 431 -34.38 18.06 28.71
N GLU C 432 -34.67 18.36 27.45
CA GLU C 432 -34.55 19.74 27.01
C GLU C 432 -35.69 20.61 27.51
N ASN C 433 -36.84 20.02 27.87
CA ASN C 433 -37.89 20.81 28.48
C ASN C 433 -37.42 21.40 29.81
N GLU C 434 -36.82 20.57 30.66
CA GLU C 434 -36.26 21.08 31.91
C GLU C 434 -35.20 22.13 31.62
N ARG C 435 -34.42 21.91 30.57
CA ARG C 435 -33.37 22.83 30.16
C ARG C 435 -33.93 24.14 29.64
N THR C 436 -35.09 24.12 28.97
CA THR C 436 -35.67 25.35 28.45
C THR C 436 -36.24 26.21 29.57
N LEU C 437 -36.88 25.59 30.57
CA LEU C 437 -37.40 26.36 31.70
C LEU C 437 -36.27 26.96 32.54
N ASP C 438 -35.15 26.24 32.67
CA ASP C 438 -34.01 26.82 33.35
C ASP C 438 -33.50 28.05 32.62
N PHE C 439 -33.56 28.03 31.28
CA PHE C 439 -33.14 29.17 30.46
C PHE C 439 -33.99 30.42 30.77
N HIS C 440 -35.30 30.23 30.95
CA HIS C 440 -36.15 31.35 31.32
C HIS C 440 -35.86 31.82 32.74
N ASP C 441 -35.69 30.90 33.69
CA ASP C 441 -35.32 31.29 35.05
C ASP C 441 -34.02 32.08 35.06
N SER C 442 -33.07 31.69 34.22
CA SER C 442 -31.81 32.42 34.11
C SER C 442 -32.02 33.82 33.52
N ASN C 443 -32.90 33.95 32.53
CA ASN C 443 -33.16 35.25 31.93
C ASN C 443 -33.82 36.21 32.92
N VAL C 444 -34.72 35.69 33.76
CA VAL C 444 -35.39 36.53 34.76
C VAL C 444 -34.43 36.92 35.88
N LYS C 445 -33.61 35.97 36.33
CA LYS C 445 -32.60 36.27 37.35
C LYS C 445 -31.53 37.21 36.82
N ASN C 446 -31.27 37.18 35.51
CA ASN C 446 -30.33 38.13 34.92
C ASN C 446 -30.95 39.50 34.73
N LEU C 447 -32.26 39.55 34.44
CA LEU C 447 -32.94 40.82 34.35
C LEU C 447 -33.02 41.51 35.70
N TYR C 448 -33.30 40.73 36.75
CA TYR C 448 -33.40 41.27 38.10
C TYR C 448 -32.05 41.81 38.57
N GLU C 449 -30.97 41.02 38.37
CA GLU C 449 -29.65 41.45 38.84
C GLU C 449 -29.14 42.67 38.09
N LYS C 450 -29.56 42.84 36.84
CA LYS C 450 -29.20 44.04 36.11
C LYS C 450 -29.82 45.27 36.74
N VAL C 451 -31.00 45.13 37.34
CA VAL C 451 -31.69 46.24 38.00
C VAL C 451 -31.11 46.51 39.38
N LYS C 452 -30.77 45.44 40.13
CA LYS C 452 -30.26 45.63 41.49
C LYS C 452 -28.95 46.41 41.51
N ILE C 453 -28.08 46.17 40.52
CA ILE C 453 -26.82 46.89 40.46
C ILE C 453 -27.00 48.31 39.92
N GLN C 454 -28.11 48.61 39.24
CA GLN C 454 -28.33 49.99 38.80
C GLN C 454 -28.91 50.85 39.92
N LEU C 455 -29.82 50.30 40.70
CA LEU C 455 -30.44 51.07 41.77
C LEU C 455 -29.58 51.12 43.02
N LYS C 456 -28.71 50.12 43.22
CA LYS C 456 -27.81 50.01 44.35
C LYS C 456 -28.51 50.44 45.65
N ASN C 457 -28.03 51.48 46.31
CA ASN C 457 -28.60 51.89 47.58
C ASN C 457 -29.83 52.79 47.45
N ASN C 458 -30.13 53.29 46.24
CA ASN C 458 -31.23 54.24 46.05
C ASN C 458 -32.62 53.60 46.14
N ALA C 459 -32.71 52.29 46.39
CA ALA C 459 -34.01 51.65 46.53
C ALA C 459 -33.87 50.49 47.51
N LYS C 460 -35.01 50.07 48.06
CA LYS C 460 -35.07 48.95 48.99
C LYS C 460 -35.50 47.69 48.24
N GLU C 461 -34.72 46.63 48.38
CA GLU C 461 -35.02 45.34 47.76
C GLU C 461 -35.97 44.56 48.67
N ILE C 462 -37.23 44.45 48.25
CA ILE C 462 -38.21 43.75 49.09
C ILE C 462 -37.94 42.25 49.09
N GLY C 463 -37.37 41.73 48.02
CA GLY C 463 -37.01 40.32 47.93
C GLY C 463 -37.99 39.45 47.18
N ASN C 464 -39.03 40.04 46.58
CA ASN C 464 -40.02 39.33 45.77
C ASN C 464 -40.01 39.87 44.35
N GLY C 465 -38.86 40.39 43.92
CA GLY C 465 -38.70 41.02 42.64
C GLY C 465 -39.03 42.50 42.60
N CYS C 466 -39.18 43.15 43.76
CA CYS C 466 -39.59 44.54 43.80
C CYS C 466 -38.57 45.40 44.55
N PHE C 469 -38.28 52.17 46.25
CA PHE C 469 -37.85 53.48 45.76
C PHE C 469 -37.83 54.52 46.89
N TYR C 470 -36.62 54.91 47.31
CA TYR C 470 -36.49 55.86 48.42
C TYR C 470 -36.90 57.27 48.00
N HIS C 471 -36.55 57.68 46.79
CA HIS C 471 -37.07 58.95 46.30
C HIS C 471 -38.33 58.69 45.47
N LYS C 472 -38.97 59.77 45.05
CA LYS C 472 -40.19 59.67 44.25
C LYS C 472 -39.76 59.93 42.81
N CYS C 473 -39.85 58.90 41.96
CA CYS C 473 -39.37 58.99 40.60
C CYS C 473 -40.51 58.72 39.63
N ASP C 474 -40.60 59.56 38.61
CA ASP C 474 -41.76 59.54 37.74
C ASP C 474 -41.56 58.55 36.60
N ASN C 475 -42.38 58.67 35.56
CA ASN C 475 -42.31 57.78 34.41
C ASN C 475 -41.05 58.00 33.58
N GLU C 476 -40.56 59.24 33.51
CA GLU C 476 -39.38 59.54 32.69
C GLU C 476 -38.15 58.77 33.15
N CYS C 477 -37.88 58.78 34.46
CA CYS C 477 -36.68 58.13 34.97
C CYS C 477 -36.79 56.61 35.03
N MET C 478 -38.01 56.07 35.03
CA MET C 478 -38.11 54.63 35.05
C MET C 478 -37.64 54.03 33.73
N GLU C 479 -37.90 54.72 32.62
CA GLU C 479 -37.36 54.31 31.34
C GLU C 479 -35.84 54.49 31.25
N SER C 480 -35.27 55.37 32.09
CA SER C 480 -33.82 55.54 32.11
C SER C 480 -33.10 54.21 32.35
N VAL C 481 -33.57 53.45 33.34
CA VAL C 481 -32.96 52.14 33.62
C VAL C 481 -33.13 51.22 32.42
N ARG C 482 -34.33 51.20 31.86
CA ARG C 482 -34.66 50.37 30.71
C ARG C 482 -34.03 50.86 29.40
N TYR C 486 -29.87 54.47 33.98
CA TYR C 486 -30.30 55.29 35.11
C TYR C 486 -29.12 55.94 35.79
N ASP C 487 -28.99 57.26 35.61
CA ASP C 487 -27.91 58.06 36.20
C ASP C 487 -28.14 58.17 37.71
N TYR C 488 -27.76 57.09 38.41
CA TYR C 488 -27.88 57.01 39.88
C TYR C 488 -27.44 58.27 40.59
N PRO C 489 -26.26 58.85 40.35
CA PRO C 489 -25.89 60.06 41.10
C PRO C 489 -26.69 61.29 40.67
N LYS C 490 -26.90 61.47 39.37
CA LYS C 490 -27.61 62.65 38.88
C LYS C 490 -28.99 62.78 39.52
N TYR C 491 -29.67 61.67 39.72
CA TYR C 491 -30.96 61.65 40.42
C TYR C 491 -30.85 60.84 41.70
N SER C 492 -29.87 61.18 42.54
CA SER C 492 -29.60 60.43 43.77
C SER C 492 -30.30 61.04 44.98
N THR D 4 30.59 39.25 38.22
CA THR D 4 31.19 38.50 37.13
C THR D 4 30.17 37.58 36.44
N ILE D 5 29.94 37.79 35.15
CA ILE D 5 29.24 36.82 34.32
C ILE D 5 30.25 36.29 33.29
N CYS D 6 30.29 34.98 33.15
CA CYS D 6 31.20 34.32 32.23
C CYS D 6 30.39 33.59 31.17
N ILE D 7 31.00 33.42 30.00
CA ILE D 7 30.39 32.72 28.88
C ILE D 7 31.26 31.51 28.57
N GLY D 8 30.61 30.36 28.36
CA GLY D 8 31.38 29.15 28.13
C GLY D 8 30.52 28.10 27.46
N TYR D 9 31.11 26.92 27.32
CA TYR D 9 30.49 25.83 26.59
C TYR D 9 30.58 24.55 27.40
N HIS D 10 29.86 23.55 26.92
CA HIS D 10 29.65 22.31 27.66
C HIS D 10 30.86 21.38 27.57
N ALA D 11 31.03 20.58 28.62
CA ALA D 11 32.00 19.49 28.64
C ALA D 11 31.38 18.30 29.35
N ASN D 12 31.81 17.09 28.99
CA ASN D 12 31.28 15.89 29.65
C ASN D 12 32.38 14.83 29.69
N ASN D 13 31.99 13.62 30.11
CA ASN D 13 32.92 12.50 30.30
C ASN D 13 33.09 11.66 29.04
N SER D 14 32.82 12.23 27.88
CA SER D 14 32.80 11.44 26.65
C SER D 14 34.21 11.27 26.08
N THR D 15 34.47 10.07 25.58
CA THR D 15 35.73 9.75 24.93
C THR D 15 35.59 9.61 23.42
N ASP D 16 34.40 9.88 22.87
CA ASP D 16 34.16 9.80 21.43
C ASP D 16 35.19 10.62 20.66
N THR D 17 35.80 10.00 19.67
CA THR D 17 36.83 10.62 18.85
C THR D 17 36.35 10.69 17.40
N VAL D 18 36.63 11.80 16.74
CA VAL D 18 36.33 12.00 15.33
C VAL D 18 37.55 12.57 14.64
N ASP D 19 37.50 12.61 13.31
CA ASP D 19 38.56 13.20 12.50
C ASP D 19 38.03 14.42 11.76
N THR D 20 38.89 15.42 11.63
CA THR D 20 38.60 16.67 10.93
C THR D 20 39.70 16.92 9.91
N VAL D 21 39.49 17.92 9.05
CA VAL D 21 40.44 18.22 7.99
C VAL D 21 41.77 18.69 8.56
N LEU D 22 41.74 19.43 9.66
CA LEU D 22 42.93 20.04 10.25
C LEU D 22 43.58 19.21 11.36
N GLU D 23 42.85 18.26 11.94
CA GLU D 23 43.31 17.56 13.12
C GLU D 23 42.66 16.18 13.17
N LYS D 24 43.40 15.20 13.65
CA LYS D 24 42.83 13.88 13.79
C LYS D 24 42.51 13.58 15.25
N ASN D 25 41.63 12.58 15.43
CA ASN D 25 41.26 12.06 16.75
C ASN D 25 40.85 13.17 17.72
N VAL D 26 39.88 13.97 17.31
CA VAL D 26 39.43 15.10 18.12
C VAL D 26 38.30 14.61 19.03
N THR D 27 38.56 14.59 20.34
CA THR D 27 37.57 14.15 21.32
C THR D 27 36.43 15.14 21.40
N VAL D 28 35.20 14.63 21.26
CA VAL D 28 34.01 15.47 21.22
C VAL D 28 32.95 14.94 22.19
N THR D 29 32.05 15.84 22.59
CA THR D 29 31.05 15.54 23.61
C THR D 29 29.92 14.67 23.06
N HIS D 30 29.51 14.89 21.81
CA HIS D 30 28.42 14.14 21.21
C HIS D 30 28.74 13.88 19.75
N SER D 31 28.40 12.69 19.28
CA SER D 31 28.62 12.29 17.90
C SER D 31 27.66 11.17 17.55
N VAL D 32 27.49 10.93 16.25
CA VAL D 32 26.69 9.82 15.74
C VAL D 32 27.53 9.02 14.75
N ASN D 33 27.46 7.70 14.85
CA ASN D 33 28.07 6.85 13.83
C ASN D 33 27.12 6.66 12.66
N LEU D 34 27.68 6.77 11.46
CA LEU D 34 26.91 6.60 10.23
C LEU D 34 27.16 5.24 9.56
N LEU D 35 28.03 4.41 10.14
CA LEU D 35 28.52 3.16 9.55
C LEU D 35 28.02 1.98 10.38
N GLU D 36 27.11 1.20 9.82
CA GLU D 36 26.63 0.03 10.52
C GLU D 36 27.68 -1.08 10.46
N ASP D 37 28.10 -1.56 11.62
CA ASP D 37 29.07 -2.65 11.70
C ASP D 37 28.52 -3.84 12.47
N SER D 38 27.25 -3.81 12.83
CA SER D 38 26.62 -4.83 13.65
C SER D 38 25.65 -5.65 12.79
N HIS D 39 25.63 -6.96 13.02
CA HIS D 39 24.70 -7.86 12.37
C HIS D 39 24.43 -9.00 13.33
N ASN D 40 23.31 -9.67 13.13
CA ASN D 40 22.95 -10.76 14.04
C ASN D 40 23.60 -12.10 13.68
N GLY D 41 24.40 -12.16 12.61
CA GLY D 41 25.08 -13.40 12.30
C GLY D 41 24.18 -14.56 11.86
N LYS D 42 22.95 -14.29 11.43
CA LYS D 42 22.03 -15.35 11.08
C LYS D 42 21.47 -15.11 9.68
N LEU D 43 20.97 -16.18 9.08
CA LEU D 43 20.13 -16.07 7.91
C LEU D 43 18.68 -15.96 8.37
N CYS D 44 17.97 -14.97 7.85
CA CYS D 44 16.63 -14.70 8.34
C CYS D 44 15.64 -14.73 7.20
N ARG D 45 14.38 -14.80 7.57
CA ARG D 45 13.33 -14.61 6.59
C ARG D 45 13.36 -13.17 6.12
N LEU D 46 12.92 -12.97 4.90
CA LEU D 46 12.77 -11.64 4.36
C LEU D 46 11.27 -11.53 4.07
N LYS D 47 10.61 -10.56 4.72
CA LYS D 47 9.16 -10.40 4.63
C LYS D 47 8.44 -11.72 4.94
N GLY D 48 8.95 -12.43 5.94
CA GLY D 48 8.28 -13.63 6.41
C GLY D 48 8.57 -14.89 5.62
N ILE D 49 9.29 -14.79 4.49
CA ILE D 49 9.54 -15.92 3.61
C ILE D 49 11.00 -16.37 3.79
N ALA D 50 11.20 -17.64 4.13
CA ALA D 50 12.53 -18.18 4.38
C ALA D 50 13.32 -18.33 3.08
N PRO D 51 14.64 -18.34 3.17
CA PRO D 51 15.47 -18.60 1.99
C PRO D 51 15.55 -20.07 1.64
N LEU D 52 15.97 -20.33 0.41
CA LEU D 52 16.25 -21.67 -0.06
C LEU D 52 17.71 -21.99 0.19
N GLN D 53 17.99 -22.96 1.06
CA GLN D 53 19.34 -23.37 1.41
C GLN D 53 19.72 -24.59 0.57
N LEU D 54 20.64 -24.43 -0.38
CA LEU D 54 21.05 -25.57 -1.19
C LEU D 54 22.05 -26.47 -0.46
N GLY D 55 22.67 -25.98 0.62
CA GLY D 55 23.53 -26.83 1.43
C GLY D 55 24.69 -27.37 0.62
N LYS D 56 24.78 -28.70 0.53
CA LYS D 56 25.89 -29.35 -0.16
C LYS D 56 25.68 -29.37 -1.66
N CYS D 57 24.57 -28.82 -2.16
CA CYS D 57 24.29 -28.81 -3.58
C CYS D 57 24.43 -27.39 -4.10
N ASN D 58 24.70 -27.27 -5.39
CA ASN D 58 24.66 -25.98 -6.04
C ASN D 58 23.41 -25.94 -6.92
N ILE D 59 23.24 -24.86 -7.69
CA ILE D 59 22.04 -24.69 -8.49
C ILE D 59 21.81 -25.89 -9.43
N ALA D 60 22.87 -26.34 -10.11
CA ALA D 60 22.76 -27.45 -11.09
C ALA D 60 22.28 -28.74 -10.43
N GLY D 61 22.91 -29.13 -9.31
CA GLY D 61 22.47 -30.34 -8.61
C GLY D 61 21.05 -30.20 -8.12
N TRP D 62 20.68 -29.00 -7.67
CA TRP D 62 19.32 -28.76 -7.22
C TRP D 62 18.33 -28.90 -8.37
N ILE D 63 18.53 -28.14 -9.45
CA ILE D 63 17.50 -28.05 -10.48
C ILE D 63 17.44 -29.34 -11.31
N LEU D 64 18.56 -30.03 -11.47
CA LEU D 64 18.53 -31.29 -12.21
C LEU D 64 18.01 -32.44 -11.37
N GLY D 65 18.04 -32.31 -10.06
CA GLY D 65 17.67 -33.44 -9.24
C GLY D 65 18.80 -34.41 -9.01
N ASN D 66 20.00 -33.90 -8.75
CA ASN D 66 21.06 -34.76 -8.29
C ASN D 66 20.58 -35.53 -7.06
N PRO D 67 20.80 -36.85 -7.00
CA PRO D 67 20.28 -37.65 -5.87
C PRO D 67 20.79 -37.21 -4.51
N GLU D 68 21.95 -36.55 -4.44
CA GLU D 68 22.45 -36.00 -3.19
C GLU D 68 21.61 -34.82 -2.69
N CYS D 69 20.64 -34.36 -3.48
CA CYS D 69 19.87 -33.16 -3.18
C CYS D 69 18.39 -33.47 -2.99
N ASP D 70 18.05 -34.73 -2.67
CA ASP D 70 16.65 -35.14 -2.62
C ASP D 70 15.84 -34.28 -1.66
N SER D 71 16.47 -33.74 -0.61
CA SER D 71 15.74 -32.96 0.38
C SER D 71 15.25 -31.61 -0.15
N LEU D 72 15.77 -31.15 -1.29
CA LEU D 72 15.36 -29.90 -1.92
C LEU D 72 14.14 -30.06 -2.86
N LEU D 73 13.76 -31.28 -3.17
CA LEU D 73 12.66 -31.49 -4.11
C LEU D 73 11.35 -30.81 -3.70
N PRO D 74 10.97 -30.74 -2.41
CA PRO D 74 9.69 -30.09 -2.05
C PRO D 74 9.70 -28.57 -2.12
N ALA D 75 10.82 -27.95 -2.49
CA ALA D 75 10.92 -26.50 -2.46
C ALA D 75 9.90 -25.85 -3.39
N SER D 76 9.16 -24.85 -2.87
CA SER D 76 8.15 -24.25 -3.70
C SER D 76 8.22 -22.72 -3.69
N SER D 77 8.72 -22.11 -2.61
CA SER D 77 8.84 -20.66 -2.58
C SER D 77 9.91 -20.25 -1.60
N TRP D 78 10.64 -19.17 -1.93
CA TRP D 78 11.74 -18.69 -1.12
C TRP D 78 11.91 -17.21 -1.35
N SER D 79 12.69 -16.57 -0.47
CA SER D 79 12.98 -15.14 -0.57
C SER D 79 14.34 -14.84 -1.17
N TYR D 80 15.30 -15.77 -1.07
CA TYR D 80 16.60 -15.69 -1.73
C TYR D 80 17.20 -17.08 -1.63
N ILE D 81 18.29 -17.31 -2.38
CA ILE D 81 18.92 -18.61 -2.47
C ILE D 81 20.32 -18.56 -1.84
N VAL D 82 20.61 -19.53 -0.98
CA VAL D 82 21.88 -19.60 -0.27
C VAL D 82 22.64 -20.83 -0.74
N GLU D 83 23.79 -20.61 -1.39
CA GLU D 83 24.80 -21.64 -1.53
C GLU D 83 25.81 -21.50 -0.40
N THR D 84 26.54 -22.56 -0.16
CA THR D 84 27.48 -22.56 0.96
C THR D 84 28.86 -22.88 0.39
N PRO D 85 29.93 -22.71 1.17
CA PRO D 85 31.25 -23.13 0.68
C PRO D 85 31.34 -24.59 0.27
N ASN D 86 30.45 -25.46 0.73
CA ASN D 86 30.47 -26.88 0.36
C ASN D 86 29.33 -27.25 -0.61
N SER D 87 28.84 -26.29 -1.38
CA SER D 87 27.86 -26.53 -2.43
C SER D 87 28.59 -27.09 -3.66
N LYS D 88 28.96 -28.36 -3.55
CA LYS D 88 29.79 -29.05 -4.53
C LYS D 88 29.05 -30.08 -5.39
N ASN D 89 27.84 -30.49 -5.02
CA ASN D 89 27.08 -31.47 -5.82
C ASN D 89 26.28 -30.77 -6.91
N GLY D 90 26.72 -30.94 -8.16
CA GLY D 90 26.05 -30.38 -9.31
C GLY D 90 25.70 -31.49 -10.29
N ILE D 91 26.36 -31.53 -11.44
CA ILE D 91 26.16 -32.65 -12.35
C ILE D 91 27.01 -33.80 -11.84
N CYS D 92 26.38 -34.96 -11.64
CA CYS D 92 27.10 -36.15 -11.23
C CYS D 92 27.67 -36.90 -12.43
N TYR D 93 26.98 -36.90 -13.51
CA TYR D 93 27.48 -37.52 -14.73
C TYR D 93 28.20 -36.47 -15.57
N PRO D 94 29.42 -36.73 -16.03
CA PRO D 94 30.22 -35.66 -16.61
C PRO D 94 29.59 -35.06 -17.85
N GLY D 95 29.84 -33.78 -18.06
CA GLY D 95 29.39 -33.13 -19.28
C GLY D 95 29.33 -31.63 -19.13
N ASP D 96 28.54 -31.03 -20.01
CA ASP D 96 28.45 -29.58 -20.09
C ASP D 96 27.01 -29.14 -19.84
N PHE D 97 26.85 -28.21 -18.89
CA PHE D 97 25.54 -27.61 -18.58
C PHE D 97 25.46 -26.33 -19.41
N ILE D 98 24.73 -26.39 -20.52
CA ILE D 98 24.76 -25.30 -21.49
C ILE D 98 24.04 -24.07 -20.92
N ASP D 99 24.68 -22.92 -21.04
CA ASP D 99 24.16 -21.65 -20.49
C ASP D 99 23.79 -21.79 -19.00
N TYR D 100 24.63 -22.51 -18.25
CA TYR D 100 24.37 -22.66 -16.82
C TYR D 100 24.26 -21.32 -16.10
N GLU D 101 25.24 -20.40 -16.28
CA GLU D 101 25.22 -19.13 -15.55
C GLU D 101 23.97 -18.31 -15.88
N GLU D 102 23.53 -18.34 -17.15
CA GLU D 102 22.28 -17.68 -17.51
C GLU D 102 21.10 -18.27 -16.75
N LEU D 103 21.11 -19.58 -16.52
CA LEU D 103 20.02 -20.19 -15.76
C LEU D 103 20.03 -19.70 -14.33
N ARG D 104 21.20 -19.67 -13.70
CA ARG D 104 21.35 -19.14 -12.36
C ARG D 104 20.75 -17.74 -12.29
N GLU D 105 21.01 -16.92 -13.31
CA GLU D 105 20.41 -15.59 -13.37
C GLU D 105 18.89 -15.66 -13.47
N GLN D 106 18.36 -16.55 -14.32
CA GLN D 106 16.91 -16.73 -14.42
C GLN D 106 16.33 -17.11 -13.08
N LEU D 107 16.93 -18.10 -12.42
CA LEU D 107 16.43 -18.57 -11.13
C LEU D 107 16.59 -17.53 -10.03
N SER D 108 17.39 -16.49 -10.26
CA SER D 108 17.59 -15.45 -9.25
C SER D 108 16.38 -14.52 -9.16
N SER D 109 15.48 -14.52 -10.14
CA SER D 109 14.27 -13.72 -10.05
C SER D 109 13.02 -14.57 -9.85
N VAL D 110 13.19 -15.85 -9.57
CA VAL D 110 12.09 -16.75 -9.27
C VAL D 110 11.80 -16.65 -7.78
N SER D 111 10.59 -16.26 -7.44
CA SER D 111 10.18 -16.23 -6.05
C SER D 111 9.50 -17.52 -5.65
N SER D 112 8.84 -18.17 -6.60
CA SER D 112 8.20 -19.43 -6.28
C SER D 112 8.08 -20.24 -7.55
N PHE D 113 8.15 -21.56 -7.40
CA PHE D 113 7.92 -22.40 -8.56
C PHE D 113 7.25 -23.69 -8.09
N GLU D 114 6.67 -24.40 -9.05
CA GLU D 114 5.96 -25.66 -8.84
C GLU D 114 6.63 -26.77 -9.63
N ARG D 115 7.19 -27.75 -8.94
CA ARG D 115 7.73 -28.94 -9.60
C ARG D 115 6.60 -29.92 -9.92
N PHE D 116 6.48 -30.33 -11.18
CA PHE D 116 5.41 -31.20 -11.61
C PHE D 116 5.94 -32.19 -12.64
N GLU D 117 5.26 -33.32 -12.78
CA GLU D 117 5.61 -34.38 -13.71
C GLU D 117 5.19 -33.97 -15.12
N ILE D 118 6.16 -33.57 -15.96
CA ILE D 118 5.82 -33.11 -17.31
C ILE D 118 5.64 -34.28 -18.28
N PHE D 119 6.48 -35.31 -18.17
CA PHE D 119 6.33 -36.57 -18.90
C PHE D 119 6.43 -37.68 -17.87
N PRO D 120 5.33 -38.07 -17.26
CA PRO D 120 5.36 -39.13 -16.24
C PRO D 120 6.08 -40.39 -16.74
N LYS D 121 7.03 -40.85 -15.93
CA LYS D 121 7.87 -41.99 -16.30
C LYS D 121 7.01 -43.21 -16.64
N GLU D 122 5.93 -43.41 -15.89
CA GLU D 122 5.14 -44.62 -15.98
C GLU D 122 4.14 -44.62 -17.12
N SER D 123 3.92 -43.50 -17.81
CA SER D 123 2.90 -43.44 -18.85
C SER D 123 3.31 -42.76 -20.16
N SER D 124 4.44 -42.09 -20.22
CA SER D 124 4.79 -41.29 -21.38
C SER D 124 5.59 -42.02 -22.46
N TRP D 125 6.23 -43.14 -22.17
CA TRP D 125 7.18 -43.73 -23.10
C TRP D 125 6.92 -45.21 -23.35
N PRO D 126 5.73 -45.56 -23.83
CA PRO D 126 5.38 -46.98 -23.96
C PRO D 126 6.26 -47.79 -24.91
N LYS D 127 6.89 -47.16 -25.89
CA LYS D 127 7.67 -47.88 -26.89
C LYS D 127 9.16 -47.90 -26.57
N HIS D 128 9.56 -47.44 -25.38
CA HIS D 128 10.95 -47.30 -24.96
C HIS D 128 11.16 -47.83 -23.56
N SER D 129 12.43 -48.08 -23.23
CA SER D 129 12.80 -48.54 -21.90
C SER D 129 12.97 -47.35 -20.96
N THR D 130 12.31 -47.41 -19.81
CA THR D 130 12.42 -46.35 -18.80
C THR D 130 13.16 -46.82 -17.57
N THR D 131 13.75 -48.02 -17.60
CA THR D 131 14.27 -48.67 -16.41
C THR D 131 15.75 -48.99 -16.46
N LYS D 132 16.45 -48.69 -17.54
CA LYS D 132 17.86 -49.02 -17.63
C LYS D 132 18.75 -47.79 -17.52
N GLY D 133 18.15 -46.60 -17.37
CA GLY D 133 18.90 -45.37 -17.39
C GLY D 133 19.51 -44.94 -16.07
N VAL D 134 20.34 -45.80 -15.52
CA VAL D 134 21.02 -45.52 -14.26
C VAL D 134 22.52 -45.66 -14.47
N THR D 135 23.29 -45.02 -13.60
CA THR D 135 24.73 -44.96 -13.74
C THR D 135 25.35 -44.91 -12.36
N ALA D 136 26.56 -45.46 -12.24
CA ALA D 136 27.30 -45.39 -11.00
C ALA D 136 27.76 -43.96 -10.69
N ALA D 137 27.76 -43.06 -11.69
CA ALA D 137 28.12 -41.67 -11.45
C ALA D 137 27.06 -40.93 -10.64
N CYS D 138 25.79 -41.35 -10.73
CA CYS D 138 24.70 -40.78 -9.95
C CYS D 138 24.16 -41.82 -8.98
N SER D 139 25.04 -42.38 -8.15
CA SER D 139 24.66 -43.42 -7.21
C SER D 139 23.85 -42.91 -6.03
N HIS D 140 22.98 -43.78 -5.51
CA HIS D 140 22.19 -43.47 -4.32
C HIS D 140 21.86 -44.75 -3.57
N ALA D 141 22.11 -44.74 -2.26
CA ALA D 141 21.87 -45.89 -1.39
C ALA D 141 22.62 -47.13 -1.89
N GLY D 142 23.80 -46.92 -2.45
CA GLY D 142 24.61 -48.03 -2.90
C GLY D 142 24.26 -48.61 -4.25
N LYS D 143 23.21 -48.13 -4.90
CA LYS D 143 22.85 -48.61 -6.22
C LYS D 143 23.11 -47.51 -7.22
N SER D 144 23.26 -47.91 -8.48
CA SER D 144 23.29 -46.93 -9.56
C SER D 144 21.93 -46.26 -9.62
N SER D 145 21.92 -44.95 -9.86
CA SER D 145 20.68 -44.20 -9.90
C SER D 145 20.82 -43.10 -10.94
N PHE D 146 20.00 -42.06 -10.83
CA PHE D 146 20.01 -41.00 -11.84
C PHE D 146 19.25 -39.81 -11.28
N TYR D 147 19.36 -38.69 -11.99
CA TYR D 147 18.68 -37.46 -11.59
C TYR D 147 17.18 -37.70 -11.46
N ARG D 148 16.57 -36.95 -10.52
CA ARG D 148 15.16 -37.08 -10.22
C ARG D 148 14.25 -36.35 -11.21
N ASN D 149 14.78 -35.39 -11.96
CA ASN D 149 13.97 -34.60 -12.89
C ASN D 149 14.17 -34.97 -14.35
N LEU D 150 15.07 -35.92 -14.63
CA LEU D 150 15.35 -36.42 -15.97
C LEU D 150 15.13 -37.93 -15.99
N LEU D 151 14.91 -38.47 -17.19
CA LEU D 151 14.66 -39.90 -17.41
C LEU D 151 15.53 -40.33 -18.58
N TRP D 152 16.44 -41.29 -18.34
CA TRP D 152 17.37 -41.75 -19.38
C TRP D 152 16.69 -42.86 -20.18
N LEU D 153 16.09 -42.51 -21.32
CA LEU D 153 15.39 -43.50 -22.14
C LEU D 153 16.39 -44.31 -22.95
N THR D 154 16.14 -45.62 -23.06
CA THR D 154 16.97 -46.51 -23.85
C THR D 154 16.10 -47.46 -24.65
N LYS D 155 16.72 -48.25 -25.53
CA LYS D 155 15.96 -49.08 -26.45
C LYS D 155 15.13 -50.14 -25.70
N LYS D 156 14.07 -50.59 -26.37
CA LYS D 156 13.20 -51.62 -25.83
C LYS D 156 13.30 -52.84 -26.74
N GLU D 157 13.88 -53.94 -26.22
CA GLU D 157 13.91 -55.22 -26.94
C GLU D 157 14.44 -55.05 -28.35
N ASP D 158 15.63 -54.47 -28.48
CA ASP D 158 16.27 -54.30 -29.78
C ASP D 158 15.61 -53.22 -30.64
N SER D 159 14.83 -52.32 -30.08
CA SER D 159 14.26 -51.26 -30.90
C SER D 159 14.19 -49.96 -30.11
N TYR D 160 14.53 -48.87 -30.80
CA TYR D 160 14.36 -47.52 -30.30
C TYR D 160 13.63 -46.81 -31.42
N PRO D 161 12.30 -46.91 -31.46
CA PRO D 161 11.54 -46.26 -32.52
C PRO D 161 11.65 -44.75 -32.42
N LYS D 162 11.36 -44.07 -33.52
CA LYS D 162 11.38 -42.60 -33.52
C LYS D 162 10.47 -42.04 -32.43
N LEU D 163 11.03 -41.19 -31.59
CA LEU D 163 10.34 -40.67 -30.42
C LEU D 163 9.73 -39.30 -30.71
N SER D 164 8.52 -39.07 -30.27
CA SER D 164 7.87 -37.77 -30.43
C SER D 164 6.90 -37.53 -29.30
N ASN D 165 7.18 -36.53 -28.47
CA ASN D 165 6.32 -36.15 -27.35
C ASN D 165 6.27 -34.65 -27.22
N SER D 166 5.10 -34.12 -26.96
CA SER D 166 4.95 -32.68 -26.84
C SER D 166 4.22 -32.37 -25.55
N TYR D 167 4.44 -31.16 -25.04
CA TYR D 167 3.71 -30.69 -23.88
C TYR D 167 3.16 -29.30 -24.20
N VAL D 168 1.86 -29.12 -24.02
CA VAL D 168 1.22 -27.82 -24.21
C VAL D 168 1.11 -27.16 -22.85
N ASN D 169 1.72 -25.98 -22.70
CA ASN D 169 1.74 -25.26 -21.42
C ASN D 169 0.41 -24.56 -21.14
N LYS D 170 -0.39 -25.15 -20.27
CA LYS D 170 -1.67 -24.59 -19.87
C LYS D 170 -1.66 -24.07 -18.44
N LYS D 171 -0.48 -23.74 -17.91
CA LYS D 171 -0.32 -23.41 -16.51
C LYS D 171 -0.48 -21.93 -16.21
N GLY D 172 -0.58 -21.07 -17.23
CA GLY D 172 -0.61 -19.67 -16.90
C GLY D 172 0.71 -19.12 -16.40
N LYS D 173 1.82 -19.86 -16.60
CA LYS D 173 3.15 -19.48 -16.15
C LYS D 173 4.18 -19.91 -17.18
N GLU D 174 5.35 -19.28 -17.16
CA GLU D 174 6.48 -19.88 -17.86
C GLU D 174 6.80 -21.20 -17.20
N VAL D 175 7.15 -22.20 -17.99
CA VAL D 175 7.59 -23.49 -17.49
C VAL D 175 9.05 -23.67 -17.87
N LEU D 176 9.89 -23.96 -16.88
CA LEU D 176 11.30 -24.24 -17.11
C LEU D 176 11.44 -25.73 -17.40
N VAL D 177 11.96 -26.10 -18.57
CA VAL D 177 12.11 -27.50 -18.95
C VAL D 177 13.59 -27.82 -19.13
N LEU D 178 14.06 -28.91 -18.54
CA LEU D 178 15.45 -29.38 -18.69
C LEU D 178 15.49 -30.75 -19.34
N TRP D 179 16.55 -30.98 -20.14
CA TRP D 179 16.78 -32.29 -20.74
C TRP D 179 18.27 -32.48 -20.93
N GLY D 180 18.66 -33.65 -21.39
CA GLY D 180 20.04 -33.91 -21.73
C GLY D 180 20.15 -34.70 -23.02
N VAL D 181 21.33 -34.63 -23.62
CA VAL D 181 21.72 -35.40 -24.80
C VAL D 181 22.93 -36.24 -24.41
N HIS D 182 22.85 -37.55 -24.65
CA HIS D 182 23.96 -38.41 -24.24
C HIS D 182 24.91 -38.62 -25.41
N HIS D 183 26.20 -38.55 -25.10
CA HIS D 183 27.29 -38.71 -26.06
C HIS D 183 28.11 -39.94 -25.67
N PRO D 184 27.83 -41.09 -26.25
CA PRO D 184 28.46 -42.32 -25.77
C PRO D 184 29.92 -42.39 -26.15
N SER D 185 30.61 -43.32 -25.50
CA SER D 185 32.05 -43.46 -25.69
C SER D 185 32.42 -44.37 -26.86
N SER D 186 31.48 -45.15 -27.39
CA SER D 186 31.81 -45.99 -28.53
C SER D 186 30.55 -46.22 -29.35
N SER D 187 30.75 -46.62 -30.61
CA SER D 187 29.58 -46.96 -31.42
C SER D 187 28.96 -48.27 -30.92
N LYS D 188 29.75 -49.14 -30.28
CA LYS D 188 29.16 -50.27 -29.57
C LYS D 188 28.23 -49.78 -28.46
N GLU D 189 28.62 -48.73 -27.72
CA GLU D 189 27.75 -48.21 -26.67
C GLU D 189 26.48 -47.60 -27.26
N GLN D 190 26.63 -46.92 -28.41
CA GLN D 190 25.48 -46.36 -29.11
C GLN D 190 24.48 -47.47 -29.48
N GLN D 191 24.97 -48.57 -30.03
CA GLN D 191 24.07 -49.66 -30.45
C GLN D 191 23.42 -50.34 -29.24
N THR D 192 24.18 -50.54 -28.16
CA THR D 192 23.63 -51.17 -26.97
C THR D 192 22.52 -50.34 -26.35
N LEU D 193 22.69 -49.02 -26.31
CA LEU D 193 21.72 -48.15 -25.65
C LEU D 193 20.56 -47.77 -26.56
N TYR D 194 20.82 -47.44 -27.83
CA TYR D 194 19.82 -46.78 -28.64
C TYR D 194 19.55 -47.46 -29.97
N GLN D 195 20.21 -48.60 -30.25
CA GLN D 195 20.05 -49.40 -31.46
C GLN D 195 20.53 -48.64 -32.69
N ASN D 196 19.92 -47.49 -33.01
CA ASN D 196 20.24 -46.76 -34.23
C ASN D 196 21.62 -46.11 -34.16
N GLU D 197 22.39 -46.23 -35.26
CA GLU D 197 23.78 -45.82 -35.29
C GLU D 197 23.91 -44.30 -35.45
N ASN D 198 23.04 -43.67 -36.22
CA ASN D 198 23.13 -42.23 -36.48
C ASN D 198 21.88 -41.59 -35.89
N ALA D 199 22.03 -40.96 -34.74
CA ALA D 199 20.91 -40.48 -33.95
C ALA D 199 20.76 -38.97 -34.03
N TYR D 200 19.62 -38.48 -33.57
CA TYR D 200 19.38 -37.05 -33.48
C TYR D 200 18.40 -36.78 -32.33
N VAL D 201 18.50 -35.58 -31.77
CA VAL D 201 17.54 -35.09 -30.78
C VAL D 201 17.06 -33.73 -31.23
N SER D 202 15.75 -33.53 -31.22
CA SER D 202 15.13 -32.29 -31.65
C SER D 202 14.28 -31.76 -30.50
N VAL D 203 14.48 -30.49 -30.18
CA VAL D 203 13.67 -29.82 -29.16
C VAL D 203 13.24 -28.49 -29.75
N VAL D 204 11.94 -28.33 -29.96
CA VAL D 204 11.41 -27.14 -30.63
C VAL D 204 10.21 -26.60 -29.83
N SER D 205 10.08 -25.29 -29.79
CA SER D 205 8.90 -24.63 -29.26
C SER D 205 8.56 -23.50 -30.23
N SER D 206 7.79 -22.51 -29.78
CA SER D 206 7.47 -21.39 -30.65
C SER D 206 8.64 -20.41 -30.80
N ASN D 207 9.55 -20.37 -29.82
CA ASN D 207 10.68 -19.44 -29.82
C ASN D 207 12.00 -20.14 -29.51
N TYR D 208 12.02 -21.48 -29.57
CA TYR D 208 13.21 -22.29 -29.37
C TYR D 208 13.26 -23.35 -30.48
N ASN D 209 14.47 -23.61 -31.00
CA ASN D 209 14.59 -24.49 -32.18
C ASN D 209 16.04 -24.97 -32.25
N ARG D 210 16.30 -26.14 -31.67
CA ARG D 210 17.65 -26.70 -31.68
C ARG D 210 17.64 -28.19 -32.01
N ARG D 211 18.68 -28.62 -32.71
CA ARG D 211 18.86 -30.02 -33.07
C ARG D 211 20.23 -30.50 -32.58
N PHE D 212 20.27 -31.67 -32.00
CA PHE D 212 21.48 -32.23 -31.41
C PHE D 212 21.81 -33.55 -32.10
N ILE D 213 23.03 -33.65 -32.61
CA ILE D 213 23.62 -34.84 -33.23
C ILE D 213 24.62 -35.40 -32.22
N PRO D 214 24.31 -36.50 -31.52
CA PRO D 214 25.29 -37.08 -30.58
C PRO D 214 26.61 -37.43 -31.25
N GLU D 215 27.70 -37.23 -30.49
CA GLU D 215 29.07 -37.46 -30.93
C GLU D 215 29.70 -38.60 -30.14
N ILE D 216 30.30 -39.53 -30.86
CA ILE D 216 31.12 -40.59 -30.28
C ILE D 216 32.58 -40.18 -30.41
N ALA D 217 33.32 -40.24 -29.31
CA ALA D 217 34.73 -39.85 -29.34
C ALA D 217 35.45 -40.51 -28.18
N GLU D 218 36.77 -40.62 -28.34
CA GLU D 218 37.64 -41.11 -27.26
C GLU D 218 37.81 -40.04 -26.19
N ARG D 219 37.36 -40.33 -24.97
CA ARG D 219 37.39 -39.31 -23.92
C ARG D 219 38.03 -39.82 -22.64
N PRO D 220 38.72 -38.94 -21.90
CA PRO D 220 39.18 -39.30 -20.55
C PRO D 220 38.00 -39.56 -19.61
N GLU D 221 38.20 -40.48 -18.67
CA GLU D 221 37.14 -40.85 -17.76
C GLU D 221 37.01 -39.83 -16.63
N VAL D 222 35.79 -39.35 -16.43
CA VAL D 222 35.41 -38.51 -15.30
C VAL D 222 34.34 -39.27 -14.53
N LYS D 223 34.63 -39.59 -13.27
CA LYS D 223 33.76 -40.45 -12.45
C LYS D 223 33.48 -41.77 -13.19
N ASP D 224 34.56 -42.32 -13.75
CA ASP D 224 34.61 -43.59 -14.51
C ASP D 224 33.79 -43.58 -15.78
N GLN D 225 33.42 -42.40 -16.29
CA GLN D 225 32.55 -42.29 -17.46
C GLN D 225 33.36 -41.70 -18.60
N ALA D 226 33.46 -42.43 -19.70
CA ALA D 226 34.03 -41.87 -20.91
C ALA D 226 32.98 -41.23 -21.79
N GLY D 227 31.71 -41.41 -21.49
CA GLY D 227 30.65 -40.65 -22.14
C GLY D 227 30.50 -39.29 -21.51
N ARG D 228 29.59 -38.50 -22.08
CA ARG D 228 29.23 -37.18 -21.58
C ARG D 228 27.75 -36.98 -21.83
N ILE D 229 27.10 -36.25 -20.94
CA ILE D 229 25.74 -35.76 -21.15
C ILE D 229 25.81 -34.24 -21.19
N ASN D 230 25.25 -33.65 -22.24
CA ASN D 230 25.05 -32.21 -22.27
C ASN D 230 23.66 -31.89 -21.76
N TYR D 231 23.59 -30.98 -20.80
CA TYR D 231 22.33 -30.63 -20.17
C TYR D 231 21.82 -29.31 -20.74
N TYR D 232 20.54 -29.27 -21.09
CA TYR D 232 19.97 -28.09 -21.71
C TYR D 232 18.74 -27.68 -20.94
N TRP D 233 18.34 -26.43 -21.16
CA TRP D 233 17.16 -25.89 -20.51
C TRP D 233 16.51 -24.87 -21.41
N THR D 234 15.21 -24.67 -21.21
CA THR D 234 14.53 -23.58 -21.87
C THR D 234 13.30 -23.18 -21.05
N LEU D 235 12.85 -21.96 -21.29
CA LEU D 235 11.64 -21.42 -20.67
C LEU D 235 10.50 -21.49 -21.68
N LEU D 236 9.47 -22.27 -21.38
CA LEU D 236 8.30 -22.41 -22.24
C LEU D 236 7.25 -21.37 -21.86
N GLU D 237 6.92 -20.47 -22.78
CA GLU D 237 5.99 -19.40 -22.49
C GLU D 237 4.57 -19.96 -22.31
N PRO D 238 3.73 -19.27 -21.52
CA PRO D 238 2.34 -19.74 -21.33
C PRO D 238 1.59 -19.86 -22.63
N GLY D 239 0.88 -20.98 -22.78
CA GLY D 239 0.15 -21.31 -23.99
C GLY D 239 0.97 -22.04 -25.04
N ASP D 240 2.28 -22.04 -24.94
CA ASP D 240 3.12 -22.60 -25.99
C ASP D 240 3.24 -24.11 -25.84
N THR D 241 3.72 -24.74 -26.91
CA THR D 241 3.95 -26.18 -26.95
C THR D 241 5.43 -26.45 -27.19
N ILE D 242 5.98 -27.43 -26.48
CA ILE D 242 7.34 -27.90 -26.71
C ILE D 242 7.28 -29.35 -27.23
N ILE D 243 8.03 -29.63 -28.30
CA ILE D 243 8.01 -30.94 -28.95
C ILE D 243 9.40 -31.55 -28.88
N PHE D 244 9.48 -32.77 -28.30
CA PHE D 244 10.69 -33.57 -28.26
C PHE D 244 10.60 -34.68 -29.29
N GLU D 245 11.61 -34.77 -30.15
CA GLU D 245 11.73 -35.82 -31.15
C GLU D 245 13.15 -36.35 -31.10
N ALA D 246 13.29 -37.67 -31.14
CA ALA D 246 14.60 -38.30 -31.11
C ALA D 246 14.50 -39.73 -31.63
N ASN D 247 15.63 -40.25 -32.10
CA ASN D 247 15.76 -41.68 -32.35
C ASN D 247 16.91 -42.28 -31.53
N GLY D 248 17.28 -41.60 -30.45
CA GLY D 248 18.30 -42.06 -29.53
C GLY D 248 18.81 -40.91 -28.69
N ASN D 249 19.49 -41.28 -27.60
CA ASN D 249 20.36 -40.39 -26.84
C ASN D 249 19.63 -39.29 -26.07
N LEU D 250 18.32 -39.39 -25.93
CA LEU D 250 17.57 -38.35 -25.24
C LEU D 250 17.53 -38.70 -23.76
N VAL D 251 18.02 -37.78 -22.94
CA VAL D 251 17.74 -37.78 -21.51
C VAL D 251 16.51 -36.91 -21.34
N ALA D 252 15.33 -37.56 -21.25
CA ALA D 252 14.08 -36.86 -21.42
C ALA D 252 13.74 -36.05 -20.17
N PRO D 253 13.03 -34.94 -20.31
CA PRO D 253 12.50 -34.27 -19.12
C PRO D 253 11.52 -35.19 -18.43
N TRP D 254 11.61 -35.23 -17.11
CA TRP D 254 10.65 -35.92 -16.28
C TRP D 254 9.84 -34.95 -15.43
N TYR D 255 10.51 -34.09 -14.67
CA TYR D 255 9.84 -33.05 -13.92
C TYR D 255 10.29 -31.72 -14.47
N ALA D 256 9.37 -30.79 -14.55
CA ALA D 256 9.64 -29.42 -14.95
C ALA D 256 9.12 -28.50 -13.88
N PHE D 257 9.33 -27.20 -14.08
CA PHE D 257 9.02 -26.21 -13.04
C PHE D 257 8.14 -25.11 -13.64
N ALA D 258 6.95 -24.94 -13.07
CA ALA D 258 6.10 -23.79 -13.36
C ALA D 258 6.50 -22.60 -12.46
N LEU D 259 7.05 -21.54 -13.07
CA LEU D 259 7.75 -20.44 -12.42
C LEU D 259 6.86 -19.23 -12.14
N SER D 260 7.08 -18.62 -10.99
CA SER D 260 6.55 -17.31 -10.63
C SER D 260 7.72 -16.36 -10.41
N ARG D 261 7.70 -15.23 -11.08
CA ARG D 261 8.76 -14.25 -10.96
C ARG D 261 8.54 -13.33 -9.78
N GLY D 262 9.64 -12.85 -9.21
CA GLY D 262 9.55 -11.85 -8.17
C GLY D 262 10.70 -10.88 -8.27
N PHE D 263 10.64 -9.84 -7.46
CA PHE D 263 11.65 -8.78 -7.42
C PHE D 263 12.44 -8.90 -6.14
N GLY D 264 13.74 -8.60 -6.23
CA GLY D 264 14.60 -8.43 -5.08
C GLY D 264 15.27 -9.69 -4.57
N SER D 265 15.03 -10.84 -5.19
CA SER D 265 15.68 -12.07 -4.77
C SER D 265 17.09 -12.16 -5.37
N GLY D 266 17.81 -13.23 -5.02
CA GLY D 266 19.18 -13.40 -5.49
C GLY D 266 19.83 -14.60 -4.85
N ILE D 267 21.00 -14.95 -5.39
CA ILE D 267 21.82 -16.08 -4.93
C ILE D 267 22.99 -15.55 -4.12
N ILE D 268 23.15 -16.03 -2.88
CA ILE D 268 24.29 -15.63 -2.07
C ILE D 268 25.02 -16.88 -1.60
N THR D 269 26.28 -16.71 -1.26
CA THR D 269 27.12 -17.76 -0.70
C THR D 269 27.35 -17.40 0.76
N SER D 270 26.86 -18.25 1.66
CA SER D 270 26.93 -17.93 3.06
C SER D 270 27.31 -19.17 3.84
N ASN D 271 27.96 -18.94 4.97
CA ASN D 271 28.26 -19.97 5.96
C ASN D 271 27.36 -19.87 7.18
N ALA D 272 26.45 -18.90 7.21
CA ALA D 272 25.56 -18.69 8.33
C ALA D 272 24.44 -19.73 8.32
N SER D 273 23.79 -19.90 9.47
CA SER D 273 22.72 -20.86 9.63
C SER D 273 21.37 -20.16 9.68
N MET D 274 20.35 -20.93 9.31
CA MET D 274 18.98 -20.42 9.26
C MET D 274 18.37 -20.26 10.65
N HIS D 275 17.71 -19.11 10.87
CA HIS D 275 17.02 -18.84 12.12
C HIS D 275 15.61 -18.36 11.82
N GLU D 276 14.76 -18.41 12.84
CA GLU D 276 13.38 -17.97 12.69
C GLU D 276 13.24 -16.48 13.00
N CYS D 277 14.09 -15.65 12.40
CA CYS D 277 14.05 -14.20 12.48
C CYS D 277 13.52 -13.66 11.15
N ASN D 278 13.02 -12.42 11.19
CA ASN D 278 12.63 -11.70 9.99
C ASN D 278 13.45 -10.43 9.91
N THR D 279 13.89 -10.10 8.71
CA THR D 279 14.77 -8.98 8.48
C THR D 279 14.33 -8.26 7.22
N LYS D 280 14.69 -6.99 7.14
CA LYS D 280 14.58 -6.27 5.88
C LYS D 280 15.88 -6.31 5.09
N CYS D 281 16.96 -6.73 5.71
CA CYS D 281 18.29 -6.69 5.10
C CYS D 281 19.07 -7.93 5.51
N GLN D 282 19.59 -8.64 4.51
CA GLN D 282 20.34 -9.87 4.72
C GLN D 282 21.63 -9.82 3.92
N THR D 283 22.74 -10.23 4.54
CA THR D 283 24.06 -10.32 3.91
C THR D 283 24.55 -11.74 4.10
N PRO D 284 25.58 -12.20 3.40
CA PRO D 284 26.12 -13.54 3.66
C PRO D 284 26.60 -13.74 5.10
N GLN D 285 26.88 -12.66 5.83
CA GLN D 285 27.34 -12.80 7.21
C GLN D 285 26.24 -12.71 8.27
N GLY D 286 25.13 -12.06 7.98
CA GLY D 286 24.12 -11.90 9.00
C GLY D 286 23.17 -10.79 8.62
N ALA D 287 22.08 -10.70 9.35
CA ALA D 287 21.09 -9.68 9.03
C ALA D 287 21.45 -8.34 9.67
N ILE D 288 21.06 -7.27 9.00
CA ILE D 288 21.30 -5.92 9.47
C ILE D 288 19.96 -5.34 9.91
N ASN D 289 19.95 -4.74 11.09
CA ASN D 289 18.78 -4.05 11.65
C ASN D 289 19.30 -2.65 11.94
N SER D 290 19.14 -1.75 10.97
CA SER D 290 19.82 -0.47 11.07
C SER D 290 19.14 0.55 10.19
N SER D 291 19.30 1.83 10.55
CA SER D 291 18.87 2.94 9.71
C SER D 291 20.04 3.77 9.22
N LEU D 292 21.27 3.38 9.54
CA LEU D 292 22.44 4.15 9.15
C LEU D 292 22.65 4.10 7.63
N PRO D 293 23.25 5.14 7.05
CA PRO D 293 23.41 5.15 5.59
C PRO D 293 24.46 4.19 5.07
N PHE D 294 25.41 3.76 5.90
CA PHE D 294 26.54 2.98 5.43
C PHE D 294 26.75 1.75 6.28
N GLN D 295 27.31 0.71 5.65
CA GLN D 295 27.74 -0.47 6.39
C GLN D 295 29.07 -0.95 5.83
N ASN D 296 29.81 -1.67 6.67
CA ASN D 296 31.06 -2.28 6.21
C ASN D 296 31.03 -3.78 6.49
N ILE D 297 29.85 -4.37 6.47
CA ILE D 297 29.72 -5.78 6.81
C ILE D 297 29.92 -6.66 5.58
N HIS D 298 29.24 -6.37 4.48
CA HIS D 298 29.41 -7.18 3.29
C HIS D 298 28.88 -6.47 2.06
N PRO D 299 29.58 -6.54 0.93
CA PRO D 299 29.04 -5.94 -0.31
C PRO D 299 27.81 -6.62 -0.84
N VAL D 300 27.57 -7.88 -0.50
CA VAL D 300 26.40 -8.63 -0.96
C VAL D 300 25.25 -8.38 0.00
N THR D 301 24.10 -7.96 -0.54
CA THR D 301 22.94 -7.65 0.30
C THR D 301 21.66 -8.14 -0.38
N ILE D 302 20.70 -8.54 0.44
CA ILE D 302 19.36 -8.91 -0.01
C ILE D 302 18.37 -8.04 0.75
N GLY D 303 17.49 -7.36 0.02
CA GLY D 303 16.51 -6.49 0.63
C GLY D 303 16.91 -5.03 0.53
N GLU D 304 16.57 -4.24 1.54
CA GLU D 304 16.91 -2.83 1.63
C GLU D 304 18.00 -2.67 2.67
N CYS D 305 19.18 -2.25 2.25
CA CYS D 305 20.33 -2.25 3.12
C CYS D 305 21.03 -0.88 3.09
N PRO D 306 21.88 -0.61 4.07
CA PRO D 306 22.78 0.55 3.93
C PRO D 306 23.80 0.31 2.83
N LYS D 307 24.36 1.41 2.34
CA LYS D 307 25.36 1.33 1.29
C LYS D 307 26.64 0.74 1.85
N TYR D 308 27.22 -0.24 1.15
CA TYR D 308 28.47 -0.84 1.57
C TYR D 308 29.66 0.06 1.23
N VAL D 309 30.56 0.23 2.20
CA VAL D 309 31.77 1.05 2.03
C VAL D 309 32.93 0.32 2.71
N LYS D 310 34.15 0.64 2.25
CA LYS D 310 35.37 0.00 2.75
C LYS D 310 36.00 0.76 3.92
N SER D 311 35.20 1.29 4.84
CA SER D 311 35.71 2.09 5.95
C SER D 311 35.53 1.35 7.26
N ALA D 312 36.43 1.65 8.21
CA ALA D 312 36.35 1.14 9.56
C ALA D 312 35.64 2.08 10.53
N LYS D 313 35.54 3.38 10.21
CA LYS D 313 34.89 4.36 11.07
C LYS D 313 34.33 5.47 10.21
N LEU D 314 33.09 5.87 10.51
CA LEU D 314 32.46 7.03 9.88
C LEU D 314 31.62 7.63 11.00
N ARG D 315 32.30 8.32 11.91
CA ARG D 315 31.65 8.96 13.05
C ARG D 315 31.56 10.45 12.76
N MET D 316 30.36 10.98 12.90
CA MET D 316 30.07 12.37 12.58
C MET D 316 29.93 13.18 13.87
N VAL D 317 30.71 14.24 14.02
CA VAL D 317 30.56 15.12 15.18
C VAL D 317 29.24 15.87 15.13
N THR D 318 28.52 15.87 16.25
CA THR D 318 27.34 16.72 16.45
C THR D 318 27.53 17.76 17.55
N GLY D 319 28.25 17.41 18.61
CA GLY D 319 28.58 18.35 19.66
C GLY D 319 29.83 19.15 19.35
N LEU D 320 30.55 19.54 20.39
CA LEU D 320 31.77 20.35 20.14
C LEU D 320 32.98 19.64 20.70
N ARG D 321 34.11 20.33 20.74
CA ARG D 321 35.34 19.76 21.30
C ARG D 321 35.15 19.58 22.80
N ASN D 322 35.53 18.42 23.29
CA ASN D 322 35.39 18.13 24.72
C ASN D 322 36.70 18.53 25.39
N ILE D 323 36.66 19.64 26.11
CA ILE D 323 37.83 20.15 26.80
C ILE D 323 37.47 20.22 28.28
N PRO D 324 37.62 19.12 29.03
CA PRO D 324 37.35 19.14 30.47
C PRO D 324 38.61 19.49 31.26
N GLY D 330 40.44 27.38 16.35
CA GLY D 330 39.12 27.49 15.76
C GLY D 330 39.05 28.68 14.83
N LEU D 331 38.07 28.68 13.94
CA LEU D 331 37.92 29.80 13.01
C LEU D 331 37.46 31.06 13.72
N PHE D 332 36.61 30.92 14.73
CA PHE D 332 35.97 32.07 15.37
C PHE D 332 36.62 32.48 16.67
N GLY D 333 37.69 31.80 17.10
CA GLY D 333 38.54 32.27 18.17
C GLY D 333 38.03 32.03 19.57
N ALA D 334 36.79 31.56 19.75
CA ALA D 334 36.21 31.38 21.10
C ALA D 334 36.54 30.01 21.68
N ILE D 335 35.93 28.95 21.13
CA ILE D 335 36.15 27.60 21.66
C ILE D 335 37.60 27.21 21.39
N ALA D 336 38.24 26.60 22.39
CA ALA D 336 39.66 26.25 22.34
C ALA D 336 40.50 27.45 21.94
N GLY D 337 40.02 28.64 22.29
CA GLY D 337 40.68 29.88 21.93
C GLY D 337 40.80 30.77 23.14
N PHE D 338 40.06 31.89 23.17
CA PHE D 338 40.14 32.73 24.36
C PHE D 338 39.26 32.22 25.49
N ILE D 339 38.33 31.31 25.22
CA ILE D 339 37.66 30.55 26.27
C ILE D 339 38.33 29.19 26.25
N GLU D 340 39.36 29.05 27.09
CA GLU D 340 40.32 27.96 26.94
C GLU D 340 39.70 26.58 27.15
N GLY D 341 38.62 26.49 27.92
CA GLY D 341 38.09 25.18 28.26
C GLY D 341 36.58 25.15 28.46
N GLY D 342 36.08 23.93 28.62
CA GLY D 342 34.66 23.69 28.78
C GLY D 342 34.28 23.45 30.24
N TRP D 343 32.97 23.45 30.48
CA TRP D 343 32.39 23.35 31.82
C TRP D 343 31.64 22.05 31.99
N THR D 344 32.25 21.08 32.69
CA THR D 344 31.51 19.90 33.10
C THR D 344 30.33 20.28 33.99
N GLY D 345 30.42 21.40 34.70
CA GLY D 345 29.35 21.81 35.59
C GLY D 345 28.05 22.18 34.90
N MET D 346 28.11 22.62 33.64
CA MET D 346 26.91 22.99 32.90
C MET D 346 26.37 21.75 32.18
N ILE D 347 25.22 21.26 32.63
CA ILE D 347 24.69 19.98 32.15
C ILE D 347 23.50 20.14 31.21
N ASP D 348 22.90 21.32 31.12
CA ASP D 348 21.60 21.47 30.48
C ASP D 348 21.68 22.02 29.07
N GLY D 349 22.87 22.22 28.51
CA GLY D 349 22.95 22.83 27.20
C GLY D 349 24.37 22.89 26.67
N TRP D 350 24.48 23.35 25.43
CA TRP D 350 25.79 23.42 24.78
C TRP D 350 26.55 24.69 25.14
N TYR D 351 25.83 25.80 25.22
CA TYR D 351 26.43 27.09 25.55
C TYR D 351 25.66 27.70 26.71
N GLY D 352 26.35 28.46 27.55
CA GLY D 352 25.67 29.07 28.66
C GLY D 352 26.55 30.04 29.43
N TYR D 353 26.06 30.42 30.60
CA TYR D 353 26.67 31.44 31.43
C TYR D 353 27.07 30.88 32.79
N HIS D 354 28.09 31.50 33.40
CA HIS D 354 28.54 31.16 34.74
C HIS D 354 28.64 32.46 35.54
N HIS D 355 27.86 32.54 36.62
CA HIS D 355 27.81 33.73 37.45
C HIS D 355 28.47 33.49 38.80
N GLN D 356 29.16 34.52 39.29
CA GLN D 356 29.73 34.59 40.63
C GLN D 356 29.09 35.85 41.20
N ASN D 357 28.08 35.65 42.05
CA ASN D 357 27.25 36.72 42.58
C ASN D 357 27.46 36.89 44.08
N GLU D 358 27.04 38.04 44.59
CA GLU D 358 26.89 38.21 46.03
C GLU D 358 25.91 37.19 46.61
N GLN D 359 24.95 36.75 45.80
CA GLN D 359 24.02 35.70 46.21
C GLN D 359 24.62 34.30 46.08
N GLY D 360 25.47 34.07 45.09
CA GLY D 360 26.11 32.78 44.93
C GLY D 360 26.37 32.48 43.47
N SER D 361 27.01 31.33 43.24
CA SER D 361 27.49 30.91 41.94
C SER D 361 26.59 29.84 41.31
N GLY D 362 26.75 29.65 40.00
CA GLY D 362 25.94 28.68 39.27
C GLY D 362 26.07 28.71 37.76
N TYR D 363 25.71 27.58 37.13
CA TYR D 363 25.79 27.36 35.68
C TYR D 363 24.40 27.46 35.07
N ALA D 364 24.28 28.24 34.00
CA ALA D 364 22.99 28.42 33.32
C ALA D 364 23.19 28.36 31.82
N ALA D 365 22.47 27.45 31.17
CA ALA D 365 22.58 27.25 29.72
C ALA D 365 21.61 28.17 29.00
N ASP D 366 22.02 28.64 27.83
CA ASP D 366 21.17 29.47 26.99
C ASP D 366 20.26 28.57 26.16
N GLN D 367 18.94 28.72 26.33
CA GLN D 367 17.99 27.81 25.70
C GLN D 367 17.76 28.13 24.23
N LYS D 368 17.78 29.42 23.85
CA LYS D 368 17.61 29.77 22.45
C LYS D 368 18.83 29.34 21.64
N SER D 369 20.05 29.58 22.17
CA SER D 369 21.25 29.27 21.39
C SER D 369 21.44 27.78 21.23
N THR D 370 21.20 27.01 22.30
CA THR D 370 21.40 25.57 22.23
C THR D 370 20.36 24.91 21.34
N GLN D 371 19.11 25.37 21.41
CA GLN D 371 18.09 24.74 20.59
C GLN D 371 18.21 25.13 19.12
N ASN D 372 18.75 26.32 18.83
CA ASN D 372 19.00 26.64 17.43
C ASN D 372 20.14 25.80 16.87
N ALA D 373 21.16 25.52 17.68
CA ALA D 373 22.21 24.62 17.25
C ALA D 373 21.71 23.19 17.14
N ILE D 374 20.92 22.74 18.13
CA ILE D 374 20.42 21.37 18.08
C ILE D 374 19.54 21.17 16.84
N ASN D 375 18.69 22.16 16.54
CA ASN D 375 17.83 22.05 15.36
C ASN D 375 18.66 21.99 14.09
N GLY D 376 19.70 22.84 14.00
CA GLY D 376 20.51 22.86 12.79
C GLY D 376 21.34 21.60 12.62
N ILE D 377 21.97 21.15 13.70
CA ILE D 377 22.79 19.93 13.62
C ILE D 377 21.92 18.72 13.36
N THR D 378 20.71 18.67 13.93
CA THR D 378 19.80 17.58 13.60
C THR D 378 19.46 17.60 12.11
N ASN D 379 19.21 18.77 11.57
CA ASN D 379 18.87 18.87 10.13
C ASN D 379 20.08 18.46 9.30
N LYS D 380 21.28 18.70 9.82
CA LYS D 380 22.50 18.36 9.05
C LYS D 380 22.60 16.85 8.97
N VAL D 381 22.51 16.20 10.10
CA VAL D 381 22.57 14.73 10.13
C VAL D 381 21.47 14.14 9.25
N ASN D 382 20.25 14.67 9.40
CA ASN D 382 19.13 14.15 8.63
C ASN D 382 19.33 14.41 7.13
N SER D 383 19.98 15.52 6.78
CA SER D 383 20.11 15.90 5.37
C SER D 383 21.12 15.03 4.62
N VAL D 384 22.19 14.57 5.27
CA VAL D 384 23.14 13.75 4.52
C VAL D 384 22.65 12.31 4.47
N ILE D 385 21.94 11.86 5.50
CA ILE D 385 21.37 10.52 5.48
C ILE D 385 20.26 10.42 4.43
N GLU D 386 19.54 11.51 4.16
CA GLU D 386 18.50 11.47 3.14
C GLU D 386 19.11 11.40 1.75
N LYS D 387 20.18 12.16 1.52
CA LYS D 387 20.84 12.17 0.21
C LYS D 387 21.42 10.82 -0.14
N MET D 388 21.77 10.04 0.88
CA MET D 388 22.20 8.66 0.69
C MET D 388 20.97 7.78 0.50
N ASN D 389 20.98 6.93 -0.51
CA ASN D 389 19.86 6.04 -0.77
C ASN D 389 20.20 4.63 -0.36
N THR D 390 19.18 3.92 0.12
CA THR D 390 19.36 2.54 0.51
C THR D 390 19.73 1.71 -0.72
N GLN D 391 20.60 0.73 -0.50
CA GLN D 391 20.98 -0.24 -1.53
C GLN D 391 19.96 -1.37 -1.59
N PHE D 392 19.36 -1.58 -2.76
CA PHE D 392 18.51 -2.75 -2.94
C PHE D 392 19.39 -3.93 -3.37
N THR D 393 18.76 -5.09 -3.57
CA THR D 393 19.49 -6.34 -3.76
C THR D 393 20.61 -6.23 -4.78
N ALA D 394 21.82 -6.53 -4.32
CA ALA D 394 23.03 -6.53 -5.11
C ALA D 394 23.85 -7.74 -4.70
N VAL D 395 24.04 -8.66 -5.63
CA VAL D 395 24.71 -9.92 -5.36
C VAL D 395 25.80 -10.11 -6.41
N GLY D 396 26.68 -11.09 -6.16
CA GLY D 396 27.68 -11.46 -7.14
C GLY D 396 27.06 -12.17 -8.33
N LYS D 397 27.88 -12.36 -9.36
CA LYS D 397 27.47 -13.06 -10.57
C LYS D 397 28.52 -14.11 -10.92
N GLU D 398 28.08 -15.13 -11.65
CA GLU D 398 28.94 -16.25 -12.04
C GLU D 398 29.19 -16.23 -13.55
N PHE D 399 30.40 -16.65 -13.93
CA PHE D 399 30.87 -16.62 -15.33
C PHE D 399 31.66 -17.87 -15.64
N ASN D 400 31.47 -18.41 -16.84
CA ASN D 400 32.22 -19.62 -17.19
C ASN D 400 33.63 -19.27 -17.65
N ASN D 401 34.40 -20.30 -17.96
CA ASN D 401 35.82 -20.12 -18.18
C ASN D 401 36.13 -19.53 -19.53
N LEU D 402 35.11 -19.19 -20.32
CA LEU D 402 35.28 -18.44 -21.55
C LEU D 402 34.72 -17.03 -21.43
N GLU D 403 34.44 -16.59 -20.22
CA GLU D 403 33.87 -15.27 -19.99
C GLU D 403 34.74 -14.48 -19.03
N LYS D 404 36.06 -14.69 -19.13
CA LYS D 404 36.96 -14.01 -18.22
C LYS D 404 36.85 -12.50 -18.39
N ARG D 405 36.67 -12.02 -19.62
CA ARG D 405 36.55 -10.58 -19.82
C ARG D 405 35.30 -10.02 -19.14
N MET D 406 34.14 -10.68 -19.30
CA MET D 406 32.92 -10.23 -18.66
C MET D 406 33.05 -10.24 -17.15
N GLU D 407 33.67 -11.30 -16.60
CA GLU D 407 33.93 -11.35 -15.17
C GLU D 407 34.77 -10.16 -14.71
N ASN D 408 35.83 -9.81 -15.45
CA ASN D 408 36.69 -8.69 -15.06
C ASN D 408 35.97 -7.37 -15.23
N LEU D 409 35.14 -7.24 -16.27
CA LEU D 409 34.33 -6.03 -16.41
C LEU D 409 33.38 -5.91 -15.23
N ASN D 410 32.72 -7.00 -14.86
CA ASN D 410 31.84 -6.97 -13.69
C ASN D 410 32.59 -6.59 -12.44
N LYS D 411 33.82 -7.10 -12.26
CA LYS D 411 34.58 -6.78 -11.06
C LYS D 411 35.06 -5.32 -11.10
N LYS D 412 35.39 -4.82 -12.29
CA LYS D 412 35.79 -3.43 -12.43
C LYS D 412 34.64 -2.47 -12.11
N VAL D 413 33.42 -2.83 -12.54
CA VAL D 413 32.26 -2.00 -12.21
C VAL D 413 32.06 -1.97 -10.70
N ASP D 414 32.05 -3.14 -10.06
CA ASP D 414 31.81 -3.22 -8.62
C ASP D 414 32.91 -2.52 -7.82
N ASP D 415 34.16 -2.69 -8.24
CA ASP D 415 35.25 -2.03 -7.53
C ASP D 415 35.23 -0.52 -7.75
N GLY D 416 34.87 -0.08 -8.96
CA GLY D 416 34.82 1.35 -9.24
C GLY D 416 33.80 2.07 -8.38
N PHE D 417 32.58 1.55 -8.34
CA PHE D 417 31.53 2.17 -7.53
C PHE D 417 31.90 2.15 -6.07
N LEU D 418 32.51 1.07 -5.61
CA LEU D 418 32.80 0.94 -4.18
C LEU D 418 33.84 1.96 -3.73
N ASP D 419 34.85 2.24 -4.57
CA ASP D 419 35.88 3.20 -4.21
C ASP D 419 35.32 4.62 -4.19
N ILE D 420 34.44 4.93 -5.11
CA ILE D 420 33.80 6.24 -5.15
C ILE D 420 32.92 6.42 -3.93
N TRP D 421 32.09 5.41 -3.62
CA TRP D 421 31.20 5.58 -2.46
C TRP D 421 32.00 5.65 -1.17
N THR D 422 33.06 4.86 -1.05
CA THR D 422 33.93 4.95 0.12
C THR D 422 34.60 6.31 0.21
N TYR D 423 35.07 6.84 -0.93
CA TYR D 423 35.69 8.16 -0.96
C TYR D 423 34.70 9.25 -0.58
N ASN D 424 33.53 9.27 -1.22
CA ASN D 424 32.49 10.24 -0.91
C ASN D 424 32.16 10.22 0.58
N ALA D 425 31.95 9.03 1.13
CA ALA D 425 31.55 8.93 2.51
C ALA D 425 32.67 9.40 3.44
N GLU D 426 33.91 8.98 3.19
CA GLU D 426 34.97 9.34 4.11
C GLU D 426 35.28 10.84 4.07
N LEU D 427 35.30 11.43 2.88
CA LEU D 427 35.63 12.84 2.73
C LEU D 427 34.49 13.74 3.17
N LEU D 428 33.24 13.30 2.98
CA LEU D 428 32.11 14.07 3.47
C LEU D 428 32.17 14.22 4.98
N VAL D 429 32.35 13.10 5.69
CA VAL D 429 32.40 13.15 7.15
C VAL D 429 33.61 13.95 7.63
N LEU D 430 34.76 13.77 6.96
CA LEU D 430 35.96 14.52 7.33
C LEU D 430 35.76 16.02 7.12
N LEU D 431 35.22 16.41 5.96
CA LEU D 431 35.07 17.84 5.70
C LEU D 431 33.98 18.46 6.55
N GLU D 432 32.83 17.78 6.67
CA GLU D 432 31.70 18.35 7.39
C GLU D 432 31.86 18.30 8.91
N ASN D 433 32.70 17.41 9.43
CA ASN D 433 33.04 17.50 10.85
C ASN D 433 33.77 18.81 11.14
N GLU D 434 34.73 19.17 10.28
CA GLU D 434 35.39 20.46 10.47
C GLU D 434 34.40 21.61 10.41
N ARG D 435 33.38 21.50 9.55
CA ARG D 435 32.37 22.57 9.50
C ARG D 435 31.53 22.60 10.77
N THR D 436 31.26 21.44 11.37
CA THR D 436 30.39 21.42 12.55
C THR D 436 31.09 21.99 13.77
N LEU D 437 32.39 21.69 13.93
CA LEU D 437 33.12 22.30 15.04
C LEU D 437 33.26 23.81 14.87
N ASP D 438 33.45 24.28 13.61
CA ASP D 438 33.42 25.71 13.34
C ASP D 438 32.06 26.31 13.67
N PHE D 439 30.98 25.58 13.39
CA PHE D 439 29.63 26.04 13.70
C PHE D 439 29.49 26.27 15.20
N HIS D 440 30.03 25.36 16.02
CA HIS D 440 29.96 25.57 17.46
C HIS D 440 30.82 26.75 17.88
N ASP D 441 32.04 26.87 17.33
CA ASP D 441 32.87 28.03 17.61
C ASP D 441 32.12 29.32 17.30
N SER D 442 31.34 29.31 16.21
CA SER D 442 30.54 30.47 15.83
C SER D 442 29.42 30.77 16.82
N ASN D 443 28.71 29.74 17.29
CA ASN D 443 27.58 29.97 18.17
C ASN D 443 28.03 30.55 19.50
N VAL D 444 29.21 30.14 19.97
CA VAL D 444 29.76 30.65 21.22
C VAL D 444 30.23 32.09 21.04
N LYS D 445 30.92 32.38 19.92
CA LYS D 445 31.40 33.73 19.65
C LYS D 445 30.24 34.69 19.41
N ASN D 446 29.11 34.22 18.89
CA ASN D 446 27.98 35.13 18.79
C ASN D 446 27.32 35.34 20.15
N LEU D 447 27.34 34.31 21.01
CA LEU D 447 26.79 34.46 22.35
C LEU D 447 27.60 35.46 23.18
N TYR D 448 28.93 35.37 23.08
CA TYR D 448 29.80 36.28 23.84
C TYR D 448 29.63 37.72 23.36
N GLU D 449 29.58 37.93 22.04
CA GLU D 449 29.47 39.29 21.54
C GLU D 449 28.12 39.90 21.85
N LYS D 450 27.08 39.07 21.98
CA LYS D 450 25.76 39.56 22.37
C LYS D 450 25.77 40.08 23.81
N VAL D 451 26.60 39.50 24.67
CA VAL D 451 26.68 39.97 26.05
C VAL D 451 27.53 41.23 26.13
N LYS D 452 28.62 41.29 25.38
CA LYS D 452 29.49 42.45 25.38
C LYS D 452 28.77 43.68 24.85
N ILE D 453 27.88 43.50 23.88
CA ILE D 453 27.16 44.65 23.33
C ILE D 453 26.13 45.16 24.32
N GLN D 454 25.82 44.34 25.32
CA GLN D 454 24.76 44.72 26.31
C GLN D 454 25.37 45.34 27.58
N LEU D 455 26.58 44.94 27.94
CA LEU D 455 27.21 45.50 29.14
C LEU D 455 28.01 46.77 28.87
N LYS D 456 28.52 46.96 27.65
CA LYS D 456 29.27 48.15 27.24
C LYS D 456 30.28 48.66 28.29
N ASN D 457 30.04 49.86 28.83
CA ASN D 457 30.96 50.47 29.77
C ASN D 457 30.79 49.99 31.22
N ASN D 458 29.69 49.30 31.53
CA ASN D 458 29.38 48.86 32.89
C ASN D 458 30.19 47.64 33.34
N ALA D 459 31.06 47.08 32.50
CA ALA D 459 31.87 45.94 32.89
C ALA D 459 33.21 45.97 32.16
N LYS D 460 34.20 45.30 32.74
CA LYS D 460 35.52 45.15 32.14
C LYS D 460 35.61 43.75 31.53
N GLU D 461 35.95 43.68 30.25
CA GLU D 461 36.07 42.40 29.55
C GLU D 461 37.47 41.84 29.81
N ILE D 462 37.56 40.79 30.63
CA ILE D 462 38.86 40.25 30.99
C ILE D 462 39.54 39.56 29.82
N GLY D 463 38.76 39.02 28.88
CA GLY D 463 39.31 38.38 27.70
C GLY D 463 39.34 36.87 27.71
N ASN D 464 38.75 36.23 28.73
CA ASN D 464 38.66 34.77 28.82
C ASN D 464 37.21 34.31 28.85
N GLY D 465 36.31 35.13 28.32
CA GLY D 465 34.88 34.90 28.38
C GLY D 465 34.18 35.43 29.60
N CYS D 466 34.84 36.27 30.40
CA CYS D 466 34.27 36.77 31.64
C CYS D 466 34.26 38.29 31.64
N PHE D 467 33.20 38.86 32.17
CA PHE D 467 33.05 40.30 32.30
C PHE D 467 33.08 40.64 33.78
N GLU D 468 34.19 41.22 34.24
CA GLU D 468 34.28 41.73 35.60
C GLU D 468 33.29 42.88 35.76
N PHE D 469 32.25 42.66 36.55
CA PHE D 469 31.20 43.67 36.72
C PHE D 469 31.75 44.86 37.50
N TYR D 470 31.66 46.05 36.90
CA TYR D 470 32.06 47.28 37.60
C TYR D 470 31.07 47.61 38.72
N HIS D 471 29.78 47.43 38.48
CA HIS D 471 28.77 47.56 39.51
C HIS D 471 28.40 46.18 40.06
N LYS D 472 27.61 46.19 41.14
CA LYS D 472 27.14 44.97 41.80
C LYS D 472 25.68 44.74 41.45
N CYS D 473 25.38 43.67 40.74
CA CYS D 473 24.03 43.38 40.28
C CYS D 473 23.58 41.99 40.73
N ASP D 474 22.30 41.88 41.12
CA ASP D 474 21.81 40.67 41.76
C ASP D 474 21.32 39.67 40.72
N ASN D 475 20.56 38.66 41.17
CA ASN D 475 20.06 37.63 40.25
C ASN D 475 19.02 38.17 39.29
N GLU D 476 18.21 39.16 39.71
CA GLU D 476 17.25 39.75 38.78
C GLU D 476 17.97 40.31 37.56
N CYS D 477 19.08 41.01 37.79
CA CYS D 477 19.87 41.54 36.68
C CYS D 477 20.73 40.47 36.02
N MET D 478 21.03 39.36 36.70
CA MET D 478 21.77 38.28 36.04
C MET D 478 20.91 37.59 35.00
N GLU D 479 19.62 37.42 35.28
CA GLU D 479 18.71 36.93 34.27
C GLU D 479 18.48 37.97 33.18
N SER D 480 18.61 39.27 33.52
CA SER D 480 18.58 40.29 32.49
C SER D 480 19.68 40.07 31.47
N VAL D 481 20.90 39.79 31.96
CA VAL D 481 22.03 39.56 31.07
C VAL D 481 21.76 38.36 30.19
N ARG D 482 21.23 37.27 30.76
CA ARG D 482 20.93 36.08 29.98
C ARG D 482 19.76 36.29 29.03
N ASN D 483 18.69 36.94 29.50
CA ASN D 483 17.48 37.09 28.70
C ASN D 483 17.61 38.14 27.61
N GLY D 484 18.69 38.93 27.61
CA GLY D 484 18.80 40.04 26.69
C GLY D 484 17.98 41.26 27.08
N THR D 485 17.59 41.37 28.35
CA THR D 485 16.77 42.47 28.84
C THR D 485 17.56 43.40 29.76
N TYR D 486 18.84 43.60 29.47
CA TYR D 486 19.69 44.39 30.36
C TYR D 486 19.37 45.87 30.22
N ASP D 487 18.97 46.49 31.33
CA ASP D 487 18.72 47.93 31.36
C ASP D 487 20.05 48.66 31.57
N TYR D 488 20.84 48.70 30.51
CA TYR D 488 22.10 49.45 30.55
C TYR D 488 21.91 50.93 30.86
N PRO D 489 20.91 51.64 30.30
CA PRO D 489 20.70 53.04 30.70
C PRO D 489 20.45 53.20 32.19
N LYS D 490 19.81 52.22 32.83
CA LYS D 490 19.48 52.29 34.26
C LYS D 490 20.64 51.86 35.15
N TYR D 491 21.87 52.23 34.80
CA TYR D 491 23.03 51.87 35.61
C TYR D 491 24.15 52.89 35.40
N ILE E 5 23.80 56.69 11.31
CA ILE E 5 23.92 55.73 10.21
C ILE E 5 23.66 54.30 10.67
N CYS E 6 22.83 53.58 9.90
CA CYS E 6 22.56 52.17 10.15
C CYS E 6 23.06 51.36 8.96
N ILE E 7 23.47 50.14 9.23
CA ILE E 7 23.98 49.24 8.21
C ILE E 7 23.06 48.02 8.16
N GLY E 8 22.67 47.62 6.95
CA GLY E 8 21.70 46.56 6.75
C GLY E 8 21.83 46.00 5.35
N TYR E 9 20.88 45.14 5.00
CA TYR E 9 20.95 44.37 3.75
C TYR E 9 19.62 44.42 3.00
N HIS E 10 19.67 43.88 1.77
CA HIS E 10 18.60 43.99 0.80
C HIS E 10 17.46 43.05 1.17
N ALA E 11 16.24 43.46 0.83
CA ALA E 11 15.07 42.60 0.92
C ALA E 11 14.18 42.89 -0.28
N ASN E 12 13.41 41.90 -0.70
CA ASN E 12 12.55 42.09 -1.87
C ASN E 12 11.30 41.24 -1.71
N ASN E 13 10.49 41.18 -2.77
CA ASN E 13 9.25 40.44 -2.76
C ASN E 13 9.42 39.00 -3.23
N SER E 14 10.63 38.46 -3.14
CA SER E 14 10.91 37.15 -3.73
C SER E 14 10.51 36.04 -2.77
N THR E 15 9.93 34.99 -3.34
CA THR E 15 9.56 33.81 -2.59
C THR E 15 10.45 32.62 -2.90
N ASP E 16 11.51 32.80 -3.70
CA ASP E 16 12.44 31.72 -4.02
C ASP E 16 12.92 31.04 -2.75
N THR E 17 12.81 29.72 -2.71
CA THR E 17 13.25 28.93 -1.57
C THR E 17 14.38 28.01 -1.98
N VAL E 18 15.37 27.86 -1.11
CA VAL E 18 16.46 26.93 -1.28
C VAL E 18 16.56 26.11 0.00
N ASP E 19 17.34 25.03 -0.07
CA ASP E 19 17.60 24.19 1.09
C ASP E 19 19.06 24.33 1.47
N THR E 20 19.32 24.29 2.76
CA THR E 20 20.69 24.42 3.27
C THR E 20 20.98 23.28 4.22
N VAL E 21 22.22 23.18 4.64
CA VAL E 21 22.64 22.09 5.55
C VAL E 21 21.95 22.25 6.91
N LEU E 22 21.65 23.47 7.37
CA LEU E 22 21.06 23.65 8.73
C LEU E 22 19.56 23.88 8.69
N GLU E 23 19.00 24.24 7.55
CA GLU E 23 17.60 24.62 7.52
C GLU E 23 17.03 24.37 6.12
N LYS E 24 15.78 23.94 6.06
CA LYS E 24 15.12 23.73 4.78
C LYS E 24 14.12 24.85 4.53
N ASN E 25 13.71 24.97 3.26
CA ASN E 25 12.69 25.94 2.85
C ASN E 25 13.09 27.36 3.29
N VAL E 26 14.31 27.75 2.93
CA VAL E 26 14.86 29.05 3.28
C VAL E 26 14.54 30.04 2.16
N THR E 27 13.73 31.06 2.47
CA THR E 27 13.38 32.10 1.52
C THR E 27 14.58 33.00 1.27
N VAL E 28 14.93 33.20 0.01
CA VAL E 28 16.12 33.96 -0.36
C VAL E 28 15.74 35.00 -1.40
N THR E 29 16.59 36.04 -1.50
CA THR E 29 16.27 37.20 -2.34
C THR E 29 16.48 36.90 -3.83
N HIS E 30 17.53 36.15 -4.16
CA HIS E 30 17.84 35.81 -5.54
C HIS E 30 18.40 34.40 -5.60
N SER E 31 17.98 33.64 -6.62
CA SER E 31 18.50 32.29 -6.79
C SER E 31 18.34 31.89 -8.24
N VAL E 32 19.10 30.87 -8.65
CA VAL E 32 19.06 30.34 -10.00
C VAL E 32 18.77 28.84 -9.94
N ASN E 33 17.92 28.37 -10.84
CA ASN E 33 17.70 26.93 -10.97
C ASN E 33 18.79 26.31 -11.83
N LEU E 34 19.28 25.15 -11.38
CA LEU E 34 20.28 24.37 -12.10
C LEU E 34 19.67 23.16 -12.81
N LEU E 35 18.37 22.94 -12.64
CA LEU E 35 17.68 21.72 -13.07
C LEU E 35 16.69 22.10 -14.16
N GLU E 36 16.96 21.67 -15.39
CA GLU E 36 16.00 21.87 -16.48
C GLU E 36 14.86 20.87 -16.38
N ASP E 37 13.64 21.38 -16.40
CA ASP E 37 12.45 20.55 -16.33
C ASP E 37 11.52 20.71 -17.53
N SER E 38 11.90 21.51 -18.52
CA SER E 38 11.02 21.92 -19.61
C SER E 38 11.44 21.31 -20.94
N HIS E 39 10.45 20.87 -21.71
CA HIS E 39 10.68 20.34 -23.06
C HIS E 39 9.43 20.60 -23.88
N ASN E 40 9.59 20.63 -25.19
CA ASN E 40 8.49 20.93 -26.09
C ASN E 40 7.61 19.72 -26.38
N GLY E 41 7.89 18.57 -25.80
CA GLY E 41 7.05 17.41 -25.99
C GLY E 41 7.03 16.85 -27.39
N LYS E 42 8.02 17.20 -28.22
CA LYS E 42 8.05 16.81 -29.62
C LYS E 42 9.35 16.11 -29.97
N LEU E 43 9.30 15.37 -31.08
CA LEU E 43 10.51 14.88 -31.77
C LEU E 43 10.96 15.92 -32.78
N CYS E 44 12.25 16.25 -32.76
CA CYS E 44 12.77 17.32 -33.58
C CYS E 44 13.95 16.85 -34.43
N ARG E 45 14.30 17.68 -35.40
CA ARG E 45 15.55 17.49 -36.12
C ARG E 45 16.70 17.79 -35.17
N LEU E 46 17.83 17.15 -35.43
CA LEU E 46 19.04 17.40 -34.67
C LEU E 46 20.04 18.05 -35.60
N LYS E 47 20.40 19.29 -35.29
CA LYS E 47 21.30 20.07 -36.14
C LYS E 47 20.85 20.02 -37.60
N GLY E 48 19.54 20.17 -37.81
CA GLY E 48 18.92 20.26 -39.11
C GLY E 48 18.54 18.96 -39.78
N ILE E 49 18.94 17.82 -39.23
CA ILE E 49 18.70 16.52 -39.85
C ILE E 49 17.59 15.79 -39.10
N ALA E 50 16.57 15.34 -39.83
CA ALA E 50 15.44 14.67 -39.21
C ALA E 50 15.83 13.26 -38.74
N PRO E 51 15.12 12.73 -37.75
CA PRO E 51 15.34 11.34 -37.36
C PRO E 51 14.59 10.40 -38.30
N LEU E 52 15.01 9.13 -38.26
CA LEU E 52 14.33 8.06 -38.97
C LEU E 52 13.27 7.49 -38.04
N GLN E 53 12.00 7.68 -38.41
CA GLN E 53 10.88 7.21 -37.61
C GLN E 53 10.42 5.88 -38.20
N LEU E 54 10.62 4.80 -37.44
CA LEU E 54 10.20 3.47 -37.88
C LEU E 54 8.72 3.22 -37.63
N GLY E 55 8.06 4.03 -36.82
CA GLY E 55 6.62 3.91 -36.67
C GLY E 55 6.21 2.54 -36.17
N LYS E 56 5.39 1.86 -36.97
CA LYS E 56 4.85 0.56 -36.62
C LYS E 56 5.86 -0.57 -36.86
N CYS E 57 7.07 -0.26 -37.29
CA CYS E 57 8.10 -1.24 -37.57
C CYS E 57 9.21 -1.13 -36.55
N ASN E 58 9.94 -2.23 -36.34
CA ASN E 58 11.17 -2.16 -35.57
C ASN E 58 12.36 -2.38 -36.51
N ILE E 59 13.57 -2.39 -35.94
CA ILE E 59 14.77 -2.48 -36.78
C ILE E 59 14.71 -3.72 -37.68
N ALA E 60 14.33 -4.87 -37.10
CA ALA E 60 14.29 -6.11 -37.88
C ALA E 60 13.38 -5.96 -39.09
N GLY E 61 12.20 -5.37 -38.89
CA GLY E 61 11.28 -5.13 -40.00
C GLY E 61 11.83 -4.16 -41.04
N TRP E 62 12.52 -3.11 -40.58
CA TRP E 62 13.04 -2.10 -41.49
C TRP E 62 14.14 -2.66 -42.38
N ILE E 63 15.19 -3.22 -41.77
CA ILE E 63 16.39 -3.60 -42.49
C ILE E 63 16.14 -4.86 -43.35
N LEU E 64 15.18 -5.72 -42.97
CA LEU E 64 14.81 -6.86 -43.79
C LEU E 64 13.86 -6.50 -44.93
N GLY E 65 13.14 -5.39 -44.81
CA GLY E 65 12.15 -5.05 -45.82
C GLY E 65 10.81 -5.74 -45.63
N ASN E 66 10.35 -5.84 -44.39
CA ASN E 66 9.02 -6.31 -44.10
C ASN E 66 8.00 -5.51 -44.92
N PRO E 67 7.05 -6.18 -45.59
CA PRO E 67 6.09 -5.45 -46.44
C PRO E 67 5.31 -4.38 -45.70
N GLU E 68 5.15 -4.48 -44.38
CA GLU E 68 4.51 -3.44 -43.62
C GLU E 68 5.35 -2.16 -43.52
N CYS E 69 6.61 -2.18 -43.99
CA CYS E 69 7.53 -1.07 -43.82
C CYS E 69 7.96 -0.46 -45.15
N ASP E 70 7.17 -0.63 -46.20
CA ASP E 70 7.55 -0.12 -47.51
C ASP E 70 7.81 1.39 -47.48
N SER E 71 7.09 2.14 -46.64
CA SER E 71 7.29 3.58 -46.62
C SER E 71 8.66 3.98 -46.11
N LEU E 72 9.39 3.08 -45.45
CA LEU E 72 10.74 3.37 -44.99
C LEU E 72 11.80 3.09 -46.04
N LEU E 73 11.44 2.43 -47.14
CA LEU E 73 12.46 2.02 -48.12
C LEU E 73 13.30 3.17 -48.67
N PRO E 74 12.76 4.36 -48.99
CA PRO E 74 13.62 5.40 -49.56
C PRO E 74 14.47 6.18 -48.55
N ALA E 75 14.31 5.97 -47.25
CA ALA E 75 15.06 6.74 -46.26
C ALA E 75 16.55 6.39 -46.33
N SER E 76 17.41 7.40 -46.39
CA SER E 76 18.83 7.21 -46.63
C SER E 76 19.76 7.88 -45.61
N SER E 77 19.29 8.89 -44.87
CA SER E 77 20.14 9.54 -43.87
C SER E 77 19.30 10.10 -42.71
N TRP E 78 19.84 10.01 -41.51
CA TRP E 78 19.12 10.39 -40.30
C TRP E 78 20.10 10.81 -39.23
N SER E 79 19.56 11.44 -38.19
CA SER E 79 20.32 11.88 -37.04
C SER E 79 20.16 10.96 -35.84
N TYR E 80 19.04 10.23 -35.76
CA TYR E 80 18.79 9.20 -34.75
C TYR E 80 17.60 8.37 -35.22
N ILE E 81 17.40 7.22 -34.58
CA ILE E 81 16.39 6.24 -34.99
C ILE E 81 15.33 6.16 -33.90
N VAL E 82 14.06 6.25 -34.29
CA VAL E 82 12.95 6.24 -33.34
C VAL E 82 12.06 5.04 -33.60
N GLU E 83 12.01 4.13 -32.63
CA GLU E 83 10.96 3.13 -32.51
C GLU E 83 9.86 3.68 -31.60
N THR E 84 8.69 3.07 -31.67
CA THR E 84 7.56 3.56 -30.88
C THR E 84 7.01 2.44 -30.02
N PRO E 85 6.11 2.71 -29.07
CA PRO E 85 5.50 1.60 -28.31
C PRO E 85 4.82 0.55 -29.17
N ASN E 86 4.46 0.92 -30.40
CA ASN E 86 3.76 -0.02 -31.30
C ASN E 86 4.68 -0.49 -32.43
N SER E 87 5.99 -0.53 -32.20
CA SER E 87 6.95 -1.00 -33.20
C SER E 87 6.95 -2.52 -33.22
N LYS E 88 5.88 -3.07 -33.78
CA LYS E 88 5.59 -4.49 -33.67
C LYS E 88 5.89 -5.29 -34.94
N ASN E 89 6.18 -4.65 -36.07
CA ASN E 89 6.44 -5.36 -37.32
C ASN E 89 7.94 -5.67 -37.44
N GLY E 90 8.31 -6.94 -37.28
CA GLY E 90 9.70 -7.36 -37.40
C GLY E 90 9.89 -8.48 -38.41
N ILE E 91 10.20 -9.69 -37.94
CA ILE E 91 10.22 -10.84 -38.85
C ILE E 91 8.79 -11.37 -39.00
N CYS E 92 8.29 -11.40 -40.24
CA CYS E 92 6.93 -11.90 -40.46
C CYS E 92 6.92 -13.41 -40.59
N TYR E 93 7.95 -13.99 -41.17
CA TYR E 93 8.02 -15.45 -41.16
C TYR E 93 8.83 -15.90 -39.94
N PRO E 94 8.31 -16.85 -39.14
CA PRO E 94 8.93 -17.14 -37.83
C PRO E 94 10.33 -17.73 -37.94
N GLY E 95 11.15 -17.40 -36.95
CA GLY E 95 12.49 -17.96 -36.86
C GLY E 95 13.35 -17.10 -35.94
N ASP E 96 14.66 -17.21 -36.13
CA ASP E 96 15.62 -16.54 -35.25
C ASP E 96 16.46 -15.56 -36.06
N PHE E 97 16.52 -14.32 -35.57
CA PHE E 97 17.38 -13.30 -36.18
C PHE E 97 18.68 -13.32 -35.40
N ILE E 98 19.69 -14.00 -35.95
CA ILE E 98 20.90 -14.27 -35.21
C ILE E 98 21.71 -12.98 -35.04
N ASP E 99 22.18 -12.75 -33.82
CA ASP E 99 22.93 -11.55 -33.48
C ASP E 99 22.17 -10.28 -33.85
N TYR E 100 20.87 -10.31 -33.59
CA TYR E 100 20.00 -9.15 -33.84
C TYR E 100 20.45 -7.90 -33.08
N GLU E 101 20.70 -8.03 -31.77
CA GLU E 101 21.07 -6.86 -30.96
C GLU E 101 22.39 -6.23 -31.40
N GLU E 102 23.34 -7.06 -31.82
CA GLU E 102 24.59 -6.54 -32.38
C GLU E 102 24.31 -5.73 -33.63
N LEU E 103 23.40 -6.20 -34.48
CA LEU E 103 23.06 -5.45 -35.67
C LEU E 103 22.48 -4.10 -35.28
N ARG E 104 21.57 -4.09 -34.30
CA ARG E 104 21.02 -2.85 -33.79
C ARG E 104 22.12 -1.90 -33.33
N GLU E 105 23.10 -2.42 -32.57
CA GLU E 105 24.22 -1.58 -32.13
C GLU E 105 25.03 -1.09 -33.32
N GLN E 106 25.23 -1.94 -34.33
CA GLN E 106 25.92 -1.51 -35.55
C GLN E 106 25.16 -0.38 -36.23
N LEU E 107 23.85 -0.53 -36.41
CA LEU E 107 23.06 0.52 -37.06
C LEU E 107 22.97 1.79 -36.22
N SER E 108 23.32 1.74 -34.94
CA SER E 108 23.22 2.93 -34.13
C SER E 108 24.32 3.94 -34.43
N SER E 109 25.40 3.54 -35.11
CA SER E 109 26.43 4.51 -35.50
C SER E 109 26.41 4.80 -37.00
N VAL E 110 25.33 4.40 -37.68
CA VAL E 110 25.14 4.65 -39.09
C VAL E 110 24.47 6.02 -39.28
N SER E 111 25.11 6.90 -40.03
CA SER E 111 24.55 8.21 -40.33
C SER E 111 23.75 8.24 -41.63
N SER E 112 24.14 7.45 -42.60
CA SER E 112 23.41 7.36 -43.84
C SER E 112 23.81 6.03 -44.46
N PHE E 113 22.93 5.47 -45.30
CA PHE E 113 23.33 4.26 -46.02
C PHE E 113 22.75 4.25 -47.42
N GLU E 114 23.33 3.43 -48.26
CA GLU E 114 22.92 3.34 -49.65
C GLU E 114 22.37 1.93 -49.87
N ARG E 115 21.07 1.86 -50.12
CA ARG E 115 20.41 0.59 -50.41
C ARG E 115 20.62 0.25 -51.87
N PHE E 116 21.13 -0.93 -52.14
CA PHE E 116 21.39 -1.28 -53.52
C PHE E 116 21.14 -2.77 -53.71
N GLU E 117 20.86 -3.12 -54.94
CA GLU E 117 20.63 -4.48 -55.38
C GLU E 117 21.99 -5.17 -55.48
N ILE E 118 22.30 -6.02 -54.51
CA ILE E 118 23.56 -6.74 -54.51
C ILE E 118 23.51 -7.94 -55.47
N PHE E 119 22.37 -8.64 -55.55
CA PHE E 119 22.14 -9.69 -56.55
C PHE E 119 20.84 -9.35 -57.23
N PRO E 120 20.88 -8.59 -58.34
CA PRO E 120 19.67 -8.24 -59.09
C PRO E 120 18.79 -9.44 -59.40
N LYS E 121 17.52 -9.34 -59.01
CA LYS E 121 16.59 -10.45 -59.10
C LYS E 121 16.49 -11.02 -60.51
N GLU E 122 16.45 -10.16 -61.52
CA GLU E 122 16.11 -10.65 -62.85
C GLU E 122 17.28 -11.29 -63.57
N SER E 123 18.50 -11.17 -63.06
CA SER E 123 19.66 -11.64 -63.78
C SER E 123 20.57 -12.55 -62.97
N SER E 124 20.42 -12.63 -61.65
CA SER E 124 21.42 -13.33 -60.87
C SER E 124 21.14 -14.81 -60.74
N TRP E 125 19.91 -15.26 -60.99
CA TRP E 125 19.50 -16.63 -60.71
C TRP E 125 18.82 -17.25 -61.92
N PRO E 126 19.55 -17.37 -63.03
CA PRO E 126 18.90 -17.88 -64.27
C PRO E 126 18.40 -19.30 -64.17
N LYS E 127 19.01 -20.14 -63.32
CA LYS E 127 18.67 -21.56 -63.23
C LYS E 127 17.77 -21.86 -62.04
N HIS E 128 17.26 -20.85 -61.35
CA HIS E 128 16.42 -21.03 -60.17
C HIS E 128 15.18 -20.17 -60.29
N SER E 129 14.15 -20.56 -59.52
CA SER E 129 12.91 -19.80 -59.51
C SER E 129 13.01 -18.63 -58.54
N THR E 130 12.67 -17.44 -59.03
CA THR E 130 12.68 -16.23 -58.21
C THR E 130 11.27 -15.73 -57.92
N THR E 131 10.24 -16.48 -58.33
CA THR E 131 8.87 -15.97 -58.35
C THR E 131 7.93 -16.69 -57.39
N LYS E 132 8.41 -17.70 -56.67
CA LYS E 132 7.53 -18.46 -55.81
C LYS E 132 7.85 -18.32 -54.33
N GLY E 133 8.80 -17.48 -53.98
CA GLY E 133 9.18 -17.30 -52.59
C GLY E 133 8.26 -16.33 -51.87
N VAL E 134 6.97 -16.65 -51.84
CA VAL E 134 6.01 -15.82 -51.14
C VAL E 134 5.33 -16.71 -50.11
N THR E 135 4.77 -16.09 -49.08
CA THR E 135 4.08 -16.80 -48.02
C THR E 135 3.01 -15.88 -47.42
N ALA E 136 1.93 -16.49 -46.93
CA ALA E 136 0.88 -15.72 -46.26
C ALA E 136 1.35 -15.13 -44.92
N ALA E 137 2.48 -15.60 -44.38
CA ALA E 137 2.97 -14.98 -43.16
C ALA E 137 3.48 -13.57 -43.41
N CYS E 138 3.91 -13.29 -44.65
CA CYS E 138 4.29 -11.93 -45.04
C CYS E 138 3.30 -11.37 -46.05
N SER E 139 2.02 -11.27 -45.67
CA SER E 139 1.01 -10.79 -46.60
C SER E 139 1.21 -9.30 -46.91
N HIS E 140 0.78 -8.93 -48.13
CA HIS E 140 0.76 -7.54 -48.57
C HIS E 140 -0.36 -7.36 -49.59
N ALA E 141 -1.20 -6.35 -49.38
CA ALA E 141 -2.32 -6.04 -50.29
C ALA E 141 -3.22 -7.26 -50.47
N GLY E 142 -3.41 -8.02 -49.41
CA GLY E 142 -4.25 -9.20 -49.44
C GLY E 142 -3.60 -10.44 -50.04
N LYS E 143 -2.37 -10.32 -50.50
CA LYS E 143 -1.71 -11.49 -51.12
C LYS E 143 -0.48 -11.92 -50.36
N SER E 144 -0.06 -13.14 -50.65
CA SER E 144 1.20 -13.67 -50.12
C SER E 144 2.32 -12.82 -50.72
N SER E 145 3.25 -12.38 -49.90
CA SER E 145 4.40 -11.62 -50.41
C SER E 145 5.63 -12.05 -49.63
N PHE E 146 6.65 -11.21 -49.63
CA PHE E 146 7.88 -11.54 -48.93
C PHE E 146 8.66 -10.24 -48.68
N TYR E 147 9.73 -10.38 -47.91
CA TYR E 147 10.60 -9.25 -47.62
C TYR E 147 11.08 -8.58 -48.91
N ARG E 148 11.33 -7.28 -48.83
CA ARG E 148 11.77 -6.52 -49.99
C ARG E 148 13.26 -6.63 -50.22
N ASN E 149 14.05 -7.00 -49.19
CA ASN E 149 15.51 -7.05 -49.33
C ASN E 149 16.06 -8.46 -49.45
N LEU E 150 15.20 -9.47 -49.38
CA LEU E 150 15.59 -10.87 -49.46
C LEU E 150 14.82 -11.52 -50.60
N LEU E 151 15.37 -12.61 -51.14
CA LEU E 151 14.77 -13.32 -52.27
C LEU E 151 14.76 -14.81 -51.98
N TRP E 152 13.56 -15.39 -51.83
CA TRP E 152 13.37 -16.79 -51.46
C TRP E 152 13.40 -17.67 -52.70
N LEU E 153 14.58 -18.21 -53.03
CA LEU E 153 14.74 -19.02 -54.23
C LEU E 153 14.21 -20.43 -54.03
N THR E 154 13.58 -20.99 -55.08
CA THR E 154 13.10 -22.37 -55.07
C THR E 154 13.49 -23.04 -56.38
N LYS E 155 13.19 -24.33 -56.48
CA LYS E 155 13.58 -25.10 -57.66
C LYS E 155 12.89 -24.56 -58.91
N LYS E 156 13.58 -24.75 -60.04
CA LYS E 156 13.12 -24.38 -61.36
C LYS E 156 13.11 -25.64 -62.21
N GLU E 157 11.93 -26.01 -62.74
CA GLU E 157 11.76 -27.21 -63.56
C GLU E 157 12.18 -28.48 -62.81
N ASP E 158 11.73 -28.63 -61.57
CA ASP E 158 11.98 -29.83 -60.77
C ASP E 158 13.46 -30.03 -60.47
N SER E 159 14.26 -28.98 -60.55
CA SER E 159 15.67 -29.12 -60.24
C SER E 159 16.14 -27.86 -59.51
N TYR E 160 17.10 -28.05 -58.61
CA TYR E 160 17.76 -26.96 -57.88
C TYR E 160 19.26 -27.18 -58.04
N PRO E 161 19.86 -26.66 -59.10
CA PRO E 161 21.31 -26.85 -59.30
C PRO E 161 22.11 -26.13 -58.22
N LYS E 162 23.37 -26.56 -58.07
CA LYS E 162 24.24 -25.86 -57.13
C LYS E 162 24.43 -24.42 -57.56
N LEU E 163 24.10 -23.48 -56.70
CA LEU E 163 24.24 -22.08 -57.06
C LEU E 163 25.54 -21.56 -56.45
N SER E 164 26.16 -20.62 -57.18
CA SER E 164 27.34 -19.93 -56.68
C SER E 164 27.30 -18.50 -57.19
N ASN E 165 27.20 -17.55 -56.27
CA ASN E 165 27.16 -16.14 -56.62
C ASN E 165 27.99 -15.35 -55.63
N SER E 166 28.72 -14.38 -56.13
CA SER E 166 29.64 -13.63 -55.30
C SER E 166 29.45 -12.13 -55.50
N TYR E 167 29.83 -11.38 -54.50
CA TYR E 167 29.79 -9.93 -54.59
C TYR E 167 31.11 -9.37 -54.08
N VAL E 168 31.73 -8.50 -54.88
CA VAL E 168 32.95 -7.80 -54.54
C VAL E 168 32.57 -6.38 -54.11
N ASN E 169 32.92 -6.00 -52.89
CA ASN E 169 32.57 -4.70 -52.33
C ASN E 169 33.43 -3.59 -52.93
N LYS E 170 32.89 -2.89 -53.92
CA LYS E 170 33.57 -1.75 -54.50
C LYS E 170 32.89 -0.44 -54.10
N LYS E 171 32.21 -0.44 -52.95
CA LYS E 171 31.47 0.74 -52.50
C LYS E 171 32.32 1.68 -51.66
N GLY E 172 33.55 1.28 -51.29
CA GLY E 172 34.33 2.12 -50.41
C GLY E 172 33.80 2.22 -48.99
N LYS E 173 32.86 1.35 -48.62
CA LYS E 173 32.20 1.34 -47.33
C LYS E 173 31.97 -0.10 -46.92
N GLU E 174 31.77 -0.31 -45.61
CA GLU E 174 31.23 -1.59 -45.18
C GLU E 174 29.88 -1.77 -45.85
N VAL E 175 29.62 -2.98 -46.33
CA VAL E 175 28.33 -3.31 -46.91
C VAL E 175 27.71 -4.36 -46.02
N LEU E 176 26.52 -4.06 -45.52
CA LEU E 176 25.75 -4.96 -44.68
C LEU E 176 24.98 -5.89 -45.59
N VAL E 177 25.21 -7.20 -45.45
CA VAL E 177 24.55 -8.22 -46.25
C VAL E 177 23.68 -9.04 -45.32
N LEU E 178 22.42 -9.19 -45.68
CA LEU E 178 21.48 -10.01 -44.92
C LEU E 178 21.02 -11.18 -45.78
N TRP E 179 20.82 -12.34 -45.16
CA TRP E 179 20.26 -13.49 -45.85
C TRP E 179 19.54 -14.36 -44.84
N GLY E 180 18.92 -15.44 -45.34
CA GLY E 180 18.29 -16.41 -44.48
C GLY E 180 18.52 -17.83 -44.95
N VAL E 181 18.33 -18.76 -44.02
CA VAL E 181 18.35 -20.19 -44.31
C VAL E 181 16.98 -20.74 -43.88
N HIS E 182 16.33 -21.46 -44.79
CA HIS E 182 14.99 -21.96 -44.53
C HIS E 182 15.05 -23.37 -44.00
N HIS E 183 14.30 -23.63 -42.95
CA HIS E 183 14.27 -24.93 -42.28
C HIS E 183 12.86 -25.47 -42.42
N PRO E 184 12.62 -26.36 -43.40
CA PRO E 184 11.25 -26.80 -43.69
C PRO E 184 10.73 -27.74 -42.61
N SER E 185 9.42 -27.97 -42.64
CA SER E 185 8.74 -28.79 -41.63
C SER E 185 8.67 -30.26 -41.98
N SER E 186 8.94 -30.64 -43.23
CA SER E 186 8.90 -32.05 -43.60
C SER E 186 9.87 -32.32 -44.73
N SER E 187 10.22 -33.60 -44.89
CA SER E 187 11.05 -33.99 -46.03
C SER E 187 10.29 -33.87 -47.34
N LYS E 188 8.96 -34.00 -47.30
CA LYS E 188 8.17 -33.67 -48.48
C LYS E 188 8.34 -32.20 -48.85
N GLU E 189 8.30 -31.30 -47.86
CA GLU E 189 8.43 -29.87 -48.12
C GLU E 189 9.82 -29.54 -48.66
N GLN E 190 10.86 -30.23 -48.17
CA GLN E 190 12.21 -30.03 -48.71
C GLN E 190 12.24 -30.33 -50.20
N GLN E 191 11.71 -31.48 -50.59
CA GLN E 191 11.72 -31.87 -52.00
C GLN E 191 10.83 -30.96 -52.83
N THR E 192 9.67 -30.60 -52.29
CA THR E 192 8.76 -29.73 -53.02
C THR E 192 9.41 -28.38 -53.29
N LEU E 193 10.09 -27.82 -52.28
CA LEU E 193 10.68 -26.49 -52.48
C LEU E 193 12.05 -26.57 -53.15
N TYR E 194 12.89 -27.52 -52.76
CA TYR E 194 14.28 -27.49 -53.15
C TYR E 194 14.74 -28.76 -53.85
N GLN E 195 13.86 -29.75 -54.04
CA GLN E 195 14.20 -31.02 -54.69
C GLN E 195 15.18 -31.87 -53.89
N ASN E 196 16.37 -31.35 -53.63
CA ASN E 196 17.44 -32.10 -53.00
C ASN E 196 17.15 -32.37 -51.53
N GLU E 197 17.44 -33.61 -51.11
CA GLU E 197 17.11 -34.08 -49.77
C GLU E 197 18.06 -33.56 -48.71
N ASN E 198 19.36 -33.51 -49.01
CA ASN E 198 20.38 -33.14 -48.05
C ASN E 198 21.06 -31.85 -48.53
N ALA E 199 20.64 -30.71 -48.01
CA ALA E 199 21.08 -29.46 -48.56
C ALA E 199 22.08 -28.80 -47.65
N TYR E 200 22.75 -27.78 -48.19
CA TYR E 200 23.69 -26.96 -47.44
C TYR E 200 23.62 -25.54 -47.97
N VAL E 201 23.98 -24.60 -47.12
CA VAL E 201 24.17 -23.22 -47.50
C VAL E 201 25.53 -22.81 -47.00
N SER E 202 26.32 -22.19 -47.88
CA SER E 202 27.65 -21.74 -47.55
C SER E 202 27.72 -20.24 -47.77
N VAL E 203 28.28 -19.52 -46.81
CA VAL E 203 28.52 -18.09 -46.95
C VAL E 203 29.95 -17.82 -46.50
N VAL E 204 30.79 -17.32 -47.42
CA VAL E 204 32.20 -17.09 -47.12
C VAL E 204 32.61 -15.70 -47.56
N SER E 205 33.47 -15.06 -46.76
CA SER E 205 34.15 -13.83 -47.17
C SER E 205 35.62 -13.94 -46.73
N SER E 206 36.30 -12.81 -46.59
CA SER E 206 37.69 -12.88 -46.13
C SER E 206 37.77 -13.06 -44.62
N ASN E 207 36.76 -12.60 -43.88
CA ASN E 207 36.77 -12.75 -42.43
C ASN E 207 35.45 -13.29 -41.91
N TYR E 208 34.63 -13.84 -42.80
CA TYR E 208 33.38 -14.51 -42.43
C TYR E 208 33.32 -15.85 -43.13
N ASN E 209 32.85 -16.87 -42.42
CA ASN E 209 32.92 -18.22 -42.97
C ASN E 209 31.97 -19.12 -42.17
N ARG E 210 30.75 -19.30 -42.67
CA ARG E 210 29.76 -20.13 -42.00
C ARG E 210 29.06 -21.04 -43.02
N ARG E 211 28.71 -22.25 -42.56
CA ARG E 211 27.98 -23.26 -43.33
C ARG E 211 26.74 -23.72 -42.56
N PHE E 212 25.63 -23.84 -43.26
CA PHE E 212 24.34 -24.14 -42.64
C PHE E 212 23.76 -25.41 -43.25
N ILE E 213 23.35 -26.35 -42.39
CA ILE E 213 22.67 -27.56 -42.79
C ILE E 213 21.20 -27.40 -42.41
N PRO E 214 20.29 -27.19 -43.38
CA PRO E 214 18.88 -27.07 -43.02
C PRO E 214 18.39 -28.29 -42.28
N GLU E 215 17.55 -28.04 -41.28
CA GLU E 215 17.03 -29.06 -40.40
C GLU E 215 15.52 -29.21 -40.63
N ILE E 216 15.07 -30.43 -40.88
CA ILE E 216 13.65 -30.73 -40.95
C ILE E 216 13.20 -31.26 -39.61
N ALA E 217 12.14 -30.66 -39.07
CA ALA E 217 11.59 -31.07 -37.80
C ALA E 217 10.13 -30.62 -37.71
N GLU E 218 9.34 -31.33 -36.91
CA GLU E 218 7.96 -30.87 -36.69
C GLU E 218 8.05 -29.84 -35.58
N ARG E 219 7.48 -28.66 -35.84
CA ARG E 219 7.51 -27.51 -34.96
C ARG E 219 6.11 -26.98 -34.75
N PRO E 220 5.83 -26.36 -33.60
CA PRO E 220 4.57 -25.65 -33.45
C PRO E 220 4.43 -24.56 -34.50
N GLU E 221 3.21 -24.37 -34.97
CA GLU E 221 2.95 -23.40 -36.02
C GLU E 221 2.92 -22.01 -35.43
N VAL E 222 3.70 -21.11 -36.00
CA VAL E 222 3.69 -19.68 -35.68
C VAL E 222 3.31 -18.92 -36.93
N LYS E 223 2.21 -18.17 -36.88
CA LYS E 223 1.65 -17.55 -38.08
C LYS E 223 1.44 -18.62 -39.15
N ASP E 224 0.90 -19.76 -38.70
CA ASP E 224 0.58 -20.94 -39.49
C ASP E 224 1.80 -21.60 -40.15
N GLN E 225 3.01 -21.32 -39.67
CA GLN E 225 4.22 -21.84 -40.30
C GLN E 225 4.88 -22.83 -39.35
N ALA E 226 5.00 -24.08 -39.77
CA ALA E 226 5.81 -25.03 -39.00
C ALA E 226 7.26 -25.03 -39.45
N GLY E 227 7.59 -24.33 -40.53
CA GLY E 227 8.97 -24.06 -40.88
C GLY E 227 9.50 -22.90 -40.07
N ARG E 228 10.77 -22.59 -40.31
CA ARG E 228 11.45 -21.48 -39.69
C ARG E 228 12.45 -20.93 -40.69
N ILE E 229 12.66 -19.63 -40.67
CA ILE E 229 13.76 -19.03 -41.40
C ILE E 229 14.67 -18.41 -40.36
N ASN E 230 15.94 -18.78 -40.39
CA ASN E 230 16.94 -18.07 -39.59
C ASN E 230 17.57 -16.98 -40.45
N TYR E 231 17.60 -15.77 -39.90
CA TYR E 231 18.09 -14.59 -40.61
C TYR E 231 19.51 -14.27 -40.15
N TYR E 232 20.39 -13.98 -41.10
CA TYR E 232 21.79 -13.72 -40.80
C TYR E 232 22.23 -12.44 -41.48
N TRP E 233 23.32 -11.88 -40.97
CA TRP E 233 23.89 -10.66 -41.50
C TRP E 233 25.41 -10.70 -41.31
N THR E 234 26.12 -9.94 -42.14
CA THR E 234 27.56 -9.74 -41.94
C THR E 234 27.93 -8.38 -42.53
N LEU E 235 29.04 -7.83 -42.06
CA LEU E 235 29.57 -6.58 -42.61
C LEU E 235 30.73 -6.94 -43.52
N LEU E 236 30.59 -6.62 -44.81
CA LEU E 236 31.61 -6.92 -45.80
C LEU E 236 32.57 -5.74 -45.89
N GLU E 237 33.84 -5.96 -45.59
CA GLU E 237 34.81 -4.87 -45.58
C GLU E 237 35.05 -4.38 -47.01
N PRO E 238 35.44 -3.11 -47.17
CA PRO E 238 35.76 -2.59 -48.50
C PRO E 238 36.84 -3.42 -49.20
N GLY E 239 36.62 -3.70 -50.47
CA GLY E 239 37.53 -4.51 -51.25
C GLY E 239 37.30 -6.01 -51.15
N ASP E 240 36.54 -6.46 -50.17
CA ASP E 240 36.37 -7.89 -49.93
C ASP E 240 35.23 -8.46 -50.77
N THR E 241 35.26 -9.78 -50.92
CA THR E 241 34.32 -10.57 -51.70
C THR E 241 33.55 -11.47 -50.76
N ILE E 242 32.24 -11.63 -51.03
CA ILE E 242 31.41 -12.60 -50.31
C ILE E 242 30.86 -13.61 -51.32
N ILE E 243 30.93 -14.89 -50.97
CA ILE E 243 30.49 -15.97 -51.84
C ILE E 243 29.35 -16.74 -51.17
N PHE E 244 28.24 -16.85 -51.87
CA PHE E 244 27.11 -17.67 -51.47
C PHE E 244 27.07 -18.93 -52.33
N GLU E 245 26.98 -20.08 -51.67
CA GLU E 245 26.91 -21.37 -52.35
C GLU E 245 25.81 -22.17 -51.69
N ALA E 246 24.93 -22.78 -52.48
CA ALA E 246 23.83 -23.52 -51.91
C ALA E 246 23.28 -24.49 -52.93
N ASN E 247 22.66 -25.57 -52.45
CA ASN E 247 21.79 -26.42 -53.25
C ASN E 247 20.42 -26.53 -52.61
N GLY E 248 20.05 -25.56 -51.79
CA GLY E 248 18.72 -25.50 -51.22
C GLY E 248 18.65 -24.54 -50.06
N ASN E 249 17.41 -24.16 -49.73
CA ASN E 249 17.04 -23.51 -48.48
C ASN E 249 17.63 -22.11 -48.31
N LEU E 250 18.14 -21.50 -49.37
CA LEU E 250 18.74 -20.17 -49.25
C LEU E 250 17.71 -19.08 -49.51
N VAL E 251 17.50 -18.22 -48.52
CA VAL E 251 16.82 -16.95 -48.71
C VAL E 251 17.91 -15.98 -49.11
N ALA E 252 18.05 -15.74 -50.41
CA ALA E 252 19.22 -15.05 -50.93
C ALA E 252 19.14 -13.56 -50.66
N PRO E 253 20.28 -12.90 -50.47
CA PRO E 253 20.27 -11.43 -50.42
C PRO E 253 19.82 -10.88 -51.76
N TRP E 254 18.96 -9.89 -51.69
CA TRP E 254 18.56 -9.14 -52.87
C TRP E 254 19.07 -7.70 -52.81
N TYR E 255 18.83 -7.00 -51.70
CA TYR E 255 19.34 -5.64 -51.50
C TYR E 255 20.28 -5.60 -50.30
N ALA E 256 21.36 -4.83 -50.43
CA ALA E 256 22.27 -4.63 -49.31
C ALA E 256 22.47 -3.13 -49.08
N PHE E 257 23.25 -2.80 -48.06
CA PHE E 257 23.38 -1.44 -47.58
C PHE E 257 24.85 -1.08 -47.45
N ALA E 258 25.28 -0.10 -48.24
CA ALA E 258 26.60 0.50 -48.06
C ALA E 258 26.49 1.54 -46.96
N LEU E 259 27.21 1.32 -45.85
CA LEU E 259 27.02 2.09 -44.64
C LEU E 259 28.02 3.24 -44.50
N SER E 260 27.52 4.40 -44.09
CA SER E 260 28.37 5.52 -43.65
C SER E 260 28.21 5.72 -42.15
N ARG E 261 29.32 5.68 -41.44
CA ARG E 261 29.34 5.82 -40.00
C ARG E 261 29.32 7.30 -39.58
N GLY E 262 28.71 7.56 -38.42
CA GLY E 262 28.64 8.90 -37.88
C GLY E 262 28.75 8.89 -36.36
N PHE E 263 28.71 10.07 -35.76
CA PHE E 263 28.83 10.23 -34.32
C PHE E 263 27.49 10.72 -33.76
N GLY E 264 27.10 10.19 -32.61
CA GLY E 264 25.99 10.72 -31.85
C GLY E 264 24.62 10.15 -32.17
N SER E 265 24.50 9.20 -33.09
CA SER E 265 23.21 8.62 -33.36
C SER E 265 22.88 7.57 -32.29
N GLY E 266 21.70 7.00 -32.39
CA GLY E 266 21.21 6.04 -31.42
C GLY E 266 19.77 5.70 -31.72
N ILE E 267 19.28 4.68 -31.04
CA ILE E 267 17.90 4.23 -31.13
C ILE E 267 17.17 4.62 -29.85
N ILE E 268 16.05 5.33 -29.98
CA ILE E 268 15.25 5.71 -28.84
C ILE E 268 13.83 5.20 -29.07
N THR E 269 13.09 5.07 -27.99
CA THR E 269 11.68 4.69 -28.06
C THR E 269 10.86 5.85 -27.56
N SER E 270 10.00 6.38 -28.43
CA SER E 270 9.22 7.55 -28.11
C SER E 270 7.80 7.40 -28.64
N ASN E 271 6.86 8.00 -27.91
CA ASN E 271 5.49 8.15 -28.39
C ASN E 271 5.22 9.55 -28.88
N ALA E 272 6.22 10.44 -28.83
CA ALA E 272 6.09 11.81 -29.25
C ALA E 272 6.09 11.90 -30.77
N SER E 273 5.56 13.02 -31.27
CA SER E 273 5.37 13.23 -32.69
C SER E 273 6.43 14.14 -33.32
N MET E 274 6.67 13.94 -34.60
CA MET E 274 7.62 14.77 -35.34
C MET E 274 6.99 16.11 -35.67
N HIS E 275 7.74 17.18 -35.42
CA HIS E 275 7.34 18.53 -35.81
C HIS E 275 8.53 19.21 -36.46
N GLU E 276 8.29 20.39 -37.02
CA GLU E 276 9.34 21.14 -37.72
C GLU E 276 10.14 22.03 -36.76
N CYS E 277 10.65 21.42 -35.71
CA CYS E 277 11.57 22.07 -34.77
C CYS E 277 12.98 21.58 -35.04
N ASN E 278 13.96 22.38 -34.61
CA ASN E 278 15.36 21.98 -34.62
C ASN E 278 15.91 22.06 -33.19
N THR E 279 16.72 21.08 -32.81
CA THR E 279 17.22 21.03 -31.45
C THR E 279 18.66 20.55 -31.44
N LYS E 280 19.35 20.88 -30.35
CA LYS E 280 20.64 20.31 -30.01
C LYS E 280 20.53 19.12 -29.06
N CYS E 281 19.37 18.93 -28.43
CA CYS E 281 19.16 17.88 -27.44
C CYS E 281 17.74 17.32 -27.57
N GLN E 282 17.65 16.00 -27.69
CA GLN E 282 16.38 15.30 -27.87
C GLN E 282 16.30 14.18 -26.86
N THR E 283 15.13 14.04 -26.24
CA THR E 283 14.88 12.92 -25.33
C THR E 283 13.63 12.18 -25.80
N PRO E 284 13.38 10.97 -25.30
CA PRO E 284 12.13 10.28 -25.67
C PRO E 284 10.87 11.08 -25.35
N GLN E 285 10.95 12.04 -24.41
CA GLN E 285 9.78 12.84 -24.02
C GLN E 285 9.61 14.10 -24.86
N GLY E 286 10.68 14.65 -25.38
CA GLY E 286 10.63 15.90 -26.12
C GLY E 286 12.01 16.52 -26.16
N ALA E 287 12.10 17.57 -26.96
CA ALA E 287 13.38 18.25 -27.15
C ALA E 287 13.63 19.23 -26.00
N ILE E 288 14.92 19.40 -25.68
CA ILE E 288 15.36 20.31 -24.62
C ILE E 288 16.13 21.48 -25.24
N ASN E 289 15.85 22.69 -24.76
CA ASN E 289 16.58 23.91 -25.13
C ASN E 289 17.06 24.57 -23.85
N SER E 290 18.29 24.28 -23.43
CA SER E 290 18.71 24.74 -22.11
C SER E 290 20.23 24.77 -22.03
N SER E 291 20.74 25.65 -21.16
CA SER E 291 22.15 25.72 -20.82
C SER E 291 22.39 25.28 -19.38
N LEU E 292 21.35 24.79 -18.71
CA LEU E 292 21.47 24.30 -17.35
C LEU E 292 22.27 23.01 -17.30
N PRO E 293 23.00 22.78 -16.20
CA PRO E 293 23.84 21.58 -16.12
C PRO E 293 23.06 20.29 -15.89
N PHE E 294 21.83 20.35 -15.38
CA PHE E 294 21.09 19.14 -15.02
C PHE E 294 19.67 19.18 -15.59
N GLN E 295 19.14 18.00 -15.85
CA GLN E 295 17.75 17.85 -16.22
C GLN E 295 17.20 16.61 -15.55
N ASN E 296 15.88 16.58 -15.36
CA ASN E 296 15.18 15.44 -14.81
C ASN E 296 14.06 14.98 -15.74
N ILE E 297 14.23 15.19 -17.04
CA ILE E 297 13.18 14.84 -18.00
C ILE E 297 13.30 13.39 -18.45
N HIS E 298 14.51 12.95 -18.84
CA HIS E 298 14.70 11.56 -19.24
C HIS E 298 16.17 11.17 -19.28
N PRO E 299 16.52 9.96 -18.83
CA PRO E 299 17.92 9.51 -18.92
C PRO E 299 18.43 9.31 -20.34
N VAL E 300 17.56 9.10 -21.30
CA VAL E 300 17.97 8.87 -22.68
C VAL E 300 18.04 10.21 -23.39
N THR E 301 19.19 10.50 -23.99
CA THR E 301 19.43 11.78 -24.64
C THR E 301 20.12 11.56 -25.97
N ILE E 302 19.83 12.45 -26.92
CA ILE E 302 20.49 12.48 -28.22
C ILE E 302 21.01 13.89 -28.40
N GLY E 303 22.30 14.02 -28.64
CA GLY E 303 22.90 15.32 -28.86
C GLY E 303 23.68 15.78 -27.66
N GLU E 304 23.65 17.09 -27.41
CA GLU E 304 24.36 17.73 -26.31
C GLU E 304 23.32 18.12 -25.26
N CYS E 305 23.33 17.44 -24.12
CA CYS E 305 22.25 17.58 -23.15
C CYS E 305 22.80 17.84 -21.77
N PRO E 306 21.96 18.36 -20.86
CA PRO E 306 22.32 18.35 -19.44
C PRO E 306 22.30 16.93 -18.91
N LYS E 307 23.06 16.71 -17.82
CA LYS E 307 23.09 15.40 -17.20
C LYS E 307 21.77 15.10 -16.53
N TYR E 308 21.24 13.90 -16.78
CA TYR E 308 20.01 13.46 -16.14
C TYR E 308 20.28 13.08 -14.69
N VAL E 309 19.43 13.55 -13.78
CA VAL E 309 19.54 13.24 -12.37
C VAL E 309 18.14 12.97 -11.84
N LYS E 310 18.07 12.25 -10.74
CA LYS E 310 16.79 11.84 -10.15
C LYS E 310 16.33 12.82 -9.09
N SER E 311 16.46 14.11 -9.35
CA SER E 311 16.09 15.12 -8.38
C SER E 311 14.87 15.92 -8.84
N ALA E 312 14.09 16.40 -7.86
CA ALA E 312 12.94 17.25 -8.16
C ALA E 312 13.26 18.74 -8.06
N LYS E 313 14.34 19.12 -7.37
CA LYS E 313 14.70 20.51 -7.19
C LYS E 313 16.20 20.62 -7.02
N LEU E 314 16.82 21.59 -7.71
CA LEU E 314 18.24 21.90 -7.56
C LEU E 314 18.40 23.41 -7.75
N ARG E 315 17.98 24.16 -6.75
CA ARG E 315 18.06 25.61 -6.78
C ARG E 315 19.25 26.07 -5.94
N MET E 316 20.07 26.93 -6.53
CA MET E 316 21.26 27.47 -5.89
C MET E 316 20.95 28.91 -5.50
N VAL E 317 21.11 29.22 -4.21
CA VAL E 317 20.95 30.60 -3.77
C VAL E 317 22.12 31.44 -4.27
N THR E 318 21.81 32.62 -4.79
CA THR E 318 22.83 33.60 -5.14
C THR E 318 22.77 34.85 -4.29
N GLY E 319 21.58 35.28 -3.89
CA GLY E 319 21.41 36.40 -2.98
C GLY E 319 21.49 35.96 -1.53
N LEU E 320 20.78 36.67 -0.67
CA LEU E 320 20.82 36.36 0.76
C LEU E 320 19.42 36.02 1.27
N ARG E 321 19.36 35.69 2.56
CA ARG E 321 18.09 35.36 3.20
C ARG E 321 17.14 36.56 3.13
N ASN E 322 15.91 36.31 2.69
CA ASN E 322 14.92 37.36 2.47
C ASN E 322 14.07 37.56 3.71
N ILE E 323 14.33 38.65 4.44
CA ILE E 323 13.58 38.97 5.64
C ILE E 323 12.96 40.35 5.45
N PRO E 324 11.82 40.48 4.75
CA PRO E 324 11.16 41.77 4.54
C PRO E 324 10.06 42.02 5.58
N GLY E 330 22.83 33.60 11.82
CA GLY E 330 23.95 33.55 10.89
C GLY E 330 25.26 33.11 11.52
N LEU E 331 26.18 32.66 10.67
CA LEU E 331 27.49 32.20 11.14
C LEU E 331 28.36 33.38 11.60
N PHE E 332 28.23 34.53 10.97
CA PHE E 332 29.01 35.71 11.32
C PHE E 332 28.23 36.69 12.20
N GLY E 333 26.98 36.33 12.54
CA GLY E 333 26.17 37.00 13.54
C GLY E 333 25.41 38.22 13.10
N ALA E 334 25.60 38.70 11.87
CA ALA E 334 24.94 39.94 11.42
C ALA E 334 23.54 39.67 10.87
N ILE E 335 23.47 39.01 9.71
CA ILE E 335 22.18 38.75 9.08
C ILE E 335 21.38 37.77 9.92
N ALA E 336 20.09 38.06 10.10
CA ALA E 336 19.21 37.27 10.96
C ALA E 336 19.82 37.08 12.35
N GLY E 337 20.61 38.06 12.77
CA GLY E 337 21.30 38.02 14.04
C GLY E 337 21.06 39.33 14.77
N PHE E 338 22.09 40.18 14.91
CA PHE E 338 21.89 41.48 15.54
C PHE E 338 21.33 42.52 14.57
N ILE E 339 21.39 42.28 13.26
CA ILE E 339 20.63 43.04 12.27
C ILE E 339 19.46 42.16 11.90
N GLU E 340 18.33 42.38 12.59
CA GLU E 340 17.20 41.44 12.61
C GLU E 340 16.50 41.32 11.26
N GLY E 341 16.57 42.31 10.39
CA GLY E 341 15.80 42.26 9.18
C GLY E 341 16.43 42.98 8.01
N GLY E 342 15.80 42.82 6.86
CA GLY E 342 16.25 43.42 5.64
C GLY E 342 15.43 44.66 5.26
N TRP E 343 15.96 45.38 4.27
CA TRP E 343 15.39 46.65 3.82
C TRP E 343 14.85 46.48 2.41
N THR E 344 13.53 46.32 2.29
CA THR E 344 12.92 46.39 0.97
C THR E 344 13.14 47.76 0.35
N GLY E 345 13.28 48.80 1.19
CA GLY E 345 13.52 50.17 0.74
C GLY E 345 14.84 50.37 0.04
N MET E 346 15.84 49.54 0.31
CA MET E 346 17.11 49.62 -0.40
C MET E 346 17.01 48.74 -1.64
N ILE E 347 16.95 49.38 -2.82
CA ILE E 347 16.69 48.68 -4.07
C ILE E 347 17.92 48.53 -4.94
N ASP E 348 19.00 49.26 -4.66
CA ASP E 348 20.11 49.41 -5.58
C ASP E 348 21.31 48.52 -5.26
N GLY E 349 21.19 47.62 -4.29
CA GLY E 349 22.36 46.80 -3.93
C GLY E 349 22.03 45.78 -2.86
N TRP E 350 23.02 44.93 -2.58
CA TRP E 350 22.89 43.87 -1.58
C TRP E 350 23.15 44.36 -0.17
N TYR E 351 24.14 45.22 0.01
CA TYR E 351 24.49 45.76 1.31
C TYR E 351 24.55 47.28 1.22
N GLY E 352 24.20 47.95 2.31
CA GLY E 352 24.25 49.39 2.30
C GLY E 352 24.02 50.00 3.66
N TYR E 353 23.77 51.31 3.66
CA TYR E 353 23.60 52.12 4.84
C TYR E 353 22.23 52.79 4.84
N HIS E 354 21.73 53.11 6.03
CA HIS E 354 20.51 53.90 6.18
C HIS E 354 20.78 55.04 7.15
N HIS E 355 20.54 56.27 6.69
CA HIS E 355 20.79 57.46 7.47
C HIS E 355 19.46 58.10 7.89
N GLN E 356 19.44 58.64 9.11
CA GLN E 356 18.32 59.42 9.63
C GLN E 356 18.93 60.78 9.95
N ASN E 357 18.69 61.72 9.05
CA ASN E 357 19.22 63.12 9.17
C ASN E 357 18.05 64.05 9.42
N GLU E 358 18.37 65.30 9.80
CA GLU E 358 17.34 66.35 9.97
C GLU E 358 17.16 67.09 8.64
N GLN E 359 17.99 66.75 7.64
CA GLN E 359 17.95 67.33 6.28
C GLN E 359 17.18 66.36 5.36
N TYR E 363 18.30 55.53 2.57
CA TYR E 363 18.82 54.27 2.03
C TYR E 363 19.86 54.50 0.94
N ALA E 364 21.07 54.01 1.16
CA ALA E 364 22.14 54.12 0.17
C ALA E 364 22.91 52.82 0.15
N ALA E 365 23.02 52.22 -1.03
CA ALA E 365 23.69 50.95 -1.18
C ALA E 365 25.18 51.16 -1.38
N ASP E 366 25.97 50.26 -0.81
CA ASP E 366 27.42 50.30 -0.97
C ASP E 366 27.77 49.58 -2.25
N GLN E 367 28.39 50.29 -3.19
CA GLN E 367 28.69 49.71 -4.50
C GLN E 367 29.91 48.80 -4.46
N LYS E 368 30.88 49.08 -3.58
CA LYS E 368 32.09 48.27 -3.48
C LYS E 368 31.77 46.88 -2.95
N SER E 369 30.99 46.79 -1.87
CA SER E 369 30.70 45.49 -1.28
C SER E 369 29.79 44.67 -2.17
N THR E 370 28.83 45.31 -2.83
CA THR E 370 27.90 44.59 -3.70
C THR E 370 28.60 44.09 -4.95
N GLN E 371 29.51 44.88 -5.51
CA GLN E 371 30.19 44.45 -6.73
C GLN E 371 31.21 43.34 -6.47
N ASN E 372 31.82 43.34 -5.28
CA ASN E 372 32.70 42.23 -4.94
C ASN E 372 31.90 40.96 -4.66
N ALA E 373 30.72 41.12 -4.06
CA ALA E 373 29.85 39.97 -3.85
C ALA E 373 29.32 39.42 -5.16
N ILE E 374 28.87 40.30 -6.06
CA ILE E 374 28.34 39.85 -7.34
C ILE E 374 29.41 39.15 -8.16
N ASN E 375 30.62 39.73 -8.19
CA ASN E 375 31.71 39.13 -8.95
C ASN E 375 32.06 37.76 -8.41
N GLY E 376 32.11 37.63 -7.09
CA GLY E 376 32.45 36.34 -6.50
C GLY E 376 31.33 35.32 -6.66
N ILE E 377 30.09 35.74 -6.42
CA ILE E 377 28.96 34.82 -6.54
C ILE E 377 28.79 34.41 -7.99
N THR E 378 29.02 35.34 -8.92
CA THR E 378 28.95 34.97 -10.34
C THR E 378 30.01 33.95 -10.70
N ASN E 379 31.23 34.14 -10.19
CA ASN E 379 32.32 33.20 -10.45
C ASN E 379 32.04 31.84 -9.79
N LYS E 380 31.37 31.83 -8.64
CA LYS E 380 31.06 30.56 -7.99
C LYS E 380 30.04 29.77 -8.80
N VAL E 381 29.01 30.44 -9.31
CA VAL E 381 28.00 29.75 -10.11
C VAL E 381 28.63 29.22 -11.40
N ASN E 382 29.43 30.06 -12.07
CA ASN E 382 30.08 29.66 -13.31
C ASN E 382 31.10 28.54 -13.09
N SER E 383 31.78 28.54 -11.94
CA SER E 383 32.83 27.57 -11.70
C SER E 383 32.27 26.17 -11.44
N VAL E 384 31.12 26.07 -10.78
CA VAL E 384 30.57 24.74 -10.54
C VAL E 384 29.81 24.24 -11.76
N ILE E 385 29.18 25.13 -12.53
CA ILE E 385 28.53 24.68 -13.75
C ILE E 385 29.56 24.23 -14.77
N GLU E 386 30.75 24.83 -14.76
CA GLU E 386 31.79 24.47 -15.71
C GLU E 386 32.33 23.07 -15.45
N LYS E 387 32.49 22.70 -14.18
CA LYS E 387 32.99 21.36 -13.85
C LYS E 387 32.02 20.29 -14.34
N MET E 388 30.73 20.61 -14.42
CA MET E 388 29.75 19.73 -15.03
C MET E 388 29.84 19.83 -16.55
N ASN E 389 29.96 18.68 -17.19
CA ASN E 389 30.10 18.61 -18.64
C ASN E 389 28.83 18.08 -19.26
N THR E 390 28.56 18.54 -20.48
CA THR E 390 27.35 18.19 -21.19
C THR E 390 27.23 16.67 -21.36
N GLN E 391 26.00 16.17 -21.30
CA GLN E 391 25.72 14.77 -21.58
C GLN E 391 25.60 14.62 -23.08
N PHE E 392 26.47 13.81 -23.68
CA PHE E 392 26.36 13.42 -25.08
C PHE E 392 25.44 12.21 -25.17
N THR E 393 25.21 11.72 -26.38
CA THR E 393 24.22 10.68 -26.64
C THR E 393 24.37 9.48 -25.72
N ALA E 394 23.31 9.18 -24.98
CA ALA E 394 23.26 8.01 -24.11
C ALA E 394 21.88 7.37 -24.22
N VAL E 395 21.83 6.14 -24.70
CA VAL E 395 20.57 5.47 -24.99
C VAL E 395 20.56 4.09 -24.34
N GLY E 396 19.38 3.50 -24.28
CA GLY E 396 19.31 2.13 -23.82
C GLY E 396 19.91 1.14 -24.82
N LYS E 397 20.07 -0.10 -24.36
CA LYS E 397 20.62 -1.18 -25.17
C LYS E 397 19.69 -2.37 -25.04
N GLU E 398 19.70 -3.23 -26.03
CA GLU E 398 18.82 -4.39 -26.05
C GLU E 398 19.60 -5.70 -25.92
N PHE E 399 19.01 -6.70 -25.27
CA PHE E 399 19.65 -7.98 -24.97
C PHE E 399 18.69 -9.12 -25.22
N ASN E 400 19.20 -10.24 -25.78
CA ASN E 400 18.35 -11.38 -26.07
C ASN E 400 18.15 -12.23 -24.81
N ASN E 401 17.37 -13.30 -24.94
CA ASN E 401 16.96 -13.93 -23.68
C ASN E 401 18.02 -14.87 -23.12
N LEU E 402 19.18 -14.95 -23.74
CA LEU E 402 20.27 -15.66 -23.10
C LEU E 402 21.35 -14.71 -22.62
N GLU E 403 21.03 -13.42 -22.51
CA GLU E 403 21.99 -12.41 -22.09
C GLU E 403 21.44 -11.62 -20.91
N LYS E 404 20.72 -12.31 -20.01
CA LYS E 404 20.16 -11.63 -18.85
C LYS E 404 21.27 -11.10 -17.95
N ARG E 405 22.38 -11.81 -17.80
CA ARG E 405 23.46 -11.27 -16.97
C ARG E 405 23.99 -9.97 -17.57
N MET E 406 24.27 -9.95 -18.88
CA MET E 406 24.77 -8.73 -19.48
C MET E 406 23.75 -7.61 -19.36
N GLU E 407 22.47 -7.93 -19.51
CA GLU E 407 21.43 -6.93 -19.35
C GLU E 407 21.46 -6.33 -17.96
N ASN E 408 21.62 -7.18 -16.94
CA ASN E 408 21.64 -6.69 -15.58
C ASN E 408 22.93 -5.92 -15.31
N LEU E 409 24.05 -6.36 -15.90
CA LEU E 409 25.29 -5.61 -15.79
C LEU E 409 25.12 -4.21 -16.36
N ASN E 410 24.51 -4.13 -17.56
CA ASN E 410 24.27 -2.81 -18.15
C ASN E 410 23.37 -1.95 -17.28
N LYS E 411 22.34 -2.54 -16.67
CA LYS E 411 21.45 -1.79 -15.82
C LYS E 411 22.12 -1.41 -14.51
N LYS E 412 23.02 -2.26 -14.00
CA LYS E 412 23.75 -1.88 -12.79
C LYS E 412 24.66 -0.69 -13.04
N VAL E 413 25.30 -0.67 -14.22
CA VAL E 413 26.19 0.44 -14.58
C VAL E 413 25.40 1.75 -14.69
N ASP E 414 24.27 1.73 -15.40
CA ASP E 414 23.49 2.96 -15.58
C ASP E 414 22.92 3.47 -14.25
N ASP E 415 22.41 2.58 -13.40
CA ASP E 415 21.83 3.03 -12.15
C ASP E 415 22.90 3.51 -11.18
N GLY E 416 24.05 2.83 -11.15
CA GLY E 416 25.15 3.27 -10.30
C GLY E 416 25.61 4.68 -10.61
N PHE E 417 25.84 4.95 -11.90
CA PHE E 417 26.22 6.29 -12.31
C PHE E 417 25.12 7.30 -11.99
N LEU E 418 23.85 6.92 -12.19
CA LEU E 418 22.76 7.88 -11.93
C LEU E 418 22.65 8.21 -10.44
N ASP E 419 22.88 7.22 -9.57
CA ASP E 419 22.82 7.50 -8.14
C ASP E 419 23.95 8.42 -7.71
N ILE E 420 25.14 8.26 -8.28
CA ILE E 420 26.25 9.14 -7.92
C ILE E 420 25.98 10.57 -8.36
N TRP E 421 25.55 10.76 -9.61
CA TRP E 421 25.37 12.11 -10.09
C TRP E 421 24.23 12.83 -9.38
N THR E 422 23.14 12.12 -9.06
CA THR E 422 22.08 12.72 -8.27
C THR E 422 22.59 13.13 -6.90
N TYR E 423 23.41 12.27 -6.30
CA TYR E 423 23.98 12.57 -4.99
C TYR E 423 24.92 13.76 -5.07
N ASN E 424 25.85 13.74 -6.03
CA ASN E 424 26.76 14.85 -6.20
C ASN E 424 26.01 16.16 -6.41
N ALA E 425 25.02 16.17 -7.29
CA ALA E 425 24.32 17.42 -7.57
C ALA E 425 23.55 17.89 -6.34
N GLU E 426 22.82 16.97 -5.71
CA GLU E 426 21.99 17.37 -4.59
C GLU E 426 22.83 17.80 -3.40
N LEU E 427 23.93 17.09 -3.14
CA LEU E 427 24.72 17.39 -1.97
C LEU E 427 25.57 18.64 -2.18
N LEU E 428 26.05 18.85 -3.40
CA LEU E 428 26.78 20.07 -3.69
C LEU E 428 25.93 21.30 -3.44
N VAL E 429 24.70 21.30 -3.96
CA VAL E 429 23.84 22.46 -3.83
C VAL E 429 23.48 22.70 -2.37
N LEU E 430 23.19 21.64 -1.63
CA LEU E 430 22.84 21.79 -0.22
C LEU E 430 24.00 22.38 0.57
N LEU E 431 25.22 21.88 0.34
CA LEU E 431 26.37 22.39 1.09
C LEU E 431 26.76 23.79 0.66
N GLU E 432 26.80 24.03 -0.65
CA GLU E 432 27.30 25.32 -1.11
C GLU E 432 26.31 26.46 -0.91
N ASN E 433 25.00 26.17 -0.80
CA ASN E 433 24.04 27.20 -0.42
C ASN E 433 24.36 27.75 0.98
N GLU E 434 24.74 26.86 1.87
CA GLU E 434 25.09 27.28 3.24
C GLU E 434 26.34 28.14 3.18
N ARG E 435 27.27 27.85 2.27
CA ARG E 435 28.46 28.67 2.14
C ARG E 435 28.14 30.04 1.54
N THR E 436 27.17 30.10 0.63
CA THR E 436 26.83 31.38 0.01
C THR E 436 26.12 32.30 1.00
N LEU E 437 25.24 31.76 1.84
CA LEU E 437 24.62 32.55 2.88
C LEU E 437 25.63 32.99 3.94
N ASP E 438 26.64 32.16 4.23
CA ASP E 438 27.71 32.59 5.12
C ASP E 438 28.48 33.77 4.53
N PHE E 439 28.72 33.72 3.22
CA PHE E 439 29.47 34.76 2.51
C PHE E 439 28.79 36.12 2.61
N HIS E 440 27.47 36.16 2.45
CA HIS E 440 26.74 37.42 2.58
C HIS E 440 26.78 37.91 4.03
N ASP E 441 26.62 36.99 4.99
CA ASP E 441 26.72 37.36 6.40
C ASP E 441 28.07 37.99 6.71
N SER E 442 29.14 37.44 6.13
CA SER E 442 30.47 38.01 6.30
C SER E 442 30.59 39.36 5.62
N ASN E 443 30.03 39.50 4.41
CA ASN E 443 30.16 40.77 3.69
C ASN E 443 29.48 41.90 4.48
N VAL E 444 28.34 41.60 5.11
CA VAL E 444 27.65 42.59 5.93
C VAL E 444 28.38 42.85 7.23
N LYS E 445 28.85 41.79 7.89
CA LYS E 445 29.56 41.96 9.17
C LYS E 445 30.88 42.69 8.99
N ASN E 446 31.54 42.55 7.83
CA ASN E 446 32.76 43.32 7.59
C ASN E 446 32.44 44.77 7.28
N LEU E 447 31.31 45.01 6.62
CA LEU E 447 30.87 46.37 6.33
C LEU E 447 30.54 47.13 7.62
N TYR E 448 29.87 46.47 8.58
CA TYR E 448 29.57 47.11 9.85
C TYR E 448 30.84 47.43 10.62
N GLU E 449 31.78 46.48 10.68
CA GLU E 449 33.01 46.70 11.43
C GLU E 449 33.92 47.70 10.73
N LYS E 450 33.81 47.82 9.40
CA LYS E 450 34.57 48.87 8.71
C LYS E 450 34.08 50.25 9.13
N VAL E 451 32.79 50.37 9.46
CA VAL E 451 32.25 51.65 9.93
C VAL E 451 32.59 51.88 11.40
N LYS E 452 32.61 50.82 12.21
CA LYS E 452 32.92 50.96 13.63
C LYS E 452 34.35 51.44 13.86
N ILE E 453 35.30 51.01 13.02
CA ILE E 453 36.69 51.44 13.18
C ILE E 453 36.90 52.88 12.71
N GLN E 454 35.98 53.41 11.90
CA GLN E 454 36.08 54.78 11.43
C GLN E 454 35.50 55.75 12.44
N LEU E 455 34.39 55.38 13.09
CA LEU E 455 33.72 56.27 14.01
C LEU E 455 34.38 56.31 15.37
N LYS E 456 35.07 55.23 15.76
CA LYS E 456 35.76 55.12 17.04
C LYS E 456 34.92 55.71 18.17
N ASN E 457 35.38 56.83 18.77
CA ASN E 457 34.71 57.47 19.90
C ASN E 457 33.60 58.43 19.50
N ASN E 458 33.51 58.80 18.23
CA ASN E 458 32.55 59.82 17.80
C ASN E 458 31.12 59.33 17.72
N ALA E 459 30.84 58.07 18.03
CA ALA E 459 29.46 57.57 17.95
C ALA E 459 29.21 56.50 19.01
N LYS E 460 27.93 56.30 19.29
CA LYS E 460 27.44 55.28 20.23
C LYS E 460 26.99 54.06 19.45
N GLU E 461 27.49 52.89 19.83
CA GLU E 461 27.11 51.64 19.16
C GLU E 461 25.80 51.15 19.76
N ILE E 462 24.72 51.26 18.99
CA ILE E 462 23.42 50.83 19.49
C ILE E 462 23.35 49.31 19.55
N GLY E 463 24.06 48.62 18.67
CA GLY E 463 24.17 47.17 18.72
C GLY E 463 23.25 46.40 17.80
N ASN E 464 22.49 47.09 16.94
CA ASN E 464 21.60 46.46 15.97
C ASN E 464 21.96 46.90 14.55
N GLY E 465 23.23 47.25 14.34
CA GLY E 465 23.68 47.79 13.08
C GLY E 465 23.54 49.29 12.96
N CYS E 466 23.27 49.99 14.05
CA CYS E 466 23.05 51.42 14.00
C CYS E 466 24.02 52.14 14.92
N PHE E 467 24.50 53.28 14.44
CA PHE E 467 25.40 54.15 15.19
C PHE E 467 24.70 55.49 15.42
N GLU E 468 24.54 55.87 16.68
CA GLU E 468 24.02 57.20 17.04
C GLU E 468 25.19 58.14 17.20
N PHE E 469 25.30 59.13 16.30
CA PHE E 469 26.47 60.00 16.25
C PHE E 469 26.38 61.09 17.31
N TYR E 470 27.33 61.08 18.26
CA TYR E 470 27.31 62.01 19.40
C TYR E 470 27.34 63.47 18.93
N HIS E 471 28.09 63.74 17.88
CA HIS E 471 28.16 65.05 17.26
C HIS E 471 27.11 65.14 16.15
N LYS E 472 27.09 66.28 15.48
CA LYS E 472 26.11 66.55 14.44
C LYS E 472 26.75 66.23 13.09
N CYS E 473 26.17 65.25 12.39
CA CYS E 473 26.70 64.79 11.11
C CYS E 473 25.64 65.00 10.03
N ASP E 474 26.04 65.72 8.99
CA ASP E 474 25.13 66.07 7.87
C ASP E 474 25.39 65.14 6.68
N ASN E 475 24.64 65.35 5.61
CA ASN E 475 24.77 64.56 4.35
C ASN E 475 26.24 64.50 3.95
N GLU E 476 26.94 65.61 4.03
CA GLU E 476 28.34 65.61 3.63
C GLU E 476 29.17 64.67 4.52
N CYS E 477 28.93 64.71 5.84
CA CYS E 477 29.69 63.90 6.78
C CYS E 477 29.24 62.44 6.79
N MET E 478 28.00 62.15 6.40
CA MET E 478 27.59 60.75 6.32
C MET E 478 28.12 60.07 5.06
N GLU E 479 28.20 60.78 3.93
CA GLU E 479 28.87 60.22 2.76
C GLU E 479 30.37 60.11 2.99
N SER E 480 30.90 60.90 3.92
CA SER E 480 32.29 60.78 4.34
C SER E 480 32.62 59.36 4.81
N VAL E 481 31.69 58.73 5.53
CA VAL E 481 31.91 57.38 6.04
C VAL E 481 32.22 56.41 4.90
N ARG E 482 31.48 56.50 3.80
CA ARG E 482 31.71 55.68 2.62
C ARG E 482 32.97 56.11 1.86
N TYR E 486 36.31 58.85 5.74
CA TYR E 486 35.77 59.63 6.86
C TYR E 486 36.85 60.56 7.44
N ASP E 487 36.44 61.42 8.39
CA ASP E 487 37.34 62.39 9.02
C ASP E 487 37.08 62.39 10.53
N TYR E 488 37.58 61.35 11.20
CA TYR E 488 37.50 61.27 12.65
C TYR E 488 38.11 62.47 13.39
N PRO E 489 39.30 63.02 13.00
CA PRO E 489 39.95 64.05 13.85
C PRO E 489 39.25 65.40 13.92
N LYS E 490 39.02 66.04 12.77
CA LYS E 490 38.39 67.36 12.74
C LYS E 490 36.94 67.34 13.22
N TYR E 491 36.37 66.16 13.48
CA TYR E 491 35.02 65.99 13.98
C TYR E 491 34.98 65.50 15.43
N SER E 492 36.08 65.65 16.15
CA SER E 492 36.20 65.06 17.48
C SER E 492 35.27 65.74 18.48
N THR F 4 55.25 51.59 17.94
CA THR F 4 53.98 50.98 17.59
C THR F 4 54.11 49.46 17.52
N ILE F 5 52.97 48.76 17.54
CA ILE F 5 52.94 47.32 17.29
C ILE F 5 51.92 47.06 16.19
N CYS F 6 52.32 46.28 15.18
CA CYS F 6 51.47 45.96 14.05
C CYS F 6 51.29 44.46 13.91
N ILE F 7 50.18 44.08 13.28
CA ILE F 7 49.87 42.69 12.98
C ILE F 7 49.81 42.56 11.46
N GLY F 8 50.44 41.52 10.93
CA GLY F 8 50.48 41.35 9.49
C GLY F 8 50.80 39.92 9.13
N TYR F 9 50.92 39.69 7.82
CA TYR F 9 51.11 38.36 7.28
C TYR F 9 52.20 38.36 6.22
N HIS F 10 52.55 37.15 5.80
CA HIS F 10 53.69 36.89 4.94
C HIS F 10 53.37 37.21 3.48
N ALA F 11 54.41 37.62 2.75
CA ALA F 11 54.41 37.75 1.30
C ALA F 11 55.79 37.34 0.82
N ASN F 12 55.88 36.96 -0.46
CA ASN F 12 57.19 36.49 -0.95
C ASN F 12 57.33 36.62 -2.46
N ASN F 13 58.33 35.89 -2.96
CA ASN F 13 58.83 35.77 -4.35
C ASN F 13 57.82 35.06 -5.25
N SER F 14 57.22 33.98 -4.75
CA SER F 14 56.28 33.04 -5.45
C SER F 14 55.27 33.70 -6.37
N THR F 15 55.09 33.10 -7.55
CA THR F 15 54.11 33.51 -8.58
C THR F 15 53.05 32.41 -8.70
N ASP F 16 53.07 31.43 -7.81
CA ASP F 16 52.12 30.33 -7.81
C ASP F 16 50.69 30.84 -7.83
N THR F 17 49.90 30.33 -8.77
CA THR F 17 48.51 30.72 -8.94
C THR F 17 47.61 29.51 -8.72
N VAL F 18 46.49 29.74 -8.05
CA VAL F 18 45.47 28.73 -7.85
C VAL F 18 44.13 29.33 -8.23
N ASP F 19 43.13 28.47 -8.29
CA ASP F 19 41.76 28.91 -8.51
C ASP F 19 40.95 28.59 -7.27
N THR F 20 40.03 29.48 -6.93
CA THR F 20 39.17 29.36 -5.77
C THR F 20 37.73 29.47 -6.26
N VAL F 21 36.78 29.19 -5.37
CA VAL F 21 35.39 29.22 -5.81
C VAL F 21 34.97 30.65 -6.17
N LEU F 22 35.46 31.65 -5.43
CA LEU F 22 35.03 33.04 -5.60
C LEU F 22 35.91 33.82 -6.55
N GLU F 23 37.13 33.36 -6.83
CA GLU F 23 38.08 34.11 -7.65
C GLU F 23 39.05 33.12 -8.28
N LYS F 24 39.42 33.37 -9.54
CA LYS F 24 40.42 32.56 -10.21
C LYS F 24 41.72 33.34 -10.34
N ASN F 25 42.78 32.60 -10.62
CA ASN F 25 44.13 33.16 -10.78
C ASN F 25 44.54 33.96 -9.55
N VAL F 26 44.41 33.34 -8.39
CA VAL F 26 44.79 33.97 -7.13
C VAL F 26 46.23 33.58 -6.84
N THR F 27 47.13 34.57 -6.85
CA THR F 27 48.52 34.31 -6.51
C THR F 27 48.63 34.07 -5.00
N VAL F 28 49.29 32.98 -4.62
CA VAL F 28 49.37 32.54 -3.24
C VAL F 28 50.83 32.34 -2.84
N THR F 29 51.09 32.38 -1.53
CA THR F 29 52.48 32.35 -1.06
C THR F 29 53.09 30.96 -1.18
N HIS F 30 52.29 29.92 -0.92
CA HIS F 30 52.75 28.54 -0.98
C HIS F 30 51.65 27.66 -1.53
N SER F 31 52.03 26.67 -2.32
CA SER F 31 51.07 25.74 -2.88
C SER F 31 51.77 24.42 -3.19
N VAL F 32 50.99 23.38 -3.36
CA VAL F 32 51.51 22.07 -3.76
C VAL F 32 50.76 21.59 -5.00
N ASN F 33 51.50 21.03 -5.96
CA ASN F 33 50.89 20.43 -7.14
C ASN F 33 50.39 19.03 -6.78
N LEU F 34 49.18 18.71 -7.20
CA LEU F 34 48.61 17.37 -6.99
C LEU F 34 48.57 16.54 -8.26
N LEU F 35 48.97 17.10 -9.39
CA LEU F 35 48.77 16.46 -10.68
C LEU F 35 50.13 16.20 -11.32
N GLU F 36 50.52 14.92 -11.43
CA GLU F 36 51.75 14.56 -12.10
C GLU F 36 51.54 14.64 -13.61
N ASP F 37 52.40 15.42 -14.27
CA ASP F 37 52.34 15.58 -15.71
C ASP F 37 53.60 15.12 -16.41
N SER F 38 54.58 14.57 -15.68
CA SER F 38 55.90 14.26 -16.20
C SER F 38 56.20 12.76 -16.21
N HIS F 39 56.90 12.31 -17.25
CA HIS F 39 57.32 10.93 -17.38
C HIS F 39 58.63 10.90 -18.13
N ASN F 40 59.34 9.77 -18.02
CA ASN F 40 60.62 9.62 -18.68
C ASN F 40 60.50 9.19 -20.14
N GLY F 41 59.29 8.93 -20.63
CA GLY F 41 59.05 8.58 -22.03
C GLY F 41 59.59 7.24 -22.47
N LYS F 42 59.89 6.33 -21.54
CA LYS F 42 60.48 5.04 -21.87
C LYS F 42 59.68 3.88 -21.26
N LEU F 43 59.89 2.69 -21.80
CA LEU F 43 59.44 1.46 -21.16
C LEU F 43 60.52 1.00 -20.18
N CYS F 44 60.11 0.70 -18.95
CA CYS F 44 61.04 0.34 -17.91
C CYS F 44 60.67 -1.03 -17.34
N ARG F 45 61.60 -1.58 -16.58
CA ARG F 45 61.27 -2.74 -15.78
C ARG F 45 60.32 -2.30 -14.68
N LEU F 46 59.48 -3.23 -14.25
CA LEU F 46 58.56 -2.99 -13.15
C LEU F 46 59.00 -3.89 -12.01
N LYS F 47 59.41 -3.29 -10.89
CA LYS F 47 59.99 -4.04 -9.78
C LYS F 47 61.08 -4.96 -10.30
N GLY F 48 61.90 -4.43 -11.21
CA GLY F 48 63.06 -5.14 -11.74
C GLY F 48 62.80 -6.07 -12.91
N ILE F 49 61.56 -6.32 -13.32
CA ILE F 49 61.26 -7.34 -14.32
C ILE F 49 60.95 -6.66 -15.66
N ALA F 50 61.68 -7.04 -16.70
CA ALA F 50 61.47 -6.40 -17.98
C ALA F 50 60.15 -6.86 -18.58
N PRO F 51 59.53 -6.04 -19.41
CA PRO F 51 58.31 -6.45 -20.10
C PRO F 51 58.62 -7.32 -21.32
N LEU F 52 57.59 -8.01 -21.79
CA LEU F 52 57.67 -8.77 -23.03
C LEU F 52 57.25 -7.84 -24.19
N GLN F 53 58.18 -7.54 -25.08
CA GLN F 53 57.90 -6.66 -26.21
C GLN F 53 57.63 -7.52 -27.43
N LEU F 54 56.39 -7.51 -27.91
CA LEU F 54 56.08 -8.32 -29.08
C LEU F 54 56.55 -7.65 -30.37
N GLY F 55 56.87 -6.36 -30.33
CA GLY F 55 57.44 -5.71 -31.49
C GLY F 55 56.52 -5.77 -32.68
N LYS F 56 56.99 -6.37 -33.76
CA LYS F 56 56.20 -6.42 -34.99
C LYS F 56 55.12 -7.49 -34.92
N CYS F 57 54.99 -8.20 -33.81
CA CYS F 57 54.01 -9.28 -33.66
C CYS F 57 52.94 -8.86 -32.67
N ASN F 58 51.75 -9.46 -32.79
CA ASN F 58 50.71 -9.32 -31.77
C ASN F 58 50.58 -10.64 -31.01
N ILE F 59 49.61 -10.70 -30.09
CA ILE F 59 49.48 -11.87 -29.21
C ILE F 59 49.37 -13.15 -30.03
N ALA F 60 48.56 -13.13 -31.09
CA ALA F 60 48.34 -14.32 -31.92
C ALA F 60 49.63 -14.83 -32.55
N GLY F 61 50.39 -13.93 -33.18
CA GLY F 61 51.64 -14.33 -33.80
C GLY F 61 52.64 -14.88 -32.81
N TRP F 62 52.69 -14.28 -31.63
CA TRP F 62 53.60 -14.76 -30.60
C TRP F 62 53.23 -16.17 -30.17
N ILE F 63 51.97 -16.36 -29.79
CA ILE F 63 51.55 -17.60 -29.14
C ILE F 63 51.49 -18.76 -30.13
N LEU F 64 51.26 -18.46 -31.42
CA LEU F 64 51.30 -19.51 -32.43
C LEU F 64 52.72 -19.80 -32.91
N GLY F 65 53.63 -18.84 -32.75
CA GLY F 65 54.97 -18.98 -33.26
C GLY F 65 55.09 -18.61 -34.73
N ASN F 66 54.45 -17.54 -35.16
CA ASN F 66 54.60 -17.01 -36.50
C ASN F 66 56.08 -16.85 -36.81
N PRO F 67 56.57 -17.35 -37.96
CA PRO F 67 58.02 -17.27 -38.25
C PRO F 67 58.59 -15.87 -38.17
N GLU F 68 57.76 -14.84 -38.35
CA GLU F 68 58.18 -13.47 -38.18
C GLU F 68 58.47 -13.10 -36.73
N CYS F 69 58.23 -14.00 -35.78
CA CYS F 69 58.38 -13.75 -34.35
C CYS F 69 59.39 -14.67 -33.69
N ASP F 70 60.35 -15.22 -34.44
CA ASP F 70 61.24 -16.22 -33.85
C ASP F 70 62.00 -15.71 -32.63
N SER F 71 62.31 -14.41 -32.58
CA SER F 71 63.10 -13.89 -31.46
C SER F 71 62.32 -13.92 -30.14
N LEU F 72 61.00 -14.11 -30.17
CA LEU F 72 60.21 -14.22 -28.95
C LEU F 72 60.20 -15.61 -28.37
N LEU F 73 60.67 -16.62 -29.11
CA LEU F 73 60.57 -18.00 -28.65
C LEU F 73 61.21 -18.25 -27.28
N PRO F 74 62.30 -17.61 -26.87
CA PRO F 74 62.86 -17.89 -25.54
C PRO F 74 62.14 -17.20 -24.40
N ALA F 75 61.13 -16.38 -24.66
CA ALA F 75 60.51 -15.59 -23.59
C ALA F 75 59.88 -16.49 -22.54
N SER F 76 60.19 -16.22 -21.27
CA SER F 76 59.69 -17.10 -20.22
C SER F 76 59.06 -16.36 -19.04
N SER F 77 59.48 -15.12 -18.75
CA SER F 77 58.85 -14.36 -17.67
C SER F 77 58.94 -12.88 -18.01
N TRP F 78 57.90 -12.16 -17.63
CA TRP F 78 57.78 -10.76 -17.98
C TRP F 78 56.90 -10.09 -16.93
N SER F 79 56.92 -8.76 -16.93
CA SER F 79 56.11 -7.98 -15.99
C SER F 79 54.86 -7.40 -16.61
N TYR F 80 54.85 -7.20 -17.93
CA TYR F 80 53.68 -6.78 -18.70
C TYR F 80 54.04 -7.00 -20.16
N ILE F 81 53.03 -6.91 -21.02
CA ILE F 81 53.17 -7.21 -22.44
C ILE F 81 52.96 -5.92 -23.22
N VAL F 82 53.84 -5.66 -24.19
CA VAL F 82 53.81 -4.47 -25.00
C VAL F 82 53.54 -4.86 -26.45
N GLU F 83 52.39 -4.45 -26.97
CA GLU F 83 52.20 -4.44 -28.42
C GLU F 83 52.53 -3.06 -28.94
N THR F 84 52.78 -2.97 -30.25
CA THR F 84 53.18 -1.67 -30.78
C THR F 84 52.20 -1.27 -31.88
N PRO F 85 52.24 -0.03 -32.35
CA PRO F 85 51.40 0.34 -33.51
C PRO F 85 51.66 -0.52 -34.73
N ASN F 86 52.84 -1.14 -34.86
CA ASN F 86 53.12 -2.04 -35.99
C ASN F 86 53.16 -3.50 -35.58
N SER F 87 52.38 -3.88 -34.56
CA SER F 87 52.21 -5.29 -34.19
C SER F 87 51.19 -5.92 -35.13
N LYS F 88 51.64 -6.17 -36.36
CA LYS F 88 50.74 -6.61 -37.42
C LYS F 88 50.86 -8.10 -37.76
N ASN F 89 51.91 -8.79 -37.30
CA ASN F 89 52.12 -10.20 -37.61
C ASN F 89 51.37 -11.08 -36.61
N GLY F 90 50.28 -11.70 -37.05
CA GLY F 90 49.48 -12.59 -36.24
C GLY F 90 49.33 -13.94 -36.91
N ILE F 91 48.13 -14.25 -37.41
CA ILE F 91 47.97 -15.45 -38.22
C ILE F 91 48.40 -15.14 -39.64
N CYS F 92 49.34 -15.91 -40.14
CA CYS F 92 49.79 -15.75 -41.51
C CYS F 92 48.88 -16.50 -42.48
N TYR F 93 48.42 -17.64 -42.10
CA TYR F 93 47.48 -18.41 -42.91
C TYR F 93 46.04 -18.04 -42.56
N PRO F 94 45.20 -17.69 -43.52
CA PRO F 94 43.90 -17.12 -43.19
C PRO F 94 43.03 -18.06 -42.38
N GLY F 95 42.18 -17.47 -41.55
CA GLY F 95 41.23 -18.26 -40.79
C GLY F 95 40.69 -17.46 -39.61
N ASP F 96 40.17 -18.20 -38.64
CA ASP F 96 39.55 -17.64 -37.45
C ASP F 96 40.26 -18.16 -36.20
N PHE F 97 40.67 -17.23 -35.33
CA PHE F 97 41.25 -17.56 -34.03
C PHE F 97 40.12 -17.50 -33.01
N ILE F 98 39.63 -18.67 -32.62
CA ILE F 98 38.42 -18.76 -31.81
C ILE F 98 38.71 -18.32 -30.37
N ASP F 99 37.82 -17.49 -29.81
CA ASP F 99 37.97 -16.98 -28.45
C ASP F 99 39.35 -16.35 -28.25
N TYR F 100 39.79 -15.62 -29.26
CA TYR F 100 41.08 -14.93 -29.22
C TYR F 100 41.13 -13.90 -28.10
N GLU F 101 40.08 -13.08 -27.98
CA GLU F 101 40.10 -12.05 -26.94
C GLU F 101 40.15 -12.68 -25.55
N GLU F 102 39.43 -13.79 -25.35
CA GLU F 102 39.52 -14.51 -24.08
C GLU F 102 40.94 -15.04 -23.86
N LEU F 103 41.61 -15.47 -24.92
CA LEU F 103 42.98 -15.93 -24.76
C LEU F 103 43.88 -14.76 -24.37
N ARG F 104 43.70 -13.62 -25.03
CA ARG F 104 44.45 -12.44 -24.61
C ARG F 104 44.22 -12.14 -23.15
N GLU F 105 42.95 -12.23 -22.69
CA GLU F 105 42.63 -11.99 -21.30
C GLU F 105 43.32 -13.03 -20.40
N GLN F 106 43.32 -14.29 -20.81
CA GLN F 106 44.01 -15.34 -20.06
C GLN F 106 45.49 -15.01 -19.89
N LEU F 107 46.17 -14.68 -20.99
CA LEU F 107 47.60 -14.40 -20.96
C LEU F 107 47.93 -13.10 -20.24
N SER F 108 46.94 -12.26 -19.94
CA SER F 108 47.19 -11.02 -19.22
C SER F 108 47.48 -11.24 -17.74
N SER F 109 47.16 -12.42 -17.22
CA SER F 109 47.50 -12.76 -15.85
C SER F 109 48.58 -13.83 -15.77
N VAL F 110 49.26 -14.10 -16.87
CA VAL F 110 50.39 -15.03 -16.86
C VAL F 110 51.64 -14.25 -16.53
N SER F 111 52.31 -14.65 -15.45
CA SER F 111 53.55 -14.00 -15.05
C SER F 111 54.78 -14.67 -15.66
N SER F 112 54.71 -15.97 -15.90
CA SER F 112 55.81 -16.69 -16.51
C SER F 112 55.25 -17.98 -17.12
N PHE F 113 55.90 -18.46 -18.16
CA PHE F 113 55.50 -19.75 -18.67
C PHE F 113 56.71 -20.49 -19.22
N GLU F 114 56.54 -21.80 -19.39
CA GLU F 114 57.56 -22.71 -19.92
C GLU F 114 57.03 -23.30 -21.22
N ARG F 115 57.65 -22.91 -22.34
CA ARG F 115 57.34 -23.46 -23.64
C ARG F 115 58.07 -24.80 -23.80
N PHE F 116 57.32 -25.86 -24.12
CA PHE F 116 57.86 -27.23 -24.18
C PHE F 116 57.20 -28.01 -25.30
N GLU F 117 57.89 -29.05 -25.77
CA GLU F 117 57.40 -29.91 -26.85
C GLU F 117 56.35 -30.87 -26.31
N ILE F 118 55.08 -30.58 -26.59
CA ILE F 118 54.03 -31.44 -26.07
C ILE F 118 53.87 -32.72 -26.92
N PHE F 119 53.98 -32.60 -28.26
CA PHE F 119 54.05 -33.74 -29.18
C PHE F 119 55.27 -33.53 -30.08
N PRO F 120 56.44 -34.00 -29.68
CA PRO F 120 57.65 -33.83 -30.50
C PRO F 120 57.48 -34.23 -31.96
N LYS F 121 57.86 -33.31 -32.86
CA LYS F 121 57.71 -33.54 -34.30
C LYS F 121 58.38 -34.83 -34.74
N GLU F 122 59.56 -35.12 -34.20
CA GLU F 122 60.36 -36.21 -34.74
C GLU F 122 59.96 -37.58 -34.21
N SER F 123 59.10 -37.68 -33.20
CA SER F 123 58.80 -38.98 -32.59
C SER F 123 57.32 -39.27 -32.37
N SER F 124 56.41 -38.31 -32.53
CA SER F 124 55.00 -38.51 -32.16
C SER F 124 54.11 -39.07 -33.28
N TRP F 125 54.52 -38.96 -34.55
CA TRP F 125 53.65 -39.25 -35.68
C TRP F 125 54.33 -40.18 -36.68
N PRO F 126 54.68 -41.39 -36.28
CA PRO F 126 55.44 -42.24 -37.20
C PRO F 126 54.69 -42.57 -38.47
N LYS F 127 53.36 -42.57 -38.43
CA LYS F 127 52.55 -43.02 -39.54
C LYS F 127 52.00 -41.86 -40.39
N HIS F 128 52.45 -40.62 -40.17
CA HIS F 128 52.02 -39.45 -40.93
C HIS F 128 53.24 -38.62 -41.32
N SER F 129 53.06 -37.76 -42.32
CA SER F 129 54.13 -36.88 -42.78
C SER F 129 54.24 -35.60 -41.98
N THR F 130 55.45 -35.28 -41.55
CA THR F 130 55.74 -34.07 -40.78
C THR F 130 56.50 -33.02 -41.58
N THR F 131 56.69 -33.23 -42.89
CA THR F 131 57.60 -32.41 -43.68
C THR F 131 56.94 -31.66 -44.82
N LYS F 132 55.63 -31.79 -45.04
CA LYS F 132 54.96 -31.11 -46.13
C LYS F 132 54.00 -30.04 -45.63
N GLY F 133 53.87 -29.86 -44.33
CA GLY F 133 52.95 -28.89 -43.79
C GLY F 133 53.51 -27.48 -43.74
N VAL F 134 53.91 -26.96 -44.91
CA VAL F 134 54.41 -25.59 -45.04
C VAL F 134 53.59 -24.89 -46.12
N THR F 135 53.65 -23.56 -46.11
CA THR F 135 52.87 -22.73 -47.01
C THR F 135 53.60 -21.42 -47.24
N ALA F 136 53.38 -20.82 -48.41
CA ALA F 136 53.93 -19.50 -48.73
C ALA F 136 53.27 -18.37 -47.93
N ALA F 137 52.11 -18.64 -47.30
CA ALA F 137 51.47 -17.64 -46.44
C ALA F 137 52.26 -17.42 -45.16
N CYS F 138 53.04 -18.41 -44.73
CA CYS F 138 53.91 -18.28 -43.56
C CYS F 138 55.37 -18.31 -43.98
N SER F 139 55.76 -17.39 -44.84
CA SER F 139 57.12 -17.40 -45.36
C SER F 139 58.14 -17.05 -44.28
N HIS F 140 59.34 -17.58 -44.47
CA HIS F 140 60.52 -17.30 -43.66
C HIS F 140 61.72 -17.39 -44.60
N ALA F 141 62.56 -16.35 -44.58
CA ALA F 141 63.71 -16.26 -45.47
C ALA F 141 63.28 -16.38 -46.93
N GLY F 142 62.10 -15.89 -47.27
CA GLY F 142 61.63 -15.93 -48.63
C GLY F 142 61.06 -17.25 -49.09
N LYS F 143 61.16 -18.31 -48.29
CA LYS F 143 60.63 -19.62 -48.65
C LYS F 143 59.46 -19.99 -47.76
N SER F 144 58.66 -20.94 -48.24
CA SER F 144 57.53 -21.42 -47.46
C SER F 144 57.98 -22.03 -46.13
N SER F 145 57.17 -21.79 -45.09
CA SER F 145 57.45 -22.26 -43.73
C SER F 145 56.11 -22.47 -43.01
N PHE F 146 56.13 -22.41 -41.69
CA PHE F 146 54.90 -22.62 -40.93
C PHE F 146 55.12 -22.14 -39.50
N TYR F 147 54.03 -22.04 -38.73
CA TYR F 147 54.12 -21.68 -37.32
C TYR F 147 55.07 -22.62 -36.56
N ARG F 148 55.73 -22.07 -35.55
CA ARG F 148 56.73 -22.83 -34.81
C ARG F 148 56.12 -23.70 -33.73
N ASN F 149 54.89 -23.42 -33.30
CA ASN F 149 54.30 -24.17 -32.21
C ASN F 149 53.25 -25.16 -32.68
N LEU F 150 52.96 -25.19 -33.98
CA LEU F 150 51.99 -26.08 -34.58
C LEU F 150 52.62 -26.92 -35.67
N LEU F 151 52.04 -28.08 -35.93
CA LEU F 151 52.58 -29.01 -36.92
C LEU F 151 51.46 -29.45 -37.82
N TRP F 152 51.57 -29.10 -39.10
CA TRP F 152 50.56 -29.39 -40.13
C TRP F 152 50.85 -30.79 -40.68
N LEU F 153 50.16 -31.80 -40.16
CA LEU F 153 50.38 -33.18 -40.59
C LEU F 153 49.67 -33.46 -41.90
N THR F 154 50.31 -34.28 -42.73
CA THR F 154 49.66 -34.70 -43.96
C THR F 154 49.87 -36.20 -44.15
N LYS F 155 49.21 -36.73 -45.17
CA LYS F 155 49.28 -38.16 -45.43
C LYS F 155 50.71 -38.55 -45.77
N LYS F 156 51.04 -39.80 -45.47
CA LYS F 156 52.34 -40.39 -45.73
C LYS F 156 52.10 -41.54 -46.68
N GLU F 157 52.74 -41.47 -47.86
CA GLU F 157 52.70 -42.54 -48.87
C GLU F 157 51.25 -42.92 -49.22
N ASP F 158 50.45 -41.89 -49.50
CA ASP F 158 49.06 -42.05 -49.93
C ASP F 158 48.16 -42.62 -48.84
N SER F 159 48.53 -42.49 -47.57
CA SER F 159 47.70 -43.00 -46.50
C SER F 159 47.71 -42.04 -45.31
N TYR F 160 46.55 -41.88 -44.69
CA TYR F 160 46.40 -41.08 -43.48
C TYR F 160 45.61 -41.92 -42.49
N PRO F 161 46.29 -42.76 -41.72
CA PRO F 161 45.62 -43.61 -40.74
C PRO F 161 44.97 -42.79 -39.65
N LYS F 162 44.05 -43.41 -38.93
CA LYS F 162 43.47 -42.74 -37.79
C LYS F 162 44.57 -42.36 -36.81
N LEU F 163 44.67 -41.08 -36.53
CA LEU F 163 45.69 -40.62 -35.56
C LEU F 163 45.02 -40.41 -34.21
N SER F 164 45.72 -40.79 -33.16
CA SER F 164 45.24 -40.67 -31.78
C SER F 164 46.43 -40.46 -30.86
N ASN F 165 46.48 -39.31 -30.22
CA ASN F 165 47.55 -38.95 -29.32
C ASN F 165 46.95 -38.25 -28.11
N SER F 166 47.47 -38.56 -26.93
CA SER F 166 46.97 -37.95 -25.72
C SER F 166 48.14 -37.38 -24.93
N TYR F 167 47.84 -36.37 -24.13
CA TYR F 167 48.86 -35.80 -23.27
C TYR F 167 48.27 -35.73 -21.88
N VAL F 168 49.01 -36.30 -20.92
CA VAL F 168 48.66 -36.29 -19.51
C VAL F 168 49.48 -35.20 -18.83
N ASN F 169 48.79 -34.21 -18.28
CA ASN F 169 49.43 -33.07 -17.62
C ASN F 169 49.96 -33.45 -16.25
N LYS F 170 51.26 -33.71 -16.17
CA LYS F 170 51.93 -34.03 -14.90
C LYS F 170 52.80 -32.86 -14.42
N LYS F 171 52.47 -31.66 -14.86
CA LYS F 171 53.33 -30.51 -14.64
C LYS F 171 53.01 -29.76 -13.36
N GLY F 172 51.90 -30.05 -12.69
CA GLY F 172 51.55 -29.19 -11.58
C GLY F 172 51.15 -27.79 -11.95
N LYS F 173 50.86 -27.54 -13.24
CA LYS F 173 50.47 -26.22 -13.76
C LYS F 173 49.44 -26.39 -14.86
N GLU F 174 48.66 -25.33 -15.11
CA GLU F 174 47.85 -25.29 -16.31
C GLU F 174 48.75 -25.28 -17.54
N VAL F 175 48.33 -26.02 -18.55
CA VAL F 175 49.03 -26.09 -19.81
C VAL F 175 48.10 -25.52 -20.87
N LEU F 176 48.57 -24.54 -21.60
CA LEU F 176 47.84 -23.96 -22.73
C LEU F 176 48.17 -24.79 -23.96
N VAL F 177 47.16 -25.41 -24.55
CA VAL F 177 47.33 -26.26 -25.73
C VAL F 177 46.65 -25.55 -26.90
N LEU F 178 47.38 -25.40 -28.00
CA LEU F 178 46.87 -24.77 -29.21
C LEU F 178 46.90 -25.76 -30.36
N TRP F 179 45.89 -25.67 -31.23
CA TRP F 179 45.88 -26.49 -32.45
C TRP F 179 45.08 -25.78 -33.53
N GLY F 180 45.02 -26.42 -34.67
CA GLY F 180 44.22 -25.92 -35.75
C GLY F 180 43.45 -27.05 -36.41
N VAL F 181 42.43 -26.63 -37.16
CA VAL F 181 41.71 -27.50 -38.08
C VAL F 181 41.80 -26.83 -39.44
N HIS F 182 42.24 -27.58 -40.43
CA HIS F 182 42.43 -27.05 -41.77
C HIS F 182 41.20 -27.36 -42.63
N HIS F 183 40.77 -26.35 -43.39
CA HIS F 183 39.58 -26.44 -44.24
C HIS F 183 40.01 -26.23 -45.67
N PRO F 184 40.19 -27.31 -46.44
CA PRO F 184 40.71 -27.16 -47.80
C PRO F 184 39.68 -26.50 -48.70
N SER F 185 40.14 -26.07 -49.86
CA SER F 185 39.29 -25.34 -50.79
C SER F 185 38.60 -26.25 -51.82
N SER F 186 39.01 -27.52 -51.94
CA SER F 186 38.39 -28.44 -52.90
C SER F 186 38.58 -29.86 -52.40
N SER F 187 37.77 -30.78 -52.93
CA SER F 187 37.98 -32.18 -52.55
C SER F 187 39.27 -32.71 -53.14
N LYS F 188 39.74 -32.15 -54.26
CA LYS F 188 41.07 -32.51 -54.73
C LYS F 188 42.12 -32.16 -53.69
N GLU F 189 42.01 -31.00 -53.02
CA GLU F 189 42.97 -30.65 -51.99
C GLU F 189 42.86 -31.58 -50.79
N GLN F 190 41.63 -31.93 -50.41
CA GLN F 190 41.43 -32.84 -49.28
C GLN F 190 42.11 -34.18 -49.54
N GLN F 191 41.87 -34.77 -50.70
CA GLN F 191 42.48 -36.06 -50.98
C GLN F 191 44.00 -35.93 -51.13
N THR F 192 44.48 -34.83 -51.74
CA THR F 192 45.93 -34.65 -51.89
C THR F 192 46.63 -34.58 -50.52
N LEU F 193 46.05 -33.83 -49.57
CA LEU F 193 46.71 -33.63 -48.30
C LEU F 193 46.46 -34.78 -47.33
N TYR F 194 45.22 -35.27 -47.27
CA TYR F 194 44.78 -36.15 -46.20
C TYR F 194 44.20 -37.48 -46.67
N GLN F 195 44.17 -37.74 -47.98
CA GLN F 195 43.66 -38.98 -48.55
C GLN F 195 42.17 -39.20 -48.26
N ASN F 196 41.79 -39.21 -46.98
CA ASN F 196 40.41 -39.46 -46.60
C ASN F 196 39.53 -38.25 -46.92
N GLU F 197 38.39 -38.51 -47.56
CA GLU F 197 37.52 -37.43 -48.00
C GLU F 197 36.59 -36.95 -46.90
N ASN F 198 36.12 -37.86 -46.04
CA ASN F 198 35.13 -37.55 -45.02
C ASN F 198 35.89 -37.53 -43.70
N ALA F 199 36.28 -36.33 -43.28
CA ALA F 199 37.23 -36.16 -42.21
C ALA F 199 36.55 -35.65 -40.95
N TYR F 200 37.24 -35.85 -39.83
CA TYR F 200 36.85 -35.32 -38.52
C TYR F 200 38.11 -35.11 -37.69
N VAL F 201 38.05 -34.15 -36.78
CA VAL F 201 39.07 -33.95 -35.78
C VAL F 201 38.36 -33.83 -34.44
N SER F 202 38.86 -34.54 -33.44
CA SER F 202 38.25 -34.54 -32.12
C SER F 202 39.29 -34.09 -31.10
N VAL F 203 38.91 -33.17 -30.21
CA VAL F 203 39.79 -32.74 -29.12
C VAL F 203 38.99 -32.80 -27.83
N VAL F 204 39.40 -33.65 -26.89
CA VAL F 204 38.64 -33.93 -25.68
C VAL F 204 39.56 -33.88 -24.47
N SER F 205 39.07 -33.31 -23.37
CA SER F 205 39.74 -33.39 -22.08
C SER F 205 38.66 -33.64 -21.04
N SER F 206 38.94 -33.38 -19.76
CA SER F 206 37.91 -33.55 -18.75
C SER F 206 36.89 -32.43 -18.74
N ASN F 207 37.23 -31.25 -19.25
CA ASN F 207 36.28 -30.15 -19.31
C ASN F 207 36.23 -29.44 -20.66
N TYR F 208 36.85 -30.01 -21.70
CA TYR F 208 36.77 -29.52 -23.08
C TYR F 208 36.41 -30.71 -23.96
N ASN F 209 35.51 -30.51 -24.92
CA ASN F 209 34.90 -31.60 -25.68
C ASN F 209 34.32 -31.03 -26.99
N ARG F 210 35.12 -31.10 -28.06
CA ARG F 210 34.68 -30.59 -29.35
C ARG F 210 35.07 -31.55 -30.47
N ARG F 211 34.20 -31.62 -31.47
CA ARG F 211 34.42 -32.41 -32.67
C ARG F 211 34.29 -31.49 -33.88
N PHE F 212 35.24 -31.55 -34.79
CA PHE F 212 35.28 -30.64 -35.93
C PHE F 212 35.21 -31.44 -37.22
N ILE F 213 34.31 -31.01 -38.13
CA ILE F 213 34.17 -31.54 -39.45
C ILE F 213 34.69 -30.48 -40.46
N PRO F 214 35.82 -30.74 -41.10
CA PRO F 214 36.33 -29.79 -42.10
C PRO F 214 35.28 -29.47 -43.15
N GLU F 215 35.28 -28.22 -43.59
CA GLU F 215 34.33 -27.76 -44.58
C GLU F 215 35.10 -27.38 -45.84
N ILE F 216 34.67 -27.92 -46.97
CA ILE F 216 35.23 -27.57 -48.26
C ILE F 216 34.32 -26.55 -48.92
N ALA F 217 34.91 -25.42 -49.32
CA ALA F 217 34.15 -24.37 -49.98
C ALA F 217 35.11 -23.55 -50.83
N GLU F 218 34.58 -22.95 -51.89
CA GLU F 218 35.31 -21.96 -52.64
C GLU F 218 35.29 -20.67 -51.83
N ARG F 219 36.47 -20.15 -51.50
CA ARG F 219 36.58 -18.98 -50.65
C ARG F 219 37.44 -17.94 -51.34
N PRO F 220 37.20 -16.66 -51.05
CA PRO F 220 38.11 -15.63 -51.57
C PRO F 220 39.52 -15.88 -51.08
N GLU F 221 40.50 -15.61 -51.95
CA GLU F 221 41.88 -15.87 -51.60
C GLU F 221 42.39 -14.77 -50.68
N VAL F 222 42.93 -15.17 -49.54
CA VAL F 222 43.61 -14.27 -48.62
C VAL F 222 45.04 -14.77 -48.52
N LYS F 223 46.01 -13.91 -48.85
CA LYS F 223 47.41 -14.30 -48.95
C LYS F 223 47.56 -15.49 -49.89
N ASP F 224 46.89 -15.41 -51.04
CA ASP F 224 46.90 -16.40 -52.11
C ASP F 224 46.35 -17.74 -51.65
N GLN F 225 45.62 -17.77 -50.54
CA GLN F 225 45.10 -18.99 -49.96
C GLN F 225 43.57 -18.97 -50.02
N ALA F 226 42.98 -19.98 -50.69
CA ALA F 226 41.54 -20.22 -50.59
C ALA F 226 41.18 -21.19 -49.45
N GLY F 227 42.16 -21.82 -48.81
CA GLY F 227 41.87 -22.59 -47.62
C GLY F 227 41.78 -21.68 -46.41
N ARG F 228 41.42 -22.29 -45.28
CA ARG F 228 41.34 -21.59 -44.01
C ARG F 228 41.76 -22.54 -42.92
N ILE F 229 42.41 -22.01 -41.89
CA ILE F 229 42.68 -22.77 -40.67
C ILE F 229 41.98 -22.05 -39.52
N ASN F 230 41.16 -22.78 -38.77
CA ASN F 230 40.64 -22.28 -37.51
C ASN F 230 41.60 -22.66 -36.39
N TYR F 231 41.98 -21.67 -35.58
CA TYR F 231 42.93 -21.88 -34.50
C TYR F 231 42.20 -21.98 -33.17
N TYR F 232 42.53 -22.98 -32.36
CA TYR F 232 41.84 -23.19 -31.09
C TYR F 232 42.85 -23.34 -29.97
N TRP F 233 42.37 -23.17 -28.74
CA TRP F 233 43.18 -23.28 -27.56
C TRP F 233 42.30 -23.79 -26.44
N THR F 234 42.93 -24.41 -25.45
CA THR F 234 42.26 -24.74 -24.20
C THR F 234 43.34 -24.81 -23.15
N LEU F 235 42.93 -24.70 -21.90
CA LEU F 235 43.80 -24.80 -20.75
C LEU F 235 43.61 -26.20 -20.20
N LEU F 236 44.68 -26.97 -20.15
CA LEU F 236 44.59 -28.31 -19.60
C LEU F 236 44.92 -28.24 -18.11
N GLU F 237 43.96 -28.57 -17.26
CA GLU F 237 44.17 -28.49 -15.82
C GLU F 237 45.17 -29.55 -15.34
N PRO F 238 45.85 -29.30 -14.21
CA PRO F 238 46.78 -30.30 -13.64
C PRO F 238 46.10 -31.64 -13.40
N GLY F 239 46.76 -32.71 -13.83
CA GLY F 239 46.22 -34.04 -13.75
C GLY F 239 45.34 -34.43 -14.90
N ASP F 240 44.91 -33.48 -15.72
CA ASP F 240 43.98 -33.80 -16.78
C ASP F 240 44.72 -34.34 -18.00
N THR F 241 43.96 -35.00 -18.87
CA THR F 241 44.44 -35.60 -20.11
C THR F 241 43.73 -34.96 -21.30
N ILE F 242 44.48 -34.70 -22.37
CA ILE F 242 43.87 -34.23 -23.61
C ILE F 242 44.11 -35.24 -24.71
N ILE F 243 43.05 -35.60 -25.44
CA ILE F 243 43.09 -36.62 -26.47
C ILE F 243 42.80 -35.98 -27.83
N PHE F 244 43.75 -36.11 -28.75
CA PHE F 244 43.60 -35.64 -30.12
C PHE F 244 43.37 -36.84 -31.01
N GLU F 245 42.32 -36.79 -31.83
CA GLU F 245 42.03 -37.85 -32.78
C GLU F 245 41.60 -37.23 -34.10
N ALA F 246 42.10 -37.77 -35.21
CA ALA F 246 41.74 -37.23 -36.51
C ALA F 246 42.08 -38.26 -37.59
N ASN F 247 41.38 -38.15 -38.72
CA ASN F 247 41.74 -38.85 -39.96
C ASN F 247 41.98 -37.85 -41.09
N GLY F 248 42.28 -36.62 -40.73
CA GLY F 248 42.62 -35.55 -41.65
C GLY F 248 42.51 -34.22 -40.96
N ASN F 249 43.15 -33.22 -41.58
CA ASN F 249 42.93 -31.80 -41.34
C ASN F 249 43.39 -31.29 -39.98
N LEU F 250 44.13 -32.07 -39.22
CA LEU F 250 44.58 -31.58 -37.92
C LEU F 250 45.88 -30.81 -38.09
N VAL F 251 45.88 -29.54 -37.69
CA VAL F 251 47.12 -28.80 -37.47
C VAL F 251 47.48 -29.05 -36.01
N ALA F 252 48.39 -30.01 -35.78
CA ALA F 252 48.57 -30.60 -34.46
C ALA F 252 49.35 -29.68 -33.53
N PRO F 253 49.14 -29.79 -32.23
CA PRO F 253 50.03 -29.09 -31.31
C PRO F 253 51.42 -29.66 -31.41
N TRP F 254 52.42 -28.77 -31.43
CA TRP F 254 53.83 -29.13 -31.36
C TRP F 254 54.44 -28.66 -30.04
N TYR F 255 54.28 -27.40 -29.71
CA TYR F 255 54.72 -26.84 -28.45
C TYR F 255 53.54 -26.29 -27.66
N ALA F 256 53.54 -26.55 -26.36
CA ALA F 256 52.55 -26.02 -25.44
C ALA F 256 53.25 -25.19 -24.36
N PHE F 257 52.45 -24.62 -23.47
CA PHE F 257 52.93 -23.65 -22.49
C PHE F 257 52.41 -24.02 -21.11
N ALA F 258 53.33 -24.36 -20.20
CA ALA F 258 52.99 -24.55 -18.80
C ALA F 258 52.98 -23.19 -18.09
N LEU F 259 51.82 -22.77 -17.63
CA LEU F 259 51.58 -21.40 -17.20
C LEU F 259 51.75 -21.21 -15.70
N SER F 260 52.33 -20.07 -15.33
CA SER F 260 52.35 -19.60 -13.95
C SER F 260 51.55 -18.32 -13.88
N ARG F 261 50.56 -18.27 -13.00
CA ARG F 261 49.72 -17.08 -12.87
C ARG F 261 50.39 -16.01 -11.99
N GLY F 262 50.07 -14.76 -12.28
CA GLY F 262 50.64 -13.66 -11.54
C GLY F 262 49.63 -12.55 -11.37
N PHE F 263 50.05 -11.52 -10.66
CA PHE F 263 49.20 -10.36 -10.38
C PHE F 263 49.80 -9.11 -11.00
N GLY F 264 48.94 -8.25 -11.54
CA GLY F 264 49.30 -6.91 -11.95
C GLY F 264 49.81 -6.74 -13.36
N SER F 265 49.85 -7.81 -14.15
CA SER F 265 50.32 -7.73 -15.52
C SER F 265 49.19 -7.26 -16.45
N GLY F 266 49.51 -7.10 -17.73
CA GLY F 266 48.55 -6.61 -18.70
C GLY F 266 49.23 -6.31 -20.01
N ILE F 267 48.39 -6.10 -21.03
CA ILE F 267 48.84 -5.81 -22.39
C ILE F 267 48.59 -4.33 -22.64
N ILE F 268 49.63 -3.64 -23.12
CA ILE F 268 49.52 -2.23 -23.48
C ILE F 268 50.01 -2.05 -24.90
N THR F 269 49.60 -0.93 -25.50
CA THR F 269 50.11 -0.51 -26.79
C THR F 269 50.93 0.76 -26.60
N SER F 270 52.23 0.67 -26.90
CA SER F 270 53.14 1.78 -26.73
C SER F 270 54.08 1.86 -27.92
N ASN F 271 54.50 3.08 -28.24
CA ASN F 271 55.56 3.32 -29.20
C ASN F 271 56.87 3.68 -28.52
N ALA F 272 56.90 3.68 -27.19
CA ALA F 272 58.11 4.04 -26.46
C ALA F 272 59.14 2.93 -26.56
N SER F 273 60.38 3.27 -26.27
CA SER F 273 61.47 2.32 -26.37
C SER F 273 61.85 1.80 -24.99
N MET F 274 62.34 0.57 -24.97
CA MET F 274 62.77 -0.05 -23.73
C MET F 274 64.12 0.53 -23.33
N HIS F 275 64.26 0.92 -22.07
CA HIS F 275 65.53 1.38 -21.53
C HIS F 275 65.79 0.66 -20.22
N GLU F 276 67.00 0.84 -19.70
CA GLU F 276 67.45 0.15 -18.48
C GLU F 276 67.06 0.94 -17.22
N CYS F 277 65.78 1.31 -17.13
CA CYS F 277 65.22 1.95 -15.95
C CYS F 277 64.33 0.96 -15.21
N ASN F 278 64.12 1.23 -13.92
CA ASN F 278 63.17 0.49 -13.10
C ASN F 278 62.14 1.47 -12.57
N THR F 279 60.87 1.05 -12.56
CA THR F 279 59.80 1.94 -12.14
C THR F 279 58.80 1.16 -11.32
N LYS F 280 58.00 1.91 -10.52
CA LYS F 280 56.80 1.37 -9.89
C LYS F 280 55.56 1.57 -10.73
N CYS F 281 55.63 2.45 -11.74
CA CYS F 281 54.46 2.83 -12.51
C CYS F 281 54.86 3.05 -13.97
N GLN F 282 54.14 2.39 -14.88
CA GLN F 282 54.43 2.45 -16.31
C GLN F 282 53.16 2.78 -17.08
N THR F 283 53.27 3.68 -18.06
CA THR F 283 52.17 4.00 -18.96
C THR F 283 52.65 3.82 -20.39
N PRO F 284 51.73 3.75 -21.36
CA PRO F 284 52.14 3.71 -22.77
C PRO F 284 52.97 4.91 -23.21
N GLN F 285 52.99 6.01 -22.45
CA GLN F 285 53.82 7.13 -22.82
C GLN F 285 55.21 7.06 -22.20
N GLY F 286 55.31 6.47 -21.01
CA GLY F 286 56.55 6.43 -20.27
C GLY F 286 56.28 6.14 -18.82
N ALA F 287 57.36 5.89 -18.08
CA ALA F 287 57.25 5.56 -16.66
C ALA F 287 57.10 6.81 -15.81
N ILE F 288 56.39 6.66 -14.70
CA ILE F 288 56.11 7.74 -13.76
C ILE F 288 56.84 7.45 -12.45
N ASN F 289 57.52 8.48 -11.91
CA ASN F 289 58.18 8.39 -10.60
C ASN F 289 57.55 9.51 -9.77
N SER F 290 56.51 9.16 -9.04
CA SER F 290 55.70 10.18 -8.39
C SER F 290 54.96 9.57 -7.21
N SER F 291 54.70 10.41 -6.22
CA SER F 291 53.84 10.07 -5.09
C SER F 291 52.58 10.92 -5.07
N LEU F 292 52.36 11.73 -6.11
CA LEU F 292 51.15 12.54 -6.21
C LEU F 292 49.92 11.66 -6.45
N PRO F 293 48.74 12.10 -5.98
CA PRO F 293 47.54 11.27 -6.13
C PRO F 293 46.98 11.22 -7.55
N PHE F 294 47.29 12.18 -8.42
CA PHE F 294 46.68 12.25 -9.74
C PHE F 294 47.74 12.40 -10.82
N GLN F 295 47.40 11.89 -12.01
CA GLN F 295 48.22 12.09 -13.19
C GLN F 295 47.29 12.37 -14.35
N ASN F 296 47.83 13.04 -15.38
CA ASN F 296 47.10 13.31 -16.62
C ASN F 296 47.91 12.83 -17.83
N ILE F 297 48.71 11.80 -17.66
CA ILE F 297 49.56 11.29 -18.73
C ILE F 297 48.83 10.27 -19.59
N HIS F 298 48.20 9.27 -18.98
CA HIS F 298 47.51 8.23 -19.76
C HIS F 298 46.54 7.43 -18.89
N PRO F 299 45.38 7.05 -19.43
CA PRO F 299 44.47 6.19 -18.64
C PRO F 299 44.99 4.80 -18.41
N VAL F 300 45.86 4.29 -19.27
CA VAL F 300 46.40 2.93 -19.17
C VAL F 300 47.66 2.96 -18.30
N THR F 301 47.67 2.13 -17.26
CA THR F 301 48.79 2.12 -16.32
C THR F 301 49.11 0.68 -15.90
N ILE F 302 50.39 0.44 -15.60
CA ILE F 302 50.87 -0.84 -15.09
C ILE F 302 51.62 -0.57 -13.78
N GLY F 303 51.22 -1.24 -12.69
CA GLY F 303 51.84 -1.10 -11.38
C GLY F 303 51.01 -0.28 -10.40
N GLU F 304 51.67 0.47 -9.49
CA GLU F 304 51.00 1.37 -8.55
C GLU F 304 51.21 2.79 -9.07
N CYS F 305 50.12 3.44 -9.48
CA CYS F 305 50.15 4.71 -10.18
C CYS F 305 49.21 5.72 -9.52
N PRO F 306 49.39 7.00 -9.83
CA PRO F 306 48.37 8.00 -9.47
C PRO F 306 47.11 7.81 -10.29
N LYS F 307 46.01 8.36 -9.78
CA LYS F 307 44.73 8.28 -10.47
C LYS F 307 44.76 9.17 -11.72
N TYR F 308 44.34 8.60 -12.86
CA TYR F 308 44.27 9.37 -14.10
C TYR F 308 43.05 10.27 -14.10
N VAL F 309 43.22 11.53 -14.52
CA VAL F 309 42.15 12.52 -14.62
C VAL F 309 42.38 13.38 -15.86
N LYS F 310 41.28 13.98 -16.32
CA LYS F 310 41.28 14.80 -17.53
C LYS F 310 41.54 16.28 -17.20
N SER F 311 42.46 16.56 -16.29
CA SER F 311 42.73 17.90 -15.81
C SER F 311 44.07 18.42 -16.32
N ALA F 312 44.17 19.74 -16.45
CA ALA F 312 45.43 20.37 -16.81
C ALA F 312 46.19 20.91 -15.61
N LYS F 313 45.50 21.16 -14.49
CA LYS F 313 46.10 21.70 -13.28
C LYS F 313 45.26 21.28 -12.08
N LEU F 314 45.91 20.89 -11.00
CA LEU F 314 45.24 20.63 -9.74
C LEU F 314 46.24 21.10 -8.68
N ARG F 315 46.31 22.42 -8.50
CA ARG F 315 47.19 23.05 -7.52
C ARG F 315 46.37 23.40 -6.28
N MET F 316 46.85 22.96 -5.13
CA MET F 316 46.19 23.14 -3.85
C MET F 316 46.91 24.23 -3.06
N VAL F 317 46.14 25.20 -2.57
CA VAL F 317 46.71 26.25 -1.71
C VAL F 317 47.18 25.65 -0.40
N THR F 318 48.40 25.98 -0.02
CA THR F 318 48.89 25.71 1.33
C THR F 318 49.20 26.99 2.09
N GLY F 319 49.72 28.02 1.42
CA GLY F 319 49.98 29.31 2.04
C GLY F 319 48.77 30.21 2.00
N LEU F 320 49.03 31.50 1.96
CA LEU F 320 47.96 32.48 1.96
C LEU F 320 48.08 33.34 0.71
N ARG F 321 47.15 34.28 0.57
CA ARG F 321 47.19 35.19 -0.55
C ARG F 321 48.46 36.02 -0.51
N ASN F 322 49.18 36.05 -1.63
CA ASN F 322 50.49 36.69 -1.73
C ASN F 322 50.29 38.13 -2.18
N ILE F 323 50.47 39.07 -1.24
CA ILE F 323 50.27 40.49 -1.48
C ILE F 323 51.52 41.28 -1.11
N PRO F 324 52.53 41.37 -1.99
CA PRO F 324 53.73 42.16 -1.66
C PRO F 324 53.62 43.61 -2.12
N GLY F 330 38.63 38.03 1.77
CA GLY F 330 38.47 36.94 2.72
C GLY F 330 37.20 37.04 3.54
N LEU F 331 36.81 35.90 4.14
CA LEU F 331 35.61 35.87 4.97
C LEU F 331 35.77 36.62 6.30
N PHE F 332 36.97 36.64 6.86
CA PHE F 332 37.20 37.16 8.21
C PHE F 332 37.74 38.58 8.25
N GLY F 333 37.98 39.20 7.10
CA GLY F 333 38.25 40.62 7.01
C GLY F 333 39.68 41.06 7.29
N ALA F 334 40.58 40.15 7.68
CA ALA F 334 41.93 40.59 8.01
C ALA F 334 42.80 40.69 6.75
N ILE F 335 43.09 39.54 6.13
CA ILE F 335 43.92 39.52 4.94
C ILE F 335 43.17 40.12 3.76
N ALA F 336 43.87 40.97 2.99
CA ALA F 336 43.29 41.74 1.89
C ALA F 336 42.08 42.54 2.35
N GLY F 337 42.06 42.91 3.63
CA GLY F 337 40.94 43.62 4.20
C GLY F 337 41.39 44.83 4.99
N PHE F 338 41.28 44.81 6.32
CA PHE F 338 41.77 45.94 7.07
C PHE F 338 43.28 45.89 7.27
N ILE F 339 43.90 44.73 7.04
CA ILE F 339 45.34 44.64 6.87
C ILE F 339 45.54 44.51 5.36
N GLU F 340 45.78 45.64 4.71
CA GLU F 340 45.64 45.71 3.26
C GLU F 340 46.66 44.84 2.53
N GLY F 341 47.83 44.60 3.12
CA GLY F 341 48.90 43.92 2.42
C GLY F 341 49.82 43.12 3.31
N GLY F 342 50.72 42.38 2.66
CA GLY F 342 51.64 41.49 3.34
C GLY F 342 53.05 42.07 3.46
N TRP F 343 53.87 41.34 4.22
CA TRP F 343 55.24 41.74 4.57
C TRP F 343 56.25 40.78 3.96
N THR F 344 56.92 41.18 2.88
CA THR F 344 58.07 40.40 2.45
C THR F 344 59.18 40.41 3.50
N GLY F 345 59.22 41.45 4.34
CA GLY F 345 60.23 41.56 5.37
C GLY F 345 60.19 40.49 6.44
N MET F 346 59.03 39.86 6.66
CA MET F 346 58.91 38.78 7.63
C MET F 346 59.18 37.47 6.89
N ILE F 347 60.32 36.83 7.21
CA ILE F 347 60.77 35.67 6.46
C ILE F 347 60.57 34.34 7.20
N ASP F 348 60.26 34.38 8.50
CA ASP F 348 60.32 33.21 9.36
C ASP F 348 58.97 32.59 9.71
N GLY F 349 57.87 33.07 9.12
CA GLY F 349 56.57 32.54 9.48
C GLY F 349 55.46 33.13 8.63
N TRP F 350 54.25 32.61 8.85
CA TRP F 350 53.10 33.10 8.08
C TRP F 350 52.51 34.38 8.68
N TYR F 351 52.41 34.46 10.00
CA TYR F 351 51.85 35.62 10.67
C TYR F 351 52.83 36.11 11.74
N GLY F 352 52.84 37.41 11.97
CA GLY F 352 53.74 37.96 12.96
C GLY F 352 53.47 39.42 13.25
N TYR F 353 54.43 40.04 13.93
CA TYR F 353 54.31 41.41 14.40
C TYR F 353 55.41 42.30 13.83
N HIS F 354 55.11 43.60 13.75
CA HIS F 354 56.09 44.62 13.33
C HIS F 354 56.12 45.74 14.34
N HIS F 355 57.29 46.01 14.92
CA HIS F 355 57.49 47.01 15.95
C HIS F 355 58.26 48.23 15.41
N GLN F 356 57.87 49.41 15.89
CA GLN F 356 58.60 50.66 15.67
C GLN F 356 58.87 51.18 17.08
N ASN F 357 60.07 50.92 17.58
CA ASN F 357 60.37 51.37 18.92
C ASN F 357 61.57 52.33 18.97
N TYR F 363 60.19 43.47 12.19
CA TYR F 363 59.43 42.27 11.78
C TYR F 363 59.76 41.08 12.69
N ALA F 364 58.73 40.46 13.25
CA ALA F 364 58.89 39.30 14.12
C ALA F 364 57.76 38.31 13.86
N ALA F 365 58.11 37.06 13.57
CA ALA F 365 57.09 36.05 13.27
C ALA F 365 56.60 35.39 14.55
N ASP F 366 55.29 35.09 14.60
CA ASP F 366 54.68 34.41 15.74
C ASP F 366 54.85 32.91 15.57
N GLN F 367 55.52 32.26 16.52
CA GLN F 367 55.81 30.84 16.35
C GLN F 367 54.65 29.92 16.71
N LYS F 368 53.82 30.26 17.69
CA LYS F 368 52.74 29.36 18.09
C LYS F 368 51.64 29.30 17.03
N SER F 369 51.14 30.45 16.58
CA SER F 369 50.03 30.46 15.64
C SER F 369 50.46 29.97 14.25
N THR F 370 51.69 30.28 13.84
CA THR F 370 52.15 29.83 12.53
C THR F 370 52.34 28.32 12.50
N GLN F 371 52.85 27.75 13.60
CA GLN F 371 53.08 26.32 13.64
C GLN F 371 51.77 25.54 13.76
N ASN F 372 50.76 26.13 14.41
CA ASN F 372 49.45 25.50 14.42
C ASN F 372 48.81 25.56 13.03
N ALA F 373 49.07 26.63 12.29
CA ALA F 373 48.60 26.74 10.91
C ALA F 373 49.30 25.73 10.01
N ILE F 374 50.62 25.58 10.18
CA ILE F 374 51.36 24.61 9.36
C ILE F 374 50.83 23.20 9.60
N ASN F 375 50.56 22.88 10.87
CA ASN F 375 50.06 21.56 11.23
C ASN F 375 48.72 21.28 10.57
N GLY F 376 47.81 22.25 10.60
CA GLY F 376 46.50 22.03 10.03
C GLY F 376 46.55 21.89 8.51
N ILE F 377 47.32 22.76 7.85
CA ILE F 377 47.41 22.70 6.39
C ILE F 377 48.10 21.40 5.96
N THR F 378 49.13 20.98 6.69
CA THR F 378 49.79 19.71 6.39
C THR F 378 48.85 18.53 6.61
N ASN F 379 48.08 18.57 7.70
CA ASN F 379 47.12 17.49 7.93
C ASN F 379 46.05 17.48 6.85
N LYS F 380 45.64 18.66 6.39
CA LYS F 380 44.61 18.76 5.35
C LYS F 380 45.10 18.19 4.02
N VAL F 381 46.34 18.50 3.63
CA VAL F 381 46.87 17.98 2.38
C VAL F 381 46.99 16.46 2.46
N ASN F 382 47.56 15.96 3.56
CA ASN F 382 47.73 14.51 3.72
C ASN F 382 46.39 13.78 3.78
N SER F 383 45.36 14.42 4.33
CA SER F 383 44.08 13.74 4.50
C SER F 383 43.38 13.53 3.16
N VAL F 384 43.56 14.45 2.20
CA VAL F 384 42.92 14.25 0.90
C VAL F 384 43.74 13.29 0.04
N ILE F 385 45.06 13.28 0.21
CA ILE F 385 45.89 12.29 -0.47
C ILE F 385 45.65 10.91 0.11
N GLU F 386 45.31 10.83 1.41
CA GLU F 386 45.02 9.53 2.01
C GLU F 386 43.69 8.99 1.52
N LYS F 387 42.69 9.86 1.34
CA LYS F 387 41.39 9.42 0.86
C LYS F 387 41.49 8.87 -0.57
N MET F 388 42.46 9.35 -1.33
CA MET F 388 42.79 8.75 -2.61
C MET F 388 43.70 7.55 -2.40
N ASN F 389 43.36 6.43 -3.01
CA ASN F 389 44.23 5.26 -2.97
C ASN F 389 44.83 5.07 -4.35
N THR F 390 46.05 4.53 -4.39
CA THR F 390 46.76 4.38 -5.65
C THR F 390 45.96 3.53 -6.63
N GLN F 391 46.07 3.88 -7.91
CA GLN F 391 45.42 3.10 -8.97
C GLN F 391 46.35 1.97 -9.38
N PHE F 392 45.86 0.74 -9.21
CA PHE F 392 46.57 -0.45 -9.64
C PHE F 392 46.30 -0.70 -11.12
N THR F 393 46.93 -1.74 -11.65
CA THR F 393 46.98 -1.98 -13.09
C THR F 393 45.60 -1.92 -13.74
N ALA F 394 45.45 -1.04 -14.73
CA ALA F 394 44.22 -0.91 -15.49
C ALA F 394 44.59 -0.70 -16.95
N VAL F 395 44.14 -1.61 -17.80
CA VAL F 395 44.52 -1.61 -19.22
C VAL F 395 43.25 -1.68 -20.06
N GLY F 396 43.41 -1.41 -21.35
CA GLY F 396 42.29 -1.58 -22.26
C GLY F 396 41.96 -3.05 -22.46
N LYS F 397 40.82 -3.28 -23.10
CA LYS F 397 40.33 -4.61 -23.41
C LYS F 397 39.95 -4.68 -24.89
N GLU F 398 40.00 -5.89 -25.43
CA GLU F 398 39.72 -6.11 -26.84
C GLU F 398 38.45 -6.96 -27.01
N PHE F 399 37.72 -6.68 -28.08
CA PHE F 399 36.41 -7.28 -28.37
C PHE F 399 36.35 -7.56 -29.86
N ASN F 400 35.72 -8.68 -30.21
CA ASN F 400 35.62 -9.05 -31.62
C ASN F 400 34.42 -8.35 -32.27
N ASN F 401 34.25 -8.57 -33.57
CA ASN F 401 33.31 -7.75 -34.33
C ASN F 401 31.87 -8.13 -34.07
N LEU F 402 31.61 -9.08 -33.18
CA LEU F 402 30.26 -9.37 -32.71
C LEU F 402 30.07 -9.01 -31.25
N GLU F 403 30.96 -8.21 -30.70
CA GLU F 403 30.87 -7.82 -29.29
C GLU F 403 30.84 -6.31 -29.15
N LYS F 404 30.16 -5.64 -30.11
CA LYS F 404 30.09 -4.19 -30.14
C LYS F 404 29.38 -3.63 -28.92
N ARG F 405 28.31 -4.31 -28.46
CA ARG F 405 27.62 -3.87 -27.25
C ARG F 405 28.54 -3.94 -26.05
N MET F 406 29.25 -5.06 -25.91
CA MET F 406 30.16 -5.20 -24.79
C MET F 406 31.27 -4.17 -24.85
N GLU F 407 31.81 -3.94 -26.05
CA GLU F 407 32.83 -2.92 -26.19
C GLU F 407 32.29 -1.55 -25.74
N ASN F 408 31.07 -1.22 -26.14
CA ASN F 408 30.48 0.05 -25.73
C ASN F 408 30.20 0.08 -24.24
N LEU F 409 29.73 -1.04 -23.67
CA LEU F 409 29.51 -1.07 -22.21
C LEU F 409 30.82 -0.86 -21.48
N ASN F 410 31.88 -1.54 -21.94
CA ASN F 410 33.20 -1.36 -21.35
C ASN F 410 33.68 0.08 -21.47
N LYS F 411 33.39 0.74 -22.60
CA LYS F 411 33.79 2.12 -22.81
C LYS F 411 32.94 3.08 -21.97
N LYS F 412 31.64 2.78 -21.82
CA LYS F 412 30.81 3.61 -20.98
C LYS F 412 31.28 3.58 -19.53
N VAL F 413 31.69 2.40 -19.04
CA VAL F 413 32.18 2.28 -17.67
C VAL F 413 33.46 3.09 -17.49
N ASP F 414 34.40 2.96 -18.43
CA ASP F 414 35.66 3.68 -18.27
C ASP F 414 35.45 5.20 -18.28
N ASP F 415 34.58 5.70 -19.16
CA ASP F 415 34.34 7.14 -19.22
C ASP F 415 33.55 7.63 -18.01
N GLY F 416 32.57 6.83 -17.56
CA GLY F 416 31.81 7.23 -16.39
C GLY F 416 32.70 7.47 -15.19
N PHE F 417 33.60 6.52 -14.91
CA PHE F 417 34.55 6.69 -13.80
C PHE F 417 35.51 7.86 -14.03
N LEU F 418 36.00 8.01 -15.26
CA LEU F 418 36.96 9.08 -15.54
C LEU F 418 36.31 10.45 -15.39
N ASP F 419 35.04 10.56 -15.77
CA ASP F 419 34.33 11.82 -15.61
C ASP F 419 34.08 12.14 -14.14
N ILE F 420 33.77 11.11 -13.33
CA ILE F 420 33.53 11.31 -11.91
C ILE F 420 34.82 11.64 -11.17
N TRP F 421 35.88 10.87 -11.42
CA TRP F 421 37.12 11.18 -10.70
C TRP F 421 37.68 12.55 -11.11
N THR F 422 37.52 12.95 -12.37
CA THR F 422 37.93 14.30 -12.77
C THR F 422 37.10 15.35 -12.04
N TYR F 423 35.79 15.13 -11.92
CA TYR F 423 34.93 16.06 -11.21
C TYR F 423 35.32 16.16 -9.74
N ASN F 424 35.48 15.01 -9.08
CA ASN F 424 35.87 15.01 -7.67
C ASN F 424 37.15 15.80 -7.45
N ALA F 425 38.16 15.54 -8.28
CA ALA F 425 39.46 16.17 -8.07
C ALA F 425 39.36 17.68 -8.28
N GLU F 426 38.73 18.09 -9.37
CA GLU F 426 38.68 19.51 -9.67
C GLU F 426 37.81 20.26 -8.67
N LEU F 427 36.72 19.66 -8.23
CA LEU F 427 35.80 20.36 -7.35
C LEU F 427 36.34 20.46 -5.92
N LEU F 428 36.98 19.39 -5.44
CA LEU F 428 37.57 19.41 -4.10
C LEU F 428 38.65 20.49 -4.00
N VAL F 429 39.56 20.55 -4.98
CA VAL F 429 40.64 21.52 -4.91
C VAL F 429 40.08 22.94 -4.96
N LEU F 430 39.08 23.17 -5.82
CA LEU F 430 38.48 24.49 -5.94
C LEU F 430 37.83 24.95 -4.64
N LEU F 431 37.04 24.06 -4.02
CA LEU F 431 36.31 24.41 -2.80
C LEU F 431 37.26 24.57 -1.63
N GLU F 432 38.21 23.66 -1.49
CA GLU F 432 39.10 23.68 -0.34
C GLU F 432 40.18 24.75 -0.46
N ASN F 433 40.50 25.19 -1.67
CA ASN F 433 41.39 26.35 -1.80
C ASN F 433 40.74 27.60 -1.22
N GLU F 434 39.46 27.83 -1.54
CA GLU F 434 38.74 28.92 -0.91
C GLU F 434 38.70 28.76 0.60
N ARG F 435 38.53 27.52 1.05
CA ARG F 435 38.45 27.22 2.48
C ARG F 435 39.80 27.44 3.16
N THR F 436 40.90 27.15 2.46
CA THR F 436 42.22 27.31 3.05
C THR F 436 42.60 28.76 3.22
N LEU F 437 42.24 29.61 2.25
CA LEU F 437 42.52 31.03 2.38
C LEU F 437 41.70 31.65 3.50
N ASP F 438 40.47 31.18 3.68
CA ASP F 438 39.63 31.64 4.79
C ASP F 438 40.27 31.29 6.13
N PHE F 439 40.92 30.13 6.20
CA PHE F 439 41.60 29.67 7.41
C PHE F 439 42.74 30.62 7.81
N HIS F 440 43.53 31.07 6.84
CA HIS F 440 44.60 32.02 7.14
C HIS F 440 44.03 33.37 7.56
N ASP F 441 42.99 33.83 6.86
CA ASP F 441 42.32 35.07 7.24
C ASP F 441 41.84 35.02 8.68
N SER F 442 41.28 33.87 9.08
CA SER F 442 40.86 33.67 10.47
C SER F 442 42.04 33.65 11.42
N ASN F 443 43.18 33.10 11.00
CA ASN F 443 44.34 33.04 11.88
C ASN F 443 44.92 34.43 12.14
N VAL F 444 44.93 35.30 11.12
CA VAL F 444 45.44 36.67 11.29
C VAL F 444 44.47 37.51 12.10
N LYS F 445 43.17 37.38 11.83
CA LYS F 445 42.16 38.12 12.57
C LYS F 445 42.09 37.68 14.02
N ASN F 446 42.37 36.41 14.32
CA ASN F 446 42.36 35.98 15.72
C ASN F 446 43.65 36.39 16.44
N LEU F 447 44.77 36.46 15.72
CA LEU F 447 46.00 36.97 16.31
C LEU F 447 45.85 38.45 16.68
N TYR F 448 45.22 39.22 15.79
CA TYR F 448 45.01 40.65 16.02
C TYR F 448 44.14 40.90 17.25
N GLU F 449 43.04 40.15 17.37
CA GLU F 449 42.12 40.41 18.48
C GLU F 449 42.75 40.04 19.81
N LYS F 450 43.70 39.10 19.80
CA LYS F 450 44.44 38.75 21.01
C LYS F 450 45.30 39.92 21.50
N VAL F 451 45.78 40.76 20.59
CA VAL F 451 46.57 41.91 20.99
C VAL F 451 45.67 43.03 21.49
N LYS F 452 44.51 43.22 20.84
CA LYS F 452 43.58 44.26 21.26
C LYS F 452 43.05 43.98 22.66
N ILE F 453 42.84 42.71 23.01
CA ILE F 453 42.34 42.34 24.33
C ILE F 453 43.42 42.45 25.40
N GLN F 454 44.70 42.43 25.02
CA GLN F 454 45.78 42.58 25.98
C GLN F 454 46.11 44.06 26.22
N LEU F 455 46.06 44.87 25.17
CA LEU F 455 46.42 46.28 25.29
C LEU F 455 45.26 47.12 25.78
N LYS F 456 44.02 46.71 25.50
CA LYS F 456 42.82 47.43 25.91
C LYS F 456 42.96 48.94 25.74
N ASN F 457 42.97 49.68 26.85
CA ASN F 457 43.01 51.15 26.83
C ASN F 457 44.41 51.73 26.66
N ASN F 458 45.47 50.94 26.83
CA ASN F 458 46.85 51.45 26.78
C ASN F 458 47.37 51.77 25.39
N ALA F 459 46.59 51.56 24.32
CA ALA F 459 47.07 51.88 22.98
C ALA F 459 45.91 52.26 22.07
N LYS F 460 46.24 52.98 21.01
CA LYS F 460 45.27 53.37 19.99
C LYS F 460 45.41 52.47 18.77
N GLU F 461 44.32 51.80 18.40
CA GLU F 461 44.32 50.98 17.18
C GLU F 461 43.89 51.86 16.01
N ILE F 462 44.83 52.16 15.11
CA ILE F 462 44.50 53.04 14.00
C ILE F 462 43.56 52.35 13.01
N GLY F 463 43.53 51.02 12.96
CA GLY F 463 42.61 50.28 12.11
C GLY F 463 43.18 49.62 10.86
N ASN F 464 44.51 49.59 10.69
CA ASN F 464 45.13 48.89 9.57
C ASN F 464 46.04 47.77 10.08
N GLY F 465 45.73 47.25 11.26
CA GLY F 465 46.52 46.25 11.94
C GLY F 465 47.61 46.77 12.86
N CYS F 466 47.62 48.06 13.18
CA CYS F 466 48.67 48.64 13.99
C CYS F 466 48.09 49.31 15.24
N PHE F 467 48.80 49.16 16.35
CA PHE F 467 48.43 49.77 17.62
C PHE F 467 49.50 50.81 17.98
N GLU F 468 49.08 52.05 18.22
CA GLU F 468 49.97 53.10 18.69
C GLU F 468 49.90 53.13 20.21
N PHE F 469 50.99 52.75 20.87
CA PHE F 469 50.99 52.63 22.32
C PHE F 469 51.07 54.03 22.96
N TYR F 470 50.09 54.35 23.82
CA TYR F 470 50.06 55.65 24.48
C TYR F 470 51.27 55.82 25.39
N HIS F 471 51.69 54.75 26.05
CA HIS F 471 52.88 54.74 26.87
C HIS F 471 54.08 54.31 26.03
N LYS F 472 55.25 54.31 26.70
CA LYS F 472 56.54 53.93 26.10
C LYS F 472 56.78 52.43 26.36
N CYS F 473 56.79 51.64 25.29
CA CYS F 473 56.96 50.17 25.37
C CYS F 473 58.28 49.79 24.70
N ASP F 474 59.25 49.27 25.47
CA ASP F 474 60.60 48.91 24.98
C ASP F 474 60.63 47.46 24.45
N ASN F 475 61.82 46.93 24.18
CA ASN F 475 61.91 45.56 23.64
C ASN F 475 61.51 44.53 24.69
N GLU F 476 61.79 44.80 25.97
CA GLU F 476 61.33 43.91 27.03
C GLU F 476 59.81 43.82 27.01
N CYS F 477 59.15 44.96 26.82
CA CYS F 477 57.69 45.05 26.76
C CYS F 477 57.12 44.56 25.42
N MET F 478 57.93 44.51 24.35
CA MET F 478 57.44 43.98 23.08
C MET F 478 57.29 42.47 23.12
N GLU F 479 58.24 41.78 23.77
CA GLU F 479 58.11 40.35 23.98
C GLU F 479 57.01 40.03 25.00
N SER F 480 56.67 41.01 25.84
CA SER F 480 55.55 40.87 26.77
C SER F 480 54.25 40.49 26.07
N VAL F 481 53.99 41.08 24.90
CA VAL F 481 52.74 40.81 24.20
C VAL F 481 52.65 39.31 23.93
N ARG F 482 53.75 38.71 23.49
CA ARG F 482 53.71 37.26 23.22
C ARG F 482 53.87 36.46 24.52
N TYR F 486 51.14 40.38 28.60
CA TYR F 486 51.40 41.82 28.61
C TYR F 486 50.81 42.46 29.86
N ASP F 487 51.70 42.95 30.72
CA ASP F 487 51.29 43.42 32.04
C ASP F 487 50.60 44.78 31.91
N TYR F 488 49.31 44.72 31.57
CA TYR F 488 48.47 45.92 31.51
C TYR F 488 48.53 46.77 32.76
N PRO F 489 48.45 46.21 34.00
CA PRO F 489 48.49 47.09 35.19
C PRO F 489 49.85 47.76 35.40
N LYS F 490 50.94 46.99 35.32
CA LYS F 490 52.26 47.52 35.61
C LYS F 490 52.64 48.66 34.66
N TYR F 491 52.06 48.69 33.47
CA TYR F 491 52.31 49.77 32.52
C TYR F 491 51.17 50.78 32.45
N SER F 492 50.17 50.66 33.31
CA SER F 492 49.02 51.57 33.29
C SER F 492 49.19 52.71 34.29
#